data_7PV4
#
_entry.id   7PV4
#
_entity_poly.entity_id   1
_entity_poly.type   'polypeptide(L)'
_entity_poly.pdbx_seq_one_letter_code
;MSKRKSYWNQGDKILLKNDVFMVDRYYDYYSNMGLNRFRWKNLPPGMESRHIEQALFNEGQAVFFKNTDPNEPYGFLCLP
CAPSNGQNIYGDPVDFNGIGVNKYFTNLSPLNAVRILDNDNGLAPVRHIAYYTYLMSQIEMTINMNLDQQKFPIIIGATQ
KNKLSMENLYEKYSSFEPNILVDEKLAQALQEGKGFDALNTQAPYLLDKLADFKKTCENELLTFLGINNTNNDKRERLLT
DEVNANNSQITFVLEMAYKNRLDACKRINEMFGLNLEVEKVVNLLEVDMKGDVKNEGINGE
;
_entity_poly.pdbx_strand_id   A,B,C,D,E,F,G,H,I,J,K,L
#
# COMPACT_ATOMS: atom_id res chain seq x y z
N ILE A 14 -40.73 -12.66 -26.81
CA ILE A 14 -39.56 -12.79 -25.91
C ILE A 14 -39.25 -14.28 -25.68
N LEU A 15 -38.49 -14.63 -24.64
CA LEU A 15 -38.12 -16.00 -24.25
C LEU A 15 -37.24 -16.83 -25.22
N LEU A 16 -36.76 -16.27 -26.32
CA LEU A 16 -35.82 -16.92 -27.25
C LEU A 16 -34.42 -17.14 -26.63
N LYS A 17 -33.63 -18.04 -27.20
CA LYS A 17 -32.21 -18.18 -26.86
C LYS A 17 -31.38 -16.95 -27.29
N ASN A 18 -30.51 -16.47 -26.40
CA ASN A 18 -29.51 -15.44 -26.64
C ASN A 18 -30.05 -14.09 -27.18
N ASP A 19 -31.28 -13.74 -26.80
CA ASP A 19 -31.94 -12.48 -27.10
C ASP A 19 -32.96 -12.10 -26.02
N VAL A 20 -33.33 -10.83 -25.96
CA VAL A 20 -34.42 -10.30 -25.15
C VAL A 20 -35.04 -9.08 -25.87
N PHE A 21 -36.31 -8.81 -25.61
CA PHE A 21 -37.03 -7.63 -26.11
C PHE A 21 -36.71 -6.40 -25.22
N MET A 22 -35.42 -6.10 -25.07
CA MET A 22 -34.88 -5.20 -24.06
C MET A 22 -35.31 -3.72 -24.24
N VAL A 23 -35.50 -3.25 -25.48
CA VAL A 23 -35.83 -1.85 -25.79
C VAL A 23 -37.06 -1.37 -25.03
N ASP A 24 -38.15 -2.12 -25.05
CA ASP A 24 -39.43 -1.72 -24.47
C ASP A 24 -39.38 -1.43 -22.97
N ARG A 25 -38.72 -2.32 -22.21
CA ARG A 25 -38.55 -2.18 -20.76
C ARG A 25 -37.94 -0.84 -20.38
N TYR A 26 -36.96 -0.34 -21.12
CA TYR A 26 -36.31 0.93 -20.82
C TYR A 26 -37.02 2.13 -21.45
N TYR A 27 -37.52 1.98 -22.68
CA TYR A 27 -38.15 3.08 -23.40
C TYR A 27 -39.43 3.57 -22.73
N ASP A 28 -40.31 2.64 -22.33
CA ASP A 28 -41.57 2.96 -21.66
C ASP A 28 -41.33 3.44 -20.23
N TYR A 29 -40.41 2.81 -19.50
CA TYR A 29 -40.07 3.22 -18.14
C TYR A 29 -39.49 4.64 -18.07
N TYR A 30 -38.56 5.02 -18.94
CA TYR A 30 -38.07 6.40 -18.98
C TYR A 30 -39.05 7.38 -19.62
N SER A 31 -39.90 6.95 -20.55
CA SER A 31 -41.02 7.78 -20.99
C SER A 31 -42.02 8.12 -19.90
N ASN A 32 -42.40 7.20 -19.01
CA ASN A 32 -43.27 7.52 -17.88
C ASN A 32 -42.71 8.66 -17.03
N MET A 33 -41.40 8.69 -16.76
CA MET A 33 -40.78 9.79 -16.03
C MET A 33 -40.85 11.10 -16.80
N GLY A 34 -40.44 11.10 -18.07
CA GLY A 34 -40.37 12.30 -18.91
C GLY A 34 -41.71 12.99 -19.14
N LEU A 35 -42.79 12.21 -19.24
CA LEU A 35 -44.17 12.68 -19.36
C LEU A 35 -44.76 13.25 -18.06
N ASN A 36 -44.09 13.20 -16.91
CA ASN A 36 -44.61 13.63 -15.61
C ASN A 36 -43.84 14.80 -14.95
N ARG A 37 -43.17 15.67 -15.72
CA ARG A 37 -42.45 16.86 -15.19
C ARG A 37 -43.38 18.02 -14.85
N PHE A 38 -44.46 18.19 -15.60
CA PHE A 38 -45.38 19.32 -15.55
C PHE A 38 -46.84 18.89 -15.55
N ARG A 39 -47.74 19.73 -15.06
CA ARG A 39 -49.19 19.51 -15.01
C ARG A 39 -49.95 20.79 -15.38
N TRP A 40 -50.95 20.66 -16.24
CA TRP A 40 -51.80 21.76 -16.71
C TRP A 40 -53.20 21.63 -16.06
N LYS A 41 -53.69 22.63 -15.31
CA LYS A 41 -54.80 22.40 -14.35
C LYS A 41 -56.20 22.94 -14.67
N ASN A 42 -56.36 23.90 -15.56
CA ASN A 42 -57.66 24.32 -16.11
C ASN A 42 -57.61 24.18 -17.63
N LEU A 43 -58.55 23.45 -18.24
CA LEU A 43 -58.49 23.12 -19.68
C LEU A 43 -59.89 23.14 -20.31
N PRO A 44 -60.00 23.46 -21.61
CA PRO A 44 -61.24 23.29 -22.36
C PRO A 44 -61.89 21.90 -22.22
N PRO A 45 -63.20 21.77 -22.51
CA PRO A 45 -63.91 20.49 -22.45
C PRO A 45 -63.28 19.40 -23.33
N GLY A 46 -63.16 18.18 -22.80
CA GLY A 46 -62.72 16.99 -23.53
C GLY A 46 -61.21 16.85 -23.72
N MET A 47 -60.41 17.68 -23.06
CA MET A 47 -58.95 17.71 -23.18
C MET A 47 -58.26 17.50 -21.83
N GLU A 48 -57.13 16.77 -21.84
CA GLU A 48 -56.44 16.30 -20.63
C GLU A 48 -54.99 16.78 -20.60
N SER A 49 -54.41 16.96 -19.41
CA SER A 49 -53.03 17.45 -19.23
C SER A 49 -52.01 16.63 -20.02
N ARG A 50 -52.18 15.31 -20.01
CA ARG A 50 -51.37 14.35 -20.77
C ARG A 50 -51.31 14.63 -22.28
N HIS A 51 -52.35 15.16 -22.91
CA HIS A 51 -52.36 15.42 -24.36
C HIS A 51 -51.37 16.51 -24.77
N ILE A 52 -51.30 17.61 -23.99
CA ILE A 52 -50.36 18.71 -24.25
C ILE A 52 -48.93 18.20 -24.05
N GLU A 53 -48.70 17.54 -22.93
CA GLU A 53 -47.38 17.09 -22.52
C GLU A 53 -46.82 16.01 -23.45
N GLN A 54 -47.62 15.11 -24.02
CA GLN A 54 -47.08 14.16 -24.99
C GLN A 54 -46.74 14.79 -26.33
N ALA A 55 -47.42 15.85 -26.77
CA ALA A 55 -47.03 16.58 -27.97
C ALA A 55 -45.70 17.34 -27.75
N LEU A 56 -45.48 17.92 -26.58
CA LEU A 56 -44.21 18.54 -26.21
C LEU A 56 -43.09 17.52 -26.06
N PHE A 57 -43.37 16.36 -25.49
CA PHE A 57 -42.40 15.30 -25.27
C PHE A 57 -41.92 14.62 -26.56
N ASN A 58 -42.82 14.35 -27.51
CA ASN A 58 -42.50 13.60 -28.73
C ASN A 58 -42.01 14.46 -29.91
N GLU A 59 -42.45 15.71 -30.04
CA GLU A 59 -42.10 16.60 -31.16
C GLU A 59 -41.29 17.82 -30.70
N GLY A 60 -41.28 18.15 -29.42
CA GLY A 60 -40.58 19.31 -28.86
C GLY A 60 -41.33 20.63 -29.01
N GLN A 61 -42.40 20.63 -29.79
CA GLN A 61 -43.25 21.78 -30.07
C GLN A 61 -44.69 21.34 -30.34
N ALA A 62 -45.65 22.17 -29.97
CA ALA A 62 -47.08 21.89 -30.10
C ALA A 62 -47.83 23.17 -30.52
N VAL A 63 -48.96 23.04 -31.19
CA VAL A 63 -49.83 24.16 -31.59
C VAL A 63 -51.21 24.03 -30.95
N PHE A 64 -51.65 25.10 -30.27
CA PHE A 64 -52.95 25.23 -29.60
C PHE A 64 -53.86 26.14 -30.42
N PHE A 65 -55.03 25.65 -30.83
CA PHE A 65 -55.97 26.37 -31.70
C PHE A 65 -57.43 25.93 -31.50
N LYS A 66 -58.36 26.81 -31.88
CA LYS A 66 -59.81 26.56 -31.91
C LYS A 66 -60.18 25.67 -33.11
N ASN A 67 -60.93 24.59 -32.90
CA ASN A 67 -61.38 23.69 -33.97
C ASN A 67 -62.45 24.36 -34.86
N THR A 68 -62.41 24.08 -36.16
CA THR A 68 -63.42 24.53 -37.14
C THR A 68 -64.12 23.37 -37.87
N ASP A 69 -63.48 22.18 -37.93
CA ASP A 69 -64.02 21.00 -38.62
C ASP A 69 -65.14 20.34 -37.77
N PRO A 70 -66.42 20.39 -38.20
CA PRO A 70 -67.54 20.00 -37.36
C PRO A 70 -67.61 18.49 -37.10
N ASN A 71 -66.90 17.70 -37.89
CA ASN A 71 -66.82 16.25 -37.77
C ASN A 71 -66.04 15.80 -36.52
N GLU A 72 -65.24 16.68 -35.91
CA GLU A 72 -64.39 16.35 -34.77
C GLU A 72 -64.99 16.93 -33.47
N PRO A 73 -65.17 16.13 -32.41
CA PRO A 73 -65.98 16.48 -31.24
C PRO A 73 -65.25 17.35 -30.21
N TYR A 74 -64.56 18.39 -30.67
CA TYR A 74 -63.68 19.23 -29.86
C TYR A 74 -63.90 20.70 -30.14
N GLY A 75 -63.78 21.52 -29.08
CA GLY A 75 -63.80 22.97 -29.16
C GLY A 75 -62.42 23.56 -29.46
N PHE A 76 -61.40 23.03 -28.79
CA PHE A 76 -60.00 23.39 -28.93
C PHE A 76 -59.14 22.13 -29.04
N LEU A 77 -58.05 22.21 -29.79
CA LEU A 77 -57.07 21.14 -29.96
C LEU A 77 -55.67 21.63 -29.60
N CYS A 78 -54.83 20.74 -29.08
CA CYS A 78 -53.40 20.97 -28.89
C CYS A 78 -52.62 19.79 -29.44
N LEU A 79 -51.89 19.98 -30.55
CA LEU A 79 -51.30 18.90 -31.35
C LEU A 79 -49.83 19.17 -31.65
N PRO A 80 -49.00 18.16 -31.97
CA PRO A 80 -47.65 18.40 -32.47
C PRO A 80 -47.62 19.29 -33.72
N CYS A 81 -46.64 20.18 -33.77
CA CYS A 81 -46.54 21.23 -34.76
C CYS A 81 -45.46 20.94 -35.81
N ALA A 82 -45.75 21.13 -37.10
CA ALA A 82 -44.74 21.26 -38.14
C ALA A 82 -44.80 22.67 -38.77
N PRO A 83 -43.77 23.52 -38.62
CA PRO A 83 -43.78 24.84 -39.25
C PRO A 83 -43.64 24.75 -40.78
N SER A 84 -44.22 25.71 -41.48
CA SER A 84 -43.97 25.91 -42.92
C SER A 84 -42.59 26.54 -43.16
N ASN A 85 -42.03 26.39 -44.36
CA ASN A 85 -40.64 26.78 -44.66
C ASN A 85 -40.40 28.31 -44.81
N GLY A 86 -41.43 29.15 -44.86
CA GLY A 86 -41.28 30.62 -44.93
C GLY A 86 -41.06 31.25 -43.55
N GLN A 87 -40.33 32.36 -43.48
CA GLN A 87 -39.93 33.01 -42.22
C GLN A 87 -39.69 34.52 -42.33
N ASN A 88 -39.82 35.27 -41.23
CA ASN A 88 -39.49 36.70 -41.17
C ASN A 88 -37.97 36.99 -41.14
N ILE A 89 -37.56 38.26 -41.01
CA ILE A 89 -36.15 38.68 -40.91
C ILE A 89 -35.35 37.94 -39.82
N TYR A 90 -35.96 37.70 -38.66
CA TYR A 90 -35.35 37.01 -37.54
C TYR A 90 -35.27 35.47 -37.70
N GLY A 91 -36.06 34.90 -38.61
CA GLY A 91 -36.18 33.47 -38.81
C GLY A 91 -37.34 32.81 -38.07
N ASP A 92 -38.32 33.57 -37.60
CA ASP A 92 -39.56 32.99 -37.08
C ASP A 92 -40.42 32.45 -38.23
N PRO A 93 -40.99 31.23 -38.15
CA PRO A 93 -41.83 30.69 -39.20
C PRO A 93 -43.16 31.46 -39.32
N VAL A 94 -43.62 31.72 -40.55
CA VAL A 94 -44.83 32.54 -40.77
C VAL A 94 -46.14 31.80 -40.53
N ASP A 95 -46.18 30.47 -40.66
CA ASP A 95 -47.36 29.62 -40.46
C ASP A 95 -47.00 28.26 -39.82
N PHE A 96 -47.99 27.65 -39.17
CA PHE A 96 -47.92 26.45 -38.34
C PHE A 96 -48.87 25.37 -38.88
N ASN A 97 -48.51 24.09 -38.83
CA ASN A 97 -49.39 22.98 -39.25
C ASN A 97 -49.59 22.01 -38.08
N GLY A 98 -50.83 21.73 -37.71
CA GLY A 98 -51.17 20.81 -36.61
C GLY A 98 -51.33 19.38 -37.12
N ILE A 99 -50.55 18.44 -36.60
CA ILE A 99 -50.60 17.05 -37.08
C ILE A 99 -51.33 16.16 -36.07
N GLY A 100 -52.41 15.50 -36.48
CA GLY A 100 -53.21 14.59 -35.66
C GLY A 100 -53.12 13.13 -36.12
N VAL A 101 -53.60 12.17 -35.33
CA VAL A 101 -53.75 10.78 -35.80
C VAL A 101 -54.87 10.73 -36.85
N ASN A 102 -54.56 10.25 -38.06
CA ASN A 102 -55.46 10.27 -39.23
C ASN A 102 -55.98 11.66 -39.63
N LYS A 103 -55.26 12.74 -39.30
CA LYS A 103 -55.72 14.12 -39.49
C LYS A 103 -54.55 15.08 -39.72
N TYR A 104 -54.79 16.22 -40.36
CA TYR A 104 -53.77 17.21 -40.69
C TYR A 104 -54.44 18.57 -40.88
N PHE A 105 -54.09 19.57 -40.08
CA PHE A 105 -54.70 20.90 -40.14
C PHE A 105 -53.76 21.85 -40.87
N THR A 106 -54.23 22.38 -42.01
CA THR A 106 -53.47 23.26 -42.90
C THR A 106 -53.26 24.66 -42.31
N ASN A 107 -52.14 25.30 -42.65
CA ASN A 107 -51.60 26.59 -42.22
C ASN A 107 -52.47 27.41 -41.25
N LEU A 108 -52.28 27.17 -39.96
CA LEU A 108 -52.64 28.06 -38.85
C LEU A 108 -51.57 29.15 -38.74
N SER A 109 -51.83 30.27 -38.05
CA SER A 109 -50.91 31.41 -38.03
C SER A 109 -50.71 31.98 -36.63
N PRO A 110 -49.65 32.78 -36.39
CA PRO A 110 -49.44 33.49 -35.13
C PRO A 110 -50.58 34.45 -34.77
N LEU A 111 -51.46 34.80 -35.71
CA LEU A 111 -52.64 35.63 -35.46
C LEU A 111 -53.82 34.86 -34.87
N ASN A 112 -53.88 33.53 -35.04
CA ASN A 112 -55.04 32.71 -34.66
C ASN A 112 -54.71 31.41 -33.88
N ALA A 113 -53.44 31.15 -33.58
CA ALA A 113 -52.98 30.01 -32.81
C ALA A 113 -51.76 30.37 -31.96
N VAL A 114 -51.46 29.56 -30.94
CA VAL A 114 -50.23 29.70 -30.16
C VAL A 114 -49.36 28.47 -30.34
N ARG A 115 -48.09 28.64 -30.73
CA ARG A 115 -47.07 27.57 -30.72
C ARG A 115 -46.33 27.52 -29.38
N ILE A 116 -46.36 26.36 -28.73
CA ILE A 116 -45.71 26.06 -27.45
C ILE A 116 -44.39 25.32 -27.72
N LEU A 117 -43.33 25.65 -27.00
CA LEU A 117 -42.04 24.93 -27.07
C LEU A 117 -41.76 24.17 -25.76
N ASP A 118 -41.12 23.00 -25.83
CA ASP A 118 -40.52 22.36 -24.64
C ASP A 118 -39.29 23.14 -24.15
N ASN A 119 -38.50 23.66 -25.09
CA ASN A 119 -37.23 24.38 -24.92
C ASN A 119 -36.98 25.22 -26.18
N ASP A 120 -36.12 26.24 -26.13
CA ASP A 120 -36.06 27.27 -27.21
C ASP A 120 -35.65 26.78 -28.60
N ASN A 121 -34.88 25.70 -28.73
CA ASN A 121 -34.58 25.09 -30.01
C ASN A 121 -35.64 24.08 -30.48
N GLY A 122 -36.64 23.77 -29.66
CA GLY A 122 -37.66 22.76 -29.98
C GLY A 122 -37.10 21.34 -30.12
N LEU A 123 -36.03 21.00 -29.40
CA LEU A 123 -35.42 19.67 -29.38
C LEU A 123 -36.33 18.71 -28.60
N ALA A 124 -36.84 17.64 -29.20
CA ALA A 124 -37.75 16.73 -28.50
C ALA A 124 -37.03 15.90 -27.40
N PRO A 125 -37.56 15.84 -26.16
CA PRO A 125 -37.03 14.98 -25.09
C PRO A 125 -36.93 13.48 -25.42
N VAL A 126 -37.77 12.94 -26.30
CA VAL A 126 -37.65 11.54 -26.78
C VAL A 126 -36.32 11.22 -27.46
N ARG A 127 -35.65 12.21 -28.07
CA ARG A 127 -34.38 11.98 -28.76
C ARG A 127 -33.25 11.60 -27.82
N HIS A 128 -33.27 12.08 -26.58
CA HIS A 128 -32.37 11.63 -25.51
C HIS A 128 -32.66 10.20 -25.08
N ILE A 129 -33.93 9.86 -24.85
CA ILE A 129 -34.38 8.53 -24.42
C ILE A 129 -34.02 7.48 -25.45
N ALA A 130 -34.26 7.71 -26.74
CA ALA A 130 -33.94 6.78 -27.81
C ALA A 130 -32.45 6.40 -27.91
N TYR A 131 -31.52 7.33 -27.70
CA TYR A 131 -30.08 7.03 -27.65
C TYR A 131 -29.72 6.16 -26.43
N TYR A 132 -30.16 6.55 -25.24
CA TYR A 132 -29.83 5.85 -24.02
C TYR A 132 -30.50 4.47 -23.91
N THR A 133 -31.66 4.22 -24.52
CA THR A 133 -32.25 2.88 -24.52
C THR A 133 -31.48 1.94 -25.43
N TYR A 134 -31.01 2.42 -26.58
CA TYR A 134 -30.08 1.67 -27.40
C TYR A 134 -28.82 1.29 -26.59
N LEU A 135 -28.18 2.23 -25.90
CA LEU A 135 -26.99 1.97 -25.10
C LEU A 135 -27.24 0.98 -23.96
N MET A 136 -28.29 1.12 -23.17
CA MET A 136 -28.60 0.20 -22.07
C MET A 136 -28.93 -1.22 -22.54
N SER A 137 -29.52 -1.39 -23.72
CA SER A 137 -29.72 -2.70 -24.32
C SER A 137 -28.41 -3.38 -24.77
N GLN A 138 -27.39 -2.62 -25.16
CA GLN A 138 -26.06 -3.14 -25.51
C GLN A 138 -25.24 -3.51 -24.28
N ILE A 139 -25.39 -2.79 -23.17
CA ILE A 139 -24.78 -3.16 -21.89
C ILE A 139 -25.37 -4.47 -21.38
N GLU A 140 -26.68 -4.66 -21.45
CA GLU A 140 -27.34 -5.91 -21.09
C GLU A 140 -26.81 -7.10 -21.89
N MET A 141 -26.73 -6.97 -23.20
CA MET A 141 -26.21 -8.04 -24.04
C MET A 141 -24.78 -8.41 -23.67
N THR A 142 -23.93 -7.43 -23.40
CA THR A 142 -22.55 -7.61 -22.96
C THR A 142 -22.44 -8.27 -21.58
N ILE A 143 -23.31 -7.94 -20.63
CA ILE A 143 -23.42 -8.62 -19.33
C ILE A 143 -23.72 -10.10 -19.53
N ASN A 144 -24.69 -10.44 -20.36
CA ASN A 144 -25.11 -11.79 -20.61
C ASN A 144 -24.06 -12.63 -21.34
N MET A 145 -23.38 -12.06 -22.32
CA MET A 145 -22.29 -12.73 -23.00
C MET A 145 -21.09 -12.96 -22.09
N ASN A 146 -20.70 -11.98 -21.28
CA ASN A 146 -19.62 -12.12 -20.32
C ASN A 146 -19.93 -13.15 -19.23
N LEU A 147 -21.16 -13.21 -18.72
CA LEU A 147 -21.58 -14.23 -17.75
C LEU A 147 -21.49 -15.63 -18.35
N ASP A 148 -21.97 -15.86 -19.56
CA ASP A 148 -21.90 -17.16 -20.21
C ASP A 148 -20.46 -17.62 -20.44
N GLN A 149 -19.57 -16.69 -20.77
CA GLN A 149 -18.16 -16.95 -20.98
C GLN A 149 -17.41 -17.39 -19.71
N GLN A 150 -17.88 -17.07 -18.51
CA GLN A 150 -17.24 -17.54 -17.27
C GLN A 150 -17.34 -19.05 -17.06
N LYS A 151 -18.30 -19.73 -17.69
CA LYS A 151 -18.48 -21.19 -17.63
C LYS A 151 -17.36 -21.99 -18.29
N PHE A 152 -16.53 -21.39 -19.14
CA PHE A 152 -15.58 -22.06 -20.02
C PHE A 152 -14.13 -21.51 -19.95
N PRO A 153 -13.45 -21.50 -18.79
CA PRO A 153 -12.08 -20.98 -18.68
C PRO A 153 -11.03 -21.77 -19.46
N ILE A 154 -11.22 -23.07 -19.64
CA ILE A 154 -10.34 -23.93 -20.43
C ILE A 154 -11.15 -24.96 -21.18
N ILE A 155 -10.67 -25.36 -22.35
CA ILE A 155 -11.21 -26.48 -23.14
C ILE A 155 -10.07 -27.47 -23.39
N ILE A 156 -10.33 -28.76 -23.30
CA ILE A 156 -9.30 -29.81 -23.53
C ILE A 156 -9.59 -30.50 -24.85
N GLY A 157 -8.58 -30.58 -25.73
CA GLY A 157 -8.57 -31.46 -26.89
C GLY A 157 -7.88 -32.78 -26.57
N ALA A 158 -8.45 -33.91 -26.98
CA ALA A 158 -7.89 -35.23 -26.71
C ALA A 158 -8.10 -36.21 -27.88
N THR A 159 -7.47 -37.39 -27.82
CA THR A 159 -7.87 -38.53 -28.67
C THR A 159 -9.21 -39.09 -28.18
N GLN A 160 -9.89 -39.87 -29.01
CA GLN A 160 -11.20 -40.44 -28.65
C GLN A 160 -11.16 -41.37 -27.43
N LYS A 161 -10.11 -42.18 -27.27
CA LYS A 161 -9.96 -43.07 -26.09
C LYS A 161 -9.54 -42.30 -24.84
N ASN A 162 -8.69 -41.29 -25.00
CA ASN A 162 -8.37 -40.38 -23.92
C ASN A 162 -9.61 -39.62 -23.43
N LYS A 163 -10.48 -39.12 -24.31
CA LYS A 163 -11.73 -38.43 -23.95
C LYS A 163 -12.60 -39.29 -23.06
N LEU A 164 -12.81 -40.54 -23.47
CA LEU A 164 -13.55 -41.55 -22.72
C LEU A 164 -12.96 -41.77 -21.31
N SER A 165 -11.63 -41.91 -21.18
CA SER A 165 -10.99 -42.07 -19.88
C SER A 165 -11.12 -40.85 -18.97
N MET A 166 -11.19 -39.62 -19.49
CA MET A 166 -11.43 -38.45 -18.65
C MET A 166 -12.88 -38.34 -18.16
N GLU A 167 -13.86 -38.75 -18.95
CA GLU A 167 -15.25 -38.79 -18.53
C GLU A 167 -15.48 -39.74 -17.35
N ASN A 168 -14.74 -40.86 -17.29
CA ASN A 168 -14.77 -41.77 -16.15
C ASN A 168 -14.14 -41.14 -14.90
N LEU A 169 -13.04 -40.38 -15.03
CA LEU A 169 -12.43 -39.69 -13.92
C LEU A 169 -13.39 -38.65 -13.30
N TYR A 170 -14.11 -37.89 -14.11
CA TYR A 170 -15.10 -36.91 -13.64
C TYR A 170 -16.36 -37.54 -13.06
N GLU A 171 -16.87 -38.63 -13.62
CA GLU A 171 -18.12 -39.26 -13.15
C GLU A 171 -18.04 -39.78 -11.70
N LYS A 172 -16.83 -39.90 -11.16
CA LYS A 172 -16.53 -40.29 -9.78
C LYS A 172 -16.93 -39.25 -8.72
N TYR A 173 -16.71 -37.96 -8.98
CA TYR A 173 -16.86 -36.87 -7.98
C TYR A 173 -17.53 -35.59 -8.52
N SER A 174 -17.69 -35.44 -9.83
CA SER A 174 -18.23 -34.25 -10.47
C SER A 174 -19.75 -34.32 -10.63
N SER A 175 -20.39 -33.16 -10.66
CA SER A 175 -21.81 -32.98 -10.89
C SER A 175 -22.14 -32.53 -12.31
N PHE A 176 -21.14 -32.22 -13.13
CA PHE A 176 -21.25 -31.85 -14.54
C PHE A 176 -20.49 -32.84 -15.45
N GLU A 177 -20.47 -32.58 -16.75
CA GLU A 177 -19.56 -33.20 -17.73
C GLU A 177 -18.32 -32.33 -18.00
N PRO A 178 -17.12 -32.91 -18.17
CA PRO A 178 -15.89 -32.17 -18.48
C PRO A 178 -15.97 -31.41 -19.81
N ASN A 179 -15.23 -30.30 -19.92
CA ASN A 179 -15.14 -29.50 -21.14
C ASN A 179 -14.07 -30.07 -22.07
N ILE A 180 -14.33 -31.23 -22.64
CA ILE A 180 -13.39 -32.00 -23.45
C ILE A 180 -14.01 -32.40 -24.79
N LEU A 181 -13.22 -32.33 -25.86
CA LEU A 181 -13.61 -32.72 -27.21
C LEU A 181 -12.52 -33.53 -27.91
N VAL A 182 -12.88 -34.28 -28.95
CA VAL A 182 -11.90 -34.96 -29.82
C VAL A 182 -11.28 -33.95 -30.78
N ASP A 183 -9.96 -33.89 -30.83
CA ASP A 183 -9.25 -33.17 -31.88
C ASP A 183 -8.81 -34.15 -32.96
N GLU A 184 -9.32 -33.97 -34.18
CA GLU A 184 -8.99 -34.81 -35.33
C GLU A 184 -7.51 -34.79 -35.73
N LYS A 185 -6.80 -33.66 -35.67
CA LYS A 185 -5.36 -33.65 -35.92
C LYS A 185 -4.63 -34.42 -34.82
N LEU A 186 -5.02 -34.24 -33.56
CA LEU A 186 -4.38 -34.92 -32.43
C LEU A 186 -4.55 -36.43 -32.52
N ALA A 187 -5.77 -36.89 -32.84
CA ALA A 187 -6.09 -38.29 -33.07
C ALA A 187 -5.41 -38.89 -34.31
N GLN A 188 -5.28 -38.14 -35.42
CA GLN A 188 -4.68 -38.62 -36.67
C GLN A 188 -3.17 -38.83 -36.57
N ALA A 189 -2.43 -37.81 -36.15
CA ALA A 189 -0.99 -37.75 -36.31
C ALA A 189 -0.22 -38.84 -35.55
N LEU A 190 0.78 -39.42 -36.21
CA LEU A 190 1.80 -40.29 -35.59
C LEU A 190 2.85 -39.44 -34.84
N GLN A 191 3.80 -40.12 -34.21
CA GLN A 191 4.96 -39.50 -33.53
C GLN A 191 4.53 -38.44 -32.48
N GLU A 192 5.22 -37.29 -32.39
CA GLU A 192 5.01 -36.27 -31.34
C GLU A 192 3.64 -35.55 -31.36
N GLY A 193 3.28 -34.96 -30.22
CA GLY A 193 1.93 -34.49 -29.88
C GLY A 193 1.31 -35.34 -28.79
N LYS A 194 0.82 -34.70 -27.72
CA LYS A 194 0.67 -35.34 -26.40
C LYS A 194 -0.55 -36.24 -26.22
N GLY A 195 -1.61 -36.13 -27.01
CA GLY A 195 -2.87 -36.88 -26.76
C GLY A 195 -3.86 -36.24 -25.77
N PHE A 196 -3.44 -35.18 -25.09
CA PHE A 196 -4.25 -34.17 -24.41
C PHE A 196 -3.60 -32.81 -24.69
N ASP A 197 -4.35 -31.78 -25.05
CA ASP A 197 -3.87 -30.40 -25.04
C ASP A 197 -4.94 -29.39 -24.60
N ALA A 198 -4.57 -28.49 -23.69
CA ALA A 198 -5.49 -27.55 -23.08
C ALA A 198 -5.33 -26.17 -23.69
N LEU A 199 -6.40 -25.57 -24.22
CA LEU A 199 -6.40 -24.21 -24.73
C LEU A 199 -7.13 -23.28 -23.76
N ASN A 200 -6.41 -22.26 -23.29
CA ASN A 200 -6.88 -21.29 -22.31
C ASN A 200 -7.86 -20.31 -22.98
N THR A 201 -9.13 -20.38 -22.60
CA THR A 201 -10.23 -19.59 -23.16
C THR A 201 -10.81 -18.60 -22.14
N GLN A 202 -10.10 -18.35 -21.04
CA GLN A 202 -10.54 -17.54 -19.89
C GLN A 202 -10.76 -16.07 -20.26
N ALA A 203 -12.00 -15.59 -20.22
CA ALA A 203 -12.37 -14.19 -20.34
C ALA A 203 -12.14 -13.40 -19.03
N PRO A 204 -11.97 -12.07 -19.08
CA PRO A 204 -11.94 -11.24 -17.88
C PRO A 204 -13.32 -11.13 -17.22
N TYR A 205 -13.37 -10.98 -15.91
CA TYR A 205 -14.60 -10.74 -15.16
C TYR A 205 -15.02 -9.27 -15.26
N LEU A 206 -16.19 -8.97 -15.83
CA LEU A 206 -16.66 -7.60 -16.09
C LEU A 206 -17.98 -7.21 -15.39
N LEU A 207 -18.66 -8.09 -14.68
CA LEU A 207 -20.07 -7.89 -14.30
C LEU A 207 -20.27 -6.72 -13.32
N ASP A 208 -19.39 -6.58 -12.34
CA ASP A 208 -19.26 -5.46 -11.39
C ASP A 208 -19.08 -4.09 -12.09
N LYS A 209 -18.19 -4.01 -13.07
CA LYS A 209 -17.91 -2.81 -13.87
C LYS A 209 -19.06 -2.42 -14.79
N LEU A 210 -19.74 -3.38 -15.41
CA LEU A 210 -20.85 -3.15 -16.33
C LEU A 210 -22.10 -2.65 -15.61
N ALA A 211 -22.36 -3.11 -14.39
CA ALA A 211 -23.46 -2.60 -13.58
C ALA A 211 -23.22 -1.14 -13.12
N ASP A 212 -21.98 -0.78 -12.81
CA ASP A 212 -21.58 0.61 -12.54
C ASP A 212 -21.76 1.54 -13.74
N PHE A 213 -21.35 1.12 -14.94
CA PHE A 213 -21.48 1.93 -16.14
C PHE A 213 -22.94 2.17 -16.52
N LYS A 214 -23.83 1.18 -16.32
CA LYS A 214 -25.26 1.35 -16.53
C LYS A 214 -25.85 2.43 -15.64
N LYS A 215 -25.44 2.49 -14.36
CA LYS A 215 -25.84 3.50 -13.39
C LYS A 215 -25.31 4.90 -13.73
N THR A 216 -24.09 4.98 -14.24
CA THR A 216 -23.53 6.21 -14.81
C THR A 216 -24.33 6.70 -16.02
N CYS A 217 -24.77 5.82 -16.92
CA CYS A 217 -25.59 6.19 -18.07
C CYS A 217 -26.99 6.68 -17.70
N GLU A 218 -27.60 6.07 -16.68
CA GLU A 218 -28.89 6.49 -16.16
C GLU A 218 -28.86 7.93 -15.61
N ASN A 219 -27.82 8.32 -14.88
CA ASN A 219 -27.72 9.68 -14.34
C ASN A 219 -27.53 10.73 -15.43
N GLU A 220 -26.80 10.41 -16.50
CA GLU A 220 -26.68 11.26 -17.67
C GLU A 220 -28.03 11.52 -18.35
N LEU A 221 -28.83 10.49 -18.58
CA LEU A 221 -30.18 10.62 -19.13
C LEU A 221 -31.08 11.51 -18.25
N LEU A 222 -31.10 11.31 -16.95
CA LEU A 222 -31.92 12.11 -16.04
C LEU A 222 -31.51 13.58 -15.99
N THR A 223 -30.24 13.88 -16.21
CA THR A 223 -29.73 15.25 -16.32
C THR A 223 -30.21 15.94 -17.61
N PHE A 224 -30.17 15.26 -18.77
CA PHE A 224 -30.72 15.82 -20.00
C PHE A 224 -32.23 16.06 -19.93
N LEU A 225 -32.96 15.32 -19.11
CA LEU A 225 -34.40 15.51 -18.89
C LEU A 225 -34.72 16.55 -17.81
N GLY A 226 -33.73 16.98 -17.01
CA GLY A 226 -33.89 17.91 -15.88
C GLY A 226 -34.55 17.32 -14.64
N ILE A 227 -34.58 15.98 -14.50
CA ILE A 227 -35.42 15.25 -13.56
C ILE A 227 -34.77 14.96 -12.21
N ASN A 228 -33.44 14.86 -12.14
CA ASN A 228 -32.75 14.31 -10.98
C ASN A 228 -33.06 15.01 -9.64
N ASN A 247 -26.33 19.53 -9.65
CA ASN A 247 -27.72 19.90 -9.41
C ASN A 247 -28.06 21.29 -9.96
N SER A 248 -27.09 22.18 -10.12
CA SER A 248 -27.27 23.49 -10.74
C SER A 248 -27.73 23.36 -12.21
N GLN A 249 -27.09 22.51 -13.02
CA GLN A 249 -27.51 22.27 -14.40
C GLN A 249 -28.87 21.57 -14.48
N ILE A 250 -29.17 20.65 -13.56
CA ILE A 250 -30.45 19.92 -13.49
C ILE A 250 -31.60 20.89 -13.22
N THR A 251 -31.47 21.73 -12.20
CA THR A 251 -32.45 22.78 -11.91
C THR A 251 -32.59 23.73 -13.09
N PHE A 252 -31.50 24.23 -13.64
CA PHE A 252 -31.51 25.15 -14.79
C PHE A 252 -32.19 24.56 -16.04
N VAL A 253 -32.05 23.27 -16.29
CA VAL A 253 -32.74 22.58 -17.38
C VAL A 253 -34.26 22.59 -17.19
N LEU A 254 -34.73 22.29 -15.98
CA LEU A 254 -36.16 22.32 -15.65
C LEU A 254 -36.74 23.75 -15.57
N GLU A 255 -35.94 24.74 -15.16
CA GLU A 255 -36.34 26.15 -15.17
C GLU A 255 -36.60 26.67 -16.59
N MET A 256 -35.71 26.40 -17.55
CA MET A 256 -35.93 26.75 -18.96
C MET A 256 -37.19 26.07 -19.51
N ALA A 257 -37.40 24.80 -19.16
CA ALA A 257 -38.58 24.06 -19.56
C ALA A 257 -39.90 24.63 -19.00
N TYR A 258 -39.88 25.14 -17.76
CA TYR A 258 -41.04 25.75 -17.11
C TYR A 258 -41.33 27.15 -17.65
N LYS A 259 -40.31 27.98 -17.80
CA LYS A 259 -40.41 29.34 -18.35
C LYS A 259 -41.10 29.36 -19.72
N ASN A 260 -40.70 28.49 -20.64
CA ASN A 260 -41.35 28.41 -21.96
C ASN A 260 -42.84 28.05 -21.87
N ARG A 261 -43.27 27.27 -20.88
CA ARG A 261 -44.68 26.88 -20.68
C ARG A 261 -45.48 28.01 -20.05
N LEU A 262 -44.96 28.70 -19.03
CA LEU A 262 -45.56 29.91 -18.46
C LEU A 262 -45.81 31.00 -19.52
N ASP A 263 -44.84 31.24 -20.40
CA ASP A 263 -44.95 32.22 -21.48
C ASP A 263 -45.99 31.86 -22.55
N ALA A 264 -46.19 30.58 -22.87
CA ALA A 264 -47.27 30.15 -23.75
C ALA A 264 -48.65 30.20 -23.05
N CYS A 265 -48.67 29.90 -21.76
CA CYS A 265 -49.88 29.84 -20.95
C CYS A 265 -50.58 31.20 -20.91
N LYS A 266 -49.85 32.29 -20.64
CA LYS A 266 -50.41 33.65 -20.70
C LYS A 266 -50.82 34.08 -22.11
N ARG A 267 -50.10 33.68 -23.16
CA ARG A 267 -50.51 33.89 -24.56
C ARG A 267 -51.85 33.21 -24.86
N ILE A 268 -52.08 31.95 -24.44
CA ILE A 268 -53.35 31.26 -24.67
C ILE A 268 -54.49 31.96 -23.93
N ASN A 269 -54.27 32.34 -22.66
CA ASN A 269 -55.23 33.10 -21.88
C ASN A 269 -55.56 34.46 -22.51
N GLU A 270 -54.61 35.11 -23.16
CA GLU A 270 -54.81 36.40 -23.82
C GLU A 270 -55.51 36.27 -25.20
N MET A 271 -55.21 35.24 -26.02
CA MET A 271 -55.86 35.02 -27.32
C MET A 271 -57.27 34.38 -27.21
N PHE A 272 -57.58 33.68 -26.13
CA PHE A 272 -58.82 32.88 -26.04
C PHE A 272 -59.65 33.04 -24.75
N GLY A 273 -59.11 33.62 -23.67
CA GLY A 273 -59.83 33.84 -22.42
C GLY A 273 -60.10 32.58 -21.57
N LEU A 274 -59.19 31.61 -21.59
CA LEU A 274 -59.42 30.26 -21.05
C LEU A 274 -58.91 29.97 -19.62
N ASN A 275 -58.13 30.86 -19.01
CA ASN A 275 -57.51 30.72 -17.67
C ASN A 275 -56.79 29.39 -17.39
N LEU A 276 -56.06 28.86 -18.38
CA LEU A 276 -55.05 27.81 -18.18
C LEU A 276 -54.02 28.22 -17.13
N GLU A 277 -53.54 27.26 -16.35
CA GLU A 277 -52.37 27.38 -15.47
C GLU A 277 -51.52 26.10 -15.54
N VAL A 278 -50.21 26.24 -15.34
CA VAL A 278 -49.24 25.14 -15.43
C VAL A 278 -48.27 25.15 -14.25
N GLU A 279 -47.94 23.97 -13.74
CA GLU A 279 -47.10 23.80 -12.55
C GLU A 279 -46.09 22.66 -12.69
N LYS A 280 -44.97 22.76 -11.97
CA LYS A 280 -44.03 21.64 -11.78
C LYS A 280 -44.61 20.56 -10.89
N VAL A 281 -44.31 19.31 -11.17
CA VAL A 281 -44.72 18.17 -10.34
C VAL A 281 -43.61 17.88 -9.33
N VAL A 282 -43.70 18.47 -8.13
CA VAL A 282 -42.81 18.14 -7.00
C VAL A 282 -43.23 16.82 -6.32
N ASN A 283 -44.54 16.53 -6.35
CA ASN A 283 -45.17 15.25 -5.98
C ASN A 283 -46.36 14.98 -6.90
N LEU A 284 -46.67 13.71 -7.18
CA LEU A 284 -47.75 13.34 -8.12
C LEU A 284 -49.12 13.62 -7.51
N LEU A 285 -49.39 13.06 -6.33
CA LEU A 285 -50.56 13.40 -5.54
C LEU A 285 -50.38 14.72 -4.79
N GLU A 286 -51.46 15.48 -4.70
CA GLU A 286 -51.49 16.79 -4.03
C GLU A 286 -51.46 16.70 -2.50
N VAL A 287 -52.14 15.70 -1.93
CA VAL A 287 -52.27 15.49 -0.48
C VAL A 287 -52.57 14.03 -0.14
N ILE B 14 -37.51 -32.01 -10.31
CA ILE B 14 -36.21 -31.51 -9.82
C ILE B 14 -35.29 -32.69 -9.47
N LEU B 15 -34.23 -32.48 -8.68
CA LEU B 15 -33.27 -33.51 -8.21
C LEU B 15 -32.38 -34.22 -9.27
N LEU B 16 -32.44 -33.84 -10.54
CA LEU B 16 -31.56 -34.37 -11.59
C LEU B 16 -30.09 -33.93 -11.43
N LYS B 17 -29.16 -34.63 -12.07
CA LYS B 17 -27.77 -34.20 -12.17
C LYS B 17 -27.62 -32.93 -13.03
N ASN B 18 -26.83 -31.97 -12.54
CA ASN B 18 -26.39 -30.76 -13.24
C ASN B 18 -27.53 -29.87 -13.79
N ASP B 19 -28.68 -29.86 -13.11
CA ASP B 19 -29.83 -29.01 -13.38
C ASP B 19 -30.63 -28.73 -12.10
N VAL B 20 -31.43 -27.68 -12.13
CA VAL B 20 -32.44 -27.36 -11.12
C VAL B 20 -33.62 -26.64 -11.78
N PHE B 21 -34.81 -26.74 -11.19
CA PHE B 21 -36.02 -26.04 -11.61
C PHE B 21 -36.03 -24.58 -11.08
N MET B 22 -34.94 -23.85 -11.38
CA MET B 22 -34.59 -22.58 -10.76
C MET B 22 -35.59 -21.44 -11.01
N VAL B 23 -36.23 -21.41 -12.18
CA VAL B 23 -37.16 -20.33 -12.59
C VAL B 23 -38.26 -20.09 -11.57
N ASP B 24 -38.94 -21.14 -11.13
CA ASP B 24 -40.11 -21.06 -10.24
C ASP B 24 -39.82 -20.39 -8.90
N ARG B 25 -38.71 -20.76 -8.26
CA ARG B 25 -38.27 -20.20 -6.98
C ARG B 25 -38.18 -18.69 -7.02
N TYR B 26 -37.67 -18.11 -8.10
CA TYR B 26 -37.52 -16.66 -8.22
C TYR B 26 -38.77 -15.97 -8.78
N TYR B 27 -39.44 -16.59 -9.75
CA TYR B 27 -40.60 -16.00 -10.40
C TYR B 27 -41.78 -15.81 -9.44
N ASP B 28 -42.10 -16.83 -8.65
CA ASP B 28 -43.19 -16.78 -7.67
C ASP B 28 -42.84 -15.90 -6.48
N TYR B 29 -41.60 -15.97 -5.99
CA TYR B 29 -41.13 -15.13 -4.89
C TYR B 29 -41.16 -13.63 -5.22
N TYR B 30 -40.69 -13.20 -6.39
CA TYR B 30 -40.80 -11.80 -6.80
C TYR B 30 -42.21 -11.42 -7.24
N SER B 31 -43.01 -12.33 -7.78
CA SER B 31 -44.44 -12.07 -7.98
C SER B 31 -45.22 -11.80 -6.69
N ASN B 32 -44.97 -12.52 -5.59
CA ASN B 32 -45.61 -12.22 -4.31
C ASN B 32 -45.36 -10.78 -3.87
N MET B 33 -44.15 -10.26 -4.04
CA MET B 33 -43.87 -8.85 -3.72
C MET B 33 -44.61 -7.89 -4.63
N GLY B 34 -44.54 -8.08 -5.95
CA GLY B 34 -45.15 -7.20 -6.94
C GLY B 34 -46.67 -7.08 -6.83
N LEU B 35 -47.35 -8.18 -6.47
CA LEU B 35 -48.79 -8.24 -6.22
C LEU B 35 -49.23 -7.57 -4.91
N ASN B 36 -48.35 -7.09 -4.05
CA ASN B 36 -48.67 -6.52 -2.72
C ASN B 36 -48.29 -5.04 -2.53
N ARG B 37 -48.23 -4.24 -3.60
CA ARG B 37 -47.93 -2.79 -3.51
C ARG B 37 -49.13 -1.94 -3.09
N PHE B 38 -50.33 -2.35 -3.47
CA PHE B 38 -51.58 -1.61 -3.32
C PHE B 38 -52.71 -2.50 -2.79
N ARG B 39 -53.72 -1.89 -2.18
CA ARG B 39 -54.92 -2.57 -1.65
C ARG B 39 -56.19 -1.76 -1.95
N TRP B 40 -57.23 -2.43 -2.42
CA TRP B 40 -58.52 -1.84 -2.76
C TRP B 40 -59.57 -2.25 -1.70
N LYS B 41 -60.22 -1.30 -1.00
CA LYS B 41 -60.89 -1.63 0.29
C LYS B 41 -62.43 -1.69 0.35
N ASN B 42 -63.15 -1.10 -0.60
CA ASN B 42 -64.61 -1.31 -0.76
C ASN B 42 -64.86 -1.81 -2.18
N LEU B 43 -65.55 -2.94 -2.35
CA LEU B 43 -65.71 -3.60 -3.66
C LEU B 43 -67.10 -4.21 -3.81
N PRO B 44 -67.63 -4.30 -5.04
CA PRO B 44 -68.84 -5.06 -5.33
C PRO B 44 -68.84 -6.50 -4.78
N PRO B 45 -70.02 -7.13 -4.61
CA PRO B 45 -70.13 -8.50 -4.14
C PRO B 45 -69.34 -9.52 -4.99
N GLY B 46 -68.64 -10.45 -4.34
CA GLY B 46 -67.96 -11.57 -4.97
C GLY B 46 -66.60 -11.24 -5.61
N MET B 47 -66.06 -10.05 -5.36
CA MET B 47 -64.80 -9.57 -5.95
C MET B 47 -63.78 -9.19 -4.86
N GLU B 48 -62.50 -9.47 -5.11
CA GLU B 48 -61.42 -9.36 -4.13
C GLU B 48 -60.31 -8.43 -4.63
N SER B 49 -59.59 -7.76 -3.72
CA SER B 49 -58.51 -6.81 -4.06
C SER B 49 -57.47 -7.42 -5.00
N ARG B 50 -57.09 -8.68 -4.73
CA ARG B 50 -56.17 -9.47 -5.54
C ARG B 50 -56.58 -9.60 -7.02
N HIS B 51 -57.87 -9.63 -7.36
CA HIS B 51 -58.31 -9.78 -8.76
C HIS B 51 -57.96 -8.57 -9.62
N ILE B 52 -58.15 -7.35 -9.09
CA ILE B 52 -57.80 -6.11 -9.80
C ILE B 52 -56.28 -6.04 -9.98
N GLU B 53 -55.56 -6.28 -8.90
CA GLU B 53 -54.11 -6.13 -8.86
C GLU B 53 -53.41 -7.16 -9.75
N GLN B 54 -53.90 -8.40 -9.88
CA GLN B 54 -53.27 -9.34 -10.81
C GLN B 54 -53.53 -9.01 -12.28
N ALA B 55 -54.65 -8.39 -12.64
CA ALA B 55 -54.86 -7.90 -13.99
C ALA B 55 -53.93 -6.73 -14.33
N LEU B 56 -53.70 -5.81 -13.39
CA LEU B 56 -52.73 -4.74 -13.55
C LEU B 56 -51.28 -5.24 -13.60
N PHE B 57 -50.95 -6.25 -12.79
CA PHE B 57 -49.62 -6.82 -12.73
C PHE B 57 -49.23 -7.61 -13.99
N ASN B 58 -50.14 -8.42 -14.54
CA ASN B 58 -49.84 -9.31 -15.67
C ASN B 58 -50.02 -8.68 -17.05
N GLU B 59 -50.93 -7.72 -17.24
CA GLU B 59 -51.23 -7.09 -18.53
C GLU B 59 -50.89 -5.60 -18.56
N GLY B 60 -50.71 -4.96 -17.41
CA GLY B 60 -50.41 -3.53 -17.29
C GLY B 60 -51.63 -2.63 -17.39
N GLN B 61 -52.77 -3.18 -17.80
CA GLN B 61 -54.03 -2.49 -17.97
C GLN B 61 -55.21 -3.45 -17.70
N ALA B 62 -56.30 -2.92 -17.18
CA ALA B 62 -57.49 -3.67 -16.82
C ALA B 62 -58.75 -2.88 -17.16
N VAL B 63 -59.88 -3.54 -17.42
CA VAL B 63 -61.17 -2.92 -17.69
C VAL B 63 -62.21 -3.33 -16.64
N PHE B 64 -62.86 -2.33 -16.03
CA PHE B 64 -63.91 -2.47 -15.02
C PHE B 64 -65.28 -2.15 -15.65
N PHE B 65 -66.22 -3.10 -15.57
CA PHE B 65 -67.54 -2.98 -16.22
C PHE B 65 -68.62 -3.81 -15.50
N LYS B 66 -69.88 -3.42 -15.69
CA LYS B 66 -71.08 -4.14 -15.23
C LYS B 66 -71.33 -5.38 -16.10
N ASN B 67 -71.53 -6.56 -15.49
CA ASN B 67 -71.83 -7.79 -16.23
C ASN B 67 -73.25 -7.78 -16.82
N THR B 68 -73.41 -8.36 -18.01
CA THR B 68 -74.71 -8.54 -18.68
C THR B 68 -75.04 -10.02 -18.95
N ASP B 69 -74.03 -10.91 -19.03
CA ASP B 69 -74.20 -12.33 -19.32
C ASP B 69 -74.74 -13.07 -18.07
N PRO B 70 -76.00 -13.58 -18.08
CA PRO B 70 -76.65 -14.08 -16.88
C PRO B 70 -76.05 -15.40 -16.38
N ASN B 71 -75.29 -16.08 -17.21
CA ASN B 71 -74.63 -17.34 -16.90
C ASN B 71 -73.47 -17.16 -15.90
N GLU B 72 -72.96 -15.94 -15.72
CA GLU B 72 -71.81 -15.65 -14.87
C GLU B 72 -72.26 -14.99 -13.55
N PRO B 73 -71.85 -15.49 -12.38
CA PRO B 73 -72.45 -15.14 -11.09
C PRO B 73 -71.89 -13.83 -10.48
N TYR B 74 -71.81 -12.79 -11.30
CA TYR B 74 -71.15 -11.52 -10.94
C TYR B 74 -72.00 -10.33 -11.37
N GLY B 75 -71.97 -9.28 -10.54
CA GLY B 75 -72.57 -7.98 -10.85
C GLY B 75 -71.65 -7.07 -11.65
N PHE B 76 -70.38 -7.04 -11.26
CA PHE B 76 -69.30 -6.29 -11.88
C PHE B 76 -68.07 -7.17 -12.06
N LEU B 77 -67.31 -6.94 -13.12
CA LEU B 77 -66.05 -7.62 -13.42
C LEU B 77 -64.92 -6.63 -13.60
N CYS B 78 -63.70 -7.02 -13.23
CA CYS B 78 -62.48 -6.28 -13.54
C CYS B 78 -61.45 -7.24 -14.12
N LEU B 79 -61.14 -7.13 -15.41
CA LEU B 79 -60.37 -8.11 -16.18
C LEU B 79 -59.23 -7.46 -16.97
N PRO B 80 -58.18 -8.19 -17.37
CA PRO B 80 -57.17 -7.65 -18.30
C PRO B 80 -57.80 -7.17 -19.62
N CYS B 81 -57.28 -6.04 -20.12
CA CYS B 81 -57.85 -5.32 -21.24
C CYS B 81 -57.02 -5.49 -22.52
N ALA B 82 -57.65 -5.77 -23.66
CA ALA B 82 -57.04 -5.59 -24.97
C ALA B 82 -57.79 -4.49 -25.76
N PRO B 83 -57.18 -3.34 -26.07
CA PRO B 83 -57.84 -2.31 -26.88
C PRO B 83 -58.04 -2.74 -28.34
N SER B 84 -59.10 -2.25 -28.96
CA SER B 84 -59.30 -2.37 -30.42
C SER B 84 -58.37 -1.40 -31.17
N ASN B 85 -58.10 -1.67 -32.45
CA ASN B 85 -57.08 -0.93 -33.23
C ASN B 85 -57.50 0.49 -33.69
N GLY B 86 -58.77 0.90 -33.54
CA GLY B 86 -59.22 2.26 -33.88
C GLY B 86 -58.96 3.27 -32.76
N GLN B 87 -58.72 4.53 -33.10
CA GLN B 87 -58.32 5.59 -32.14
C GLN B 87 -58.73 7.01 -32.56
N ASN B 88 -58.89 7.93 -31.61
CA ASN B 88 -59.14 9.35 -31.87
C ASN B 88 -57.89 10.13 -32.38
N ILE B 89 -58.01 11.44 -32.58
CA ILE B 89 -56.88 12.33 -33.00
C ILE B 89 -55.64 12.21 -32.12
N TYR B 90 -55.80 12.09 -30.80
CA TYR B 90 -54.73 11.95 -29.82
C TYR B 90 -54.11 10.54 -29.76
N GLY B 91 -54.79 9.54 -30.28
CA GLY B 91 -54.38 8.14 -30.20
C GLY B 91 -54.97 7.35 -29.04
N ASP B 92 -56.04 7.84 -28.41
CA ASP B 92 -56.80 7.04 -27.45
C ASP B 92 -57.61 5.96 -28.17
N PRO B 93 -57.62 4.69 -27.72
CA PRO B 93 -58.41 3.65 -28.35
C PRO B 93 -59.92 3.88 -28.17
N VAL B 94 -60.71 3.64 -29.21
CA VAL B 94 -62.16 3.92 -29.18
C VAL B 94 -62.98 2.88 -28.42
N ASP B 95 -62.52 1.63 -28.31
CA ASP B 95 -63.20 0.51 -27.63
C ASP B 95 -62.19 -0.42 -26.93
N PHE B 96 -62.68 -1.14 -25.91
CA PHE B 96 -61.96 -1.99 -24.97
C PHE B 96 -62.50 -3.42 -25.01
N ASN B 97 -61.67 -4.45 -24.88
CA ASN B 97 -62.12 -5.86 -24.82
C ASN B 97 -61.64 -6.49 -23.52
N GLY B 98 -62.55 -7.06 -22.73
CA GLY B 98 -62.22 -7.72 -21.45
C GLY B 98 -61.93 -9.19 -21.65
N ILE B 99 -60.74 -9.66 -21.26
CA ILE B 99 -60.35 -11.06 -21.48
C ILE B 99 -60.42 -11.84 -20.16
N GLY B 100 -61.22 -12.91 -20.11
CA GLY B 100 -61.37 -13.78 -18.94
C GLY B 100 -60.83 -15.20 -19.18
N VAL B 101 -60.70 -16.02 -18.13
CA VAL B 101 -60.39 -17.45 -18.31
C VAL B 101 -61.61 -18.14 -18.93
N ASN B 102 -61.44 -18.79 -20.09
CA ASN B 102 -62.51 -19.38 -20.90
C ASN B 102 -63.62 -18.40 -21.33
N LYS B 103 -63.33 -17.10 -21.42
CA LYS B 103 -64.32 -16.04 -21.67
C LYS B 103 -63.70 -14.85 -22.40
N TYR B 104 -64.51 -14.07 -23.10
CA TYR B 104 -64.08 -12.92 -23.89
C TYR B 104 -65.25 -11.96 -24.07
N PHE B 105 -65.14 -10.72 -23.59
CA PHE B 105 -66.22 -9.73 -23.65
C PHE B 105 -65.94 -8.75 -24.79
N THR B 106 -66.83 -8.72 -25.78
CA THR B 106 -66.71 -7.92 -27.00
C THR B 106 -66.93 -6.42 -26.73
N ASN B 107 -66.26 -5.57 -27.50
CA ASN B 107 -66.19 -4.10 -27.48
C ASN B 107 -67.06 -3.39 -26.42
N LEU B 108 -66.49 -3.21 -25.23
CA LEU B 108 -66.90 -2.23 -24.22
C LEU B 108 -66.36 -0.85 -24.63
N SER B 109 -66.86 0.25 -24.07
CA SER B 109 -66.49 1.60 -24.51
C SER B 109 -66.20 2.56 -23.36
N PRO B 110 -65.52 3.70 -23.59
CA PRO B 110 -65.32 4.73 -22.59
C PRO B 110 -66.63 5.33 -22.04
N LEU B 111 -67.76 5.10 -22.71
CA LEU B 111 -69.08 5.53 -22.24
C LEU B 111 -69.70 4.59 -21.19
N ASN B 112 -69.26 3.32 -21.11
CA ASN B 112 -69.88 2.29 -20.26
C ASN B 112 -68.90 1.43 -19.44
N ALA B 113 -67.60 1.70 -19.51
CA ALA B 113 -66.57 1.01 -18.76
C ALA B 113 -65.43 1.97 -18.41
N VAL B 114 -64.60 1.61 -17.42
CA VAL B 114 -63.38 2.35 -17.09
C VAL B 114 -62.16 1.47 -17.34
N ARG B 115 -61.19 1.95 -18.13
CA ARG B 115 -59.86 1.32 -18.28
C ARG B 115 -58.87 1.87 -17.25
N ILE B 116 -58.29 0.99 -16.46
CA ILE B 116 -57.30 1.26 -15.41
C ILE B 116 -55.90 0.95 -15.96
N LEU B 117 -54.91 1.79 -15.67
CA LEU B 117 -53.51 1.55 -16.03
C LEU B 117 -52.65 1.30 -14.78
N ASP B 118 -51.64 0.43 -14.85
CA ASP B 118 -50.58 0.36 -13.84
C ASP B 118 -49.67 1.60 -13.88
N ASN B 119 -49.39 2.09 -15.09
CA ASN B 119 -48.51 3.20 -15.44
C ASN B 119 -48.91 3.72 -16.83
N ASP B 120 -48.54 4.94 -17.22
CA ASP B 120 -49.12 5.62 -18.40
C ASP B 120 -48.90 4.94 -19.77
N ASN B 121 -47.82 4.18 -19.95
CA ASN B 121 -47.60 3.39 -21.16
C ASN B 121 -48.27 2.00 -21.10
N GLY B 122 -48.85 1.59 -19.97
CA GLY B 122 -49.44 0.27 -19.79
C GLY B 122 -48.41 -0.86 -19.89
N LEU B 123 -47.16 -0.63 -19.49
CA LEU B 123 -46.09 -1.63 -19.45
C LEU B 123 -46.34 -2.60 -18.29
N ALA B 124 -46.51 -3.90 -18.52
CA ALA B 124 -46.80 -4.84 -17.44
C ALA B 124 -45.58 -5.06 -16.51
N PRO B 125 -45.73 -4.97 -15.16
CA PRO B 125 -44.67 -5.29 -14.20
C PRO B 125 -44.07 -6.71 -14.30
N VAL B 126 -44.82 -7.70 -14.78
CA VAL B 126 -44.26 -9.05 -15.04
C VAL B 126 -43.12 -9.08 -16.05
N ARG B 127 -43.04 -8.13 -16.98
CA ARG B 127 -41.99 -8.09 -18.00
C ARG B 127 -40.61 -7.81 -17.41
N HIS B 128 -40.54 -7.06 -16.32
CA HIS B 128 -39.31 -6.89 -15.53
C HIS B 128 -38.90 -8.17 -14.81
N ILE B 129 -39.85 -8.84 -14.15
CA ILE B 129 -39.64 -10.08 -13.39
C ILE B 129 -39.13 -11.19 -14.31
N ALA B 130 -39.74 -11.39 -15.47
CA ALA B 130 -39.34 -12.41 -16.43
C ALA B 130 -37.89 -12.29 -16.94
N TYR B 131 -37.37 -11.08 -17.18
CA TYR B 131 -35.97 -10.87 -17.53
C TYR B 131 -35.02 -11.21 -16.37
N TYR B 132 -35.29 -10.69 -15.17
CA TYR B 132 -34.43 -10.89 -14.03
C TYR B 132 -34.45 -12.34 -13.49
N THR B 133 -35.54 -13.11 -13.67
CA THR B 133 -35.53 -14.51 -13.27
C THR B 133 -34.70 -15.36 -14.22
N TYR B 134 -34.72 -15.07 -15.51
CA TYR B 134 -33.80 -15.65 -16.46
C TYR B 134 -32.35 -15.37 -16.04
N LEU B 135 -31.99 -14.13 -15.73
CA LEU B 135 -30.64 -13.75 -15.32
C LEU B 135 -30.19 -14.44 -14.02
N MET B 136 -31.01 -14.45 -12.97
CA MET B 136 -30.66 -15.10 -11.70
C MET B 136 -30.51 -16.61 -11.81
N SER B 137 -31.24 -17.27 -12.71
CA SER B 137 -31.05 -18.68 -13.00
C SER B 137 -29.71 -18.98 -13.73
N GLN B 138 -29.20 -18.07 -14.54
CA GLN B 138 -27.89 -18.18 -15.20
C GLN B 138 -26.73 -17.93 -14.25
N ILE B 139 -26.89 -17.03 -13.28
CA ILE B 139 -25.91 -16.82 -12.21
C ILE B 139 -25.80 -18.08 -11.35
N GLU B 140 -26.91 -18.69 -10.97
CA GLU B 140 -26.91 -19.95 -10.23
C GLU B 140 -26.16 -21.07 -10.95
N MET B 141 -26.44 -21.27 -12.23
CA MET B 141 -25.76 -22.28 -13.02
C MET B 141 -24.25 -22.05 -13.05
N THR B 142 -23.82 -20.81 -13.22
CA THR B 142 -22.41 -20.40 -13.21
C THR B 142 -21.75 -20.60 -11.86
N ILE B 143 -22.42 -20.35 -10.74
CA ILE B 143 -21.95 -20.65 -9.38
C ILE B 143 -21.67 -22.14 -9.24
N ASN B 144 -22.60 -22.98 -9.67
CA ASN B 144 -22.52 -24.43 -9.56
C ASN B 144 -21.42 -25.03 -10.43
N MET B 145 -21.26 -24.55 -11.65
CA MET B 145 -20.18 -24.97 -12.53
C MET B 145 -18.81 -24.53 -12.01
N ASN B 146 -18.67 -23.30 -11.54
CA ASN B 146 -17.43 -22.82 -10.96
C ASN B 146 -17.04 -23.57 -9.68
N LEU B 147 -18.00 -23.90 -8.80
CA LEU B 147 -17.75 -24.71 -7.61
C LEU B 147 -17.25 -26.11 -7.98
N ASP B 148 -17.87 -26.79 -8.93
CA ASP B 148 -17.45 -28.12 -9.35
C ASP B 148 -16.04 -28.13 -9.95
N GLN B 149 -15.69 -27.08 -10.68
CA GLN B 149 -14.38 -26.89 -11.28
C GLN B 149 -13.25 -26.70 -10.26
N GLN B 150 -13.51 -26.26 -9.03
CA GLN B 150 -12.47 -26.15 -8.00
C GLN B 150 -11.92 -27.49 -7.54
N LYS B 151 -12.65 -28.60 -7.72
CA LYS B 151 -12.22 -29.95 -7.38
C LYS B 151 -11.07 -30.49 -8.22
N PHE B 152 -10.77 -29.88 -9.38
CA PHE B 152 -9.86 -30.42 -10.39
C PHE B 152 -8.77 -29.42 -10.86
N PRO B 153 -7.89 -28.88 -10.00
CA PRO B 153 -6.87 -27.92 -10.41
C PRO B 153 -5.80 -28.50 -11.34
N ILE B 154 -5.50 -29.78 -11.25
CA ILE B 154 -4.56 -30.47 -12.13
C ILE B 154 -5.05 -31.88 -12.41
N ILE B 155 -4.74 -32.39 -13.60
CA ILE B 155 -4.97 -33.78 -14.01
C ILE B 155 -3.62 -34.37 -14.44
N ILE B 156 -3.31 -35.61 -14.05
CA ILE B 156 -2.05 -36.28 -14.44
C ILE B 156 -2.34 -37.35 -15.48
N GLY B 157 -1.62 -37.32 -16.60
CA GLY B 157 -1.53 -38.41 -17.56
C GLY B 157 -0.33 -39.30 -17.27
N ALA B 158 -0.48 -40.62 -17.30
CA ALA B 158 0.60 -41.56 -17.01
C ALA B 158 0.52 -42.83 -17.88
N THR B 159 1.56 -43.66 -17.85
CA THR B 159 1.46 -45.06 -18.33
C THR B 159 0.60 -45.88 -17.37
N GLN B 160 0.09 -47.03 -17.81
CA GLN B 160 -0.75 -47.89 -16.98
C GLN B 160 -0.06 -48.38 -15.70
N LYS B 161 1.23 -48.75 -15.75
CA LYS B 161 1.97 -49.18 -14.56
C LYS B 161 2.34 -48.02 -13.64
N ASN B 162 2.67 -46.86 -14.21
CA ASN B 162 2.84 -45.65 -13.44
C ASN B 162 1.56 -45.24 -12.71
N LYS B 163 0.38 -45.31 -13.35
CA LYS B 163 -0.91 -45.00 -12.72
C LYS B 163 -1.14 -45.84 -11.47
N LEU B 164 -0.95 -47.15 -11.60
CA LEU B 164 -1.02 -48.11 -10.50
C LEU B 164 -0.08 -47.74 -9.34
N SER B 165 1.18 -47.40 -9.61
CA SER B 165 2.12 -47.00 -8.57
C SER B 165 1.73 -45.69 -7.87
N MET B 166 1.07 -44.74 -8.53
CA MET B 166 0.59 -43.53 -7.86
C MET B 166 -0.63 -43.78 -6.95
N GLU B 167 -1.52 -44.68 -7.32
CA GLU B 167 -2.65 -45.08 -6.48
C GLU B 167 -2.20 -45.70 -5.16
N ASN B 168 -1.10 -46.46 -5.15
CA ASN B 168 -0.49 -46.98 -3.94
C ASN B 168 0.12 -45.88 -3.06
N LEU B 169 0.77 -44.86 -3.65
CA LEU B 169 1.30 -43.74 -2.91
C LEU B 169 0.17 -42.96 -2.19
N TYR B 170 -0.96 -42.72 -2.84
CA TYR B 170 -2.11 -42.04 -2.25
C TYR B 170 -2.86 -42.87 -1.21
N GLU B 171 -3.01 -44.18 -1.39
CA GLU B 171 -3.76 -45.04 -0.47
C GLU B 171 -3.15 -45.10 0.95
N LYS B 172 -1.90 -44.67 1.09
CA LYS B 172 -1.16 -44.56 2.35
C LYS B 172 -1.67 -43.47 3.31
N TYR B 173 -2.04 -42.29 2.79
CA TYR B 173 -2.37 -41.09 3.60
C TYR B 173 -3.59 -40.30 3.11
N SER B 174 -4.11 -40.57 1.91
CA SER B 174 -5.21 -39.82 1.28
C SER B 174 -6.56 -40.44 1.63
N SER B 175 -7.59 -39.61 1.62
CA SER B 175 -8.98 -39.98 1.83
C SER B 175 -9.79 -40.06 0.52
N PHE B 176 -9.21 -39.65 -0.61
CA PHE B 176 -9.78 -39.72 -1.95
C PHE B 176 -8.93 -40.61 -2.88
N GLU B 177 -9.31 -40.71 -4.15
CA GLU B 177 -8.49 -41.22 -5.25
C GLU B 177 -7.79 -40.10 -6.03
N PRO B 178 -6.53 -40.26 -6.48
CA PRO B 178 -5.80 -39.27 -7.26
C PRO B 178 -6.49 -38.96 -8.61
N ASN B 179 -6.29 -37.74 -9.12
CA ASN B 179 -6.80 -37.31 -10.42
C ASN B 179 -5.85 -37.71 -11.54
N ILE B 180 -5.75 -39.01 -11.80
CA ILE B 180 -4.80 -39.59 -12.74
C ILE B 180 -5.50 -40.51 -13.73
N LEU B 181 -5.08 -40.47 -14.99
CA LEU B 181 -5.60 -41.32 -16.08
C LEU B 181 -4.46 -41.87 -16.95
N VAL B 182 -4.74 -42.94 -17.69
CA VAL B 182 -3.79 -43.46 -18.70
C VAL B 182 -3.87 -42.59 -19.96
N ASP B 183 -2.73 -42.11 -20.43
CA ASP B 183 -2.62 -41.49 -21.75
C ASP B 183 -2.10 -42.53 -22.74
N GLU B 184 -2.91 -42.85 -23.76
CA GLU B 184 -2.56 -43.81 -24.80
C GLU B 184 -1.35 -43.41 -25.65
N LYS B 185 -1.14 -42.13 -25.99
CA LYS B 185 0.09 -41.71 -26.67
C LYS B 185 1.29 -41.88 -25.75
N LEU B 186 1.17 -41.50 -24.49
CA LEU B 186 2.26 -41.61 -23.52
C LEU B 186 2.69 -43.07 -23.31
N ALA B 187 1.71 -43.97 -23.15
CA ALA B 187 1.92 -45.40 -23.05
C ALA B 187 2.47 -46.04 -24.33
N GLN B 188 2.03 -45.62 -25.53
CA GLN B 188 2.46 -46.18 -26.81
C GLN B 188 3.91 -45.85 -27.17
N ALA B 189 4.26 -44.57 -27.16
CA ALA B 189 5.49 -44.07 -27.78
C ALA B 189 6.78 -44.62 -27.13
N LEU B 190 7.75 -44.98 -27.98
CA LEU B 190 9.13 -45.26 -27.58
C LEU B 190 9.91 -43.95 -27.33
N GLN B 191 11.18 -44.08 -26.95
CA GLN B 191 12.12 -42.96 -26.77
C GLN B 191 11.56 -41.86 -25.82
N GLU B 192 11.74 -40.57 -26.12
CA GLU B 192 11.40 -39.45 -25.24
C GLU B 192 9.90 -39.26 -24.94
N GLY B 193 9.62 -38.54 -23.85
CA GLY B 193 8.31 -38.46 -23.19
C GLY B 193 8.34 -39.15 -21.83
N LYS B 194 7.91 -38.45 -20.78
CA LYS B 194 8.32 -38.74 -19.39
C LYS B 194 7.63 -39.91 -18.70
N GLY B 195 6.46 -40.37 -19.13
CA GLY B 195 5.69 -41.40 -18.39
C GLY B 195 4.81 -40.88 -17.24
N PHE B 196 4.92 -39.62 -16.90
CA PHE B 196 3.96 -38.78 -16.17
C PHE B 196 3.93 -37.42 -16.85
N ASP B 197 2.77 -36.83 -17.11
CA ASP B 197 2.67 -35.41 -17.47
C ASP B 197 1.43 -34.73 -16.88
N ALA B 198 1.60 -33.56 -16.28
CA ALA B 198 0.56 -32.85 -15.57
C ALA B 198 0.01 -31.70 -16.41
N LEU B 199 -1.30 -31.66 -16.66
CA LEU B 199 -1.95 -30.56 -17.35
C LEU B 199 -2.74 -29.70 -16.36
N ASN B 200 -2.38 -28.42 -16.30
CA ASN B 200 -2.96 -27.43 -15.39
C ASN B 200 -4.37 -27.05 -15.86
N THR B 201 -5.38 -27.43 -15.10
CA THR B 201 -6.81 -27.22 -15.40
C THR B 201 -7.47 -26.26 -14.42
N GLN B 202 -6.68 -25.50 -13.65
CA GLN B 202 -7.12 -24.61 -12.56
C GLN B 202 -7.98 -23.44 -13.08
N ALA B 203 -9.26 -23.42 -12.72
CA ALA B 203 -10.17 -22.30 -12.94
C ALA B 203 -9.97 -21.17 -11.90
N PRO B 204 -10.35 -19.92 -12.21
CA PRO B 204 -10.38 -18.84 -11.23
C PRO B 204 -11.49 -19.02 -10.19
N TYR B 205 -11.28 -18.55 -8.97
CA TYR B 205 -12.30 -18.56 -7.92
C TYR B 205 -13.28 -17.39 -8.11
N LEU B 206 -14.57 -17.65 -8.33
CA LEU B 206 -15.59 -16.64 -8.64
C LEU B 206 -16.75 -16.53 -7.64
N LEU B 207 -16.84 -17.38 -6.60
CA LEU B 207 -18.08 -17.55 -5.84
C LEU B 207 -18.49 -16.30 -5.05
N ASP B 208 -17.54 -15.62 -4.43
CA ASP B 208 -17.64 -14.33 -3.75
C ASP B 208 -18.18 -13.21 -4.68
N LYS B 209 -17.65 -13.09 -5.89
CA LYS B 209 -18.06 -12.12 -6.92
C LYS B 209 -19.46 -12.39 -7.48
N LEU B 210 -19.82 -13.66 -7.69
CA LEU B 210 -21.12 -14.05 -8.24
C LEU B 210 -22.26 -13.82 -7.25
N ALA B 211 -22.03 -14.00 -5.96
CA ALA B 211 -23.01 -13.70 -4.92
C ALA B 211 -23.26 -12.17 -4.80
N ASP B 212 -22.23 -11.35 -4.96
CA ASP B 212 -22.35 -9.89 -5.06
C ASP B 212 -23.16 -9.42 -6.27
N PHE B 213 -22.91 -9.99 -7.45
CA PHE B 213 -23.63 -9.61 -8.66
C PHE B 213 -25.11 -9.98 -8.59
N LYS B 214 -25.46 -11.11 -7.98
CA LYS B 214 -26.85 -11.50 -7.75
C LYS B 214 -27.60 -10.47 -6.90
N LYS B 215 -26.96 -9.96 -5.84
CA LYS B 215 -27.48 -8.91 -4.96
C LYS B 215 -27.64 -7.55 -5.66
N THR B 216 -26.71 -7.22 -6.54
CA THR B 216 -26.82 -6.07 -7.44
C THR B 216 -28.01 -6.19 -8.41
N CYS B 217 -28.27 -7.37 -8.97
CA CYS B 217 -29.41 -7.61 -9.84
C CYS B 217 -30.75 -7.54 -9.13
N GLU B 218 -30.82 -8.02 -7.90
CA GLU B 218 -32.02 -7.93 -7.07
C GLU B 218 -32.43 -6.47 -6.79
N ASN B 219 -31.49 -5.59 -6.49
CA ASN B 219 -31.80 -4.18 -6.22
C ASN B 219 -32.30 -3.44 -7.48
N GLU B 220 -31.77 -3.79 -8.65
CA GLU B 220 -32.27 -3.27 -9.92
C GLU B 220 -33.74 -3.67 -10.17
N LEU B 221 -34.10 -4.93 -9.97
CA LEU B 221 -35.48 -5.41 -10.08
C LEU B 221 -36.43 -4.66 -9.12
N LEU B 222 -36.06 -4.52 -7.86
CA LEU B 222 -36.90 -3.83 -6.88
C LEU B 222 -37.09 -2.34 -7.19
N THR B 223 -36.13 -1.70 -7.84
CA THR B 223 -36.25 -0.32 -8.32
C THR B 223 -37.23 -0.19 -9.49
N PHE B 224 -37.20 -1.10 -10.47
CA PHE B 224 -38.20 -1.09 -11.55
C PHE B 224 -39.62 -1.36 -11.04
N LEU B 225 -39.79 -2.07 -9.93
CA LEU B 225 -41.09 -2.30 -9.30
C LEU B 225 -41.53 -1.18 -8.35
N GLY B 226 -40.64 -0.25 -7.98
CA GLY B 226 -40.89 0.82 -7.02
C GLY B 226 -40.96 0.39 -5.55
N ILE B 227 -40.42 -0.79 -5.21
CA ILE B 227 -40.66 -1.49 -3.94
C ILE B 227 -39.65 -1.17 -2.85
N ASN B 228 -38.42 -0.80 -3.18
CA ASN B 228 -37.31 -0.78 -2.22
C ASN B 228 -37.56 0.11 -0.98
N ASN B 247 -33.34 6.44 -3.81
CA ASN B 247 -34.67 6.38 -3.21
C ASN B 247 -35.65 7.37 -3.84
N SER B 248 -35.17 8.47 -4.43
CA SER B 248 -35.99 9.43 -5.16
C SER B 248 -36.69 8.77 -6.37
N GLN B 249 -35.97 8.00 -7.19
CA GLN B 249 -36.57 7.28 -8.32
C GLN B 249 -37.53 6.17 -7.85
N ILE B 250 -37.23 5.48 -6.76
CA ILE B 250 -38.06 4.42 -6.18
C ILE B 250 -39.41 4.98 -5.71
N THR B 251 -39.37 6.06 -4.93
CA THR B 251 -40.59 6.77 -4.51
C THR B 251 -41.36 7.27 -5.73
N PHE B 252 -40.72 7.94 -6.66
CA PHE B 252 -41.35 8.46 -7.88
C PHE B 252 -42.01 7.38 -8.75
N VAL B 253 -41.44 6.18 -8.82
CA VAL B 253 -42.04 5.05 -9.51
C VAL B 253 -43.36 4.60 -8.86
N LEU B 254 -43.39 4.49 -7.53
CA LEU B 254 -44.59 4.13 -6.78
C LEU B 254 -45.63 5.26 -6.74
N GLU B 255 -45.22 6.52 -6.76
CA GLU B 255 -46.14 7.66 -6.87
C GLU B 255 -46.90 7.69 -8.20
N MET B 256 -46.23 7.47 -9.34
CA MET B 256 -46.88 7.35 -10.64
C MET B 256 -47.87 6.17 -10.65
N ALA B 257 -47.48 5.05 -10.07
CA ALA B 257 -48.33 3.88 -9.95
C ALA B 257 -49.59 4.11 -9.10
N TYR B 258 -49.49 4.90 -8.02
CA TYR B 258 -50.60 5.24 -7.14
C TYR B 258 -51.55 6.27 -7.78
N LYS B 259 -51.01 7.32 -8.38
CA LYS B 259 -51.76 8.37 -9.07
C LYS B 259 -52.69 7.81 -10.14
N ASN B 260 -52.21 6.91 -10.99
CA ASN B 260 -53.06 6.26 -12.01
C ASN B 260 -54.23 5.48 -11.40
N ARG B 261 -54.07 4.89 -10.21
CA ARG B 261 -55.12 4.13 -9.52
C ARG B 261 -56.14 5.05 -8.86
N LEU B 262 -55.71 6.11 -8.17
CA LEU B 262 -56.59 7.16 -7.64
C LEU B 262 -57.49 7.78 -8.73
N ASP B 263 -56.92 8.09 -9.89
CA ASP B 263 -57.65 8.65 -11.02
C ASP B 263 -58.69 7.70 -11.64
N ALA B 264 -58.43 6.40 -11.68
CA ALA B 264 -59.43 5.41 -12.09
C ALA B 264 -60.51 5.19 -11.02
N CYS B 265 -60.12 5.24 -9.76
CA CYS B 265 -60.98 5.01 -8.61
C CYS B 265 -62.13 6.02 -8.56
N LYS B 266 -61.84 7.32 -8.70
CA LYS B 266 -62.88 8.35 -8.80
C LYS B 266 -63.75 8.23 -10.06
N ARG B 267 -63.19 7.84 -11.21
CA ARG B 267 -63.97 7.51 -12.42
C ARG B 267 -64.97 6.38 -12.18
N ILE B 268 -64.57 5.28 -11.51
CA ILE B 268 -65.49 4.16 -11.22
C ILE B 268 -66.61 4.62 -10.28
N ASN B 269 -66.26 5.36 -9.22
CA ASN B 269 -67.23 5.95 -8.30
C ASN B 269 -68.22 6.90 -9.00
N GLU B 270 -67.77 7.64 -10.02
CA GLU B 270 -68.61 8.56 -10.77
C GLU B 270 -69.50 7.86 -11.82
N MET B 271 -69.02 6.81 -12.51
CA MET B 271 -69.82 6.05 -13.50
C MET B 271 -70.79 5.03 -12.86
N PHE B 272 -70.55 4.56 -11.64
CA PHE B 272 -71.31 3.46 -11.04
C PHE B 272 -71.81 3.67 -9.59
N GLY B 273 -71.30 4.66 -8.84
CA GLY B 273 -71.74 4.94 -7.48
C GLY B 273 -71.29 3.94 -6.40
N LEU B 274 -70.10 3.35 -6.55
CA LEU B 274 -69.66 2.20 -5.77
C LEU B 274 -68.76 2.48 -4.54
N ASN B 275 -68.27 3.71 -4.36
CA ASN B 275 -67.35 4.14 -3.28
C ASN B 275 -66.11 3.25 -3.03
N LEU B 276 -65.49 2.75 -4.10
CA LEU B 276 -64.14 2.18 -4.06
C LEU B 276 -63.13 3.18 -3.47
N GLU B 277 -62.14 2.67 -2.74
CA GLU B 277 -60.95 3.39 -2.31
C GLU B 277 -59.71 2.50 -2.44
N VAL B 278 -58.55 3.10 -2.69
CA VAL B 278 -57.28 2.41 -2.90
C VAL B 278 -56.14 3.05 -2.11
N GLU B 279 -55.27 2.22 -1.54
CA GLU B 279 -54.18 2.67 -0.67
C GLU B 279 -52.86 1.93 -0.94
N LYS B 280 -51.74 2.57 -0.63
CA LYS B 280 -50.41 1.93 -0.58
C LYS B 280 -50.30 0.99 0.61
N VAL B 281 -49.60 -0.11 0.45
CA VAL B 281 -49.33 -1.06 1.53
C VAL B 281 -48.00 -0.69 2.18
N VAL B 282 -48.02 0.12 3.23
CA VAL B 282 -46.84 0.42 4.07
C VAL B 282 -46.55 -0.75 5.04
N ASN B 283 -47.60 -1.46 5.47
CA ASN B 283 -47.57 -2.72 6.22
C ASN B 283 -48.74 -3.60 5.77
N LEU B 284 -48.57 -4.93 5.81
CA LEU B 284 -49.61 -5.87 5.32
C LEU B 284 -50.79 -5.91 6.29
N LEU B 285 -50.54 -6.20 7.56
CA LEU B 285 -51.54 -6.07 8.62
C LEU B 285 -51.71 -4.61 9.05
N GLU B 286 -52.96 -4.26 9.36
CA GLU B 286 -53.34 -2.90 9.78
C GLU B 286 -52.92 -2.57 11.23
N VAL B 287 -53.00 -3.55 12.13
CA VAL B 287 -52.70 -3.40 13.56
C VAL B 287 -52.31 -4.75 14.21
N ILE C 14 -23.20 -44.15 7.15
CA ILE C 14 -22.13 -43.13 7.12
C ILE C 14 -20.76 -43.81 7.35
N LEU C 15 -19.72 -43.06 7.72
CA LEU C 15 -18.35 -43.54 8.02
C LEU C 15 -17.52 -44.17 6.86
N LEU C 16 -18.03 -44.19 5.63
CA LEU C 16 -17.28 -44.65 4.45
C LEU C 16 -16.11 -43.72 4.07
N LYS C 17 -15.15 -44.23 3.29
CA LYS C 17 -14.10 -43.39 2.69
C LYS C 17 -14.67 -42.42 1.64
N ASN C 18 -14.23 -41.16 1.70
CA ASN C 18 -14.48 -40.10 0.71
C ASN C 18 -15.97 -39.81 0.42
N ASP C 19 -16.83 -40.01 1.42
CA ASP C 19 -18.25 -39.68 1.39
C ASP C 19 -18.79 -39.37 2.80
N VAL C 20 -19.92 -38.68 2.86
CA VAL C 20 -20.70 -38.45 4.06
C VAL C 20 -22.19 -38.37 3.71
N PHE C 21 -23.07 -38.71 4.66
CA PHE C 21 -24.52 -38.58 4.53
C PHE C 21 -24.97 -37.13 4.81
N MET C 22 -24.37 -36.19 4.07
CA MET C 22 -24.41 -34.76 4.35
C MET C 22 -25.80 -34.11 4.24
N VAL C 23 -26.67 -34.61 3.34
CA VAL C 23 -28.00 -34.03 3.07
C VAL C 23 -28.83 -33.92 4.35
N ASP C 24 -28.93 -34.98 5.13
CA ASP C 24 -29.80 -35.06 6.32
C ASP C 24 -29.49 -34.00 7.37
N ARG C 25 -28.20 -33.81 7.69
CA ARG C 25 -27.73 -32.82 8.66
C ARG C 25 -28.26 -31.43 8.35
N TYR C 26 -28.29 -31.02 7.09
CA TYR C 26 -28.75 -29.69 6.70
C TYR C 26 -30.26 -29.63 6.47
N TYR C 27 -30.84 -30.66 5.87
CA TYR C 27 -32.25 -30.69 5.54
C TYR C 27 -33.15 -30.65 6.77
N ASP C 28 -32.86 -31.47 7.77
CA ASP C 28 -33.62 -31.53 9.02
C ASP C 28 -33.37 -30.31 9.89
N TYR C 29 -32.13 -29.82 9.97
CA TYR C 29 -31.79 -28.63 10.73
C TYR C 29 -32.48 -27.36 10.18
N TYR C 30 -32.50 -27.13 8.88
CA TYR C 30 -33.25 -26.00 8.30
C TYR C 30 -34.75 -26.24 8.28
N SER C 31 -35.23 -27.46 8.17
CA SER C 31 -36.66 -27.76 8.39
C SER C 31 -37.14 -27.43 9.80
N ASN C 32 -36.40 -27.72 10.86
CA ASN C 32 -36.78 -27.32 12.22
C ASN C 32 -37.03 -25.82 12.32
N MET C 33 -36.18 -24.98 11.71
CA MET C 33 -36.41 -23.54 11.70
C MET C 33 -37.67 -23.15 10.93
N GLY C 34 -37.83 -23.65 9.70
CA GLY C 34 -38.95 -23.31 8.83
C GLY C 34 -40.34 -23.68 9.38
N LEU C 35 -40.41 -24.79 10.11
CA LEU C 35 -41.61 -25.26 10.81
C LEU C 35 -41.97 -24.47 12.07
N ASN C 36 -41.16 -23.50 12.53
CA ASN C 36 -41.37 -22.75 13.77
C ASN C 36 -41.57 -21.24 13.60
N ARG C 37 -42.08 -20.77 12.45
CA ARG C 37 -42.36 -19.33 12.21
C ARG C 37 -43.66 -18.85 12.87
N PHE C 38 -44.66 -19.72 12.94
CA PHE C 38 -46.03 -19.42 13.36
C PHE C 38 -46.56 -20.46 14.35
N ARG C 39 -47.55 -20.09 15.15
CA ARG C 39 -48.24 -20.95 16.12
C ARG C 39 -49.75 -20.72 16.11
N TRP C 40 -50.52 -21.81 16.11
CA TRP C 40 -51.99 -21.78 16.10
C TRP C 40 -52.50 -22.23 17.49
N LYS C 41 -53.28 -21.40 18.20
CA LYS C 41 -53.46 -21.57 19.67
C LYS C 41 -54.79 -22.12 20.21
N ASN C 42 -55.89 -22.09 19.47
CA ASN C 42 -57.13 -22.79 19.80
C ASN C 42 -57.49 -23.70 18.63
N LEU C 43 -57.70 -25.00 18.87
CA LEU C 43 -57.89 -25.99 17.80
C LEU C 43 -58.92 -27.05 18.19
N PRO C 44 -59.64 -27.62 17.22
CA PRO C 44 -60.49 -28.79 17.44
C PRO C 44 -59.80 -29.96 18.19
N PRO C 45 -60.56 -30.87 18.81
CA PRO C 45 -60.01 -32.03 19.51
C PRO C 45 -59.11 -32.92 18.62
N GLY C 46 -57.97 -33.35 19.15
CA GLY C 46 -57.07 -34.31 18.52
C GLY C 46 -56.13 -33.72 17.45
N MET C 47 -56.06 -32.40 17.32
CA MET C 47 -55.27 -31.71 16.30
C MET C 47 -54.27 -30.73 16.93
N GLU C 48 -53.07 -30.63 16.35
CA GLU C 48 -51.92 -29.92 16.91
C GLU C 48 -51.42 -28.84 15.95
N SER C 49 -50.83 -27.75 16.46
CA SER C 49 -50.32 -26.63 15.66
C SER C 49 -49.37 -27.08 14.55
N ARG C 50 -48.48 -28.02 14.87
CA ARG C 50 -47.54 -28.65 13.95
C ARG C 50 -48.20 -29.29 12.72
N HIS C 51 -49.41 -29.83 12.81
CA HIS C 51 -50.07 -30.48 11.66
C HIS C 51 -50.43 -29.50 10.55
N ILE C 52 -50.95 -28.32 10.92
CA ILE C 52 -51.30 -27.26 9.95
C ILE C 52 -50.02 -26.74 9.29
N GLU C 53 -49.03 -26.43 10.11
CA GLU C 53 -47.79 -25.82 9.68
C GLU C 53 -46.97 -26.75 8.79
N GLN C 54 -46.95 -28.07 9.01
CA GLN C 54 -46.24 -28.95 8.08
C GLN C 54 -46.94 -29.12 6.74
N ALA C 55 -48.27 -29.03 6.67
CA ALA C 55 -48.97 -29.02 5.39
C ALA C 55 -48.67 -27.73 4.59
N LEU C 56 -48.60 -26.58 5.26
CA LEU C 56 -48.20 -25.32 4.63
C LEU C 56 -46.73 -25.32 4.22
N PHE C 57 -45.85 -25.90 5.02
CA PHE C 57 -44.43 -25.96 4.75
C PHE C 57 -44.05 -26.89 3.58
N ASN C 58 -44.69 -28.06 3.46
CA ASN C 58 -44.33 -29.07 2.45
C ASN C 58 -45.06 -28.92 1.12
N GLU C 59 -46.29 -28.41 1.09
CA GLU C 59 -47.10 -28.28 -0.13
C GLU C 59 -47.40 -26.81 -0.50
N GLY C 60 -47.22 -25.87 0.42
CA GLY C 60 -47.49 -24.45 0.22
C GLY C 60 -48.96 -24.06 0.36
N GLN C 61 -49.84 -25.05 0.43
CA GLN C 61 -51.27 -24.88 0.56
C GLN C 61 -51.88 -26.06 1.32
N ALA C 62 -52.94 -25.81 2.08
CA ALA C 62 -53.62 -26.80 2.91
C ALA C 62 -55.14 -26.59 2.86
N VAL C 63 -55.93 -27.63 3.07
CA VAL C 63 -57.39 -27.56 3.13
C VAL C 63 -57.91 -28.00 4.50
N PHE C 64 -58.74 -27.15 5.12
CA PHE C 64 -59.39 -27.36 6.41
C PHE C 64 -60.87 -27.70 6.22
N PHE C 65 -61.33 -28.84 6.72
CA PHE C 65 -62.68 -29.34 6.52
C PHE C 65 -63.16 -30.27 7.66
N LYS C 66 -64.48 -30.38 7.82
CA LYS C 66 -65.15 -31.31 8.73
C LYS C 66 -65.09 -32.74 8.19
N ASN C 67 -64.67 -33.72 9.01
CA ASN C 67 -64.62 -35.12 8.61
C ASN C 67 -66.02 -35.74 8.50
N THR C 68 -66.21 -36.63 7.53
CA THR C 68 -67.46 -37.40 7.34
C THR C 68 -67.23 -38.92 7.41
N ASP C 69 -66.01 -39.41 7.17
CA ASP C 69 -65.66 -40.84 7.18
C ASP C 69 -65.56 -41.37 8.63
N PRO C 70 -66.49 -42.23 9.09
CA PRO C 70 -66.59 -42.59 10.50
C PRO C 70 -65.43 -43.46 10.99
N ASN C 71 -64.67 -44.04 10.07
CA ASN C 71 -63.52 -44.88 10.35
C ASN C 71 -62.32 -44.08 10.90
N GLU C 72 -62.30 -42.74 10.71
CA GLU C 72 -61.19 -41.88 11.11
C GLU C 72 -61.56 -41.09 12.38
N PRO C 73 -60.72 -41.10 13.43
CA PRO C 73 -61.09 -40.63 14.77
C PRO C 73 -60.97 -39.11 14.95
N TYR C 74 -61.48 -38.35 13.99
CA TYR C 74 -61.32 -36.89 13.93
C TYR C 74 -62.64 -36.21 13.61
N GLY C 75 -62.83 -35.03 14.21
CA GLY C 75 -63.95 -34.13 13.91
C GLY C 75 -63.67 -33.21 12.73
N PHE C 76 -62.47 -32.66 12.69
CA PHE C 76 -61.95 -31.78 11.65
C PHE C 76 -60.55 -32.23 11.23
N LEU C 77 -60.21 -32.04 9.96
CA LEU C 77 -58.90 -32.32 9.39
C LEU C 77 -58.31 -31.09 8.71
N CYS C 78 -56.99 -30.94 8.74
CA CYS C 78 -56.27 -29.95 7.95
C CYS C 78 -55.11 -30.64 7.23
N LEU C 79 -55.18 -30.76 5.90
CA LEU C 79 -54.29 -31.61 5.10
C LEU C 79 -53.72 -30.84 3.90
N PRO C 80 -52.59 -31.26 3.30
CA PRO C 80 -52.12 -30.69 2.04
C PRO C 80 -53.17 -30.80 0.93
N CYS C 81 -53.27 -29.74 0.12
CA CYS C 81 -54.33 -29.57 -0.87
C CYS C 81 -53.81 -29.79 -2.30
N ALA C 82 -54.52 -30.54 -3.12
CA ALA C 82 -54.37 -30.52 -4.58
C ALA C 82 -55.65 -29.99 -5.25
N PRO C 83 -55.64 -28.82 -5.92
CA PRO C 83 -56.81 -28.33 -6.61
C PRO C 83 -57.16 -29.16 -7.86
N SER C 84 -58.44 -29.23 -8.19
CA SER C 84 -58.90 -29.79 -9.47
C SER C 84 -58.64 -28.80 -10.62
N ASN C 85 -58.59 -29.29 -11.86
CA ASN C 85 -58.16 -28.49 -13.02
C ASN C 85 -59.20 -27.46 -13.54
N GLY C 86 -60.45 -27.46 -13.08
CA GLY C 86 -61.47 -26.47 -13.46
C GLY C 86 -61.36 -25.19 -12.65
N GLN C 87 -61.73 -24.04 -13.24
CA GLN C 87 -61.57 -22.71 -12.64
C GLN C 87 -62.59 -21.66 -13.12
N ASN C 88 -62.86 -20.63 -12.32
CA ASN C 88 -63.72 -19.50 -12.72
C ASN C 88 -63.03 -18.52 -13.70
N ILE C 89 -63.68 -17.41 -14.06
CA ILE C 89 -63.13 -16.34 -14.94
C ILE C 89 -61.77 -15.81 -14.49
N TYR C 90 -61.57 -15.64 -13.18
CA TYR C 90 -60.33 -15.14 -12.59
C TYR C 90 -59.21 -16.20 -12.51
N GLY C 91 -59.54 -17.48 -12.62
CA GLY C 91 -58.61 -18.58 -12.45
C GLY C 91 -58.56 -19.18 -11.06
N ASP C 92 -59.55 -18.93 -10.21
CA ASP C 92 -59.68 -19.65 -8.94
C ASP C 92 -60.16 -21.09 -9.19
N PRO C 93 -59.56 -22.12 -8.57
CA PRO C 93 -60.00 -23.50 -8.76
C PRO C 93 -61.38 -23.75 -8.14
N VAL C 94 -62.25 -24.49 -8.84
CA VAL C 94 -63.64 -24.71 -8.39
C VAL C 94 -63.78 -25.74 -7.25
N ASP C 95 -62.86 -26.68 -7.11
CA ASP C 95 -62.86 -27.73 -6.08
C ASP C 95 -61.44 -28.07 -5.60
N PHE C 96 -61.35 -28.61 -4.38
CA PHE C 96 -60.15 -28.89 -3.59
C PHE C 96 -60.08 -30.38 -3.23
N ASN C 97 -58.90 -31.00 -3.21
CA ASN C 97 -58.74 -32.41 -2.80
C ASN C 97 -57.77 -32.49 -1.62
N GLY C 98 -58.16 -33.09 -0.51
CA GLY C 98 -57.33 -33.25 0.68
C GLY C 98 -56.52 -34.54 0.63
N ILE C 99 -55.20 -34.46 0.70
CA ILE C 99 -54.34 -35.66 0.60
C ILE C 99 -53.79 -36.04 1.97
N GLY C 100 -54.07 -37.26 2.44
CA GLY C 100 -53.60 -37.80 3.72
C GLY C 100 -52.61 -38.97 3.56
N VAL C 101 -51.93 -39.39 4.62
CA VAL C 101 -51.13 -40.63 4.58
C VAL C 101 -52.09 -41.83 4.49
N ASN C 102 -51.95 -42.67 3.45
CA ASN C 102 -52.87 -43.77 3.11
C ASN C 102 -54.34 -43.36 2.91
N LYS C 103 -54.61 -42.10 2.53
CA LYS C 103 -55.96 -41.54 2.44
C LYS C 103 -56.06 -40.45 1.38
N TYR C 104 -57.25 -40.20 0.86
CA TYR C 104 -57.49 -39.21 -0.20
C TYR C 104 -58.96 -38.78 -0.15
N PHE C 105 -59.24 -37.50 0.08
CA PHE C 105 -60.60 -36.97 0.19
C PHE C 105 -61.00 -36.29 -1.12
N THR C 106 -62.03 -36.82 -1.77
CA THR C 106 -62.52 -36.36 -3.07
C THR C 106 -63.25 -35.02 -2.98
N ASN C 107 -63.16 -34.22 -4.04
CA ASN C 107 -63.67 -32.86 -4.27
C ASN C 107 -64.48 -32.23 -3.12
N LEU C 108 -63.77 -31.57 -2.22
CA LEU C 108 -64.28 -30.54 -1.30
C LEU C 108 -64.43 -29.23 -2.07
N SER C 109 -65.19 -28.25 -1.56
CA SER C 109 -65.48 -27.02 -2.30
C SER C 109 -65.34 -25.76 -1.45
N PRO C 110 -65.24 -24.56 -2.07
CA PRO C 110 -65.23 -23.29 -1.35
C PRO C 110 -66.50 -23.04 -0.52
N LEU C 111 -67.58 -23.80 -0.75
CA LEU C 111 -68.81 -23.72 0.03
C LEU C 111 -68.74 -24.50 1.36
N ASN C 112 -67.84 -25.49 1.49
CA ASN C 112 -67.79 -26.40 2.64
C ASN C 112 -66.39 -26.65 3.24
N ALA C 113 -65.35 -25.99 2.72
CA ALA C 113 -63.98 -26.06 3.21
C ALA C 113 -63.26 -24.73 3.03
N VAL C 114 -62.17 -24.53 3.75
CA VAL C 114 -61.29 -23.37 3.56
C VAL C 114 -59.92 -23.82 3.08
N ARG C 115 -59.43 -23.28 1.95
CA ARG C 115 -58.03 -23.45 1.50
C ARG C 115 -57.12 -22.35 2.07
N ILE C 116 -56.07 -22.75 2.77
CA ILE C 116 -55.06 -21.89 3.38
C ILE C 116 -53.82 -21.86 2.49
N LEU C 117 -53.20 -20.69 2.31
CA LEU C 117 -51.94 -20.54 1.57
C LEU C 117 -50.79 -20.15 2.51
N ASP C 118 -49.57 -20.62 2.26
CA ASP C 118 -48.36 -20.07 2.89
C ASP C 118 -48.05 -18.65 2.37
N ASN C 119 -48.27 -18.44 1.07
CA ASN C 119 -48.00 -17.22 0.30
C ASN C 119 -48.89 -17.26 -0.97
N ASP C 120 -49.13 -16.13 -1.64
CA ASP C 120 -50.19 -16.03 -2.66
C ASP C 120 -50.04 -16.92 -3.90
N ASN C 121 -48.84 -17.30 -4.30
CA ASN C 121 -48.61 -18.26 -5.37
C ASN C 121 -48.64 -19.72 -4.90
N GLY C 122 -48.74 -19.99 -3.59
CA GLY C 122 -48.69 -21.33 -3.03
C GLY C 122 -47.36 -22.05 -3.26
N LEU C 123 -46.24 -21.31 -3.33
CA LEU C 123 -44.89 -21.86 -3.47
C LEU C 123 -44.46 -22.51 -2.15
N ALA C 124 -44.15 -23.81 -2.11
CA ALA C 124 -43.79 -24.47 -0.86
C ALA C 124 -42.40 -24.03 -0.33
N PRO C 125 -42.26 -23.63 0.95
CA PRO C 125 -40.97 -23.33 1.58
C PRO C 125 -39.90 -24.43 1.52
N VAL C 126 -40.28 -25.71 1.46
CA VAL C 126 -39.33 -26.82 1.25
C VAL C 126 -38.53 -26.73 -0.05
N ARG C 127 -39.06 -26.09 -1.09
CA ARG C 127 -38.37 -25.97 -2.38
C ARG C 127 -37.11 -25.11 -2.31
N HIS C 128 -37.09 -24.12 -1.43
CA HIS C 128 -35.87 -23.35 -1.10
C HIS C 128 -34.84 -24.18 -0.36
N ILE C 129 -35.27 -24.94 0.67
CA ILE C 129 -34.42 -25.78 1.50
C ILE C 129 -33.75 -26.86 0.66
N ALA C 130 -34.49 -27.55 -0.21
CA ALA C 130 -33.96 -28.60 -1.07
C ALA C 130 -32.83 -28.14 -2.02
N TYR C 131 -32.89 -26.94 -2.60
CA TYR C 131 -31.81 -26.38 -3.40
C TYR C 131 -30.57 -26.06 -2.56
N TYR C 132 -30.73 -25.37 -1.44
CA TYR C 132 -29.61 -24.96 -0.60
C TYR C 132 -28.95 -26.14 0.13
N THR C 133 -29.65 -27.25 0.42
CA THR C 133 -29.00 -28.41 1.02
C THR C 133 -28.15 -29.15 0.00
N TYR C 134 -28.59 -29.24 -1.25
CA TYR C 134 -27.75 -29.71 -2.33
C TYR C 134 -26.47 -28.86 -2.44
N LEU C 135 -26.58 -27.53 -2.47
CA LEU C 135 -25.43 -26.64 -2.56
C LEU C 135 -24.46 -26.77 -1.38
N MET C 136 -24.93 -26.78 -0.13
CA MET C 136 -24.07 -26.92 1.04
C MET C 136 -23.37 -28.27 1.13
N SER C 137 -23.97 -29.34 0.63
CA SER C 137 -23.31 -30.64 0.52
C SER C 137 -22.17 -30.65 -0.54
N GLN C 138 -22.26 -29.86 -1.60
CA GLN C 138 -21.21 -29.71 -2.62
C GLN C 138 -20.05 -28.84 -2.13
N ILE C 139 -20.32 -27.83 -1.31
CA ILE C 139 -19.28 -27.03 -0.65
C ILE C 139 -18.49 -27.90 0.32
N GLU C 140 -19.15 -28.74 1.11
CA GLU C 140 -18.48 -29.68 2.01
C GLU C 140 -17.54 -30.63 1.27
N MET C 141 -18.01 -31.26 0.20
CA MET C 141 -17.20 -32.15 -0.60
C MET C 141 -15.95 -31.44 -1.14
N THR C 142 -16.09 -30.22 -1.63
CA THR C 142 -15.01 -29.39 -2.13
C THR C 142 -14.01 -28.99 -1.04
N ILE C 143 -14.46 -28.69 0.18
CA ILE C 143 -13.60 -28.46 1.35
C ILE C 143 -12.73 -29.67 1.63
N ASN C 144 -13.33 -30.86 1.65
CA ASN C 144 -12.65 -32.11 1.96
C ASN C 144 -11.66 -32.51 0.88
N MET C 145 -11.99 -32.35 -0.39
CA MET C 145 -11.06 -32.61 -1.48
C MET C 145 -9.90 -31.62 -1.49
N ASN C 146 -10.14 -30.33 -1.29
CA ASN C 146 -9.10 -29.34 -1.21
C ASN C 146 -8.16 -29.55 -0.01
N LEU C 147 -8.67 -29.94 1.16
CA LEU C 147 -7.85 -30.27 2.32
C LEU C 147 -6.95 -31.47 2.05
N ASP C 148 -7.46 -32.54 1.45
CA ASP C 148 -6.65 -33.72 1.14
C ASP C 148 -5.54 -33.42 0.13
N GLN C 149 -5.82 -32.54 -0.83
CA GLN C 149 -4.86 -32.09 -1.83
C GLN C 149 -3.69 -31.28 -1.26
N GLN C 150 -3.81 -30.64 -0.10
CA GLN C 150 -2.69 -29.93 0.53
C GLN C 150 -1.56 -30.85 1.00
N LYS C 151 -1.82 -32.13 1.22
CA LYS C 151 -0.82 -33.13 1.63
C LYS C 151 0.21 -33.46 0.56
N PHE C 152 -0.02 -33.12 -0.71
CA PHE C 152 0.76 -33.56 -1.87
C PHE C 152 1.23 -32.42 -2.81
N PRO C 153 2.00 -31.42 -2.36
CA PRO C 153 2.43 -30.31 -3.22
C PRO C 153 3.39 -30.73 -4.34
N ILE C 154 4.19 -31.77 -4.14
CA ILE C 154 5.09 -32.31 -5.15
C ILE C 154 5.14 -33.82 -5.04
N ILE C 155 5.34 -34.50 -6.17
CA ILE C 155 5.59 -35.94 -6.26
C ILE C 155 6.92 -36.14 -7.00
N ILE C 156 7.77 -37.06 -6.55
CA ILE C 156 9.06 -37.35 -7.19
C ILE C 156 8.99 -38.68 -7.91
N GLY C 157 9.36 -38.72 -9.19
CA GLY C 157 9.63 -39.93 -9.95
C GLY C 157 11.12 -40.26 -9.92
N ALA C 158 11.50 -41.51 -9.69
CA ALA C 158 12.89 -41.93 -9.62
C ALA C 158 13.13 -43.33 -10.20
N THR C 159 14.38 -43.75 -10.36
CA THR C 159 14.73 -45.17 -10.57
C THR C 159 14.51 -45.95 -9.26
N GLN C 160 14.42 -47.26 -9.34
CA GLN C 160 14.18 -48.10 -8.17
C GLN C 160 15.30 -48.00 -7.10
N LYS C 161 16.58 -47.91 -7.50
CA LYS C 161 17.68 -47.74 -6.55
C LYS C 161 17.77 -46.32 -5.99
N ASN C 162 17.48 -45.32 -6.80
CA ASN C 162 17.32 -43.95 -6.34
C ASN C 162 16.20 -43.82 -5.30
N LYS C 163 15.02 -44.44 -5.52
CA LYS C 163 13.90 -44.42 -4.58
C LYS C 163 14.32 -44.93 -3.21
N LEU C 164 14.98 -46.09 -3.18
CA LEU C 164 15.54 -46.70 -1.98
C LEU C 164 16.51 -45.74 -1.24
N SER C 165 17.43 -45.09 -1.94
CA SER C 165 18.35 -44.13 -1.34
C SER C 165 17.65 -42.89 -0.76
N MET C 166 16.54 -42.42 -1.32
CA MET C 166 15.79 -41.32 -0.72
C MET C 166 15.02 -41.71 0.55
N GLU C 167 14.49 -42.92 0.62
CA GLU C 167 13.83 -43.43 1.83
C GLU C 167 14.80 -43.50 3.02
N ASN C 168 16.07 -43.82 2.79
CA ASN C 168 17.11 -43.77 3.83
C ASN C 168 17.41 -42.34 4.28
N LEU C 169 17.45 -41.36 3.37
CA LEU C 169 17.66 -39.97 3.71
C LEU C 169 16.52 -39.45 4.62
N TYR C 170 15.27 -39.77 4.32
CA TYR C 170 14.12 -39.38 5.14
C TYR C 170 14.02 -40.11 6.48
N GLU C 171 14.36 -41.39 6.56
CA GLU C 171 14.24 -42.18 7.80
C GLU C 171 15.14 -41.66 8.94
N LYS C 172 16.11 -40.82 8.61
CA LYS C 172 17.02 -40.14 9.54
C LYS C 172 16.36 -39.08 10.43
N TYR C 173 15.44 -38.27 9.87
CA TYR C 173 14.87 -37.08 10.55
C TYR C 173 13.36 -36.90 10.35
N SER C 174 12.73 -37.62 9.43
CA SER C 174 11.31 -37.47 9.07
C SER C 174 10.43 -38.39 9.92
N SER C 175 9.18 -37.98 10.11
CA SER C 175 8.13 -38.73 10.79
C SER C 175 7.15 -39.40 9.83
N PHE C 176 7.24 -39.14 8.53
CA PHE C 176 6.44 -39.75 7.47
C PHE C 176 7.34 -40.52 6.46
N GLU C 177 6.74 -41.06 5.41
CA GLU C 177 7.42 -41.55 4.20
C GLU C 177 7.42 -40.50 3.07
N PRO C 178 8.50 -40.36 2.29
CA PRO C 178 8.57 -39.41 1.17
C PRO C 178 7.53 -39.71 0.07
N ASN C 179 7.11 -38.68 -0.65
CA ASN C 179 6.18 -38.80 -1.77
C ASN C 179 6.92 -39.14 -3.06
N ILE C 180 7.46 -40.35 -3.13
CA ILE C 180 8.31 -40.82 -4.22
C ILE C 180 7.81 -42.14 -4.79
N LEU C 181 7.89 -42.30 -6.10
CA LEU C 181 7.51 -43.52 -6.82
C LEU C 181 8.53 -43.88 -7.91
N VAL C 182 8.54 -45.13 -8.35
CA VAL C 182 9.34 -45.55 -9.52
C VAL C 182 8.64 -45.12 -10.80
N ASP C 183 9.36 -44.43 -11.68
CA ASP C 183 8.90 -44.19 -13.04
C ASP C 183 9.54 -45.22 -13.97
N GLU C 184 8.71 -46.04 -14.62
CA GLU C 184 9.16 -47.07 -15.55
C GLU C 184 9.88 -46.52 -16.79
N LYS C 185 9.48 -45.39 -17.37
CA LYS C 185 10.24 -44.77 -18.47
C LYS C 185 11.60 -44.29 -17.96
N LEU C 186 11.64 -43.66 -16.80
CA LEU C 186 12.88 -43.14 -16.22
C LEU C 186 13.88 -44.26 -15.93
N ALA C 187 13.40 -45.36 -15.34
CA ALA C 187 14.18 -46.57 -15.08
C ALA C 187 14.61 -47.30 -16.35
N GLN C 188 13.78 -47.38 -17.40
CA GLN C 188 14.09 -48.08 -18.65
C GLN C 188 15.16 -47.39 -19.49
N ALA C 189 14.98 -46.11 -19.79
CA ALA C 189 15.72 -45.42 -20.83
C ALA C 189 17.23 -45.32 -20.55
N LEU C 190 18.04 -45.54 -21.59
CA LEU C 190 19.48 -45.24 -21.61
C LEU C 190 19.72 -43.73 -21.83
N GLN C 191 20.98 -43.33 -21.84
CA GLN C 191 21.42 -41.95 -22.14
C GLN C 191 20.72 -40.88 -21.26
N GLU C 192 20.30 -39.74 -21.80
CA GLU C 192 19.75 -38.59 -21.05
C GLU C 192 18.41 -38.85 -20.32
N GLY C 193 18.13 -38.00 -19.33
CA GLY C 193 17.10 -38.20 -18.30
C GLY C 193 17.72 -38.46 -16.93
N LYS C 194 17.30 -37.68 -15.92
CA LYS C 194 18.10 -37.44 -14.71
C LYS C 194 18.11 -38.55 -13.66
N GLY C 195 17.16 -39.47 -13.62
CA GLY C 195 17.04 -40.46 -12.52
C GLY C 195 16.32 -39.99 -11.25
N PHE C 196 16.00 -38.71 -11.16
CA PHE C 196 14.99 -38.08 -10.31
C PHE C 196 14.27 -37.03 -11.15
N ASP C 197 12.95 -36.94 -11.13
CA ASP C 197 12.21 -35.79 -11.65
C ASP C 197 10.98 -35.44 -10.81
N ALA C 198 10.82 -34.16 -10.49
CA ALA C 198 9.78 -33.67 -9.61
C ALA C 198 8.64 -33.03 -10.41
N LEU C 199 7.41 -33.49 -10.23
CA LEU C 199 6.23 -32.89 -10.85
C LEU C 199 5.43 -32.12 -9.81
N ASN C 200 5.24 -30.83 -10.07
CA ASN C 200 4.56 -29.88 -9.19
C ASN C 200 3.05 -30.13 -9.24
N THR C 201 2.47 -30.61 -8.15
CA THR C 201 1.05 -30.98 -8.02
C THR C 201 0.30 -30.06 -7.05
N GLN C 202 0.89 -28.91 -6.69
CA GLN C 202 0.40 -27.97 -5.67
C GLN C 202 -0.93 -27.32 -6.06
N ALA C 203 -2.00 -27.63 -5.33
CA ALA C 203 -3.30 -26.98 -5.42
C ALA C 203 -3.33 -25.61 -4.69
N PRO C 204 -4.23 -24.68 -5.06
CA PRO C 204 -4.45 -23.46 -4.30
C PRO C 204 -5.12 -23.72 -2.95
N TYR C 205 -4.84 -22.92 -1.94
CA TYR C 205 -5.50 -22.97 -0.64
C TYR C 205 -6.87 -22.28 -0.70
N LEU C 206 -7.96 -23.01 -0.45
CA LEU C 206 -9.35 -22.51 -0.58
C LEU C 206 -10.18 -22.54 0.71
N LEU C 207 -9.69 -23.06 1.83
CA LEU C 207 -10.55 -23.43 2.96
C LEU C 207 -11.23 -22.23 3.64
N ASP C 208 -10.49 -21.13 3.82
CA ASP C 208 -10.94 -19.82 4.28
C ASP C 208 -12.07 -19.23 3.41
N LYS C 209 -11.93 -19.26 2.08
CA LYS C 209 -12.92 -18.79 1.09
C LYS C 209 -14.18 -19.65 1.05
N LEU C 210 -14.06 -20.97 1.17
CA LEU C 210 -15.19 -21.90 1.13
C LEU C 210 -16.06 -21.81 2.37
N ALA C 211 -15.48 -21.56 3.54
CA ALA C 211 -16.23 -21.33 4.77
C ALA C 211 -17.03 -20.01 4.73
N ASP C 212 -16.48 -18.96 4.12
CA ASP C 212 -17.18 -17.70 3.84
C ASP C 212 -18.36 -17.86 2.89
N PHE C 213 -18.20 -18.60 1.79
CA PHE C 213 -19.27 -18.82 0.82
C PHE C 213 -20.42 -19.62 1.41
N LYS C 214 -20.14 -20.60 2.28
CA LYS C 214 -21.17 -21.36 2.99
C LYS C 214 -22.04 -20.44 3.86
N LYS C 215 -21.44 -19.49 4.56
CA LYS C 215 -22.12 -18.48 5.39
C LYS C 215 -22.94 -17.49 4.57
N THR C 216 -22.44 -17.11 3.41
CA THR C 216 -23.21 -16.34 2.42
C THR C 216 -24.44 -17.11 1.91
N CYS C 217 -24.35 -18.40 1.64
CA CYS C 217 -25.47 -19.23 1.22
C CYS C 217 -26.52 -19.43 2.30
N GLU C 218 -26.11 -19.56 3.55
CA GLU C 218 -27.01 -19.66 4.69
C GLU C 218 -27.89 -18.40 4.85
N ASN C 219 -27.32 -17.21 4.71
CA ASN C 219 -28.10 -15.96 4.82
C ASN C 219 -29.12 -15.79 3.70
N GLU C 220 -28.80 -16.24 2.48
CA GLU C 220 -29.74 -16.27 1.37
C GLU C 220 -30.94 -17.17 1.66
N LEU C 221 -30.72 -18.39 2.16
CA LEU C 221 -31.78 -19.31 2.56
C LEU C 221 -32.71 -18.69 3.63
N LEU C 222 -32.14 -18.11 4.68
CA LEU C 222 -32.92 -17.50 5.76
C LEU C 222 -33.75 -16.30 5.30
N THR C 223 -33.30 -15.58 4.28
CA THR C 223 -34.06 -14.49 3.65
C THR C 223 -35.26 -15.01 2.85
N PHE C 224 -35.11 -16.07 2.06
CA PHE C 224 -36.24 -16.68 1.37
C PHE C 224 -37.29 -17.26 2.33
N LEU C 225 -36.90 -17.67 3.54
CA LEU C 225 -37.81 -18.15 4.58
C LEU C 225 -38.44 -17.03 5.42
N GLY C 226 -37.92 -15.80 5.35
CA GLY C 226 -38.33 -14.65 6.16
C GLY C 226 -37.88 -14.67 7.62
N ILE C 227 -36.86 -15.48 7.95
CA ILE C 227 -36.51 -15.85 9.32
C ILE C 227 -35.47 -14.95 9.99
N ASN C 228 -34.60 -14.29 9.22
CA ASN C 228 -33.41 -13.65 9.77
C ASN C 228 -33.67 -12.60 10.87
N ASN C 247 -33.08 -6.22 5.91
CA ASN C 247 -34.10 -6.56 6.90
C ASN C 247 -35.51 -6.14 6.46
N SER C 248 -35.65 -5.14 5.58
CA SER C 248 -36.92 -4.74 5.01
C SER C 248 -37.57 -5.89 4.21
N GLN C 249 -36.82 -6.56 3.32
CA GLN C 249 -37.34 -7.71 2.57
C GLN C 249 -37.64 -8.92 3.48
N ILE C 250 -36.84 -9.14 4.51
CA ILE C 250 -37.04 -10.24 5.49
C ILE C 250 -38.34 -10.04 6.26
N THR C 251 -38.56 -8.85 6.81
CA THR C 251 -39.82 -8.50 7.47
C THR C 251 -40.99 -8.63 6.51
N PHE C 252 -40.89 -8.05 5.32
CA PHE C 252 -41.94 -8.11 4.30
C PHE C 252 -42.32 -9.53 3.86
N VAL C 253 -41.35 -10.45 3.81
CA VAL C 253 -41.60 -11.85 3.52
C VAL C 253 -42.45 -12.53 4.62
N LEU C 254 -42.12 -12.29 5.88
CA LEU C 254 -42.86 -12.82 7.02
C LEU C 254 -44.24 -12.12 7.21
N GLU C 255 -44.36 -10.84 6.86
CA GLU C 255 -45.66 -10.14 6.87
C GLU C 255 -46.65 -10.73 5.86
N MET C 256 -46.23 -11.00 4.62
CA MET C 256 -47.07 -11.68 3.63
C MET C 256 -47.50 -13.07 4.11
N ALA C 257 -46.57 -13.80 4.72
CA ALA C 257 -46.84 -15.12 5.28
C ALA C 257 -47.85 -15.10 6.43
N TYR C 258 -47.81 -14.06 7.28
CA TYR C 258 -48.74 -13.90 8.40
C TYR C 258 -50.13 -13.45 7.95
N LYS C 259 -50.20 -12.47 7.04
CA LYS C 259 -51.44 -11.95 6.47
C LYS C 259 -52.30 -13.05 5.85
N ASN C 260 -51.73 -13.93 5.04
CA ASN C 260 -52.47 -15.06 4.46
C ASN C 260 -53.05 -16.00 5.52
N ARG C 261 -52.40 -16.17 6.67
CA ARG C 261 -52.87 -17.03 7.77
C ARG C 261 -53.99 -16.36 8.56
N LEU C 262 -53.86 -15.07 8.91
CA LEU C 262 -54.93 -14.27 9.51
C LEU C 262 -56.23 -14.29 8.68
N ASP C 263 -56.12 -14.13 7.37
CA ASP C 263 -57.26 -14.16 6.45
C ASP C 263 -57.94 -15.53 6.35
N ALA C 264 -57.22 -16.64 6.43
CA ALA C 264 -57.82 -17.97 6.51
C ALA C 264 -58.43 -18.24 7.89
N CYS C 265 -57.81 -17.73 8.94
CA CYS C 265 -58.22 -17.93 10.33
C CYS C 265 -59.63 -17.38 10.57
N LYS C 266 -59.91 -16.14 10.15
CA LYS C 266 -61.27 -15.59 10.23
C LYS C 266 -62.29 -16.31 9.34
N ARG C 267 -61.91 -16.78 8.15
CA ARG C 267 -62.75 -17.65 7.31
C ARG C 267 -63.13 -18.95 8.03
N ILE C 268 -62.20 -19.63 8.70
CA ILE C 268 -62.50 -20.88 9.44
C ILE C 268 -63.46 -20.59 10.59
N ASN C 269 -63.20 -19.52 11.36
CA ASN C 269 -64.08 -19.08 12.43
C ASN C 269 -65.49 -18.71 11.94
N GLU C 270 -65.62 -18.17 10.73
CA GLU C 270 -66.91 -17.81 10.14
C GLU C 270 -67.66 -19.02 9.56
N MET C 271 -66.99 -19.99 8.92
CA MET C 271 -67.63 -21.20 8.37
C MET C 271 -67.94 -22.28 9.43
N PHE C 272 -67.26 -22.29 10.57
CA PHE C 272 -67.37 -23.40 11.55
C PHE C 272 -67.56 -22.99 13.02
N GLY C 273 -67.32 -21.73 13.41
CA GLY C 273 -67.50 -21.25 14.78
C GLY C 273 -66.46 -21.73 15.80
N LEU C 274 -65.20 -21.91 15.38
CA LEU C 274 -64.17 -22.61 16.16
C LEU C 274 -63.20 -21.73 16.98
N ASN C 275 -63.21 -20.41 16.80
CA ASN C 275 -62.31 -19.43 17.46
C ASN C 275 -60.80 -19.76 17.44
N LEU C 276 -60.29 -20.29 16.32
CA LEU C 276 -58.86 -20.34 16.02
C LEU C 276 -58.22 -18.95 16.10
N GLU C 277 -56.97 -18.90 16.56
CA GLU C 277 -56.09 -17.73 16.47
C GLU C 277 -54.67 -18.17 16.09
N VAL C 278 -53.93 -17.29 15.41
CA VAL C 278 -52.58 -17.56 14.92
C VAL C 278 -51.63 -16.40 15.20
N GLU C 279 -50.40 -16.70 15.58
CA GLU C 279 -49.40 -15.71 15.99
C GLU C 279 -48.01 -16.02 15.44
N LYS C 280 -47.18 -14.98 15.27
CA LYS C 280 -45.75 -15.10 15.00
C LYS C 280 -45.00 -15.61 16.23
N VAL C 281 -43.98 -16.42 16.03
CA VAL C 281 -43.11 -16.90 17.11
C VAL C 281 -41.92 -15.96 17.23
N VAL C 282 -42.02 -14.95 18.10
CA VAL C 282 -40.88 -14.07 18.47
C VAL C 282 -39.94 -14.78 19.47
N ASN C 283 -40.49 -15.65 20.31
CA ASN C 283 -39.80 -16.59 21.20
C ASN C 283 -40.60 -17.89 21.29
N LEU C 284 -39.92 -19.04 21.48
CA LEU C 284 -40.58 -20.35 21.50
C LEU C 284 -41.40 -20.53 22.77
N LEU C 285 -40.77 -20.37 23.93
CA LEU C 285 -41.45 -20.31 25.22
C LEU C 285 -42.09 -18.94 25.45
N GLU C 286 -43.26 -18.94 26.08
CA GLU C 286 -44.03 -17.73 26.39
C GLU C 286 -43.45 -16.91 27.55
N VAL C 287 -42.93 -17.59 28.57
CA VAL C 287 -42.38 -16.98 29.80
C VAL C 287 -41.36 -17.90 30.49
N ILE D 14 -1.63 -45.81 20.90
CA ILE D 14 -1.08 -44.54 20.38
C ILE D 14 0.46 -44.64 20.26
N LEU D 15 1.17 -43.52 20.17
CA LEU D 15 2.65 -43.44 20.10
C LEU D 15 3.36 -44.04 18.85
N LEU D 16 2.64 -44.53 17.85
CA LEU D 16 3.20 -45.02 16.59
C LEU D 16 3.80 -43.88 15.72
N LYS D 17 4.66 -44.23 14.77
CA LYS D 17 5.13 -43.29 13.74
C LYS D 17 4.00 -42.87 12.78
N ASN D 18 3.91 -41.56 12.51
CA ASN D 18 3.04 -40.95 11.50
C ASN D 18 1.53 -41.26 11.65
N ASP D 19 1.07 -41.46 12.88
CA ASP D 19 -0.32 -41.65 13.26
C ASP D 19 -0.59 -41.16 14.69
N VAL D 20 -1.86 -40.91 15.00
CA VAL D 20 -2.36 -40.63 16.34
C VAL D 20 -3.80 -41.15 16.46
N PHE D 21 -4.23 -41.50 17.67
CA PHE D 21 -5.60 -41.90 18.00
C PHE D 21 -6.50 -40.65 18.16
N MET D 22 -6.52 -39.80 17.14
CA MET D 22 -7.04 -38.44 17.19
C MET D 22 -8.57 -38.35 17.43
N VAL D 23 -9.35 -39.32 16.93
CA VAL D 23 -10.82 -39.31 17.01
C VAL D 23 -11.31 -39.16 18.44
N ASP D 24 -10.79 -39.94 19.38
CA ASP D 24 -11.26 -39.98 20.77
C ASP D 24 -11.16 -38.64 21.50
N ARG D 25 -10.01 -37.96 21.36
CA ARG D 25 -9.76 -36.66 21.97
C ARG D 25 -10.84 -35.64 21.63
N TYR D 26 -11.33 -35.62 20.39
CA TYR D 26 -12.35 -34.67 19.96
C TYR D 26 -13.77 -35.18 20.21
N TYR D 27 -14.02 -36.46 19.99
CA TYR D 27 -15.35 -37.04 20.13
C TYR D 27 -15.88 -36.98 21.56
N ASP D 28 -15.05 -37.37 22.53
CA ASP D 28 -15.41 -37.35 23.95
C ASP D 28 -15.48 -35.92 24.49
N TYR D 29 -14.54 -35.05 24.10
CA TYR D 29 -14.54 -33.66 24.52
C TYR D 29 -15.77 -32.88 24.03
N TYR D 30 -16.19 -33.02 22.77
CA TYR D 30 -17.43 -32.40 22.31
C TYR D 30 -18.69 -33.11 22.78
N SER D 31 -18.65 -34.42 23.03
CA SER D 31 -19.75 -35.10 23.73
C SER D 31 -19.98 -34.59 25.14
N ASN D 32 -18.95 -34.32 25.96
CA ASN D 32 -19.14 -33.74 27.28
C ASN D 32 -19.92 -32.43 27.22
N MET D 33 -19.65 -31.55 26.25
CA MET D 33 -20.41 -30.31 26.08
C MET D 33 -21.86 -30.58 25.70
N GLY D 34 -22.11 -31.42 24.68
CA GLY D 34 -23.44 -31.71 24.16
C GLY D 34 -24.39 -32.35 25.17
N LEU D 35 -23.86 -33.20 26.05
CA LEU D 35 -24.58 -33.84 27.15
C LEU D 35 -24.91 -32.90 28.32
N ASN D 36 -24.47 -31.64 28.34
CA ASN D 36 -24.65 -30.71 29.47
C ASN D 36 -25.47 -29.45 29.13
N ARG D 37 -26.36 -29.48 28.14
CA ARG D 37 -27.24 -28.35 27.78
C ARG D 37 -28.44 -28.17 28.72
N PHE D 38 -28.97 -29.27 29.24
CA PHE D 38 -30.20 -29.34 30.02
C PHE D 38 -30.04 -30.20 31.27
N ARG D 39 -30.88 -29.98 32.28
CA ARG D 39 -30.92 -30.73 33.54
C ARG D 39 -32.36 -31.03 33.97
N TRP D 40 -32.62 -32.26 34.38
CA TRP D 40 -33.94 -32.73 34.83
C TRP D 40 -33.90 -32.94 36.36
N LYS D 41 -34.76 -32.27 37.15
CA LYS D 41 -34.50 -32.10 38.61
C LYS D 41 -35.34 -32.89 39.62
N ASN D 42 -36.50 -33.41 39.26
CA ASN D 42 -37.26 -34.38 40.07
C ASN D 42 -37.49 -35.64 39.24
N LEU D 43 -37.11 -36.82 39.72
CA LEU D 43 -37.14 -38.05 38.93
C LEU D 43 -37.55 -39.25 39.79
N PRO D 44 -38.20 -40.28 39.20
CA PRO D 44 -38.44 -41.56 39.86
C PRO D 44 -37.19 -42.18 40.52
N PRO D 45 -37.36 -43.10 41.48
CA PRO D 45 -36.26 -43.79 42.15
C PRO D 45 -35.32 -44.52 41.17
N GLY D 46 -34.01 -44.39 41.38
CA GLY D 46 -32.97 -45.13 40.66
C GLY D 46 -32.62 -44.57 39.27
N MET D 47 -33.11 -43.39 38.92
CA MET D 47 -32.91 -42.76 37.61
C MET D 47 -32.25 -41.39 37.73
N GLU D 48 -31.37 -41.05 36.79
CA GLU D 48 -30.50 -39.87 36.84
C GLU D 48 -30.70 -38.97 35.61
N SER D 49 -30.48 -37.66 35.74
CA SER D 49 -30.66 -36.69 34.65
C SER D 49 -29.89 -37.07 33.38
N ARG D 50 -28.65 -37.55 33.56
CA ARG D 50 -27.78 -38.05 32.50
C ARG D 50 -28.41 -39.17 31.65
N HIS D 51 -29.25 -40.04 32.20
CA HIS D 51 -29.85 -41.15 31.43
C HIS D 51 -30.82 -40.67 30.36
N ILE D 52 -31.66 -39.67 30.68
CA ILE D 52 -32.61 -39.09 29.72
C ILE D 52 -31.83 -38.37 28.61
N GLU D 53 -30.88 -37.54 29.02
CA GLU D 53 -30.12 -36.69 28.13
C GLU D 53 -29.22 -37.49 27.18
N GLN D 54 -28.64 -38.62 27.59
CA GLN D 54 -27.88 -39.44 26.64
C GLN D 54 -28.74 -40.17 25.63
N ALA D 55 -29.98 -40.55 25.96
CA ALA D 55 -30.90 -41.10 24.97
C ALA D 55 -31.34 -40.05 23.94
N LEU D 56 -31.57 -38.81 24.36
CA LEU D 56 -31.85 -37.69 23.45
C LEU D 56 -30.64 -37.33 22.61
N PHE D 57 -29.44 -37.34 23.18
CA PHE D 57 -28.21 -37.00 22.48
C PHE D 57 -27.79 -38.02 21.41
N ASN D 58 -27.92 -39.32 21.69
CA ASN D 58 -27.45 -40.39 20.79
C ASN D 58 -28.47 -40.85 19.74
N GLU D 59 -29.76 -40.79 20.02
CA GLU D 59 -30.83 -41.27 19.11
C GLU D 59 -31.74 -40.13 18.63
N GLY D 60 -31.74 -38.98 19.29
CA GLY D 60 -32.59 -37.83 18.96
C GLY D 60 -34.01 -37.93 19.49
N GLN D 61 -34.39 -39.10 19.99
CA GLN D 61 -35.71 -39.39 20.54
C GLN D 61 -35.61 -40.46 21.63
N ALA D 62 -36.48 -40.38 22.63
CA ALA D 62 -36.49 -41.28 23.78
C ALA D 62 -37.94 -41.61 24.17
N VAL D 63 -38.19 -42.76 24.79
CA VAL D 63 -39.51 -43.17 25.29
C VAL D 63 -39.46 -43.38 26.81
N PHE D 64 -40.40 -42.72 27.51
CA PHE D 64 -40.59 -42.78 28.96
C PHE D 64 -41.82 -43.63 29.29
N PHE D 65 -41.66 -44.68 30.09
CA PHE D 65 -42.72 -45.65 30.41
C PHE D 65 -42.51 -46.34 31.77
N LYS D 66 -43.60 -46.84 32.34
CA LYS D 66 -43.62 -47.66 33.56
C LYS D 66 -43.13 -49.09 33.26
N ASN D 67 -42.19 -49.61 34.04
CA ASN D 67 -41.67 -50.97 33.88
C ASN D 67 -42.71 -52.03 34.31
N THR D 68 -42.76 -53.15 33.60
CA THR D 68 -43.61 -54.32 33.93
C THR D 68 -42.79 -55.60 34.17
N ASP D 69 -41.57 -55.70 33.63
CA ASP D 69 -40.70 -56.88 33.75
C ASP D 69 -40.06 -56.94 35.16
N PRO D 70 -40.44 -57.91 36.03
CA PRO D 70 -40.06 -57.90 37.44
C PRO D 70 -38.56 -58.17 37.67
N ASN D 71 -37.88 -58.69 36.66
CA ASN D 71 -36.46 -59.00 36.69
C ASN D 71 -35.58 -57.73 36.70
N GLU D 72 -36.13 -56.56 36.31
CA GLU D 72 -35.39 -55.31 36.19
C GLU D 72 -35.74 -54.38 37.38
N PRO D 73 -34.74 -53.84 38.10
CA PRO D 73 -34.94 -53.19 39.40
C PRO D 73 -35.39 -51.72 39.30
N TYR D 74 -36.37 -51.45 38.44
CA TYR D 74 -36.81 -50.09 38.10
C TYR D 74 -38.33 -49.99 38.11
N GLY D 75 -38.83 -48.83 38.54
CA GLY D 75 -40.23 -48.47 38.48
C GLY D 75 -40.63 -47.85 37.14
N PHE D 76 -39.79 -46.96 36.63
CA PHE D 76 -39.91 -46.27 35.36
C PHE D 76 -38.59 -46.31 34.60
N LEU D 77 -38.65 -46.37 33.28
CA LEU D 77 -37.50 -46.34 32.38
C LEU D 77 -37.64 -45.20 31.36
N CYS D 78 -36.51 -44.63 30.94
CA CYS D 78 -36.44 -43.69 29.82
C CYS D 78 -35.31 -44.12 28.89
N LEU D 79 -35.63 -44.60 27.69
CA LEU D 79 -34.68 -45.29 26.79
C LEU D 79 -34.76 -44.73 25.37
N PRO D 80 -33.73 -44.88 24.52
CA PRO D 80 -33.84 -44.55 23.10
C PRO D 80 -34.99 -45.28 22.40
N CYS D 81 -35.67 -44.57 21.52
CA CYS D 81 -36.91 -45.02 20.89
C CYS D 81 -36.70 -45.42 19.43
N ALA D 82 -37.24 -46.56 19.00
CA ALA D 82 -37.44 -46.88 17.59
C ALA D 82 -38.95 -47.00 17.27
N PRO D 83 -39.54 -46.11 16.46
CA PRO D 83 -40.96 -46.23 16.10
C PRO D 83 -41.22 -47.43 15.19
N SER D 84 -42.41 -48.01 15.29
CA SER D 84 -42.90 -49.00 14.32
C SER D 84 -43.32 -48.32 13.01
N ASN D 85 -43.37 -49.07 11.90
CA ASN D 85 -43.58 -48.51 10.56
C ASN D 85 -45.02 -48.06 10.23
N GLY D 86 -46.03 -48.36 11.07
CA GLY D 86 -47.41 -47.89 10.87
C GLY D 86 -47.64 -46.48 11.39
N GLN D 87 -48.56 -45.72 10.78
CA GLN D 87 -48.79 -44.30 11.08
C GLN D 87 -50.22 -43.82 10.79
N ASN D 88 -50.69 -42.76 11.46
CA ASN D 88 -51.98 -42.12 11.18
C ASN D 88 -51.99 -41.26 9.89
N ILE D 89 -53.10 -40.57 9.58
CA ILE D 89 -53.22 -39.66 8.42
C ILE D 89 -52.11 -38.60 8.33
N TYR D 90 -51.70 -38.03 9.46
CA TYR D 90 -50.66 -37.02 9.55
C TYR D 90 -49.23 -37.58 9.44
N GLY D 91 -49.04 -38.88 9.64
CA GLY D 91 -47.74 -39.53 9.67
C GLY D 91 -47.13 -39.69 11.06
N ASP D 92 -47.92 -39.57 12.13
CA ASP D 92 -47.46 -39.93 13.47
C ASP D 92 -47.37 -41.46 13.61
N PRO D 93 -46.29 -42.04 14.16
CA PRO D 93 -46.19 -43.47 14.34
C PRO D 93 -47.18 -44.00 15.39
N VAL D 94 -47.81 -45.15 15.13
CA VAL D 94 -48.86 -45.68 16.02
C VAL D 94 -48.32 -46.36 17.29
N ASP D 95 -47.10 -46.88 17.28
CA ASP D 95 -46.44 -47.55 18.41
C ASP D 95 -44.93 -47.26 18.47
N PHE D 96 -44.36 -47.41 19.67
CA PHE D 96 -43.00 -47.06 20.07
C PHE D 96 -42.26 -48.29 20.63
N ASN D 97 -40.97 -48.46 20.37
CA ASN D 97 -40.17 -49.56 20.92
C ASN D 97 -39.00 -49.00 21.73
N GLY D 98 -38.85 -49.39 22.99
CA GLY D 98 -37.77 -48.94 23.87
C GLY D 98 -36.56 -49.86 23.78
N ILE D 99 -35.40 -49.34 23.40
CA ILE D 99 -34.19 -50.17 23.22
C ILE D 99 -33.23 -49.97 24.41
N GLY D 100 -32.89 -51.04 25.12
CA GLY D 100 -31.96 -51.04 26.26
C GLY D 100 -30.67 -51.81 25.97
N VAL D 101 -29.65 -51.69 26.81
CA VAL D 101 -28.46 -52.56 26.72
C VAL D 101 -28.86 -53.99 27.13
N ASN D 102 -28.65 -54.97 26.24
CA ASN D 102 -29.11 -56.36 26.39
C ASN D 102 -30.62 -56.53 26.59
N LYS D 103 -31.44 -55.58 26.13
CA LYS D 103 -32.89 -55.55 26.39
C LYS D 103 -33.65 -54.86 25.25
N TYR D 104 -34.94 -55.17 25.09
CA TYR D 104 -35.78 -54.64 24.03
C TYR D 104 -37.25 -54.72 24.47
N PHE D 105 -37.94 -53.59 24.57
CA PHE D 105 -39.34 -53.53 25.02
C PHE D 105 -40.26 -53.38 23.82
N THR D 106 -41.12 -54.39 23.62
CA THR D 106 -42.05 -54.48 22.48
C THR D 106 -43.20 -53.47 22.58
N ASN D 107 -43.69 -53.01 21.43
CA ASN D 107 -44.72 -52.00 21.16
C ASN D 107 -45.42 -51.39 22.40
N LEU D 108 -44.84 -50.32 22.92
CA LEU D 108 -45.49 -49.32 23.78
C LEU D 108 -46.31 -48.38 22.90
N SER D 109 -47.26 -47.61 23.46
CA SER D 109 -48.18 -46.79 22.67
C SER D 109 -48.35 -45.38 23.21
N PRO D 110 -48.87 -44.42 22.43
CA PRO D 110 -49.20 -43.08 22.89
C PRO D 110 -50.23 -43.05 24.02
N LEU D 111 -50.94 -44.16 24.27
CA LEU D 111 -51.89 -44.29 25.38
C LEU D 111 -51.21 -44.62 26.72
N ASN D 112 -49.99 -45.18 26.71
CA ASN D 112 -49.32 -45.69 27.92
C ASN D 112 -47.83 -45.29 28.07
N ALA D 113 -47.29 -44.49 27.16
CA ALA D 113 -45.94 -43.98 27.20
C ALA D 113 -45.86 -42.57 26.59
N VAL D 114 -44.79 -41.84 26.89
CA VAL D 114 -44.51 -40.55 26.26
C VAL D 114 -43.23 -40.63 25.45
N ARG D 115 -43.26 -40.27 24.16
CA ARG D 115 -42.06 -40.08 23.32
C ARG D 115 -41.55 -38.64 23.39
N ILE D 116 -40.30 -38.47 23.78
CA ILE D 116 -39.59 -37.19 23.91
C ILE D 116 -38.71 -36.98 22.67
N LEU D 117 -38.67 -35.77 22.13
CA LEU D 117 -37.77 -35.41 21.02
C LEU D 117 -36.68 -34.43 21.48
N ASP D 118 -35.47 -34.52 20.93
CA ASP D 118 -34.46 -33.44 21.05
C ASP D 118 -34.87 -32.20 20.25
N ASN D 119 -35.45 -32.42 19.07
CA ASN D 119 -35.88 -31.44 18.06
C ASN D 119 -36.94 -32.09 17.17
N ASP D 120 -37.75 -31.33 16.44
CA ASP D 120 -38.98 -31.86 15.80
C ASP D 120 -38.79 -32.94 14.72
N ASN D 121 -37.65 -32.99 14.04
CA ASN D 121 -37.32 -34.07 13.11
C ASN D 121 -36.66 -35.28 13.80
N GLY D 122 -36.34 -35.20 15.09
CA GLY D 122 -35.64 -36.26 15.81
C GLY D 122 -34.22 -36.53 15.29
N LEU D 123 -33.53 -35.51 14.77
CA LEU D 123 -32.15 -35.59 14.29
C LEU D 123 -31.21 -35.70 15.49
N ALA D 124 -30.42 -36.76 15.64
CA ALA D 124 -29.54 -36.91 16.80
C ALA D 124 -28.36 -35.91 16.78
N PRO D 125 -28.09 -35.17 17.88
CA PRO D 125 -26.91 -34.30 18.01
C PRO D 125 -25.55 -34.97 17.79
N VAL D 126 -25.40 -36.26 18.06
CA VAL D 126 -24.16 -37.01 17.74
C VAL D 126 -23.79 -37.01 16.25
N ARG D 127 -24.75 -36.87 15.34
CA ARG D 127 -24.48 -36.87 13.90
C ARG D 127 -23.69 -35.66 13.44
N HIS D 128 -23.85 -34.52 14.10
CA HIS D 128 -23.01 -33.34 13.90
C HIS D 128 -21.58 -33.56 14.41
N ILE D 129 -21.43 -34.11 15.62
CA ILE D 129 -20.13 -34.37 16.26
C ILE D 129 -19.32 -35.35 15.43
N ALA D 130 -19.90 -36.45 14.96
CA ALA D 130 -19.22 -37.44 14.15
C ALA D 130 -18.61 -36.91 12.83
N TYR D 131 -19.28 -35.99 12.13
CA TYR D 131 -18.73 -35.33 10.94
C TYR D 131 -17.55 -34.41 11.29
N TYR D 132 -17.71 -33.55 12.28
CA TYR D 132 -16.67 -32.60 12.66
C TYR D 132 -15.46 -33.25 13.32
N THR D 133 -15.57 -34.40 13.98
CA THR D 133 -14.40 -35.09 14.52
C THR D 133 -13.58 -35.74 13.41
N TYR D 134 -14.24 -36.30 12.40
CA TYR D 134 -13.56 -36.73 11.19
C TYR D 134 -12.78 -35.56 10.55
N LEU D 135 -13.40 -34.40 10.36
CA LEU D 135 -12.75 -33.23 9.77
C LEU D 135 -11.56 -32.72 10.59
N MET D 136 -11.69 -32.56 11.90
CA MET D 136 -10.59 -32.09 12.76
C MET D 136 -9.42 -33.06 12.83
N SER D 137 -9.65 -34.37 12.72
CA SER D 137 -8.58 -35.35 12.60
C SER D 137 -7.81 -35.27 11.27
N GLN D 138 -8.45 -34.86 10.17
CA GLN D 138 -7.81 -34.64 8.87
C GLN D 138 -7.01 -33.34 8.82
N ILE D 139 -7.45 -32.30 9.52
CA ILE D 139 -6.68 -31.06 9.69
C ILE D 139 -5.41 -31.33 10.48
N GLU D 140 -5.48 -32.09 11.57
CA GLU D 140 -4.31 -32.50 12.34
C GLU D 140 -3.28 -33.25 11.51
N MET D 141 -3.70 -34.24 10.74
CA MET D 141 -2.80 -34.99 9.88
C MET D 141 -2.11 -34.08 8.87
N THR D 142 -2.83 -33.15 8.27
CA THR D 142 -2.30 -32.16 7.33
C THR D 142 -1.32 -31.19 7.97
N ILE D 143 -1.55 -30.74 9.20
CA ILE D 143 -0.61 -29.94 10.00
C ILE D 143 0.70 -30.69 10.18
N ASN D 144 0.65 -31.95 10.58
CA ASN D 144 1.81 -32.77 10.83
C ASN D 144 2.61 -33.09 9.58
N MET D 145 1.96 -33.38 8.47
CA MET D 145 2.62 -33.61 7.20
C MET D 145 3.27 -32.33 6.66
N ASN D 146 2.60 -31.19 6.73
CA ASN D 146 3.16 -29.92 6.32
C ASN D 146 4.35 -29.48 7.18
N LEU D 147 4.32 -29.69 8.50
CA LEU D 147 5.45 -29.42 9.38
C LEU D 147 6.66 -30.28 9.02
N ASP D 148 6.49 -31.58 8.80
CA ASP D 148 7.59 -32.46 8.44
C ASP D 148 8.23 -32.08 7.10
N GLN D 149 7.42 -31.63 6.15
CA GLN D 149 7.86 -31.17 4.84
C GLN D 149 8.72 -29.91 4.88
N GLN D 150 8.63 -29.06 5.90
CA GLN D 150 9.49 -27.87 6.02
C GLN D 150 10.96 -28.21 6.25
N LYS D 151 11.29 -29.40 6.74
CA LYS D 151 12.66 -29.87 6.97
C LYS D 151 13.46 -30.10 5.69
N PHE D 152 12.83 -30.20 4.52
CA PHE D 152 13.42 -30.65 3.26
C PHE D 152 13.17 -29.71 2.06
N PRO D 153 13.57 -28.43 2.08
CA PRO D 153 13.33 -27.50 0.97
C PRO D 153 14.08 -27.86 -0.32
N ILE D 154 15.25 -28.48 -0.22
CA ILE D 154 16.02 -28.95 -1.36
C ILE D 154 16.68 -30.27 -1.04
N ILE D 155 16.87 -31.11 -2.06
CA ILE D 155 17.64 -32.36 -1.99
C ILE D 155 18.72 -32.29 -3.07
N ILE D 156 19.94 -32.73 -2.77
CA ILE D 156 21.06 -32.73 -3.74
C ILE D 156 21.35 -34.16 -4.18
N GLY D 157 21.39 -34.40 -5.49
CA GLY D 157 21.95 -35.61 -6.09
C GLY D 157 23.40 -35.40 -6.48
N ALA D 158 24.28 -36.35 -6.19
CA ALA D 158 25.71 -36.25 -6.49
C ALA D 158 26.32 -37.60 -6.90
N THR D 159 27.57 -37.60 -7.37
CA THR D 159 28.38 -38.83 -7.46
C THR D 159 28.79 -39.26 -6.04
N GLN D 160 29.21 -40.51 -5.88
CA GLN D 160 29.62 -41.03 -4.57
C GLN D 160 30.81 -40.29 -3.95
N LYS D 161 31.81 -39.89 -4.73
CA LYS D 161 32.96 -39.12 -4.22
C LYS D 161 32.61 -37.66 -3.94
N ASN D 162 31.76 -37.07 -4.77
CA ASN D 162 31.21 -35.75 -4.50
C ASN D 162 30.39 -35.74 -3.20
N LYS D 163 29.54 -36.74 -2.93
CA LYS D 163 28.76 -36.85 -1.70
C LYS D 163 29.64 -36.82 -0.47
N LEU D 164 30.69 -37.63 -0.47
CA LEU D 164 31.71 -37.69 0.57
C LEU D 164 32.36 -36.31 0.81
N SER D 165 32.77 -35.59 -0.25
CA SER D 165 33.35 -34.27 -0.11
C SER D 165 32.38 -33.22 0.46
N MET D 166 31.07 -33.31 0.21
CA MET D 166 30.12 -32.39 0.83
C MET D 166 29.87 -32.67 2.32
N GLU D 167 29.90 -33.93 2.75
CA GLU D 167 29.80 -34.28 4.16
C GLU D 167 30.95 -33.72 4.98
N ASN D 168 32.16 -33.64 4.42
CA ASN D 168 33.30 -32.99 5.06
C ASN D 168 33.12 -31.48 5.16
N LEU D 169 32.56 -30.81 4.14
CA LEU D 169 32.28 -29.39 4.19
C LEU D 169 31.27 -29.06 5.31
N TYR D 170 30.22 -29.84 5.47
CA TYR D 170 29.23 -29.66 6.54
C TYR D 170 29.74 -30.00 7.94
N GLU D 171 30.56 -31.03 8.10
CA GLU D 171 31.05 -31.45 9.42
C GLU D 171 31.92 -30.39 10.13
N LYS D 172 32.38 -29.39 9.39
CA LYS D 172 33.14 -28.23 9.87
C LYS D 172 32.33 -27.25 10.73
N TYR D 173 31.08 -26.96 10.38
CA TYR D 173 30.25 -25.90 11.01
C TYR D 173 28.79 -26.29 11.27
N SER D 174 28.30 -27.39 10.71
CA SER D 174 26.90 -27.82 10.81
C SER D 174 26.67 -28.72 12.02
N SER D 175 25.45 -28.72 12.52
CA SER D 175 24.97 -29.55 13.61
C SER D 175 24.13 -30.75 13.13
N PHE D 176 23.81 -30.82 11.84
CA PHE D 176 23.09 -31.92 11.19
C PHE D 176 23.95 -32.58 10.09
N GLU D 177 23.39 -33.55 9.38
CA GLU D 177 23.90 -34.09 8.11
C GLU D 177 23.23 -33.44 6.89
N PRO D 178 23.95 -33.15 5.79
CA PRO D 178 23.38 -32.57 4.57
C PRO D 178 22.32 -33.47 3.92
N ASN D 179 21.37 -32.86 3.21
CA ASN D 179 20.32 -33.58 2.47
C ASN D 179 20.83 -33.97 1.09
N ILE D 180 21.75 -34.92 1.04
CA ILE D 180 22.45 -35.34 -0.17
C ILE D 180 22.40 -36.86 -0.33
N LEU D 181 22.21 -37.32 -1.57
CA LEU D 181 22.18 -38.74 -1.94
C LEU D 181 22.98 -39.01 -3.22
N VAL D 182 23.38 -40.26 -3.44
CA VAL D 182 23.99 -40.69 -4.71
C VAL D 182 22.89 -40.86 -5.76
N ASP D 183 23.06 -40.23 -6.92
CA ASP D 183 22.24 -40.52 -8.09
C ASP D 183 22.99 -41.48 -9.01
N GLU D 184 22.43 -42.67 -9.22
CA GLU D 184 23.01 -43.71 -10.08
C GLU D 184 23.15 -43.29 -11.55
N LYS D 185 22.21 -42.55 -12.15
CA LYS D 185 22.40 -42.04 -13.51
C LYS D 185 23.53 -41.01 -13.53
N LEU D 186 23.59 -40.12 -12.55
CA LEU D 186 24.63 -39.09 -12.48
C LEU D 186 26.02 -39.70 -12.35
N ALA D 187 26.17 -40.70 -11.47
CA ALA D 187 27.39 -41.46 -11.29
C ALA D 187 27.78 -42.32 -12.50
N GLN D 188 26.82 -42.93 -13.21
CA GLN D 188 27.08 -43.80 -14.36
C GLN D 188 27.57 -43.04 -15.59
N ALA D 189 26.82 -42.02 -16.02
CA ALA D 189 26.98 -41.42 -17.34
C ALA D 189 28.34 -40.75 -17.57
N LEU D 190 28.91 -40.97 -18.76
CA LEU D 190 30.07 -40.22 -19.28
C LEU D 190 29.63 -38.83 -19.79
N GLN D 191 30.59 -38.05 -20.26
CA GLN D 191 30.38 -36.74 -20.90
C GLN D 191 29.54 -35.77 -20.01
N GLU D 192 28.59 -35.01 -20.57
CA GLU D 192 27.84 -33.96 -19.87
C GLU D 192 26.91 -34.44 -18.74
N GLY D 193 26.56 -33.51 -17.84
CA GLY D 193 25.95 -33.76 -16.53
C GLY D 193 26.92 -33.43 -15.40
N LYS D 194 26.48 -32.60 -14.44
CA LYS D 194 27.39 -31.80 -13.61
C LYS D 194 28.08 -32.52 -12.45
N GLY D 195 27.59 -33.66 -11.97
CA GLY D 195 28.14 -34.30 -10.75
C GLY D 195 27.60 -33.79 -9.40
N PHE D 196 26.84 -32.71 -9.42
CA PHE D 196 25.89 -32.26 -8.41
C PHE D 196 24.64 -31.76 -9.13
N ASP D 197 23.44 -32.11 -8.71
CA ASP D 197 22.21 -31.45 -9.15
C ASP D 197 21.17 -31.32 -8.03
N ALA D 198 20.60 -30.12 -7.88
CA ALA D 198 19.69 -29.80 -6.80
C ALA D 198 18.24 -29.81 -7.29
N LEU D 199 17.36 -30.59 -6.67
CA LEU D 199 15.94 -30.59 -6.96
C LEU D 199 15.16 -29.89 -5.86
N ASN D 200 14.43 -28.84 -6.25
CA ASN D 200 13.66 -27.98 -5.36
C ASN D 200 12.39 -28.72 -4.89
N THR D 201 12.32 -29.06 -3.61
CA THR D 201 11.23 -29.83 -2.99
C THR D 201 10.44 -28.98 -1.99
N GLN D 202 10.60 -27.66 -2.02
CA GLN D 202 10.03 -26.70 -1.06
C GLN D 202 8.49 -26.66 -1.10
N ALA D 203 7.83 -27.10 -0.03
CA ALA D 203 6.40 -26.97 0.18
C ALA D 203 6.00 -25.55 0.66
N PRO D 204 4.76 -25.10 0.46
CA PRO D 204 4.26 -23.86 1.04
C PRO D 204 4.07 -23.97 2.56
N TYR D 205 4.24 -22.88 3.28
CA TYR D 205 3.98 -22.81 4.72
C TYR D 205 2.48 -22.66 4.99
N LEU D 206 1.85 -23.61 5.68
CA LEU D 206 0.40 -23.64 5.92
C LEU D 206 -0.04 -23.61 7.39
N LEU D 207 0.86 -23.63 8.37
CA LEU D 207 0.51 -23.95 9.76
C LEU D 207 -0.41 -22.91 10.42
N ASP D 208 -0.14 -21.62 10.18
CA ASP D 208 -0.95 -20.46 10.55
C ASP D 208 -2.40 -20.53 9.99
N LYS D 209 -2.56 -20.86 8.72
CA LYS D 209 -3.85 -21.02 8.03
C LYS D 209 -4.65 -22.22 8.52
N LEU D 210 -4.01 -23.35 8.80
CA LEU D 210 -4.64 -24.57 9.25
C LEU D 210 -5.17 -24.46 10.69
N ALA D 211 -4.48 -23.73 11.56
CA ALA D 211 -4.96 -23.46 12.91
C ALA D 211 -6.19 -22.53 12.91
N ASP D 212 -6.24 -21.55 12.01
CA ASP D 212 -7.43 -20.72 11.77
C ASP D 212 -8.65 -21.51 11.28
N PHE D 213 -8.46 -22.41 10.31
CA PHE D 213 -9.55 -23.22 9.78
C PHE D 213 -10.13 -24.17 10.82
N LYS D 214 -9.29 -24.75 11.69
CA LYS D 214 -9.76 -25.58 12.80
C LYS D 214 -10.68 -24.82 13.74
N LYS D 215 -10.34 -23.56 14.06
CA LYS D 215 -11.15 -22.66 14.89
C LYS D 215 -12.47 -22.25 14.23
N THR D 216 -12.46 -22.04 12.92
CA THR D 216 -13.67 -21.86 12.11
C THR D 216 -14.58 -23.10 12.15
N CYS D 217 -14.03 -24.31 12.08
CA CYS D 217 -14.81 -25.55 12.16
C CYS D 217 -15.43 -25.78 13.53
N GLU D 218 -14.71 -25.44 14.60
CA GLU D 218 -15.21 -25.53 15.96
C GLU D 218 -16.44 -24.63 16.19
N ASN D 219 -16.45 -23.40 15.68
CA ASN D 219 -17.60 -22.51 15.85
C ASN D 219 -18.84 -22.99 15.09
N GLU D 220 -18.66 -23.60 13.92
CA GLU D 220 -19.74 -24.23 13.18
C GLU D 220 -20.39 -25.38 13.97
N LEU D 221 -19.60 -26.28 14.56
CA LEU D 221 -20.10 -27.35 15.41
C LEU D 221 -20.90 -26.81 16.61
N LEU D 222 -20.38 -25.82 17.32
CA LEU D 222 -21.07 -25.25 18.48
C LEU D 222 -22.39 -24.57 18.12
N THR D 223 -22.50 -24.02 16.91
CA THR D 223 -23.75 -23.45 16.40
C THR D 223 -24.80 -24.53 16.11
N PHE D 224 -24.44 -25.66 15.49
CA PHE D 224 -25.36 -26.77 15.29
C PHE D 224 -25.85 -27.39 16.61
N LEU D 225 -25.06 -27.31 17.68
CA LEU D 225 -25.44 -27.78 19.02
C LEU D 225 -26.23 -26.74 19.83
N GLY D 226 -26.28 -25.47 19.40
CA GLY D 226 -26.91 -24.35 20.11
C GLY D 226 -26.16 -23.85 21.33
N ILE D 227 -24.86 -24.15 21.46
CA ILE D 227 -24.08 -24.01 22.69
C ILE D 227 -23.35 -22.67 22.84
N ASN D 228 -23.01 -21.99 21.75
CA ASN D 228 -22.08 -20.87 21.79
C ASN D 228 -22.48 -19.72 22.74
N ASN D 247 -25.61 -15.04 16.90
CA ASN D 247 -26.15 -15.42 18.21
C ASN D 247 -27.67 -15.63 18.17
N SER D 248 -28.39 -15.01 17.24
CA SER D 248 -29.82 -15.21 17.04
C SER D 248 -30.13 -16.67 16.67
N GLN D 249 -29.40 -17.27 15.72
CA GLN D 249 -29.59 -18.68 15.35
C GLN D 249 -29.18 -19.63 16.48
N ILE D 250 -28.13 -19.30 17.24
CA ILE D 250 -27.65 -20.10 18.39
C ILE D 250 -28.71 -20.16 19.49
N THR D 251 -29.23 -19.01 19.89
CA THR D 251 -30.34 -18.93 20.85
C THR D 251 -31.55 -19.69 20.33
N PHE D 252 -31.98 -19.45 19.10
CA PHE D 252 -33.13 -20.12 18.48
C PHE D 252 -33.00 -21.65 18.42
N VAL D 253 -31.80 -22.17 18.20
CA VAL D 253 -31.53 -23.60 18.23
C VAL D 253 -31.76 -24.20 19.63
N LEU D 254 -31.26 -23.54 20.67
CA LEU D 254 -31.46 -23.97 22.06
C LEU D 254 -32.91 -23.75 22.56
N GLU D 255 -33.61 -22.73 22.07
CA GLU D 255 -35.03 -22.52 22.38
C GLU D 255 -35.92 -23.64 21.84
N MET D 256 -35.74 -24.07 20.59
CA MET D 256 -36.45 -25.23 20.02
C MET D 256 -36.16 -26.50 20.82
N ALA D 257 -34.90 -26.70 21.21
CA ALA D 257 -34.50 -27.83 22.03
C ALA D 257 -35.14 -27.85 23.43
N TYR D 258 -35.32 -26.68 24.06
CA TYR D 258 -35.95 -26.54 25.37
C TYR D 258 -37.46 -26.71 25.30
N LYS D 259 -38.11 -26.08 24.33
CA LYS D 259 -39.56 -26.17 24.10
C LYS D 259 -40.03 -27.62 23.97
N ASN D 260 -39.36 -28.44 23.16
CA ASN D 260 -39.72 -29.85 23.02
C ASN D 260 -39.62 -30.63 24.35
N ARG D 261 -38.71 -30.26 25.26
CA ARG D 261 -38.53 -30.90 26.56
C ARG D 261 -39.60 -30.46 27.55
N LEU D 262 -39.91 -29.16 27.63
CA LEU D 262 -41.04 -28.63 28.41
C LEU D 262 -42.38 -29.29 28.04
N ASP D 263 -42.65 -29.46 26.75
CA ASP D 263 -43.87 -30.10 26.26
C ASP D 263 -43.97 -31.60 26.59
N ALA D 264 -42.87 -32.34 26.61
CA ALA D 264 -42.86 -33.73 27.09
C ALA D 264 -42.97 -33.82 28.62
N CYS D 265 -42.38 -32.87 29.33
CA CYS D 265 -42.34 -32.82 30.78
C CYS D 265 -43.75 -32.73 31.37
N LYS D 266 -44.59 -31.82 30.87
CA LYS D 266 -46.00 -31.74 31.28
C LYS D 266 -46.83 -32.96 30.88
N ARG D 267 -46.58 -33.58 29.72
CA ARG D 267 -47.19 -34.87 29.33
C ARG D 267 -46.85 -35.98 30.33
N ILE D 268 -45.59 -36.12 30.78
CA ILE D 268 -45.21 -37.15 31.75
C ILE D 268 -45.89 -36.90 33.10
N ASN D 269 -45.91 -35.64 33.56
CA ASN D 269 -46.62 -35.25 34.77
C ASN D 269 -48.13 -35.52 34.70
N GLU D 270 -48.74 -35.39 33.52
CA GLU D 270 -50.16 -35.64 33.32
C GLU D 270 -50.50 -37.15 33.20
N MET D 271 -49.67 -37.97 32.54
CA MET D 271 -49.88 -39.42 32.42
C MET D 271 -49.49 -40.22 33.68
N PHE D 272 -48.61 -39.72 34.54
CA PHE D 272 -48.05 -40.49 35.65
C PHE D 272 -48.03 -39.80 37.03
N GLY D 273 -48.23 -38.48 37.12
CA GLY D 273 -48.26 -37.75 38.39
C GLY D 273 -46.90 -37.56 39.09
N LEU D 274 -45.82 -37.42 38.33
CA LEU D 274 -44.44 -37.50 38.84
C LEU D 274 -43.73 -36.16 39.17
N ASN D 275 -44.29 -35.02 38.80
CA ASN D 275 -43.73 -33.66 38.97
C ASN D 275 -42.25 -33.47 38.54
N LEU D 276 -41.86 -34.07 37.41
CA LEU D 276 -40.63 -33.73 36.69
C LEU D 276 -40.59 -32.23 36.34
N GLU D 277 -39.40 -31.65 36.37
CA GLU D 277 -39.09 -30.32 35.83
C GLU D 277 -37.74 -30.34 35.10
N VAL D 278 -37.59 -29.49 34.09
CA VAL D 278 -36.39 -29.41 33.24
C VAL D 278 -35.95 -27.97 33.03
N GLU D 279 -34.64 -27.73 33.04
CA GLU D 279 -34.04 -26.40 32.96
C GLU D 279 -32.81 -26.36 32.05
N LYS D 280 -32.53 -25.19 31.47
CA LYS D 280 -31.26 -24.90 30.79
C LYS D 280 -30.11 -24.79 31.78
N VAL D 281 -28.93 -25.23 31.41
CA VAL D 281 -27.72 -25.11 32.23
C VAL D 281 -27.00 -23.82 31.82
N VAL D 282 -27.28 -22.71 32.50
CA VAL D 282 -26.54 -21.45 32.35
C VAL D 282 -25.19 -21.50 33.09
N ASN D 283 -25.14 -22.26 34.20
CA ASN D 283 -23.95 -22.65 34.96
C ASN D 283 -24.12 -24.07 35.50
N LEU D 284 -23.03 -24.84 35.64
CA LEU D 284 -23.10 -26.24 36.07
C LEU D 284 -23.46 -26.34 37.55
N LEU D 285 -22.68 -25.68 38.42
CA LEU D 285 -23.02 -25.51 39.82
C LEU D 285 -24.07 -24.42 40.03
N GLU D 286 -24.96 -24.65 40.98
CA GLU D 286 -26.05 -23.72 41.32
C GLU D 286 -25.59 -22.48 42.11
N VAL D 287 -24.62 -22.65 43.00
CA VAL D 287 -24.09 -21.60 43.88
C VAL D 287 -22.66 -21.91 44.35
N ILE E 14 21.42 -36.56 27.25
CA ILE E 14 21.29 -35.36 26.39
C ILE E 14 22.66 -34.98 25.82
N LEU E 15 22.84 -33.75 25.33
CA LEU E 15 24.11 -33.20 24.78
C LEU E 15 24.68 -33.84 23.49
N LEU E 16 24.01 -34.79 22.86
CA LEU E 16 24.40 -35.37 21.57
C LEU E 16 24.28 -34.38 20.39
N LYS E 17 24.96 -34.66 19.28
CA LYS E 17 24.77 -33.92 18.04
C LYS E 17 23.37 -34.16 17.42
N ASN E 18 22.72 -33.08 16.99
CA ASN E 18 21.47 -33.08 16.22
C ASN E 18 20.29 -33.81 16.88
N ASP E 19 20.24 -33.83 18.22
CA ASP E 19 19.16 -34.36 19.03
C ASP E 19 19.07 -33.63 20.38
N VAL E 20 17.91 -33.74 21.03
CA VAL E 20 17.68 -33.31 22.40
C VAL E 20 16.62 -34.22 23.05
N PHE E 21 16.66 -34.36 24.37
CA PHE E 21 15.67 -35.09 25.17
C PHE E 21 14.41 -34.22 25.41
N MET E 22 13.83 -33.72 24.33
CA MET E 22 12.83 -32.65 24.32
C MET E 22 11.51 -33.01 25.01
N VAL E 23 11.08 -34.27 24.94
CA VAL E 23 9.78 -34.74 25.49
C VAL E 23 9.61 -34.39 26.96
N ASP E 24 10.61 -34.67 27.79
CA ASP E 24 10.53 -34.51 29.25
C ASP E 24 10.27 -33.07 29.70
N ARG E 25 10.98 -32.11 29.09
CA ARG E 25 10.84 -30.68 29.38
C ARG E 25 9.40 -30.21 29.24
N TYR E 26 8.67 -30.67 28.23
CA TYR E 26 7.29 -30.26 28.00
C TYR E 26 6.27 -31.12 28.76
N TYR E 27 6.51 -32.43 28.83
CA TYR E 27 5.59 -33.36 29.47
C TYR E 27 5.44 -33.10 30.97
N ASP E 28 6.54 -32.93 31.68
CA ASP E 28 6.54 -32.65 33.12
C ASP E 28 6.05 -31.24 33.43
N TYR E 29 6.45 -30.25 32.63
CA TYR E 29 6.01 -28.87 32.79
C TYR E 29 4.49 -28.70 32.60
N TYR E 30 3.88 -29.30 31.58
CA TYR E 30 2.42 -29.26 31.43
C TYR E 30 1.70 -30.21 32.39
N SER E 31 2.30 -31.32 32.81
CA SER E 31 1.75 -32.11 33.92
C SER E 31 1.67 -31.36 35.24
N ASN E 32 2.67 -30.56 35.63
CA ASN E 32 2.58 -29.74 36.84
C ASN E 32 1.36 -28.83 36.82
N MET E 33 1.03 -28.21 35.70
CA MET E 33 -0.17 -27.38 35.59
C MET E 33 -1.45 -28.21 35.72
N GLY E 34 -1.58 -29.31 34.98
CA GLY E 34 -2.76 -30.15 34.96
C GLY E 34 -3.12 -30.78 36.30
N LEU E 35 -2.11 -31.15 37.10
CA LEU E 35 -2.24 -31.67 38.45
C LEU E 35 -2.63 -30.63 39.50
N ASN E 36 -2.73 -29.34 39.19
CA ASN E 36 -3.00 -28.26 40.15
C ASN E 36 -4.30 -27.47 39.89
N ARG E 37 -5.32 -28.07 39.26
CA ARG E 37 -6.62 -27.41 39.01
C ARG E 37 -7.54 -27.40 40.24
N PHE E 38 -7.46 -28.43 41.07
CA PHE E 38 -8.35 -28.70 42.20
C PHE E 38 -7.57 -29.10 43.46
N ARG E 39 -8.17 -28.91 44.62
CA ARG E 39 -7.61 -29.28 45.94
C ARG E 39 -8.68 -29.91 46.84
N TRP E 40 -8.33 -31.01 47.49
CA TRP E 40 -9.21 -31.75 48.40
C TRP E 40 -8.75 -31.53 49.86
N LYS E 41 -9.59 -30.99 50.76
CA LYS E 41 -9.08 -30.37 52.02
C LYS E 41 -9.28 -31.10 53.35
N ASN E 42 -10.20 -32.06 53.46
CA ASN E 42 -10.30 -32.97 54.62
C ASN E 42 -10.21 -34.40 54.10
N LEU E 43 -9.29 -35.22 54.63
CA LEU E 43 -9.02 -36.57 54.09
C LEU E 43 -8.71 -37.56 55.21
N PRO E 44 -9.01 -38.85 55.01
CA PRO E 44 -8.58 -39.91 55.91
C PRO E 44 -7.07 -39.90 56.23
N PRO E 45 -6.63 -40.53 57.34
CA PRO E 45 -5.23 -40.62 57.71
C PRO E 45 -4.33 -41.22 56.62
N GLY E 46 -3.17 -40.62 56.39
CA GLY E 46 -2.13 -41.14 55.50
C GLY E 46 -2.36 -40.89 54.01
N MET E 47 -3.34 -40.06 53.64
CA MET E 47 -3.71 -39.77 52.25
C MET E 47 -3.64 -38.27 51.95
N GLU E 48 -3.20 -37.92 50.74
CA GLU E 48 -2.88 -36.55 50.33
C GLU E 48 -3.70 -36.14 49.10
N SER E 49 -3.99 -34.84 48.94
CA SER E 49 -4.79 -34.30 47.83
C SER E 49 -4.25 -34.73 46.46
N ARG E 50 -2.92 -34.70 46.31
CA ARG E 50 -2.19 -35.15 45.12
C ARG E 50 -2.50 -36.59 44.69
N HIS E 51 -2.79 -37.51 45.61
CA HIS E 51 -3.06 -38.92 45.26
C HIS E 51 -4.36 -39.09 44.48
N ILE E 52 -5.43 -38.38 44.89
CA ILE E 52 -6.73 -38.42 44.20
C ILE E 52 -6.57 -37.79 42.80
N GLU E 53 -5.95 -36.62 42.76
CA GLU E 53 -5.83 -35.83 41.55
C GLU E 53 -4.93 -36.51 40.51
N GLN E 54 -3.87 -37.24 40.88
CA GLN E 54 -3.10 -37.97 39.88
C GLN E 54 -3.82 -39.19 39.32
N ALA E 55 -4.69 -39.86 40.08
CA ALA E 55 -5.52 -40.92 39.54
C ALA E 55 -6.56 -40.38 38.54
N LEU E 56 -7.16 -39.23 38.81
CA LEU E 56 -8.05 -38.55 37.88
C LEU E 56 -7.33 -38.03 36.64
N PHE E 57 -6.12 -37.51 36.80
CA PHE E 57 -5.32 -36.97 35.71
C PHE E 57 -4.81 -38.04 34.74
N ASN E 58 -4.33 -39.19 35.24
CA ASN E 58 -3.70 -40.23 34.42
C ASN E 58 -4.67 -41.25 33.83
N GLU E 59 -5.79 -41.57 34.48
CA GLU E 59 -6.76 -42.59 34.04
C GLU E 59 -8.14 -41.99 33.71
N GLY E 60 -8.43 -40.77 34.15
CA GLY E 60 -9.71 -40.10 33.92
C GLY E 60 -10.81 -40.52 34.89
N GLN E 61 -10.58 -41.58 35.65
CA GLN E 61 -11.51 -42.13 36.62
C GLN E 61 -10.73 -42.78 37.78
N ALA E 62 -11.31 -42.74 38.98
CA ALA E 62 -10.71 -43.26 40.20
C ALA E 62 -11.77 -43.92 41.07
N VAL E 63 -11.40 -44.89 41.91
CA VAL E 63 -12.28 -45.56 42.86
C VAL E 63 -11.82 -45.34 44.30
N PHE E 64 -12.74 -44.87 45.15
CA PHE E 64 -12.55 -44.60 46.58
C PHE E 64 -13.24 -45.70 47.41
N PHE E 65 -12.49 -46.39 48.26
CA PHE E 65 -12.98 -47.53 49.05
C PHE E 65 -12.21 -47.73 50.37
N LYS E 66 -12.85 -48.40 51.33
CA LYS E 66 -12.26 -48.83 52.60
C LYS E 66 -11.34 -50.03 52.39
N ASN E 67 -10.10 -49.99 52.90
CA ASN E 67 -9.16 -51.10 52.80
C ASN E 67 -9.56 -52.29 53.70
N THR E 68 -9.33 -53.51 53.23
CA THR E 68 -9.54 -54.75 53.99
C THR E 68 -8.26 -55.58 54.15
N ASP E 69 -7.25 -55.41 53.28
CA ASP E 69 -5.99 -56.16 53.31
C ASP E 69 -5.08 -55.63 54.43
N PRO E 70 -4.82 -56.41 55.51
CA PRO E 70 -4.17 -55.90 56.71
C PRO E 70 -2.68 -55.59 56.50
N ASN E 71 -2.10 -56.10 55.42
CA ASN E 71 -0.70 -55.90 55.06
C ASN E 71 -0.43 -54.46 54.58
N GLU E 72 -1.46 -53.69 54.22
CA GLU E 72 -1.33 -52.34 53.68
C GLU E 72 -1.72 -51.29 54.74
N PRO E 73 -0.88 -50.28 55.02
CA PRO E 73 -1.00 -49.42 56.19
C PRO E 73 -2.01 -48.26 56.01
N TYR E 74 -3.19 -48.57 55.48
CA TYR E 74 -4.19 -47.58 55.09
C TYR E 74 -5.58 -47.98 55.55
N GLY E 75 -6.38 -46.98 55.94
CA GLY E 75 -7.79 -47.14 56.26
C GLY E 75 -8.69 -47.06 55.03
N PHE E 76 -8.41 -46.10 54.15
CA PHE E 76 -9.09 -45.85 52.89
C PHE E 76 -8.07 -45.66 51.78
N LEU E 77 -8.42 -46.08 50.57
CA LEU E 77 -7.62 -45.91 49.35
C LEU E 77 -8.41 -45.20 48.27
N CYS E 78 -7.73 -44.41 47.44
CA CYS E 78 -8.29 -43.83 46.22
C CYS E 78 -7.34 -44.09 45.06
N LEU E 79 -7.71 -44.95 44.11
CA LEU E 79 -6.83 -45.49 43.08
C LEU E 79 -7.44 -45.37 41.68
N PRO E 80 -6.66 -45.40 40.59
CA PRO E 80 -7.22 -45.50 39.24
C PRO E 80 -8.11 -46.74 39.07
N CYS E 81 -9.22 -46.56 38.34
CA CYS E 81 -10.28 -47.54 38.22
C CYS E 81 -10.28 -48.22 36.84
N ALA E 82 -10.40 -49.53 36.78
CA ALA E 82 -10.79 -50.26 35.58
C ALA E 82 -12.15 -50.95 35.78
N PRO E 83 -13.22 -50.55 35.07
CA PRO E 83 -14.52 -51.23 35.19
C PRO E 83 -14.50 -52.65 34.60
N SER E 84 -15.31 -53.54 35.16
CA SER E 84 -15.58 -54.86 34.57
C SER E 84 -16.53 -54.72 33.36
N ASN E 85 -16.53 -55.71 32.47
CA ASN E 85 -17.25 -55.62 31.18
C ASN E 85 -18.79 -55.78 31.26
N GLY E 86 -19.37 -56.16 32.40
CA GLY E 86 -20.83 -56.25 32.58
C GLY E 86 -21.47 -54.91 32.92
N GLN E 87 -22.71 -54.69 32.51
CA GLN E 87 -23.42 -53.40 32.65
C GLN E 87 -24.95 -53.52 32.75
N ASN E 88 -25.62 -52.54 33.37
CA ASN E 88 -27.08 -52.45 33.41
C ASN E 88 -27.73 -52.01 32.06
N ILE E 89 -29.05 -51.84 32.02
CA ILE E 89 -29.80 -51.36 30.83
C ILE E 89 -29.26 -50.06 30.23
N TYR E 90 -28.85 -49.10 31.07
CA TYR E 90 -28.29 -47.82 30.67
C TYR E 90 -26.83 -47.88 30.20
N GLY E 91 -26.11 -48.95 30.53
CA GLY E 91 -24.69 -49.10 30.26
C GLY E 91 -23.75 -48.68 31.39
N ASP E 92 -24.26 -48.55 32.61
CA ASP E 92 -23.40 -48.37 33.78
C ASP E 92 -22.69 -49.69 34.13
N PRO E 93 -21.36 -49.71 34.40
CA PRO E 93 -20.66 -50.93 34.76
C PRO E 93 -21.10 -51.46 36.13
N VAL E 94 -21.27 -52.77 36.27
CA VAL E 94 -21.78 -53.37 37.52
C VAL E 94 -20.75 -53.48 38.64
N ASP E 95 -19.45 -53.54 38.33
CA ASP E 95 -18.34 -53.65 39.29
C ASP E 95 -17.10 -52.85 38.82
N PHE E 96 -16.25 -52.48 39.78
CA PHE E 96 -15.08 -51.61 39.68
C PHE E 96 -13.82 -52.34 40.16
N ASN E 97 -12.67 -52.13 39.54
CA ASN E 97 -11.39 -52.73 39.98
C ASN E 97 -10.38 -51.62 40.28
N GLY E 98 -9.80 -51.60 41.48
CA GLY E 98 -8.81 -50.59 41.89
C GLY E 98 -7.40 -51.05 41.56
N ILE E 99 -6.65 -50.29 40.77
CA ILE E 99 -5.30 -50.69 40.35
C ILE E 99 -4.25 -49.88 41.12
N GLY E 100 -3.36 -50.55 41.85
CA GLY E 100 -2.26 -49.94 42.62
C GLY E 100 -0.88 -50.29 42.07
N VAL E 101 0.18 -49.61 42.52
CA VAL E 101 1.56 -50.04 42.20
C VAL E 101 1.85 -51.36 42.92
N ASN E 102 2.23 -52.41 42.18
CA ASN E 102 2.40 -53.79 42.69
C ASN E 102 1.17 -54.38 43.38
N LYS E 103 -0.05 -53.92 43.06
CA LYS E 103 -1.29 -54.30 43.75
C LYS E 103 -2.50 -54.23 42.81
N TYR E 104 -3.56 -54.97 43.12
CA TYR E 104 -4.77 -55.06 42.30
C TYR E 104 -5.94 -55.49 43.19
N PHE E 105 -6.98 -54.68 43.32
CA PHE E 105 -8.13 -54.96 44.18
C PHE E 105 -9.30 -55.46 43.32
N THR E 106 -9.72 -56.70 43.55
CA THR E 106 -10.76 -57.40 42.80
C THR E 106 -12.16 -56.84 43.09
N ASN E 107 -13.04 -56.88 42.11
CA ASN E 107 -14.43 -56.38 42.02
C ASN E 107 -15.00 -55.74 43.30
N LEU E 108 -14.79 -54.44 43.43
CA LEU E 108 -15.54 -53.51 44.29
C LEU E 108 -16.86 -53.17 43.58
N SER E 109 -17.87 -52.63 44.28
CA SER E 109 -19.20 -52.41 43.70
C SER E 109 -19.78 -51.04 44.04
N PRO E 110 -20.80 -50.55 43.31
CA PRO E 110 -21.50 -49.32 43.64
C PRO E 110 -22.17 -49.34 45.03
N LEU E 111 -22.32 -50.52 45.65
CA LEU E 111 -22.84 -50.65 47.01
C LEU E 111 -21.80 -50.39 48.10
N ASN E 112 -20.49 -50.49 47.80
CA ASN E 112 -19.41 -50.41 48.80
C ASN E 112 -18.22 -49.51 48.42
N ALA E 113 -18.26 -48.85 47.26
CA ALA E 113 -17.24 -47.92 46.80
C ALA E 113 -17.87 -46.79 45.99
N VAL E 114 -17.15 -45.69 45.81
CA VAL E 114 -17.55 -44.59 44.92
C VAL E 114 -16.56 -44.45 43.78
N ARG E 115 -17.04 -44.47 42.53
CA ARG E 115 -16.24 -44.13 41.33
C ARG E 115 -16.34 -42.63 41.02
N ILE E 116 -15.20 -41.96 40.96
CA ILE E 116 -15.03 -40.54 40.66
C ILE E 116 -14.63 -40.39 39.19
N LEU E 117 -15.18 -39.41 38.47
CA LEU E 117 -14.79 -39.08 37.10
C LEU E 117 -14.10 -37.71 37.03
N ASP E 118 -13.11 -37.53 36.15
CA ASP E 118 -12.61 -36.20 35.78
C ASP E 118 -13.64 -35.41 34.96
N ASN E 119 -14.36 -36.12 34.07
CA ASN E 119 -15.35 -35.63 33.12
C ASN E 119 -16.25 -36.81 32.71
N ASP E 120 -17.45 -36.58 32.16
CA ASP E 120 -18.48 -37.63 32.03
C ASP E 120 -18.13 -38.83 31.14
N ASN E 121 -17.26 -38.68 30.15
CA ASN E 121 -16.76 -39.79 29.34
C ASN E 121 -15.54 -40.49 29.97
N GLY E 122 -14.98 -39.98 31.07
CA GLY E 122 -13.77 -40.51 31.68
C GLY E 122 -12.54 -40.43 30.79
N LEU E 123 -12.44 -39.41 29.93
CA LEU E 123 -11.29 -39.16 29.06
C LEU E 123 -10.13 -38.62 29.91
N ALA E 124 -8.97 -39.28 29.96
CA ALA E 124 -7.87 -38.83 30.79
C ALA E 124 -7.21 -37.53 30.25
N PRO E 125 -7.00 -36.48 31.08
CA PRO E 125 -6.27 -35.26 30.70
C PRO E 125 -4.84 -35.47 30.17
N VAL E 126 -4.14 -36.53 30.57
CA VAL E 126 -2.82 -36.88 29.99
C VAL E 126 -2.83 -37.15 28.49
N ARG E 127 -3.96 -37.58 27.92
CA ARG E 127 -4.05 -37.87 26.48
C ARG E 127 -3.94 -36.63 25.61
N HIS E 128 -4.37 -35.48 26.11
CA HIS E 128 -4.12 -34.18 25.47
C HIS E 128 -2.65 -33.77 25.53
N ILE E 129 -2.03 -33.91 26.70
CA ILE E 129 -0.62 -33.55 26.94
C ILE E 129 0.30 -34.38 26.06
N ALA E 130 0.10 -35.69 25.97
CA ALA E 130 0.91 -36.58 25.15
C ALA E 130 0.93 -36.24 23.64
N TYR E 131 -0.19 -35.82 23.05
CA TYR E 131 -0.23 -35.35 21.67
C TYR E 131 0.54 -34.03 21.48
N TYR E 132 0.29 -33.04 22.32
CA TYR E 132 0.92 -31.74 22.20
C TYR E 132 2.42 -31.75 22.54
N THR E 133 2.92 -32.66 23.37
CA THR E 133 4.36 -32.75 23.61
C THR E 133 5.08 -33.36 22.43
N TYR E 134 4.49 -34.35 21.76
CA TYR E 134 4.97 -34.83 20.49
C TYR E 134 5.06 -33.69 19.47
N LEU E 135 4.01 -32.89 19.30
CA LEU E 135 4.00 -31.77 18.36
C LEU E 135 5.04 -30.70 18.68
N MET E 136 5.17 -30.25 19.92
CA MET E 136 6.16 -29.24 20.30
C MET E 136 7.60 -29.71 20.15
N SER E 137 7.88 -31.00 20.32
CA SER E 137 9.19 -31.56 20.03
C SER E 137 9.54 -31.58 18.52
N GLN E 138 8.55 -31.72 17.64
CA GLN E 138 8.73 -31.64 16.18
C GLN E 138 8.93 -30.22 15.69
N ILE E 139 8.28 -29.24 16.31
CA ILE E 139 8.51 -27.82 16.04
C ILE E 139 9.94 -27.43 16.42
N GLU E 140 10.42 -27.86 17.58
CA GLU E 140 11.80 -27.63 17.99
C GLU E 140 12.82 -28.19 17.01
N MET E 141 12.66 -29.43 16.58
CA MET E 141 13.55 -30.04 15.61
C MET E 141 13.59 -29.25 14.30
N THR E 142 12.43 -28.80 13.82
CA THR E 142 12.29 -27.98 12.62
C THR E 142 12.93 -26.60 12.76
N ILE E 143 12.85 -25.95 13.92
CA ILE E 143 13.55 -24.70 14.24
C ILE E 143 15.05 -24.89 14.11
N ASN E 144 15.59 -25.95 14.69
CA ASN E 144 17.01 -26.26 14.71
C ASN E 144 17.56 -26.61 13.34
N MET E 145 16.83 -27.38 12.54
CA MET E 145 17.21 -27.69 11.17
C MET E 145 17.17 -26.46 10.27
N ASN E 146 16.13 -25.64 10.38
CA ASN E 146 16.03 -24.40 9.61
C ASN E 146 17.12 -23.39 9.97
N LEU E 147 17.49 -23.25 11.25
CA LEU E 147 18.59 -22.40 11.68
C LEU E 147 19.92 -22.86 11.10
N ASP E 148 20.23 -24.15 11.14
CA ASP E 148 21.47 -24.68 10.59
C ASP E 148 21.58 -24.48 9.08
N GLN E 149 20.46 -24.59 8.38
CA GLN E 149 20.37 -24.37 6.94
C GLN E 149 20.64 -22.93 6.51
N GLN E 150 20.47 -21.92 7.36
CA GLN E 150 20.79 -20.53 7.02
C GLN E 150 22.29 -20.28 6.82
N LYS E 151 23.17 -21.13 7.37
CA LYS E 151 24.62 -21.04 7.22
C LYS E 151 25.13 -21.32 5.81
N PHE E 152 24.32 -21.93 4.93
CA PHE E 152 24.75 -22.47 3.64
C PHE E 152 23.87 -22.01 2.44
N PRO E 153 23.72 -20.71 2.13
CA PRO E 153 22.88 -20.26 1.02
C PRO E 153 23.40 -20.66 -0.36
N ILE E 154 24.70 -20.82 -0.54
CA ILE E 154 25.30 -21.28 -1.79
C ILE E 154 26.49 -22.18 -1.48
N ILE E 155 26.74 -23.14 -2.36
CA ILE E 155 27.94 -24.01 -2.34
C ILE E 155 28.63 -23.87 -3.70
N ILE E 156 29.96 -23.77 -3.74
CA ILE E 156 30.72 -23.66 -5.00
C ILE E 156 31.44 -24.98 -5.27
N GLY E 157 31.26 -25.53 -6.48
CA GLY E 157 32.09 -26.59 -7.03
C GLY E 157 33.21 -26.03 -7.88
N ALA E 158 34.44 -26.53 -7.73
CA ALA E 158 35.60 -26.03 -8.48
C ALA E 158 36.58 -27.16 -8.84
N THR E 159 37.57 -26.88 -9.69
CA THR E 159 38.76 -27.74 -9.82
C THR E 159 39.63 -27.62 -8.57
N GLN E 160 40.53 -28.58 -8.34
CA GLN E 160 41.40 -28.57 -7.17
C GLN E 160 42.31 -27.34 -7.08
N LYS E 161 42.87 -26.85 -8.19
CA LYS E 161 43.71 -25.64 -8.19
C LYS E 161 42.88 -24.36 -8.04
N ASN E 162 41.70 -24.32 -8.65
CA ASN E 162 40.76 -23.24 -8.42
C ASN E 162 40.33 -23.16 -6.95
N LYS E 163 40.02 -24.28 -6.28
CA LYS E 163 39.65 -24.31 -4.87
C LYS E 163 40.73 -23.66 -3.99
N LEU E 164 41.97 -24.06 -4.20
CA LEU E 164 43.15 -23.49 -3.53
C LEU E 164 43.24 -21.97 -3.74
N SER E 165 43.08 -21.47 -4.96
CA SER E 165 43.11 -20.03 -5.22
C SER E 165 41.96 -19.25 -4.55
N MET E 166 40.78 -19.84 -4.36
CA MET E 166 39.71 -19.16 -3.62
C MET E 166 39.96 -19.10 -2.10
N GLU E 167 40.57 -20.11 -1.52
CA GLU E 167 40.95 -20.11 -0.11
C GLU E 167 41.95 -19.00 0.21
N ASN E 168 42.86 -18.67 -0.70
CA ASN E 168 43.76 -17.54 -0.57
C ASN E 168 43.03 -16.19 -0.65
N LEU E 169 42.03 -16.04 -1.54
CA LEU E 169 41.24 -14.84 -1.63
C LEU E 169 40.47 -14.58 -0.31
N TYR E 170 39.89 -15.59 0.30
CA TYR E 170 39.17 -15.48 1.58
C TYR E 170 40.09 -15.24 2.78
N GLU E 171 41.27 -15.86 2.84
CA GLU E 171 42.18 -15.74 3.99
C GLU E 171 42.69 -14.30 4.21
N LYS E 172 42.53 -13.44 3.21
CA LYS E 172 42.86 -12.01 3.24
C LYS E 172 41.97 -11.16 4.15
N TYR E 173 40.66 -11.41 4.17
CA TYR E 173 39.65 -10.55 4.85
C TYR E 173 38.56 -11.32 5.61
N SER E 174 38.44 -12.63 5.43
CA SER E 174 37.38 -13.47 6.02
C SER E 174 37.81 -14.03 7.37
N SER E 175 36.84 -14.30 8.22
CA SER E 175 36.99 -14.93 9.52
C SER E 175 36.61 -16.42 9.52
N PHE E 176 36.05 -16.93 8.43
CA PHE E 176 35.69 -18.33 8.21
C PHE E 176 36.46 -18.94 7.02
N GLU E 177 36.18 -20.19 6.68
CA GLU E 177 36.55 -20.84 5.41
C GLU E 177 35.40 -20.79 4.38
N PRO E 178 35.67 -20.58 3.08
CA PRO E 178 34.66 -20.56 2.03
C PRO E 178 33.92 -21.91 1.90
N ASN E 179 32.67 -21.86 1.44
CA ASN E 179 31.84 -23.05 1.18
C ASN E 179 32.13 -23.60 -0.21
N ILE E 180 33.32 -24.16 -0.40
CA ILE E 180 33.81 -24.63 -1.69
C ILE E 180 34.33 -26.06 -1.59
N LEU E 181 34.06 -26.87 -2.61
CA LEU E 181 34.50 -28.26 -2.72
C LEU E 181 35.02 -28.58 -4.13
N VAL E 182 35.81 -29.64 -4.26
CA VAL E 182 36.22 -30.16 -5.59
C VAL E 182 35.08 -30.96 -6.20
N ASP E 183 34.71 -30.63 -7.43
CA ASP E 183 33.81 -31.47 -8.22
C ASP E 183 34.65 -32.34 -9.17
N GLU E 184 34.56 -33.66 -9.01
CA GLU E 184 35.29 -34.63 -9.83
C GLU E 184 34.91 -34.60 -11.31
N LYS E 185 33.65 -34.39 -11.69
CA LYS E 185 33.29 -34.22 -13.11
C LYS E 185 33.89 -32.92 -13.64
N LEU E 186 33.82 -31.84 -12.89
CA LEU E 186 34.35 -30.54 -13.31
C LEU E 186 35.87 -30.59 -13.53
N ALA E 187 36.59 -31.22 -12.59
CA ALA E 187 38.02 -31.46 -12.69
C ALA E 187 38.42 -32.42 -13.81
N GLN E 188 37.64 -33.49 -14.08
CA GLN E 188 37.95 -34.50 -15.10
C GLN E 188 37.80 -33.97 -16.53
N ALA E 189 36.64 -33.40 -16.85
CA ALA E 189 36.23 -33.15 -18.23
C ALA E 189 37.13 -32.15 -18.98
N LEU E 190 37.44 -32.47 -20.24
CA LEU E 190 38.05 -31.55 -21.20
C LEU E 190 37.00 -30.57 -21.76
N GLN E 191 37.44 -29.66 -22.64
CA GLN E 191 36.58 -28.72 -23.37
C GLN E 191 35.66 -27.89 -22.43
N GLU E 192 34.39 -27.66 -22.77
CA GLU E 192 33.48 -26.77 -22.04
C GLU E 192 33.10 -27.22 -20.61
N GLY E 193 32.63 -26.25 -19.81
CA GLY E 193 32.49 -26.33 -18.35
C GLY E 193 33.49 -25.42 -17.65
N LYS E 194 33.00 -24.56 -16.75
CA LYS E 194 33.69 -23.31 -16.37
C LYS E 194 34.85 -23.44 -15.39
N GLY E 195 34.98 -24.51 -14.61
CA GLY E 195 36.01 -24.59 -13.54
C GLY E 195 35.64 -23.94 -12.20
N PHE E 196 34.53 -23.22 -12.14
CA PHE E 196 33.74 -22.85 -10.97
C PHE E 196 32.27 -23.01 -11.33
N ASP E 197 31.44 -23.63 -10.49
CA ASP E 197 29.98 -23.54 -10.62
C ASP E 197 29.26 -23.47 -9.27
N ALA E 198 28.32 -22.54 -9.13
CA ALA E 198 27.64 -22.27 -7.89
C ALA E 198 26.23 -22.88 -7.89
N LEU E 199 25.91 -23.72 -6.91
CA LEU E 199 24.57 -24.27 -6.74
C LEU E 199 23.86 -23.60 -5.57
N ASN E 200 22.71 -23.00 -5.87
CA ASN E 200 21.89 -22.24 -4.93
C ASN E 200 21.16 -23.21 -3.98
N THR E 201 21.54 -23.20 -2.71
CA THR E 201 21.01 -24.09 -1.66
C THR E 201 20.21 -23.32 -0.61
N GLN E 202 19.82 -22.08 -0.89
CA GLN E 202 19.16 -21.15 0.04
C GLN E 202 17.77 -21.64 0.47
N ALA E 203 17.61 -21.97 1.75
CA ALA E 203 16.33 -22.27 2.38
C ALA E 203 15.53 -20.99 2.73
N PRO E 204 14.20 -21.05 2.86
CA PRO E 204 13.40 -19.94 3.37
C PRO E 204 13.64 -19.70 4.87
N TYR E 205 13.53 -18.46 5.32
CA TYR E 205 13.60 -18.11 6.74
C TYR E 205 12.27 -18.39 7.44
N LEU E 206 12.24 -19.29 8.43
CA LEU E 206 11.02 -19.74 9.12
C LEU E 206 10.96 -19.47 10.63
N LEU E 207 12.01 -18.93 11.27
CA LEU E 207 12.14 -18.97 12.73
C LEU E 207 11.07 -18.15 13.47
N ASP E 208 10.73 -16.97 12.96
CA ASP E 208 9.65 -16.08 13.37
C ASP E 208 8.27 -16.77 13.33
N LYS E 209 7.95 -17.46 12.23
CA LYS E 209 6.70 -18.21 12.02
C LYS E 209 6.57 -19.44 12.92
N LEU E 210 7.66 -20.17 13.15
CA LEU E 210 7.68 -21.38 13.98
C LEU E 210 7.50 -21.07 15.46
N ALA E 211 8.03 -19.95 15.94
CA ALA E 211 7.82 -19.50 17.31
C ALA E 211 6.35 -19.07 17.56
N ASP E 212 5.71 -18.44 16.58
CA ASP E 212 4.27 -18.14 16.60
C ASP E 212 3.39 -19.39 16.64
N PHE E 213 3.68 -20.40 15.82
CA PHE E 213 2.90 -21.64 15.79
C PHE E 213 3.00 -22.42 17.09
N LYS E 214 4.18 -22.43 17.74
CA LYS E 214 4.36 -23.05 19.05
C LYS E 214 3.46 -22.42 20.11
N LYS E 215 3.33 -21.08 20.11
CA LYS E 215 2.46 -20.31 21.00
C LYS E 215 0.96 -20.55 20.73
N THR E 216 0.59 -20.71 19.47
CA THR E 216 -0.75 -21.16 19.07
C THR E 216 -1.07 -22.57 19.57
N CYS E 217 -0.13 -23.51 19.53
CA CYS E 217 -0.31 -24.86 20.04
C CYS E 217 -0.44 -24.92 21.56
N GLU E 218 0.31 -24.09 22.28
CA GLU E 218 0.21 -23.98 23.73
C GLU E 218 -1.18 -23.52 24.18
N ASN E 219 -1.78 -22.54 23.53
CA ASN E 219 -3.12 -22.06 23.89
C ASN E 219 -4.22 -23.11 23.65
N GLU E 220 -4.08 -23.91 22.59
CA GLU E 220 -4.97 -25.04 22.34
C GLU E 220 -4.92 -26.08 23.46
N LEU E 221 -3.72 -26.48 23.91
CA LEU E 221 -3.54 -27.39 25.03
C LEU E 221 -4.18 -26.86 26.33
N LEU E 222 -3.95 -25.60 26.67
CA LEU E 222 -4.51 -25.01 27.88
C LEU E 222 -6.05 -24.92 27.85
N THR E 223 -6.64 -24.78 26.67
CA THR E 223 -8.09 -24.81 26.49
C THR E 223 -8.67 -26.21 26.71
N PHE E 224 -8.05 -27.28 26.20
CA PHE E 224 -8.49 -28.64 26.48
C PHE E 224 -8.36 -29.02 27.97
N LEU E 225 -7.45 -28.40 28.71
CA LEU E 225 -7.30 -28.60 30.15
C LEU E 225 -8.22 -27.71 31.00
N GLY E 226 -8.85 -26.69 30.41
CA GLY E 226 -9.69 -25.71 31.10
C GLY E 226 -8.93 -24.67 31.94
N ILE E 227 -7.63 -24.48 31.69
CA ILE E 227 -6.69 -23.77 32.58
C ILE E 227 -6.55 -22.28 32.28
N ASN E 228 -6.77 -21.84 31.04
CA ASN E 228 -6.36 -20.50 30.61
C ASN E 228 -6.95 -19.35 31.45
N ASN E 247 -12.93 -17.67 26.23
CA ASN E 247 -12.96 -17.86 27.68
C ASN E 247 -14.24 -18.56 28.16
N SER E 248 -15.34 -18.48 27.42
CA SER E 248 -16.58 -19.19 27.71
C SER E 248 -16.37 -20.71 27.69
N GLN E 249 -15.71 -21.26 26.66
CA GLN E 249 -15.40 -22.70 26.60
C GLN E 249 -14.39 -23.12 27.68
N ILE E 250 -13.42 -22.29 28.01
CA ILE E 250 -12.41 -22.55 29.06
C ILE E 250 -13.08 -22.66 30.43
N THR E 251 -13.91 -21.68 30.78
CA THR E 251 -14.69 -21.73 32.02
C THR E 251 -15.60 -22.95 32.03
N PHE E 252 -16.36 -23.20 30.98
CA PHE E 252 -17.26 -24.34 30.87
C PHE E 252 -16.56 -25.71 31.00
N VAL E 253 -15.33 -25.84 30.51
CA VAL E 253 -14.53 -27.04 30.68
C VAL E 253 -14.17 -27.30 32.15
N LEU E 254 -13.74 -26.26 32.88
CA LEU E 254 -13.43 -26.35 34.30
C LEU E 254 -14.68 -26.49 35.19
N GLU E 255 -15.82 -25.93 34.79
CA GLU E 255 -17.10 -26.13 35.49
C GLU E 255 -17.58 -27.58 35.44
N MET E 256 -17.53 -28.24 34.28
CA MET E 256 -17.85 -29.67 34.15
C MET E 256 -16.90 -30.52 35.01
N ALA E 257 -15.62 -30.19 35.02
CA ALA E 257 -14.63 -30.86 35.83
C ALA E 257 -14.86 -30.72 37.34
N TYR E 258 -15.33 -29.55 37.80
CA TYR E 258 -15.64 -29.29 39.20
C TYR E 258 -16.94 -29.97 39.65
N LYS E 259 -17.99 -29.87 38.85
CA LYS E 259 -19.29 -30.49 39.10
C LYS E 259 -19.18 -31.99 39.35
N ASN E 260 -18.45 -32.72 38.51
CA ASN E 260 -18.23 -34.17 38.72
C ASN E 260 -17.54 -34.48 40.06
N ARG E 261 -16.66 -33.61 40.55
CA ARG E 261 -15.95 -33.80 41.82
C ARG E 261 -16.85 -33.49 43.02
N LEU E 262 -17.61 -32.40 42.99
CA LEU E 262 -18.64 -32.08 43.99
C LEU E 262 -19.65 -33.22 44.17
N ASP E 263 -20.14 -33.80 43.07
CA ASP E 263 -21.08 -34.91 43.09
C ASP E 263 -20.51 -36.22 43.67
N ALA E 264 -19.22 -36.52 43.46
CA ALA E 264 -18.55 -37.64 44.12
C ALA E 264 -18.28 -37.37 45.60
N CYS E 265 -17.95 -36.13 45.93
CA CYS E 265 -17.60 -35.69 47.27
C CYS E 265 -18.75 -35.91 48.25
N LYS E 266 -19.98 -35.49 47.90
CA LYS E 266 -21.17 -35.78 48.71
C LYS E 266 -21.52 -37.27 48.79
N ARG E 267 -21.32 -38.05 47.73
CA ARG E 267 -21.44 -39.52 47.76
C ARG E 267 -20.47 -40.16 48.76
N ILE E 268 -19.20 -39.75 48.81
CA ILE E 268 -18.22 -40.30 49.76
C ILE E 268 -18.62 -39.94 51.19
N ASN E 269 -19.01 -38.69 51.44
CA ASN E 269 -19.52 -38.25 52.73
C ASN E 269 -20.77 -39.02 53.19
N GLU E 270 -21.64 -39.41 52.25
CA GLU E 270 -22.86 -40.16 52.55
C GLU E 270 -22.60 -41.67 52.77
N MET E 271 -21.68 -42.31 52.02
CA MET E 271 -21.34 -43.73 52.21
C MET E 271 -20.38 -44.00 53.39
N PHE E 272 -19.59 -43.02 53.84
CA PHE E 272 -18.53 -43.24 54.83
C PHE E 272 -18.46 -42.25 56.01
N GLY E 273 -19.14 -41.08 55.94
CA GLY E 273 -19.15 -40.11 57.03
C GLY E 273 -17.85 -39.30 57.23
N LEU E 274 -17.12 -39.01 56.15
CA LEU E 274 -15.75 -38.50 56.21
C LEU E 274 -15.56 -36.97 56.08
N ASN E 275 -16.61 -36.21 55.74
CA ASN E 275 -16.60 -34.75 55.51
C ASN E 275 -15.46 -34.20 54.60
N LEU E 276 -15.14 -34.92 53.52
CA LEU E 276 -14.35 -34.39 52.41
C LEU E 276 -14.98 -33.11 51.83
N GLU E 277 -14.14 -32.17 51.39
CA GLU E 277 -14.52 -31.01 50.59
C GLU E 277 -13.48 -30.78 49.48
N VAL E 278 -13.91 -30.22 48.35
CA VAL E 278 -13.08 -29.98 47.17
C VAL E 278 -13.29 -28.58 46.61
N GLU E 279 -12.22 -27.93 46.18
CA GLU E 279 -12.24 -26.55 45.70
C GLU E 279 -11.36 -26.33 44.46
N LYS E 280 -11.70 -25.33 43.64
CA LYS E 280 -10.85 -24.83 42.56
C LYS E 280 -9.64 -24.08 43.10
N VAL E 281 -8.50 -24.20 42.46
CA VAL E 281 -7.29 -23.47 42.82
C VAL E 281 -7.25 -22.17 42.01
N VAL E 282 -7.77 -21.08 42.57
CA VAL E 282 -7.64 -19.73 41.99
C VAL E 282 -6.24 -19.14 42.27
N ASN E 283 -5.65 -19.52 43.41
CA ASN E 283 -4.26 -19.27 43.81
C ASN E 283 -3.73 -20.48 44.59
N LEU E 284 -2.42 -20.77 44.51
CA LEU E 284 -1.83 -21.96 45.15
C LEU E 284 -1.76 -21.77 46.66
N LEU E 285 -1.13 -20.69 47.12
CA LEU E 285 -1.17 -20.28 48.52
C LEU E 285 -2.50 -19.58 48.87
N GLU E 286 -2.97 -19.84 50.08
CA GLU E 286 -4.23 -19.27 50.60
C GLU E 286 -4.12 -17.78 50.99
N VAL E 287 -2.98 -17.38 51.55
CA VAL E 287 -2.72 -16.03 52.04
C VAL E 287 -1.21 -15.71 52.08
N ILE F 14 39.77 -18.87 24.50
CA ILE F 14 38.98 -18.06 23.56
C ILE F 14 39.92 -17.40 22.52
N LEU F 15 39.48 -16.36 21.82
CA LEU F 15 40.26 -15.59 20.82
C LEU F 15 40.72 -16.31 19.52
N LEU F 16 40.35 -17.57 19.31
CA LEU F 16 40.63 -18.30 18.06
C LEU F 16 39.86 -17.75 16.84
N LYS F 17 40.32 -18.07 15.64
CA LYS F 17 39.56 -17.79 14.41
C LYS F 17 38.27 -18.63 14.31
N ASN F 18 37.17 -17.99 13.94
CA ASN F 18 35.88 -18.60 13.62
C ASN F 18 35.27 -19.48 14.72
N ASP F 19 35.54 -19.16 15.99
CA ASP F 19 34.98 -19.78 17.17
C ASP F 19 34.93 -18.80 18.36
N VAL F 20 34.09 -19.12 19.34
CA VAL F 20 34.02 -18.45 20.63
C VAL F 20 33.60 -19.45 21.71
N PHE F 21 34.00 -19.21 22.96
CA PHE F 21 33.59 -19.99 24.13
C PHE F 21 32.19 -19.55 24.62
N MET F 22 31.22 -19.58 23.71
CA MET F 22 29.92 -18.94 23.85
C MET F 22 29.03 -19.52 24.96
N VAL F 23 29.14 -20.84 25.24
CA VAL F 23 28.28 -21.54 26.22
C VAL F 23 28.35 -20.88 27.60
N ASP F 24 29.53 -20.60 28.11
CA ASP F 24 29.74 -20.10 29.48
C ASP F 24 29.04 -18.76 29.75
N ARG F 25 29.16 -17.81 28.81
CA ARG F 25 28.54 -16.49 28.90
C ARG F 25 27.04 -16.58 29.15
N TYR F 26 26.34 -17.51 28.51
CA TYR F 26 24.89 -17.65 28.66
C TYR F 26 24.51 -18.57 29.82
N TYR F 27 25.25 -19.66 30.03
CA TYR F 27 24.95 -20.63 31.06
C TYR F 27 25.05 -20.06 32.47
N ASP F 28 26.13 -19.35 32.76
CA ASP F 28 26.36 -18.72 34.06
C ASP F 28 25.45 -17.52 34.29
N TYR F 29 25.23 -16.70 33.26
CA TYR F 29 24.33 -15.55 33.34
C TYR F 29 22.86 -15.96 33.61
N TYR F 30 22.32 -16.96 32.94
CA TYR F 30 20.97 -17.46 33.25
C TYR F 30 20.93 -18.30 34.52
N SER F 31 21.99 -18.99 34.90
CA SER F 31 22.07 -19.60 36.24
C SER F 31 22.02 -18.60 37.38
N ASN F 32 22.68 -17.45 37.31
CA ASN F 32 22.57 -16.41 38.34
C ASN F 32 21.12 -16.00 38.57
N MET F 33 20.32 -15.83 37.51
CA MET F 33 18.90 -15.52 37.66
C MET F 33 18.12 -16.65 38.32
N GLY F 34 18.27 -17.88 37.83
CA GLY F 34 17.53 -19.05 38.32
C GLY F 34 17.77 -19.40 39.79
N LEU F 35 19.01 -19.18 40.27
CA LEU F 35 19.41 -19.34 41.66
C LEU F 35 18.90 -18.25 42.61
N ASN F 36 18.23 -17.19 42.14
CA ASN F 36 17.78 -16.04 42.95
C ASN F 36 16.26 -15.83 43.00
N ARG F 37 15.44 -16.87 42.82
CA ARG F 37 13.96 -16.78 42.90
C ARG F 37 13.44 -16.75 44.34
N PHE F 38 14.11 -17.44 45.25
CA PHE F 38 13.69 -17.69 46.63
C PHE F 38 14.82 -17.45 47.62
N ARG F 39 14.50 -17.18 48.88
CA ARG F 39 15.43 -16.99 50.00
C ARG F 39 14.94 -17.67 51.27
N TRP F 40 15.84 -18.38 51.95
CA TRP F 40 15.55 -19.11 53.19
C TRP F 40 16.23 -18.36 54.37
N LYS F 41 15.47 -17.92 55.39
CA LYS F 41 15.97 -16.86 56.31
C LYS F 41 16.39 -17.23 57.74
N ASN F 42 15.98 -18.38 58.29
CA ASN F 42 16.52 -18.93 59.54
C ASN F 42 17.04 -20.34 59.25
N LEU F 43 18.29 -20.64 59.58
CA LEU F 43 18.95 -21.90 59.20
C LEU F 43 19.87 -22.41 60.31
N PRO F 44 20.06 -23.74 60.43
CA PRO F 44 21.07 -24.32 61.29
C PRO F 44 22.49 -23.72 61.12
N PRO F 45 23.38 -23.87 62.12
CA PRO F 45 24.75 -23.37 62.04
C PRO F 45 25.54 -23.91 60.83
N GLY F 46 26.28 -23.04 60.15
CA GLY F 46 27.20 -23.40 59.08
C GLY F 46 26.55 -23.64 57.70
N MET F 47 25.27 -23.31 57.54
CA MET F 47 24.50 -23.54 56.32
C MET F 47 23.90 -22.24 55.77
N GLU F 48 23.87 -22.09 54.45
CA GLU F 48 23.52 -20.85 53.75
C GLU F 48 22.35 -21.06 52.79
N SER F 49 21.54 -20.03 52.53
CA SER F 49 20.36 -20.10 51.65
C SER F 49 20.69 -20.66 50.27
N ARG F 50 21.82 -20.25 49.71
CA ARG F 50 22.37 -20.72 48.44
C ARG F 50 22.56 -22.24 48.36
N HIS F 51 22.89 -22.93 49.46
CA HIS F 51 23.11 -24.39 49.43
C HIS F 51 21.84 -25.18 49.14
N ILE F 52 20.71 -24.78 49.74
CA ILE F 52 19.41 -25.43 49.51
C ILE F 52 18.97 -25.18 48.06
N GLU F 53 19.05 -23.92 47.64
CA GLU F 53 18.58 -23.49 46.35
C GLU F 53 19.39 -24.08 45.20
N GLN F 54 20.71 -24.28 45.32
CA GLN F 54 21.45 -24.95 44.26
C GLN F 54 21.16 -26.45 44.16
N ALA F 55 20.83 -27.14 45.24
CA ALA F 55 20.38 -28.52 45.17
C ALA F 55 19.01 -28.64 44.47
N LEU F 56 18.09 -27.72 44.73
CA LEU F 56 16.80 -27.65 44.03
C LEU F 56 16.96 -27.26 42.56
N PHE F 57 17.86 -26.34 42.25
CA PHE F 57 18.11 -25.88 40.90
C PHE F 57 18.77 -26.93 39.99
N ASN F 58 19.75 -27.69 40.49
CA ASN F 58 20.53 -28.64 39.69
C ASN F 58 19.94 -30.04 39.60
N GLU F 59 19.22 -30.52 40.62
CA GLU F 59 18.66 -31.88 40.67
C GLU F 59 17.11 -31.89 40.69
N GLY F 60 16.47 -30.77 41.01
CA GLY F 60 15.02 -30.64 41.09
C GLY F 60 14.43 -31.14 42.41
N GLN F 61 15.23 -31.81 43.22
CA GLN F 61 14.85 -32.36 44.50
C GLN F 61 16.06 -32.39 45.45
N ALA F 62 15.81 -32.23 46.74
CA ALA F 62 16.84 -32.18 47.78
C ALA F 62 16.36 -32.91 49.04
N VAL F 63 17.26 -33.44 49.85
CA VAL F 63 16.96 -34.09 51.12
C VAL F 63 17.62 -33.36 52.29
N PHE F 64 16.82 -33.02 53.30
CA PHE F 64 17.21 -32.34 54.54
C PHE F 64 17.23 -33.34 55.70
N PHE F 65 18.36 -33.50 56.38
CA PHE F 65 18.55 -34.48 57.44
C PHE F 65 19.63 -34.06 58.47
N LYS F 66 19.54 -34.62 59.67
CA LYS F 66 20.53 -34.48 60.75
C LYS F 66 21.78 -35.33 60.45
N ASN F 67 22.98 -34.75 60.54
CA ASN F 67 24.23 -35.46 60.32
C ASN F 67 24.55 -36.43 61.47
N THR F 68 25.13 -37.59 61.14
CA THR F 68 25.60 -38.59 62.12
C THR F 68 27.10 -38.87 62.00
N ASP F 69 27.73 -38.61 60.84
CA ASP F 69 29.15 -38.86 60.59
C ASP F 69 30.03 -37.79 61.27
N PRO F 70 30.80 -38.13 62.32
CA PRO F 70 31.47 -37.13 63.16
C PRO F 70 32.62 -36.42 62.45
N ASN F 71 33.09 -36.97 61.34
CA ASN F 71 34.15 -36.42 60.52
C ASN F 71 33.73 -35.15 59.77
N GLU F 72 32.42 -34.89 59.63
CA GLU F 72 31.89 -33.76 58.87
C GLU F 72 31.38 -32.66 59.83
N PRO F 73 31.80 -31.40 59.66
CA PRO F 73 31.61 -30.35 60.67
C PRO F 73 30.22 -29.68 60.63
N TYR F 74 29.17 -30.49 60.55
CA TYR F 74 27.80 -30.03 60.34
C TYR F 74 26.83 -30.73 61.28
N GLY F 75 25.83 -29.98 61.74
CA GLY F 75 24.70 -30.51 62.51
C GLY F 75 23.58 -31.06 61.62
N PHE F 76 23.26 -30.33 60.57
CA PHE F 76 22.25 -30.67 59.56
C PHE F 76 22.83 -30.44 58.17
N LEU F 77 22.39 -31.26 57.21
CA LEU F 77 22.76 -31.16 55.80
C LEU F 77 21.52 -31.05 54.91
N CYS F 78 21.62 -30.33 53.80
CA CYS F 78 20.61 -30.32 52.75
C CYS F 78 21.29 -30.54 51.40
N LEU F 79 21.07 -31.70 50.77
CA LEU F 79 21.84 -32.16 49.61
C LEU F 79 20.92 -32.63 48.47
N PRO F 80 21.37 -32.68 47.21
CA PRO F 80 20.60 -33.31 46.14
C PRO F 80 20.25 -34.77 46.44
N CYS F 81 19.03 -35.16 46.08
CA CYS F 81 18.44 -36.44 46.46
C CYS F 81 18.39 -37.42 45.28
N ALA F 82 18.77 -38.67 45.47
CA ALA F 82 18.44 -39.77 44.57
C ALA F 82 17.54 -40.80 45.29
N PRO F 83 16.27 -40.99 44.91
CA PRO F 83 15.42 -41.98 45.53
C PRO F 83 15.85 -43.42 45.20
N SER F 84 15.61 -44.35 46.12
CA SER F 84 15.75 -45.79 45.85
C SER F 84 14.57 -46.30 45.00
N ASN F 85 14.74 -47.43 44.32
CA ASN F 85 13.77 -47.93 43.33
C ASN F 85 12.48 -48.56 43.91
N GLY F 86 12.38 -48.80 45.22
CA GLY F 86 11.16 -49.31 45.86
C GLY F 86 10.15 -48.23 46.18
N GLN F 87 8.85 -48.54 46.14
CA GLN F 87 7.75 -47.57 46.30
C GLN F 87 6.46 -48.16 46.89
N ASN F 88 5.62 -47.32 47.52
CA ASN F 88 4.30 -47.73 48.01
C ASN F 88 3.24 -47.90 46.88
N ILE F 89 1.98 -48.19 47.23
CA ILE F 89 0.85 -48.31 46.27
C ILE F 89 0.68 -47.11 45.34
N TYR F 90 0.88 -45.89 45.85
CA TYR F 90 0.76 -44.65 45.09
C TYR F 90 1.98 -44.35 44.21
N GLY F 91 3.12 -44.98 44.46
CA GLY F 91 4.38 -44.72 43.78
C GLY F 91 5.30 -43.74 44.48
N ASP F 92 5.09 -43.46 45.76
CA ASP F 92 6.07 -42.70 46.56
C ASP F 92 7.29 -43.57 46.86
N PRO F 93 8.54 -43.08 46.70
CA PRO F 93 9.72 -43.86 47.01
C PRO F 93 9.87 -44.12 48.52
N VAL F 94 10.26 -45.34 48.91
CA VAL F 94 10.33 -45.73 50.33
C VAL F 94 11.56 -45.18 51.07
N ASP F 95 12.66 -44.89 50.38
CA ASP F 95 13.91 -44.36 50.95
C ASP F 95 14.60 -43.37 50.00
N PHE F 96 15.43 -42.50 50.58
CA PHE F 96 16.10 -41.34 49.97
C PHE F 96 17.62 -41.46 50.14
N ASN F 97 18.43 -41.04 49.16
CA ASN F 97 19.90 -41.05 49.27
C ASN F 97 20.43 -39.63 49.06
N GLY F 98 21.21 -39.10 50.00
CA GLY F 98 21.80 -37.76 49.91
C GLY F 98 23.16 -37.79 49.23
N ILE F 99 23.33 -37.06 48.13
CA ILE F 99 24.60 -37.08 47.38
C ILE F 99 25.40 -35.80 47.64
N GLY F 100 26.63 -35.92 48.16
CA GLY F 100 27.54 -34.81 48.44
C GLY F 100 28.78 -34.80 47.54
N VAL F 101 29.56 -33.72 47.52
CA VAL F 101 30.88 -33.74 46.85
C VAL F 101 31.83 -34.64 47.65
N ASN F 102 32.40 -35.67 47.00
CA ASN F 102 33.20 -36.73 47.63
C ASN F 102 32.51 -37.50 48.77
N LYS F 103 31.17 -37.56 48.77
CA LYS F 103 30.38 -38.14 49.86
C LYS F 103 29.06 -38.72 49.36
N TYR F 104 28.48 -39.66 50.10
CA TYR F 104 27.24 -40.35 49.72
C TYR F 104 26.58 -40.91 50.99
N PHE F 105 25.37 -40.48 51.32
CA PHE F 105 24.65 -40.89 52.53
C PHE F 105 23.61 -41.96 52.16
N THR F 106 23.78 -43.16 52.71
CA THR F 106 22.94 -44.33 52.44
C THR F 106 21.55 -44.21 53.07
N ASN F 107 20.55 -44.80 52.43
CA ASN F 107 19.10 -44.83 52.70
C ASN F 107 18.64 -44.10 53.98
N LEU F 108 18.35 -42.81 53.83
CA LEU F 108 17.51 -42.01 54.73
C LEU F 108 16.04 -42.31 54.43
N SER F 109 15.10 -41.98 55.32
CA SER F 109 13.70 -42.36 55.15
C SER F 109 12.72 -41.22 55.44
N PRO F 110 11.45 -41.31 55.00
CA PRO F 110 10.41 -40.36 55.35
C PRO F 110 10.15 -40.22 56.85
N LEU F 111 10.63 -41.18 57.67
CA LEU F 111 10.53 -41.12 59.13
C LEU F 111 11.61 -40.24 59.78
N ASN F 112 12.74 -39.98 59.11
CA ASN F 112 13.90 -39.29 59.68
C ASN F 112 14.53 -38.18 58.81
N ALA F 113 13.96 -37.90 57.64
CA ALA F 113 14.39 -36.84 56.74
C ALA F 113 13.20 -36.23 56.00
N VAL F 114 13.38 -35.04 55.44
CA VAL F 114 12.38 -34.41 54.56
C VAL F 114 12.93 -34.27 53.16
N ARG F 115 12.22 -34.78 52.14
CA ARG F 115 12.53 -34.51 50.72
C ARG F 115 11.77 -33.27 50.21
N ILE F 116 12.51 -32.29 49.70
CA ILE F 116 12.02 -31.03 49.14
C ILE F 116 11.99 -31.14 47.61
N LEU F 117 10.94 -30.64 46.97
CA LEU F 117 10.84 -30.56 45.50
C LEU F 117 10.90 -29.11 45.00
N ASP F 118 11.50 -28.85 43.85
CA ASP F 118 11.34 -27.58 43.14
C ASP F 118 9.92 -27.42 42.57
N ASN F 119 9.36 -28.53 42.07
CA ASN F 119 8.06 -28.67 41.41
C ASN F 119 7.63 -30.15 41.50
N ASP F 120 6.35 -30.47 41.33
CA ASP F 120 5.81 -31.80 41.69
C ASP F 120 6.39 -33.01 40.93
N ASN F 121 6.86 -32.84 39.70
CA ASN F 121 7.56 -33.90 38.97
C ASN F 121 9.06 -33.97 39.28
N GLY F 122 9.62 -33.03 40.06
CA GLY F 122 11.04 -32.95 40.34
C GLY F 122 11.91 -32.70 39.10
N LEU F 123 11.38 -31.97 38.10
CA LEU F 123 12.11 -31.58 36.89
C LEU F 123 13.13 -30.49 37.23
N ALA F 124 14.43 -30.70 37.03
CA ALA F 124 15.43 -29.69 37.38
C ALA F 124 15.39 -28.44 36.47
N PRO F 125 15.34 -27.21 37.01
CA PRO F 125 15.43 -25.97 36.23
C PRO F 125 16.66 -25.82 35.32
N VAL F 126 17.79 -26.44 35.64
CA VAL F 126 18.97 -26.47 34.74
C VAL F 126 18.71 -27.11 33.38
N ARG F 127 17.75 -28.03 33.27
CA ARG F 127 17.45 -28.70 32.00
C ARG F 127 16.86 -27.76 30.95
N HIS F 128 16.14 -26.74 31.37
CA HIS F 128 15.69 -25.65 30.50
C HIS F 128 16.85 -24.77 30.03
N ILE F 129 17.74 -24.37 30.94
CA ILE F 129 18.90 -23.53 30.67
C ILE F 129 19.85 -24.20 29.69
N ALA F 130 20.16 -25.49 29.87
CA ALA F 130 21.04 -26.24 28.99
C ALA F 130 20.57 -26.31 27.52
N TYR F 131 19.28 -26.46 27.25
CA TYR F 131 18.74 -26.42 25.90
C TYR F 131 18.86 -25.01 25.26
N TYR F 132 18.44 -23.97 25.98
CA TYR F 132 18.45 -22.62 25.46
C TYR F 132 19.87 -22.04 25.31
N THR F 133 20.88 -22.48 26.08
CA THR F 133 22.25 -22.03 25.87
C THR F 133 22.85 -22.66 24.62
N TYR F 134 22.55 -23.92 24.34
CA TYR F 134 22.88 -24.53 23.08
C TYR F 134 22.28 -23.73 21.91
N LEU F 135 20.99 -23.41 21.96
CA LEU F 135 20.32 -22.65 20.91
C LEU F 135 20.90 -21.25 20.71
N MET F 136 21.13 -20.47 21.76
CA MET F 136 21.69 -19.12 21.65
C MET F 136 23.13 -19.10 21.13
N SER F 137 23.92 -20.14 21.40
CA SER F 137 25.25 -20.29 20.81
C SER F 137 25.21 -20.60 19.29
N GLN F 138 24.18 -21.27 18.79
CA GLN F 138 23.97 -21.53 17.36
C GLN F 138 23.47 -20.30 16.61
N ILE F 139 22.65 -19.46 17.25
CA ILE F 139 22.23 -18.17 16.69
C ILE F 139 23.44 -17.25 16.54
N GLU F 140 24.31 -17.18 17.54
CA GLU F 140 25.55 -16.39 17.46
C GLU F 140 26.44 -16.82 16.30
N MET F 141 26.69 -18.12 16.15
CA MET F 141 27.50 -18.63 15.06
C MET F 141 26.91 -18.25 13.69
N THR F 142 25.59 -18.35 13.53
CA THR F 142 24.87 -17.96 12.33
C THR F 142 24.93 -16.46 12.04
N ILE F 143 24.86 -15.61 13.06
CA ILE F 143 25.08 -14.15 12.94
C ILE F 143 26.46 -13.86 12.37
N ASN F 144 27.49 -14.49 12.92
CA ASN F 144 28.88 -14.29 12.53
C ASN F 144 29.18 -14.79 11.13
N MET F 145 28.65 -15.94 10.74
CA MET F 145 28.80 -16.45 9.39
C MET F 145 28.06 -15.59 8.36
N ASN F 146 26.83 -15.16 8.65
CA ASN F 146 26.09 -14.28 7.78
C ASN F 146 26.75 -12.90 7.62
N LEU F 147 27.31 -12.31 8.67
CA LEU F 147 28.05 -11.06 8.60
C LEU F 147 29.29 -11.20 7.71
N ASP F 148 30.08 -12.26 7.86
CA ASP F 148 31.26 -12.47 7.03
C ASP F 148 30.93 -12.65 5.55
N GLN F 149 29.81 -13.31 5.26
CA GLN F 149 29.31 -13.51 3.91
C GLN F 149 28.88 -12.23 3.19
N GLN F 150 28.53 -11.15 3.89
CA GLN F 150 28.20 -9.87 3.25
C GLN F 150 29.39 -9.20 2.55
N LYS F 151 30.63 -9.54 2.93
CA LYS F 151 31.85 -9.01 2.31
C LYS F 151 32.09 -9.47 0.88
N PHE F 152 31.41 -10.52 0.41
CA PHE F 152 31.68 -11.21 -0.86
C PHE F 152 30.45 -11.40 -1.77
N PRO F 153 29.74 -10.35 -2.22
CA PRO F 153 28.55 -10.51 -3.06
C PRO F 153 28.84 -11.07 -4.46
N ILE F 154 30.03 -10.82 -5.01
CA ILE F 154 30.45 -11.37 -6.30
C ILE F 154 31.93 -11.70 -6.25
N ILE F 155 32.33 -12.73 -6.99
CA ILE F 155 33.73 -13.11 -7.22
C ILE F 155 33.98 -13.11 -8.73
N ILE F 156 35.11 -12.60 -9.19
CA ILE F 156 35.46 -12.58 -10.63
C ILE F 156 36.55 -13.60 -10.91
N GLY F 157 36.33 -14.47 -11.90
CA GLY F 157 37.36 -15.32 -12.50
C GLY F 157 37.93 -14.65 -13.75
N ALA F 158 39.25 -14.66 -13.92
CA ALA F 158 39.91 -14.03 -15.06
C ALA F 158 41.15 -14.82 -15.53
N THR F 159 41.73 -14.45 -16.68
CA THR F 159 43.09 -14.87 -17.04
C THR F 159 44.11 -14.15 -16.15
N GLN F 160 45.33 -14.65 -16.09
CA GLN F 160 46.38 -14.06 -15.25
C GLN F 160 46.74 -12.61 -15.65
N LYS F 161 46.78 -12.27 -16.94
CA LYS F 161 47.05 -10.90 -17.39
C LYS F 161 45.85 -9.97 -17.20
N ASN F 162 44.64 -10.49 -17.40
CA ASN F 162 43.42 -9.77 -17.06
C ASN F 162 43.35 -9.45 -15.57
N LYS F 163 43.68 -10.39 -14.66
CA LYS F 163 43.70 -10.17 -13.22
C LYS F 163 44.59 -9.00 -12.84
N LEU F 164 45.82 -9.00 -13.36
CA LEU F 164 46.79 -7.92 -13.20
C LEU F 164 46.23 -6.56 -13.65
N SER F 165 45.60 -6.48 -14.83
CA SER F 165 44.99 -5.24 -15.31
C SER F 165 43.83 -4.74 -14.44
N MET F 166 43.05 -5.61 -13.79
CA MET F 166 42.01 -5.16 -12.87
C MET F 166 42.55 -4.62 -11.54
N GLU F 167 43.63 -5.19 -11.03
CA GLU F 167 44.30 -4.68 -9.82
C GLU F 167 44.83 -3.26 -10.01
N ASN F 168 45.30 -2.90 -11.21
CA ASN F 168 45.69 -1.53 -11.55
C ASN F 168 44.49 -0.59 -11.61
N LEU F 169 43.34 -1.01 -12.14
CA LEU F 169 42.13 -0.21 -12.17
C LEU F 169 41.66 0.12 -10.73
N TYR F 170 41.67 -0.84 -9.82
CA TYR F 170 41.30 -0.62 -8.41
C TYR F 170 42.30 0.20 -7.62
N GLU F 171 43.60 0.05 -7.84
CA GLU F 171 44.64 0.77 -7.06
C GLU F 171 44.58 2.29 -7.24
N LYS F 172 43.86 2.77 -8.26
CA LYS F 172 43.60 4.17 -8.56
C LYS F 172 42.69 4.89 -7.56
N TYR F 173 41.62 4.23 -7.09
CA TYR F 173 40.55 4.85 -6.27
C TYR F 173 40.06 3.99 -5.10
N SER F 174 40.41 2.72 -5.03
CA SER F 174 39.94 1.77 -4.00
C SER F 174 40.87 1.75 -2.79
N SER F 175 40.30 1.41 -1.65
CA SER F 175 41.00 1.22 -0.37
C SER F 175 41.23 -0.25 -0.02
N PHE F 176 40.68 -1.19 -0.79
CA PHE F 176 40.87 -2.63 -0.66
C PHE F 176 41.51 -3.24 -1.93
N GLU F 177 41.67 -4.55 -1.96
CA GLU F 177 41.96 -5.35 -3.16
C GLU F 177 40.68 -5.96 -3.77
N PRO F 178 40.54 -6.02 -5.10
CA PRO F 178 39.38 -6.62 -5.78
C PRO F 178 39.21 -8.12 -5.46
N ASN F 179 37.98 -8.60 -5.50
CA ASN F 179 37.66 -10.02 -5.30
C ASN F 179 37.80 -10.80 -6.60
N ILE F 180 39.04 -10.96 -7.06
CA ILE F 180 39.36 -11.56 -8.35
C ILE F 180 40.40 -12.67 -8.20
N LEU F 181 40.25 -13.75 -8.94
CA LEU F 181 41.16 -14.89 -8.97
C LEU F 181 41.42 -15.39 -10.40
N VAL F 182 42.51 -16.11 -10.61
CA VAL F 182 42.77 -16.80 -11.89
C VAL F 182 41.93 -18.06 -11.98
N ASP F 183 41.18 -18.21 -13.07
CA ASP F 183 40.53 -19.48 -13.40
C ASP F 183 41.40 -20.23 -14.41
N GLU F 184 41.88 -21.41 -14.03
CA GLU F 184 42.72 -22.26 -14.88
C GLU F 184 42.02 -22.75 -16.15
N LYS F 185 40.72 -23.09 -16.14
CA LYS F 185 40.00 -23.42 -17.38
C LYS F 185 39.90 -22.19 -18.27
N LEU F 186 39.59 -21.03 -17.72
CA LEU F 186 39.46 -19.79 -18.48
C LEU F 186 40.77 -19.39 -19.15
N ALA F 187 41.88 -19.48 -18.41
CA ALA F 187 43.23 -19.24 -18.91
C ALA F 187 43.70 -20.29 -19.93
N GLN F 188 43.37 -21.58 -19.77
CA GLN F 188 43.79 -22.65 -20.67
C GLN F 188 43.12 -22.60 -22.04
N ALA F 189 41.79 -22.55 -22.07
CA ALA F 189 41.01 -22.83 -23.27
C ALA F 189 41.24 -21.82 -24.40
N LEU F 190 41.34 -22.34 -25.64
CA LEU F 190 41.31 -21.55 -26.88
C LEU F 190 39.86 -21.16 -27.23
N GLN F 191 39.69 -20.42 -28.32
CA GLN F 191 38.38 -20.04 -28.88
C GLN F 191 37.45 -19.35 -27.85
N GLU F 192 36.16 -19.65 -27.80
CA GLU F 192 35.15 -18.97 -26.97
C GLU F 192 35.34 -19.11 -25.44
N GLY F 193 34.72 -18.19 -24.70
CA GLY F 193 34.98 -17.92 -23.28
C GLY F 193 35.67 -16.57 -23.08
N LYS F 194 35.10 -15.73 -22.21
CA LYS F 194 35.31 -14.27 -22.26
C LYS F 194 36.63 -13.74 -21.70
N GLY F 195 37.34 -14.45 -20.84
CA GLY F 195 38.53 -13.91 -20.15
C GLY F 195 38.27 -13.09 -18.87
N PHE F 196 37.01 -12.79 -18.59
CA PHE F 196 36.45 -12.41 -17.30
C PHE F 196 35.11 -13.14 -17.15
N ASP F 197 34.80 -13.75 -16.01
CA ASP F 197 33.44 -14.19 -15.68
C ASP F 197 33.10 -14.01 -14.20
N ALA F 198 31.93 -13.44 -13.93
CA ALA F 198 31.50 -13.09 -12.59
C ALA F 198 30.48 -14.11 -12.06
N LEU F 199 30.75 -14.72 -10.91
CA LEU F 199 29.82 -15.62 -10.24
C LEU F 199 29.20 -14.95 -9.03
N ASN F 200 27.87 -14.86 -9.04
CA ASN F 200 27.07 -14.19 -8.01
C ASN F 200 27.02 -15.06 -6.75
N THR F 201 27.64 -14.60 -5.67
CA THR F 201 27.77 -15.30 -4.39
C THR F 201 27.00 -14.60 -3.27
N GLN F 202 26.10 -13.68 -3.60
CA GLN F 202 25.36 -12.81 -2.67
C GLN F 202 24.42 -13.59 -1.76
N ALA F 203 24.70 -13.62 -0.46
CA ALA F 203 23.83 -14.14 0.58
C ALA F 203 22.70 -13.15 0.96
N PRO F 204 21.56 -13.61 1.51
CA PRO F 204 20.55 -12.74 2.07
C PRO F 204 21.01 -12.05 3.36
N TYR F 205 20.53 -10.85 3.62
CA TYR F 205 20.79 -10.13 4.87
C TYR F 205 19.87 -10.65 5.99
N LEU F 206 20.43 -11.20 7.07
CA LEU F 206 19.69 -11.84 8.17
C LEU F 206 19.88 -11.21 9.56
N LEU F 207 20.74 -10.21 9.74
CA LEU F 207 21.21 -9.82 11.08
C LEU F 207 20.11 -9.24 11.97
N ASP F 208 19.24 -8.41 11.41
CA ASP F 208 18.02 -7.86 12.01
C ASP F 208 17.05 -8.95 12.50
N LYS F 209 16.78 -9.98 11.69
CA LYS F 209 15.91 -11.13 12.00
C LYS F 209 16.50 -12.04 13.08
N LEU F 210 17.81 -12.29 13.06
CA LEU F 210 18.49 -13.16 14.02
C LEU F 210 18.55 -12.54 15.41
N ALA F 211 18.70 -11.23 15.53
CA ALA F 211 18.65 -10.53 16.81
C ALA F 211 17.24 -10.56 17.44
N ASP F 212 16.19 -10.47 16.62
CA ASP F 212 14.80 -10.67 17.04
C ASP F 212 14.51 -12.08 17.55
N PHE F 213 14.97 -13.11 16.85
CA PHE F 213 14.76 -14.50 17.26
C PHE F 213 15.46 -14.83 18.57
N LYS F 214 16.66 -14.28 18.81
CA LYS F 214 17.37 -14.43 20.08
C LYS F 214 16.56 -13.88 21.25
N LYS F 215 15.93 -12.72 21.08
CA LYS F 215 15.05 -12.08 22.07
C LYS F 215 13.76 -12.86 22.32
N THR F 216 13.20 -13.45 21.28
CA THR F 216 12.09 -14.41 21.39
C THR F 216 12.48 -15.66 22.20
N CYS F 217 13.67 -16.22 22.00
CA CYS F 217 14.16 -17.36 22.76
C CYS F 217 14.42 -17.06 24.23
N GLU F 218 14.93 -15.88 24.54
CA GLU F 218 15.14 -15.42 25.90
C GLU F 218 13.83 -15.35 26.70
N ASN F 219 12.75 -14.83 26.11
CA ASN F 219 11.46 -14.75 26.81
C ASN F 219 10.84 -16.12 27.08
N GLU F 220 11.03 -17.08 26.18
CA GLU F 220 10.62 -18.47 26.40
C GLU F 220 11.34 -19.09 27.60
N LEU F 221 12.67 -18.95 27.70
CA LEU F 221 13.45 -19.42 28.84
C LEU F 221 12.96 -18.82 30.17
N LEU F 222 12.76 -17.50 30.22
CA LEU F 222 12.30 -16.83 31.44
C LEU F 222 10.90 -17.26 31.88
N THR F 223 10.04 -17.65 30.95
CA THR F 223 8.72 -18.21 31.23
C THR F 223 8.81 -19.61 31.85
N PHE F 224 9.66 -20.50 31.33
CA PHE F 224 9.87 -21.81 31.94
C PHE F 224 10.48 -21.72 33.36
N LEU F 225 11.22 -20.66 33.67
CA LEU F 225 11.78 -20.42 35.01
C LEU F 225 10.80 -19.69 35.95
N GLY F 226 9.70 -19.13 35.44
CA GLY F 226 8.73 -18.33 36.19
C GLY F 226 9.19 -16.92 36.57
N ILE F 227 10.22 -16.38 35.90
CA ILE F 227 10.97 -15.21 36.33
C ILE F 227 10.45 -13.87 35.77
N ASN F 228 9.80 -13.87 34.62
CA ASN F 228 9.52 -12.64 33.87
C ASN F 228 8.75 -11.56 34.65
N ASN F 247 1.55 -13.41 31.39
CA ASN F 247 1.94 -13.20 32.79
C ASN F 247 1.19 -14.13 33.75
N SER F 248 0.00 -14.62 33.39
CA SER F 248 -0.75 -15.59 34.16
C SER F 248 0.04 -16.91 34.31
N GLN F 249 0.59 -17.47 33.23
CA GLN F 249 1.41 -18.68 33.30
C GLN F 249 2.73 -18.45 34.07
N ILE F 250 3.34 -17.28 33.94
CA ILE F 250 4.59 -16.90 34.64
C ILE F 250 4.36 -16.87 36.15
N THR F 251 3.32 -16.17 36.59
CA THR F 251 2.93 -16.14 38.00
C THR F 251 2.61 -17.55 38.50
N PHE F 252 1.78 -18.30 37.78
CA PHE F 252 1.41 -19.67 38.14
C PHE F 252 2.59 -20.64 38.26
N VAL F 253 3.62 -20.48 37.43
CA VAL F 253 4.84 -21.26 37.53
C VAL F 253 5.61 -20.98 38.84
N LEU F 254 5.75 -19.71 39.21
CA LEU F 254 6.40 -19.31 40.46
C LEU F 254 5.54 -19.63 41.71
N GLU F 255 4.21 -19.60 41.60
CA GLU F 255 3.32 -20.02 42.69
C GLU F 255 3.46 -21.51 43.03
N MET F 256 3.48 -22.39 42.03
CA MET F 256 3.74 -23.82 42.24
C MET F 256 5.11 -24.06 42.88
N ALA F 257 6.13 -23.32 42.42
CA ALA F 257 7.47 -23.40 42.98
C ALA F 257 7.55 -22.95 44.44
N TYR F 258 6.78 -21.92 44.84
CA TYR F 258 6.73 -21.42 46.21
C TYR F 258 5.95 -22.34 47.14
N LYS F 259 4.78 -22.82 46.71
CA LYS F 259 3.93 -23.75 47.45
C LYS F 259 4.67 -25.01 47.88
N ASN F 260 5.41 -25.65 46.99
CA ASN F 260 6.22 -26.83 47.34
C ASN F 260 7.27 -26.53 48.41
N ARG F 261 7.83 -25.32 48.47
CA ARG F 261 8.83 -24.92 49.46
C ARG F 261 8.20 -24.62 50.82
N LEU F 262 7.07 -23.89 50.86
CA LEU F 262 6.27 -23.69 52.07
C LEU F 262 5.86 -25.01 52.74
N ASP F 263 5.40 -25.98 51.95
CA ASP F 263 5.00 -27.30 52.44
C ASP F 263 6.16 -28.14 53.00
N ALA F 264 7.37 -28.04 52.45
CA ALA F 264 8.56 -28.67 53.04
C ALA F 264 9.04 -27.94 54.30
N CYS F 265 8.92 -26.61 54.30
CA CYS F 265 9.38 -25.74 55.38
C CYS F 265 8.67 -26.08 56.70
N LYS F 266 7.33 -26.19 56.68
CA LYS F 266 6.58 -26.63 57.87
C LYS F 266 6.88 -28.08 58.29
N ARG F 267 7.10 -29.00 57.35
CA ARG F 267 7.59 -30.36 57.65
C ARG F 267 8.93 -30.36 58.38
N ILE F 268 9.90 -29.55 57.95
CA ILE F 268 11.22 -29.48 58.63
C ILE F 268 11.06 -28.92 60.04
N ASN F 269 10.27 -27.84 60.20
CA ASN F 269 9.96 -27.27 61.50
C ASN F 269 9.24 -28.26 62.43
N GLU F 270 8.40 -29.15 61.90
CA GLU F 270 7.69 -30.15 62.67
C GLU F 270 8.57 -31.37 63.04
N MET F 271 9.46 -31.85 62.15
CA MET F 271 10.37 -32.98 62.44
C MET F 271 11.60 -32.59 63.28
N PHE F 272 12.01 -31.32 63.30
CA PHE F 272 13.28 -30.91 63.93
C PHE F 272 13.22 -29.68 64.86
N GLY F 273 12.16 -28.87 64.83
CA GLY F 273 12.00 -27.71 65.70
C GLY F 273 12.89 -26.49 65.35
N LEU F 274 13.18 -26.28 64.07
CA LEU F 274 14.22 -25.33 63.61
C LEU F 274 13.75 -23.92 63.20
N ASN F 275 12.44 -23.67 63.08
CA ASN F 275 11.83 -22.40 62.63
C ASN F 275 12.41 -21.77 61.34
N LEU F 276 12.72 -22.59 60.34
CA LEU F 276 12.96 -22.14 58.96
C LEU F 276 11.76 -21.34 58.43
N GLU F 277 12.04 -20.34 57.61
CA GLU F 277 11.06 -19.62 56.78
C GLU F 277 11.63 -19.36 55.39
N VAL F 278 10.77 -19.29 54.38
CA VAL F 278 11.14 -19.10 52.97
C VAL F 278 10.27 -18.05 52.29
N GLU F 279 10.86 -17.23 51.45
CA GLU F 279 10.19 -16.10 50.79
C GLU F 279 10.60 -15.94 49.32
N LYS F 280 9.71 -15.37 48.51
CA LYS F 280 10.02 -14.92 47.15
C LYS F 280 10.93 -13.70 47.16
N VAL F 281 11.84 -13.60 46.22
CA VAL F 281 12.71 -12.43 46.05
C VAL F 281 12.05 -11.46 45.08
N VAL F 282 11.28 -10.49 45.60
CA VAL F 282 10.73 -9.37 44.81
C VAL F 282 11.82 -8.31 44.54
N ASN F 283 12.75 -8.15 45.48
CA ASN F 283 13.99 -7.36 45.38
C ASN F 283 15.11 -8.08 46.13
N LEU F 284 16.37 -7.93 45.68
CA LEU F 284 17.52 -8.64 46.29
C LEU F 284 17.85 -8.05 47.65
N LEU F 285 18.09 -6.74 47.72
CA LEU F 285 18.23 -6.01 48.97
C LEU F 285 16.86 -5.73 49.61
N GLU F 286 16.82 -5.80 50.93
CA GLU F 286 15.60 -5.57 51.72
C GLU F 286 15.20 -4.09 51.82
N VAL F 287 16.19 -3.20 51.93
CA VAL F 287 16.01 -1.74 52.09
C VAL F 287 17.23 -0.95 51.60
N ILE G 14 48.50 2.51 13.39
CA ILE G 14 47.26 2.74 12.63
C ILE G 14 47.59 3.38 11.26
N LEU G 15 46.63 3.99 10.57
CA LEU G 15 46.79 4.69 9.28
C LEU G 15 47.19 3.84 8.04
N LEU G 16 47.29 2.53 8.14
CA LEU G 16 47.54 1.62 7.01
C LEU G 16 46.36 1.55 6.01
N LYS G 17 46.60 1.10 4.79
CA LYS G 17 45.54 0.78 3.84
C LYS G 17 44.70 -0.44 4.28
N ASN G 18 43.38 -0.32 4.19
CA ASN G 18 42.39 -1.39 4.38
C ASN G 18 42.46 -2.11 5.75
N ASP G 19 42.87 -1.38 6.79
CA ASP G 19 42.90 -1.82 8.18
C ASP G 19 42.73 -0.65 9.15
N VAL G 20 42.34 -0.94 10.38
CA VAL G 20 42.32 -0.02 11.50
C VAL G 20 42.60 -0.78 12.81
N PHE G 21 43.14 -0.11 13.82
CA PHE G 21 43.36 -0.64 15.16
C PHE G 21 42.06 -0.58 15.99
N MET G 22 40.99 -1.17 15.45
CA MET G 22 39.61 -0.98 15.89
C MET G 22 39.32 -1.51 17.31
N VAL G 23 39.98 -2.60 17.74
CA VAL G 23 39.74 -3.25 19.03
C VAL G 23 39.85 -2.28 20.20
N ASP G 24 40.92 -1.50 20.26
CA ASP G 24 41.22 -0.61 21.39
C ASP G 24 40.13 0.44 21.66
N ARG G 25 39.65 1.10 20.60
CA ARG G 25 38.60 2.11 20.67
C ARG G 25 37.36 1.60 21.39
N TYR G 26 36.95 0.36 21.15
CA TYR G 26 35.76 -0.21 21.77
C TYR G 26 36.05 -0.86 23.12
N TYR G 27 37.18 -1.55 23.25
CA TYR G 27 37.53 -2.28 24.47
C TYR G 27 37.73 -1.35 25.67
N ASP G 28 38.48 -0.26 25.49
CA ASP G 28 38.75 0.72 26.54
C ASP G 28 37.50 1.56 26.84
N TYR G 29 36.75 1.97 25.82
CA TYR G 29 35.52 2.72 26.00
C TYR G 29 34.44 1.95 26.78
N TYR G 30 34.20 0.68 26.48
CA TYR G 30 33.27 -0.13 27.27
C TYR G 30 33.85 -0.58 28.61
N SER G 31 35.16 -0.75 28.74
CA SER G 31 35.78 -0.92 30.06
C SER G 31 35.60 0.26 30.99
N ASN G 32 35.73 1.51 30.53
CA ASN G 32 35.46 2.68 31.37
C ASN G 32 34.06 2.64 31.97
N MET G 33 33.03 2.24 31.21
CA MET G 33 31.68 2.10 31.75
C MET G 33 31.59 0.98 32.79
N GLY G 34 32.09 -0.21 32.48
CA GLY G 34 32.01 -1.39 33.35
C GLY G 34 32.70 -1.23 34.70
N LEU G 35 33.82 -0.50 34.73
CA LEU G 35 34.57 -0.15 35.93
C LEU G 35 33.91 0.93 36.81
N ASN G 36 32.78 1.54 36.42
CA ASN G 36 32.14 2.64 37.14
C ASN G 36 30.71 2.34 37.63
N ARG G 37 30.34 1.08 37.87
CA ARG G 37 29.02 0.69 38.41
C ARG G 37 28.86 0.92 39.91
N PHE G 38 29.95 0.75 40.67
CA PHE G 38 29.99 0.76 42.12
C PHE G 38 31.14 1.60 42.66
N ARG G 39 31.04 2.08 43.90
CA ARG G 39 32.05 2.86 44.61
C ARG G 39 32.18 2.41 46.07
N TRP G 40 33.41 2.24 46.54
CA TRP G 40 33.74 1.82 47.90
C TRP G 40 34.31 3.02 48.67
N LYS G 41 33.71 3.45 49.80
CA LYS G 41 33.95 4.81 50.35
C LYS G 41 34.81 4.99 51.60
N ASN G 42 35.02 3.96 52.42
CA ASN G 42 36.00 3.96 53.52
C ASN G 42 36.96 2.79 53.30
N LEU G 43 38.27 3.02 53.26
CA LEU G 43 39.25 1.98 52.90
C LEU G 43 40.53 2.12 53.73
N PRO G 44 41.25 1.01 53.99
CA PRO G 44 42.59 1.05 54.57
C PRO G 44 43.56 2.02 53.87
N PRO G 45 44.65 2.44 54.54
CA PRO G 45 45.66 3.33 53.97
C PRO G 45 46.29 2.79 52.67
N GLY G 46 46.45 3.63 51.66
CA GLY G 46 47.15 3.34 50.42
C GLY G 46 46.35 2.54 49.38
N MET G 47 45.05 2.37 49.58
CA MET G 47 44.17 1.59 48.71
C MET G 47 43.00 2.43 48.19
N GLU G 48 42.60 2.20 46.93
CA GLU G 48 41.64 3.02 46.19
C GLU G 48 40.45 2.19 45.70
N SER G 49 39.27 2.80 45.55
CA SER G 49 38.05 2.11 45.11
C SER G 49 38.23 1.33 43.80
N ARG G 50 38.95 1.96 42.85
CA ARG G 50 39.33 1.37 41.56
C ARG G 50 40.08 0.03 41.67
N HIS G 51 40.89 -0.20 42.70
CA HIS G 51 41.66 -1.45 42.83
C HIS G 51 40.77 -2.67 43.09
N ILE G 52 39.75 -2.53 43.95
CA ILE G 52 38.79 -3.60 44.24
C ILE G 52 37.97 -3.90 42.98
N GLU G 53 37.45 -2.84 42.36
CA GLU G 53 36.55 -2.95 41.23
C GLU G 53 37.25 -3.52 39.99
N GLN G 54 38.52 -3.23 39.73
CA GLN G 54 39.20 -3.87 38.60
C GLN G 54 39.51 -5.35 38.83
N ALA G 55 39.73 -5.80 40.06
CA ALA G 55 39.85 -7.23 40.34
C ALA G 55 38.52 -7.97 40.14
N LEU G 56 37.40 -7.37 40.53
CA LEU G 56 36.07 -7.92 40.27
C LEU G 56 35.72 -7.90 38.79
N PHE G 57 36.09 -6.85 38.07
CA PHE G 57 35.81 -6.70 36.65
C PHE G 57 36.60 -7.68 35.76
N ASN G 58 37.88 -7.90 36.03
CA ASN G 58 38.76 -8.72 35.19
C ASN G 58 38.76 -10.21 35.52
N GLU G 59 38.55 -10.62 36.77
CA GLU G 59 38.60 -12.03 37.21
C GLU G 59 37.23 -12.54 37.71
N GLY G 60 36.30 -11.64 38.03
CA GLY G 60 34.97 -11.99 38.55
C GLY G 60 34.95 -12.29 40.04
N GLN G 61 36.11 -12.42 40.65
CA GLN G 61 36.30 -12.71 42.07
C GLN G 61 37.60 -12.09 42.58
N ALA G 62 37.62 -11.69 43.84
CA ALA G 62 38.75 -11.02 44.48
C ALA G 62 38.91 -11.52 45.92
N VAL G 63 40.11 -11.48 46.48
CA VAL G 63 40.39 -11.85 47.88
C VAL G 63 40.97 -10.66 48.65
N PHE G 64 40.35 -10.34 49.79
CA PHE G 64 40.72 -9.27 50.72
C PHE G 64 41.40 -9.87 51.96
N PHE G 65 42.62 -9.45 52.26
CA PHE G 65 43.43 -10.00 53.35
C PHE G 65 44.46 -9.00 53.90
N LYS G 66 44.89 -9.22 55.15
CA LYS G 66 45.97 -8.48 55.82
C LYS G 66 47.34 -8.91 55.28
N ASN G 67 48.20 -7.97 54.90
CA ASN G 67 49.55 -8.25 54.40
C ASN G 67 50.48 -8.73 55.54
N THR G 68 51.36 -9.67 55.23
CA THR G 68 52.41 -10.16 56.16
C THR G 68 53.84 -9.95 55.62
N ASP G 69 54.01 -9.81 54.29
CA ASP G 69 55.32 -9.64 53.65
C ASP G 69 55.83 -8.19 53.84
N PRO G 70 56.90 -7.96 54.64
CA PRO G 70 57.30 -6.62 55.05
C PRO G 70 57.88 -5.78 53.91
N ASN G 71 58.25 -6.42 52.82
CA ASN G 71 58.80 -5.78 51.63
C ASN G 71 57.74 -4.96 50.85
N GLU G 72 56.44 -5.20 51.09
CA GLU G 72 55.35 -4.56 50.37
C GLU G 72 54.69 -3.48 51.27
N PRO G 73 54.53 -2.24 50.79
CA PRO G 73 54.18 -1.07 51.61
C PRO G 73 52.68 -0.94 51.91
N TYR G 74 52.04 -2.04 52.29
CA TYR G 74 50.59 -2.14 52.46
C TYR G 74 50.22 -2.85 53.75
N GLY G 75 49.14 -2.39 54.38
CA GLY G 75 48.53 -3.03 55.53
C GLY G 75 47.55 -4.14 55.15
N PHE G 76 46.72 -3.87 54.15
CA PHE G 76 45.73 -4.76 53.57
C PHE G 76 45.82 -4.74 52.05
N LEU G 77 45.54 -5.87 51.42
CA LEU G 77 45.49 -6.03 49.96
C LEU G 77 44.14 -6.58 49.51
N CYS G 78 43.69 -6.19 48.32
CA CYS G 78 42.53 -6.79 47.65
C CYS G 78 42.91 -7.12 46.21
N LEU G 79 43.02 -8.40 45.87
CA LEU G 79 43.62 -8.87 44.61
C LEU G 79 42.73 -9.90 43.92
N PRO G 80 42.85 -10.13 42.60
CA PRO G 80 42.16 -11.24 41.94
C PRO G 80 42.50 -12.60 42.57
N CYS G 81 41.48 -13.45 42.67
CA CYS G 81 41.54 -14.70 43.40
C CYS G 81 41.61 -15.91 42.47
N ALA G 82 42.49 -16.87 42.72
CA ALA G 82 42.42 -18.22 42.16
C ALA G 82 42.18 -19.25 43.28
N PRO G 83 41.03 -19.95 43.35
CA PRO G 83 40.82 -20.98 44.36
C PRO G 83 41.69 -22.21 44.13
N SER G 84 42.06 -22.89 45.22
CA SER G 84 42.68 -24.23 45.15
C SER G 84 41.64 -25.30 44.80
N ASN G 85 42.08 -26.45 44.28
CA ASN G 85 41.18 -27.48 43.74
C ASN G 85 40.41 -28.32 44.79
N GLY G 86 40.72 -28.23 46.09
CA GLY G 86 39.99 -28.94 47.15
C GLY G 86 38.73 -28.21 47.60
N GLN G 87 37.69 -28.92 48.02
CA GLN G 87 36.37 -28.37 48.36
C GLN G 87 35.59 -29.17 49.41
N ASN G 88 34.66 -28.53 50.13
CA ASN G 88 33.76 -29.21 51.07
C ASN G 88 32.62 -30.01 50.38
N ILE G 89 31.70 -30.60 51.15
CA ILE G 89 30.52 -31.34 50.63
C ILE G 89 29.69 -30.54 49.61
N TYR G 90 29.49 -29.25 49.84
CA TYR G 90 28.73 -28.36 48.98
C TYR G 90 29.48 -27.91 47.71
N GLY G 91 30.80 -28.04 47.69
CA GLY G 91 31.66 -27.57 46.61
C GLY G 91 32.27 -26.19 46.83
N ASP G 92 32.27 -25.67 48.05
CA ASP G 92 33.02 -24.45 48.37
C ASP G 92 34.53 -24.75 48.41
N PRO G 93 35.41 -23.94 47.79
CA PRO G 93 36.84 -24.17 47.83
C PRO G 93 37.42 -23.97 49.24
N VAL G 94 38.34 -24.83 49.66
CA VAL G 94 38.88 -24.79 51.03
C VAL G 94 39.93 -23.69 51.25
N ASP G 95 40.64 -23.24 50.22
CA ASP G 95 41.68 -22.20 50.27
C ASP G 95 41.68 -21.31 49.01
N PHE G 96 42.21 -20.10 49.16
CA PHE G 96 42.21 -19.00 48.20
C PHE G 96 43.65 -18.55 47.89
N ASN G 97 43.98 -18.17 46.66
CA ASN G 97 45.31 -17.65 46.30
C ASN G 97 45.18 -16.25 45.71
N GLY G 98 45.88 -15.27 46.27
CA GLY G 98 45.85 -13.88 45.79
C GLY G 98 46.92 -13.63 44.73
N ILE G 99 46.53 -13.20 43.53
CA ILE G 99 47.50 -13.00 42.43
C ILE G 99 47.76 -11.50 42.23
N GLY G 100 49.02 -11.07 42.34
CA GLY G 100 49.46 -9.69 42.15
C GLY G 100 50.35 -9.52 40.91
N VAL G 101 50.62 -8.28 40.48
CA VAL G 101 51.64 -8.03 39.44
C VAL G 101 53.03 -8.32 40.03
N ASN G 102 53.78 -9.24 39.40
CA ASN G 102 55.07 -9.76 39.91
C ASN G 102 55.01 -10.39 41.31
N LYS G 103 53.85 -10.89 41.74
CA LYS G 103 53.63 -11.39 43.11
C LYS G 103 52.56 -12.49 43.15
N TYR G 104 52.59 -13.34 44.16
CA TYR G 104 51.67 -14.47 44.31
C TYR G 104 51.60 -14.86 45.79
N PHE G 105 50.43 -14.79 46.41
CA PHE G 105 50.23 -15.08 47.83
C PHE G 105 49.64 -16.49 47.99
N THR G 106 50.40 -17.37 48.63
CA THR G 106 50.04 -18.79 48.82
C THR G 106 48.90 -18.97 49.83
N ASN G 107 48.10 -20.01 49.64
CA ASN G 107 46.89 -20.44 50.36
C ASN G 107 46.49 -19.60 51.59
N LEU G 108 45.69 -18.57 51.34
CA LEU G 108 44.84 -17.88 52.32
C LEU G 108 43.58 -18.72 52.54
N SER G 109 42.82 -18.50 53.62
CA SER G 109 41.68 -19.36 53.97
C SER G 109 40.43 -18.57 54.36
N PRO G 110 39.24 -19.19 54.37
CA PRO G 110 38.01 -18.57 54.86
C PRO G 110 38.08 -18.15 56.34
N LEU G 111 39.07 -18.63 57.10
CA LEU G 111 39.30 -18.23 58.49
C LEU G 111 40.07 -16.91 58.62
N ASN G 112 40.82 -16.48 57.60
CA ASN G 112 41.71 -15.31 57.67
C ASN G 112 41.63 -14.33 56.47
N ALA G 113 40.73 -14.57 55.51
CA ALA G 113 40.50 -13.71 54.37
C ALA G 113 39.02 -13.75 53.96
N VAL G 114 38.58 -12.75 53.18
CA VAL G 114 37.24 -12.75 52.59
C VAL G 114 37.35 -12.80 51.07
N ARG G 115 36.69 -13.76 50.42
CA ARG G 115 36.52 -13.79 48.95
C ARG G 115 35.24 -13.05 48.52
N ILE G 116 35.40 -12.06 47.66
CA ILE G 116 34.34 -11.22 47.08
C ILE G 116 33.99 -11.74 45.68
N LEU G 117 32.71 -11.80 45.33
CA LEU G 117 32.25 -12.15 43.98
C LEU G 117 31.62 -10.94 43.27
N ASP G 118 31.78 -10.81 41.96
CA ASP G 118 30.97 -9.90 41.14
C ASP G 118 29.52 -10.38 41.03
N ASN G 119 29.34 -11.70 40.92
CA ASN G 119 28.08 -12.43 40.73
C ASN G 119 28.30 -13.88 41.18
N ASP G 120 27.25 -14.65 41.47
CA ASP G 120 27.38 -15.94 42.19
C ASP G 120 28.19 -17.04 41.49
N ASN G 121 28.26 -17.06 40.16
CA ASN G 121 29.13 -17.97 39.42
C ASN G 121 30.56 -17.45 39.25
N GLY G 122 30.86 -16.22 39.65
CA GLY G 122 32.17 -15.60 39.46
C GLY G 122 32.55 -15.40 37.98
N LEU G 123 31.57 -15.18 37.10
CA LEU G 123 31.78 -14.92 35.68
C LEU G 123 32.33 -13.50 35.50
N ALA G 124 33.52 -13.31 34.93
CA ALA G 124 34.10 -11.97 34.80
C ALA G 124 33.35 -11.10 33.76
N PRO G 125 32.96 -9.85 34.09
CA PRO G 125 32.37 -8.89 33.14
C PRO G 125 33.20 -8.60 31.88
N VAL G 126 34.52 -8.70 31.92
CA VAL G 126 35.37 -8.57 30.71
C VAL G 126 35.07 -9.60 29.62
N ARG G 127 34.55 -10.78 29.96
CA ARG G 127 34.25 -11.82 28.97
C ARG G 127 33.12 -11.44 28.03
N HIS G 128 32.16 -10.64 28.48
CA HIS G 128 31.14 -10.03 27.63
C HIS G 128 31.72 -8.97 26.69
N ILE G 129 32.57 -8.08 27.21
CA ILE G 129 33.20 -6.99 26.45
C ILE G 129 34.08 -7.56 25.35
N ALA G 130 34.91 -8.56 25.62
CA ALA G 130 35.78 -9.18 24.63
C ALA G 130 35.06 -9.80 23.42
N TYR G 131 33.90 -10.43 23.60
CA TYR G 131 33.07 -10.93 22.49
C TYR G 131 32.49 -9.78 21.64
N TYR G 132 31.88 -8.79 22.28
CA TYR G 132 31.24 -7.69 21.58
C TYR G 132 32.24 -6.75 20.90
N THR G 133 33.48 -6.60 21.38
CA THR G 133 34.48 -5.79 20.67
C THR G 133 34.96 -6.49 19.41
N TYR G 134 35.14 -7.81 19.45
CA TYR G 134 35.37 -8.58 18.25
C TYR G 134 34.24 -8.37 17.23
N LEU G 135 32.98 -8.49 17.62
CA LEU G 135 31.84 -8.29 16.73
C LEU G 135 31.76 -6.88 16.14
N MET G 136 31.90 -5.83 16.94
CA MET G 136 31.86 -4.45 16.45
C MET G 136 33.00 -4.10 15.51
N SER G 137 34.18 -4.69 15.67
CA SER G 137 35.28 -4.56 14.73
C SER G 137 35.01 -5.24 13.36
N GLN G 138 34.24 -6.33 13.33
CA GLN G 138 33.83 -7.00 12.09
C GLN G 138 32.72 -6.26 11.35
N ILE G 139 31.82 -5.60 12.07
CA ILE G 139 30.81 -4.71 11.48
C ILE G 139 31.48 -3.51 10.82
N GLU G 140 32.47 -2.89 11.47
CA GLU G 140 33.24 -1.81 10.89
C GLU G 140 33.94 -2.20 9.58
N MET G 141 34.62 -3.33 9.57
CA MET G 141 35.29 -3.81 8.37
C MET G 141 34.30 -4.02 7.22
N THR G 142 33.14 -4.59 7.50
CA THR G 142 32.05 -4.80 6.54
C THR G 142 31.46 -3.50 6.02
N ILE G 143 31.29 -2.47 6.85
CA ILE G 143 30.88 -1.12 6.45
C ILE G 143 31.87 -0.55 5.44
N ASN G 144 33.16 -0.62 5.72
CA ASN G 144 34.22 -0.09 4.89
C ASN G 144 34.36 -0.81 3.56
N MET G 145 34.25 -2.13 3.54
CA MET G 145 34.27 -2.90 2.32
C MET G 145 33.04 -2.64 1.45
N ASN G 146 31.84 -2.57 2.04
CA ASN G 146 30.63 -2.25 1.31
C ASN G 146 30.63 -0.83 0.74
N LEU G 147 31.15 0.17 1.46
CA LEU G 147 31.30 1.53 0.96
C LEU G 147 32.25 1.58 -0.24
N ASP G 148 33.41 0.93 -0.18
CA ASP G 148 34.35 0.91 -1.29
C ASP G 148 33.77 0.25 -2.55
N GLN G 149 32.97 -0.80 -2.37
CA GLN G 149 32.30 -1.50 -3.44
C GLN G 149 31.24 -0.67 -4.18
N GLN G 150 30.67 0.37 -3.58
CA GLN G 150 29.72 1.25 -4.28
C GLN G 150 30.35 2.07 -5.41
N LYS G 151 31.67 2.28 -5.40
CA LYS G 151 32.41 3.00 -6.44
C LYS G 151 32.46 2.28 -7.79
N PHE G 152 32.16 0.98 -7.85
CA PHE G 152 32.39 0.11 -9.01
C PHE G 152 31.15 -0.71 -9.45
N PRO G 153 30.00 -0.11 -9.80
CA PRO G 153 28.81 -0.86 -10.21
C PRO G 153 28.97 -1.64 -11.51
N ILE G 154 29.79 -1.17 -12.44
CA ILE G 154 30.10 -1.86 -13.69
C ILE G 154 31.55 -1.67 -14.05
N ILE G 155 32.13 -2.66 -14.72
CA ILE G 155 33.48 -2.60 -15.32
C ILE G 155 33.35 -2.92 -16.81
N ILE G 156 34.05 -2.21 -17.67
CA ILE G 156 34.01 -2.44 -19.13
C ILE G 156 35.31 -3.08 -19.58
N GLY G 157 35.23 -4.21 -20.29
CA GLY G 157 36.34 -4.78 -21.06
C GLY G 157 36.30 -4.32 -22.50
N ALA G 158 37.44 -3.93 -23.08
CA ALA G 158 37.52 -3.44 -24.45
C ALA G 158 38.81 -3.87 -25.16
N THR G 159 38.91 -3.65 -26.47
CA THR G 159 40.20 -3.68 -27.17
C THR G 159 41.04 -2.46 -26.78
N GLN G 160 42.34 -2.49 -27.02
CA GLN G 160 43.23 -1.38 -26.67
C GLN G 160 42.89 -0.06 -27.37
N LYS G 161 42.49 -0.08 -28.64
CA LYS G 161 42.08 1.14 -29.37
C LYS G 161 40.70 1.63 -28.96
N ASN G 162 39.77 0.71 -28.69
CA ASN G 162 38.49 1.06 -28.10
C ASN G 162 38.65 1.71 -26.72
N LYS G 163 39.52 1.21 -25.84
CA LYS G 163 39.79 1.79 -24.52
C LYS G 163 40.22 3.25 -24.63
N LEU G 164 41.17 3.52 -25.51
CA LEU G 164 41.66 4.86 -25.83
C LEU G 164 40.52 5.79 -26.29
N SER G 165 39.65 5.34 -27.20
CA SER G 165 38.52 6.14 -27.66
C SER G 165 37.49 6.44 -26.56
N MET G 166 37.29 5.56 -25.57
CA MET G 166 36.39 5.86 -24.46
C MET G 166 36.98 6.88 -23.46
N GLU G 167 38.29 6.86 -23.23
CA GLU G 167 38.95 7.86 -22.40
C GLU G 167 38.82 9.27 -22.96
N ASN G 168 38.82 9.43 -24.29
CA ASN G 168 38.56 10.71 -24.94
C ASN G 168 37.10 11.16 -24.76
N LEU G 169 36.12 10.25 -24.84
CA LEU G 169 34.73 10.57 -24.60
C LEU G 169 34.51 11.09 -23.16
N TYR G 170 35.11 10.47 -22.16
CA TYR G 170 35.02 10.90 -20.77
C TYR G 170 35.78 12.20 -20.46
N GLU G 171 36.94 12.43 -21.05
CA GLU G 171 37.75 13.62 -20.77
C GLU G 171 37.07 14.95 -21.16
N LYS G 172 36.01 14.87 -21.96
CA LYS G 172 35.16 15.98 -22.38
C LYS G 172 34.29 16.58 -21.26
N TYR G 173 33.71 15.76 -20.39
CA TYR G 173 32.71 16.18 -19.38
C TYR G 173 32.88 15.55 -17.99
N SER G 174 33.71 14.53 -17.84
CA SER G 174 33.90 13.79 -16.59
C SER G 174 35.02 14.39 -15.74
N SER G 175 34.92 14.20 -14.43
CA SER G 175 35.89 14.60 -13.44
C SER G 175 36.77 13.44 -12.95
N PHE G 176 36.47 12.20 -13.35
CA PHE G 176 37.23 10.99 -13.05
C PHE G 176 37.74 10.31 -14.35
N GLU G 177 38.40 9.17 -14.22
CA GLU G 177 38.69 8.22 -15.31
C GLU G 177 37.65 7.09 -15.39
N PRO G 178 37.24 6.64 -16.59
CA PRO G 178 36.29 5.54 -16.76
C PRO G 178 36.81 4.21 -16.17
N ASN G 179 35.88 3.34 -15.75
CA ASN G 179 36.21 2.01 -15.23
C ASN G 179 36.33 1.01 -16.38
N ILE G 180 37.38 1.14 -17.17
CA ILE G 180 37.61 0.37 -18.39
C ILE G 180 39.02 -0.24 -18.39
N LEU G 181 39.12 -1.48 -18.87
CA LEU G 181 40.38 -2.22 -19.01
C LEU G 181 40.47 -2.95 -20.35
N VAL G 182 41.67 -3.31 -20.78
CA VAL G 182 41.88 -4.17 -21.95
C VAL G 182 41.59 -5.62 -21.57
N ASP G 183 40.74 -6.29 -22.33
CA ASP G 183 40.58 -7.74 -22.24
C ASP G 183 41.41 -8.41 -23.34
N GLU G 184 42.40 -9.21 -22.95
CA GLU G 184 43.28 -9.94 -23.87
C GLU G 184 42.55 -10.94 -24.77
N LYS G 185 41.53 -11.67 -24.30
CA LYS G 185 40.74 -12.54 -25.18
C LYS G 185 39.95 -11.69 -26.18
N LEU G 186 39.36 -10.59 -25.74
CA LEU G 186 38.57 -9.71 -26.61
C LEU G 186 39.43 -9.10 -27.71
N ALA G 187 40.62 -8.61 -27.35
CA ALA G 187 41.61 -8.09 -28.28
C ALA G 187 42.20 -9.14 -29.23
N GLN G 188 42.44 -10.38 -28.77
CA GLN G 188 43.04 -11.45 -29.57
C GLN G 188 42.10 -11.98 -30.66
N ALA G 189 40.89 -12.40 -30.27
CA ALA G 189 40.03 -13.21 -31.11
C ALA G 189 39.57 -12.53 -32.40
N LEU G 190 39.59 -13.28 -33.50
CA LEU G 190 38.95 -12.91 -34.78
C LEU G 190 37.42 -13.13 -34.71
N GLN G 191 36.73 -12.80 -35.79
CA GLN G 191 35.29 -13.03 -35.97
C GLN G 191 34.44 -12.43 -34.82
N GLU G 192 33.41 -13.13 -34.32
CA GLU G 192 32.44 -12.62 -33.34
C GLU G 192 33.01 -12.30 -31.94
N GLY G 193 32.29 -11.46 -31.19
CA GLY G 193 32.73 -10.76 -29.98
C GLY G 193 32.86 -9.27 -30.23
N LYS G 194 32.23 -8.45 -29.37
CA LYS G 194 31.83 -7.08 -29.72
C LYS G 194 32.92 -6.01 -29.68
N GLY G 195 34.04 -6.20 -28.99
CA GLY G 195 35.05 -5.13 -28.80
C GLY G 195 34.79 -4.14 -27.65
N PHE G 196 33.62 -4.22 -27.03
CA PHE G 196 33.27 -3.72 -25.71
C PHE G 196 32.40 -4.78 -25.04
N ASP G 197 32.63 -5.13 -23.78
CA ASP G 197 31.67 -5.90 -22.98
C ASP G 197 31.64 -5.46 -21.51
N ALA G 198 30.43 -5.26 -20.97
CA ALA G 198 30.22 -4.74 -19.64
C ALA G 198 29.86 -5.85 -18.67
N LEU G 199 30.60 -6.02 -17.57
CA LEU G 199 30.28 -6.97 -16.51
C LEU G 199 29.74 -6.24 -15.29
N ASN G 200 28.52 -6.60 -14.90
CA ASN G 200 27.79 -6.00 -13.79
C ASN G 200 28.38 -6.47 -12.45
N THR G 201 29.01 -5.56 -11.71
CA THR G 201 29.69 -5.82 -10.45
C THR G 201 28.99 -5.14 -9.27
N GLN G 202 27.75 -4.69 -9.44
CA GLN G 202 26.97 -3.90 -8.48
C GLN G 202 26.66 -4.68 -7.19
N ALA G 203 27.22 -4.27 -6.06
CA ALA G 203 26.89 -4.77 -4.73
C ALA G 203 25.58 -4.15 -4.18
N PRO G 204 24.89 -4.80 -3.24
CA PRO G 204 23.76 -4.19 -2.53
C PRO G 204 24.20 -3.08 -1.57
N TYR G 205 23.37 -2.08 -1.36
CA TYR G 205 23.61 -1.01 -0.39
C TYR G 205 23.26 -1.49 1.03
N LEU G 206 24.23 -1.52 1.95
CA LEU G 206 24.06 -2.06 3.31
C LEU G 206 24.31 -1.07 4.45
N LEU G 207 24.73 0.17 4.20
CA LEU G 207 25.31 1.04 5.24
C LEU G 207 24.31 1.44 6.33
N ASP G 208 23.08 1.75 5.96
CA ASP G 208 21.92 2.00 6.81
C ASP G 208 21.59 0.82 7.75
N LYS G 209 21.57 -0.41 7.23
CA LYS G 209 21.33 -1.65 7.97
C LYS G 209 22.45 -2.01 8.94
N LEU G 210 23.71 -1.80 8.56
CA LEU G 210 24.88 -2.11 9.37
C LEU G 210 25.02 -1.17 10.56
N ALA G 211 24.66 0.10 10.41
CA ALA G 211 24.65 1.05 11.53
C ALA G 211 23.54 0.72 12.56
N ASP G 212 22.38 0.25 12.11
CA ASP G 212 21.33 -0.28 12.97
C ASP G 212 21.74 -1.52 13.77
N PHE G 213 22.40 -2.49 13.13
CA PHE G 213 22.85 -3.71 13.79
C PHE G 213 23.91 -3.43 14.85
N LYS G 214 24.82 -2.47 14.61
CA LYS G 214 25.80 -2.05 15.60
C LYS G 214 25.14 -1.51 16.86
N LYS G 215 24.07 -0.71 16.72
CA LYS G 215 23.28 -0.16 17.82
C LYS G 215 22.50 -1.23 18.59
N THR G 216 21.98 -2.22 17.88
CA THR G 216 21.40 -3.43 18.49
C THR G 216 22.42 -4.22 19.31
N CYS G 217 23.66 -4.37 18.84
CA CYS G 217 24.72 -5.06 19.57
C CYS G 217 25.18 -4.32 20.82
N GLU G 218 25.24 -2.99 20.76
CA GLU G 218 25.56 -2.15 21.91
C GLU G 218 24.55 -2.31 23.05
N ASN G 219 23.25 -2.36 22.76
CA ASN G 219 22.24 -2.52 23.81
C ASN G 219 22.29 -3.90 24.48
N GLU G 220 22.62 -4.95 23.73
CA GLU G 220 22.86 -6.27 24.27
C GLU G 220 24.02 -6.30 25.26
N LEU G 221 25.16 -5.70 24.92
CA LEU G 221 26.31 -5.57 25.82
C LEU G 221 25.95 -4.82 27.11
N LEU G 222 25.26 -3.69 27.02
CA LEU G 222 24.88 -2.92 28.20
C LEU G 222 23.91 -3.65 29.12
N THR G 223 23.08 -4.53 28.57
CA THR G 223 22.19 -5.40 29.35
C THR G 223 22.96 -6.48 30.12
N PHE G 224 23.95 -7.14 29.51
CA PHE G 224 24.80 -8.09 30.22
C PHE G 224 25.62 -7.44 31.34
N LEU G 225 25.95 -6.16 31.23
CA LEU G 225 26.65 -5.40 32.27
C LEU G 225 25.72 -4.81 33.34
N GLY G 226 24.40 -4.80 33.12
CA GLY G 226 23.40 -4.21 34.01
C GLY G 226 23.34 -2.68 34.00
N ILE G 227 23.89 -2.03 32.97
CA ILE G 227 24.20 -0.60 32.95
C ILE G 227 23.09 0.29 32.38
N ASN G 228 22.23 -0.23 31.50
CA ASN G 228 21.33 0.60 30.70
C ASN G 228 20.40 1.52 31.51
N ASN G 247 13.96 -3.39 31.01
CA ASN G 247 14.55 -2.70 32.16
C ASN G 247 14.47 -3.54 33.44
N SER G 248 13.52 -4.47 33.55
CA SER G 248 13.42 -5.41 34.67
C SER G 248 14.67 -6.30 34.77
N GLN G 249 15.14 -6.90 33.66
CA GLN G 249 16.36 -7.71 33.66
C GLN G 249 17.61 -6.87 33.93
N ILE G 250 17.67 -5.63 33.42
CA ILE G 250 18.79 -4.70 33.63
C ILE G 250 18.93 -4.34 35.12
N THR G 251 17.83 -3.93 35.75
CA THR G 251 17.80 -3.67 37.19
C THR G 251 18.18 -4.92 37.97
N PHE G 252 17.58 -6.06 37.68
CA PHE G 252 17.86 -7.34 38.35
C PHE G 252 19.33 -7.78 38.24
N VAL G 253 19.99 -7.53 37.12
CA VAL G 253 21.41 -7.80 36.94
C VAL G 253 22.28 -6.95 37.88
N LEU G 254 21.99 -5.65 37.99
CA LEU G 254 22.70 -4.75 38.89
C LEU G 254 22.37 -4.99 40.39
N GLU G 255 21.15 -5.43 40.70
CA GLU G 255 20.77 -5.82 42.07
C GLU G 255 21.55 -7.04 42.57
N MET G 256 21.69 -8.10 41.76
CA MET G 256 22.53 -9.25 42.10
C MET G 256 23.99 -8.84 42.30
N ALA G 257 24.49 -7.96 41.45
CA ALA G 257 25.85 -7.43 41.56
C ALA G 257 26.10 -6.61 42.83
N TYR G 258 25.10 -5.84 43.29
CA TYR G 258 25.17 -5.04 44.51
C TYR G 258 25.05 -5.89 45.77
N LYS G 259 24.10 -6.82 45.80
CA LYS G 259 23.88 -7.75 46.91
C LYS G 259 25.15 -8.53 47.28
N ASN G 260 25.84 -9.10 46.30
CA ASN G 260 27.10 -9.81 46.56
C ASN G 260 28.18 -8.91 47.19
N ARG G 261 28.21 -7.60 46.88
CA ARG G 261 29.17 -6.65 47.43
C ARG G 261 28.80 -6.24 48.85
N LEU G 262 27.53 -5.94 49.13
CA LEU G 262 27.02 -5.70 50.49
C LEU G 262 27.32 -6.86 51.45
N ASP G 263 27.12 -8.10 51.01
CA ASP G 263 27.39 -9.30 51.80
C ASP G 263 28.89 -9.53 52.09
N ALA G 264 29.79 -9.18 51.18
CA ALA G 264 31.23 -9.21 51.46
C ALA G 264 31.67 -8.04 52.36
N CYS G 265 31.04 -6.89 52.20
CA CYS G 265 31.36 -5.67 52.93
C CYS G 265 31.17 -5.86 54.44
N LYS G 266 30.03 -6.41 54.87
CA LYS G 266 29.81 -6.74 56.28
C LYS G 266 30.72 -7.85 56.81
N ARG G 267 31.08 -8.86 56.00
CA ARG G 267 32.11 -9.86 56.35
C ARG G 267 33.47 -9.21 56.61
N ILE G 268 33.93 -8.27 55.77
CA ILE G 268 35.22 -7.59 55.98
C ILE G 268 35.19 -6.76 57.26
N ASN G 269 34.10 -6.01 57.49
CA ASN G 269 33.90 -5.26 58.72
C ASN G 269 33.87 -6.14 59.97
N GLU G 270 33.35 -7.36 59.88
CA GLU G 270 33.29 -8.31 60.98
C GLU G 270 34.64 -9.02 61.24
N MET G 271 35.41 -9.40 60.21
CA MET G 271 36.73 -10.04 60.36
C MET G 271 37.87 -9.06 60.71
N PHE G 272 37.75 -7.77 60.40
CA PHE G 272 38.85 -6.81 60.52
C PHE G 272 38.54 -5.47 61.22
N GLY G 273 37.26 -5.10 61.40
CA GLY G 273 36.87 -3.87 62.07
C GLY G 273 37.11 -2.56 61.28
N LEU G 274 36.97 -2.61 59.95
CA LEU G 274 37.42 -1.53 59.05
C LEU G 274 36.35 -0.52 58.59
N ASN G 275 35.06 -0.75 58.85
CA ASN G 275 33.91 0.08 58.43
C ASN G 275 33.88 0.51 56.94
N LEU G 276 34.25 -0.40 56.03
CA LEU G 276 33.96 -0.28 54.60
C LEU G 276 32.46 -0.09 54.35
N GLU G 277 32.12 0.70 53.33
CA GLU G 277 30.78 0.81 52.76
C GLU G 277 30.86 0.87 51.23
N VAL G 278 29.83 0.38 50.55
CA VAL G 278 29.75 0.30 49.08
C VAL G 278 28.41 0.79 48.56
N GLU G 279 28.41 1.51 47.45
CA GLU G 279 27.23 2.14 46.87
C GLU G 279 27.18 2.02 45.34
N LYS G 280 25.97 2.04 44.77
CA LYS G 280 25.76 2.20 43.33
C LYS G 280 26.09 3.61 42.87
N VAL G 281 26.63 3.75 41.68
CA VAL G 281 26.93 5.06 41.07
C VAL G 281 25.73 5.47 40.21
N VAL G 282 24.79 6.22 40.79
CA VAL G 282 23.67 6.84 40.04
C VAL G 282 24.15 8.10 39.29
N ASN G 283 25.15 8.79 39.85
CA ASN G 283 25.91 9.89 39.24
C ASN G 283 27.37 9.82 39.70
N LEU G 284 28.32 10.24 38.87
CA LEU G 284 29.76 10.14 39.18
C LEU G 284 30.15 11.14 40.27
N LEU G 285 29.87 12.43 40.05
CA LEU G 285 29.99 13.45 41.06
C LEU G 285 28.81 13.43 42.04
N GLU G 286 29.11 13.70 43.31
CA GLU G 286 28.11 13.72 44.39
C GLU G 286 27.21 14.96 44.38
N VAL G 287 27.76 16.12 44.02
CA VAL G 287 27.06 17.41 44.01
C VAL G 287 27.72 18.41 43.05
N ILE H 14 45.28 21.87 -3.10
CA ILE H 14 43.91 21.47 -3.47
C ILE H 14 43.64 21.79 -4.95
N LEU H 15 42.38 21.85 -5.39
CA LEU H 15 41.94 22.19 -6.76
C LEU H 15 42.33 21.23 -7.91
N LEU H 16 42.97 20.10 -7.65
CA LEU H 16 43.28 19.07 -8.65
C LEU H 16 42.03 18.34 -9.18
N LYS H 17 42.14 17.69 -10.34
CA LYS H 17 41.10 16.80 -10.85
C LYS H 17 40.94 15.54 -9.97
N ASN H 18 39.69 15.18 -9.67
CA ASN H 18 39.28 13.94 -9.01
C ASN H 18 39.93 13.67 -7.64
N ASP H 19 40.26 14.74 -6.90
CA ASP H 19 40.78 14.71 -5.54
C ASP H 19 40.39 15.98 -4.77
N VAL H 20 40.45 15.90 -3.45
CA VAL H 20 40.34 17.04 -2.53
C VAL H 20 41.18 16.77 -1.28
N PHE H 21 41.64 17.83 -0.61
CA PHE H 21 42.36 17.77 0.67
C PHE H 21 41.37 17.60 1.85
N MET H 22 40.53 16.58 1.76
CA MET H 22 39.33 16.40 2.58
C MET H 22 39.61 16.20 4.08
N VAL H 23 40.72 15.56 4.44
CA VAL H 23 41.07 15.22 5.83
C VAL H 23 41.06 16.44 6.74
N ASP H 24 41.71 17.53 6.34
CA ASP H 24 41.89 18.73 7.17
C ASP H 24 40.58 19.40 7.59
N ARG H 25 39.64 19.54 6.64
CA ARG H 25 38.33 20.13 6.89
C ARG H 25 37.60 19.45 8.03
N TYR H 26 37.66 18.12 8.13
CA TYR H 26 36.97 17.38 9.17
C TYR H 26 37.80 17.23 10.46
N TYR H 27 39.10 17.02 10.32
CA TYR H 27 39.98 16.81 11.46
C TYR H 27 40.08 18.03 12.37
N ASP H 28 40.28 19.21 11.80
CA ASP H 28 40.36 20.47 12.55
C ASP H 28 39.01 20.90 13.09
N TYR H 29 37.94 20.75 12.31
CA TYR H 29 36.58 21.07 12.75
C TYR H 29 36.11 20.22 13.94
N TYR H 30 36.32 18.90 13.93
CA TYR H 30 36.00 18.07 15.09
C TYR H 30 37.00 18.21 16.23
N SER H 31 38.27 18.52 15.97
CA SER H 31 39.20 18.92 17.04
C SER H 31 38.79 20.18 17.78
N ASN H 32 38.30 21.23 17.12
CA ASN H 32 37.80 22.42 17.80
C ASN H 32 36.71 22.07 18.82
N MET H 33 35.79 21.18 18.49
CA MET H 33 34.76 20.74 19.44
C MET H 33 35.35 19.97 20.61
N GLY H 34 36.20 18.97 20.36
CA GLY H 34 36.79 18.11 21.38
C GLY H 34 37.66 18.85 22.40
N LEU H 35 38.38 19.89 21.96
CA LEU H 35 39.19 20.77 22.80
C LEU H 35 38.38 21.75 23.66
N ASN H 36 37.05 21.83 23.55
CA ASN H 36 36.21 22.80 24.26
C ASN H 36 35.16 22.19 25.21
N ARG H 37 35.40 20.99 25.76
CA ARG H 37 34.49 20.34 26.72
C ARG H 37 34.62 20.89 28.15
N PHE H 38 35.82 21.29 28.54
CA PHE H 38 36.19 21.70 29.89
C PHE H 38 37.01 22.99 29.90
N ARG H 39 37.02 23.70 31.02
CA ARG H 39 37.78 24.94 31.24
C ARG H 39 38.42 24.95 32.64
N TRP H 40 39.68 25.33 32.71
CA TRP H 40 40.46 25.42 33.95
C TRP H 40 40.68 26.90 34.32
N LYS H 41 40.25 27.38 35.50
CA LYS H 41 40.04 28.84 35.71
C LYS H 41 41.03 29.61 36.60
N ASN H 42 41.81 28.96 37.46
CA ASN H 42 42.95 29.58 38.17
C ASN H 42 44.20 28.77 37.85
N LEU H 43 45.27 29.41 37.37
CA LEU H 43 46.47 28.71 36.88
C LEU H 43 47.75 29.48 37.23
N PRO H 44 48.87 28.78 37.42
CA PRO H 44 50.19 29.40 37.54
C PRO H 44 50.51 30.42 36.42
N PRO H 45 51.47 31.35 36.65
CA PRO H 45 51.89 32.32 35.65
C PRO H 45 52.36 31.70 34.33
N GLY H 46 51.93 32.26 33.20
CA GLY H 46 52.39 31.89 31.86
C GLY H 46 51.75 30.64 31.27
N MET H 47 50.70 30.11 31.89
CA MET H 47 50.01 28.87 31.48
C MET H 47 48.52 29.11 31.22
N GLU H 48 47.97 28.44 30.20
CA GLU H 48 46.62 28.68 29.69
C GLU H 48 45.78 27.40 29.73
N SER H 49 44.45 27.51 29.86
CA SER H 49 43.53 26.37 29.94
C SER H 49 43.70 25.39 28.78
N ARG H 50 43.87 25.94 27.57
CA ARG H 50 44.13 25.19 26.34
C ARG H 50 45.35 24.26 26.41
N HIS H 51 46.41 24.59 27.15
CA HIS H 51 47.61 23.74 27.24
C HIS H 51 47.35 22.42 27.94
N ILE H 52 46.59 22.43 29.04
CA ILE H 52 46.23 21.22 29.78
C ILE H 52 45.32 20.35 28.91
N GLU H 53 44.30 20.97 28.33
CA GLU H 53 43.28 20.27 27.57
C GLU H 53 43.83 19.66 26.28
N GLN H 54 44.80 20.28 25.59
CA GLN H 54 45.39 19.63 24.42
C GLN H 54 46.29 18.45 24.77
N ALA H 55 46.96 18.44 25.93
CA ALA H 55 47.69 17.26 26.37
C ALA H 55 46.76 16.09 26.72
N LEU H 56 45.62 16.36 27.35
CA LEU H 56 44.59 15.37 27.61
C LEU H 56 43.92 14.86 26.33
N PHE H 57 43.67 15.76 25.37
CA PHE H 57 43.03 15.42 24.11
C PHE H 57 43.90 14.56 23.18
N ASN H 58 45.21 14.86 23.07
CA ASN H 58 46.10 14.19 22.12
C ASN H 58 46.77 12.93 22.66
N GLU H 59 47.03 12.81 23.97
CA GLU H 59 47.73 11.67 24.58
C GLU H 59 46.83 10.89 25.56
N GLY H 60 45.72 11.47 26.02
CA GLY H 60 44.80 10.85 26.97
C GLY H 60 45.25 10.97 28.42
N GLN H 61 46.48 11.39 28.66
CA GLN H 61 47.08 11.56 29.97
C GLN H 61 48.12 12.69 29.93
N ALA H 62 48.27 13.40 31.05
CA ALA H 62 49.17 14.53 31.19
C ALA H 62 49.83 14.52 32.57
N VAL H 63 51.02 15.10 32.71
CA VAL H 63 51.74 15.23 33.98
C VAL H 63 51.97 16.71 34.33
N PHE H 64 51.56 17.08 35.55
CA PHE H 64 51.69 18.42 36.13
C PHE H 64 52.81 18.43 37.18
N PHE H 65 53.81 19.29 37.00
CA PHE H 65 55.00 19.35 37.86
C PHE H 65 55.65 20.75 37.90
N LYS H 66 56.41 21.01 38.96
CA LYS H 66 57.24 22.22 39.14
C LYS H 66 58.49 22.14 38.27
N ASN H 67 58.79 23.18 37.49
CA ASN H 67 60.00 23.24 36.66
C ASN H 67 61.28 23.41 37.50
N THR H 68 62.36 22.77 37.08
CA THR H 68 63.70 22.92 37.69
C THR H 68 64.76 23.44 36.71
N ASP H 69 64.56 23.27 35.39
CA ASP H 69 65.50 23.69 34.35
C ASP H 69 65.44 25.22 34.15
N PRO H 70 66.49 26.00 34.51
CA PRO H 70 66.41 27.45 34.57
C PRO H 70 66.32 28.10 33.19
N ASN H 71 66.64 27.36 32.14
CA ASN H 71 66.61 27.81 30.76
C ASN H 71 65.17 28.00 30.24
N GLU H 72 64.17 27.42 30.91
CA GLU H 72 62.77 27.45 30.48
C GLU H 72 61.96 28.44 31.35
N PRO H 73 61.21 29.38 30.75
CA PRO H 73 60.65 30.54 31.46
C PRO H 73 59.33 30.24 32.19
N TYR H 74 59.29 29.13 32.92
CA TYR H 74 58.07 28.61 33.55
C TYR H 74 58.32 28.18 34.98
N GLY H 75 57.32 28.40 35.84
CA GLY H 75 57.30 27.91 37.22
C GLY H 75 56.77 26.49 37.34
N PHE H 76 55.69 26.20 36.62
CA PHE H 76 55.03 24.92 36.53
C PHE H 76 54.75 24.56 35.07
N LEU H 77 54.80 23.28 34.74
CA LEU H 77 54.47 22.74 33.42
C LEU H 77 53.39 21.68 33.51
N CYS H 78 52.56 21.57 32.48
CA CYS H 78 51.61 20.47 32.30
C CYS H 78 51.74 19.92 30.89
N LEU H 79 52.27 18.70 30.73
CA LEU H 79 52.69 18.13 29.45
C LEU H 79 52.13 16.73 29.23
N PRO H 80 52.02 16.22 28.00
CA PRO H 80 51.69 14.81 27.77
C PRO H 80 52.68 13.85 28.46
N CYS H 81 52.13 12.77 29.02
CA CYS H 81 52.85 11.85 29.88
C CYS H 81 53.16 10.53 29.17
N ALA H 82 54.38 10.02 29.28
CA ALA H 82 54.71 8.63 28.99
C ALA H 82 55.17 7.91 30.28
N PRO H 83 54.44 6.92 30.80
CA PRO H 83 54.89 6.17 31.99
C PRO H 83 56.10 5.28 31.70
N SER H 84 56.94 5.07 32.70
CA SER H 84 58.01 4.05 32.65
C SER H 84 57.42 2.64 32.82
N ASN H 85 58.14 1.61 32.38
CA ASN H 85 57.62 0.23 32.31
C ASN H 85 57.51 -0.51 33.67
N GLY H 86 58.06 0.02 34.77
CA GLY H 86 57.93 -0.58 36.11
C GLY H 86 56.62 -0.22 36.80
N GLN H 87 56.09 -1.10 37.64
CA GLN H 87 54.77 -0.95 38.28
C GLN H 87 54.64 -1.66 39.64
N ASN H 88 53.74 -1.20 40.51
CA ASN H 88 53.41 -1.86 41.77
C ASN H 88 52.54 -3.15 41.61
N ILE H 89 52.14 -3.78 42.71
CA ILE H 89 51.26 -4.99 42.71
C ILE H 89 49.97 -4.81 41.90
N TYR H 90 49.33 -3.64 41.97
CA TYR H 90 48.11 -3.31 41.26
C TYR H 90 48.31 -2.98 39.77
N GLY H 91 49.53 -2.68 39.36
CA GLY H 91 49.87 -2.24 38.01
C GLY H 91 49.90 -0.73 37.80
N ASP H 92 49.99 0.06 38.86
CA ASP H 92 50.26 1.49 38.74
C ASP H 92 51.72 1.73 38.35
N PRO H 93 52.03 2.60 37.36
CA PRO H 93 53.41 2.88 36.98
C PRO H 93 54.17 3.62 38.09
N VAL H 94 55.43 3.25 38.33
CA VAL H 94 56.22 3.84 39.44
C VAL H 94 56.77 5.23 39.15
N ASP H 95 56.98 5.61 37.88
CA ASP H 95 57.52 6.91 37.44
C ASP H 95 56.86 7.37 36.12
N PHE H 96 56.90 8.69 35.90
CA PHE H 96 56.25 9.44 34.83
C PHE H 96 57.28 10.24 34.02
N ASN H 97 57.13 10.37 32.71
CA ASN H 97 58.03 11.18 31.87
C ASN H 97 57.23 12.26 31.15
N GLY H 98 57.60 13.53 31.28
CA GLY H 98 56.91 14.65 30.63
C GLY H 98 57.52 14.95 29.26
N ILE H 99 56.73 14.90 28.20
CA ILE H 99 57.25 15.10 26.84
C ILE H 99 56.85 16.50 26.33
N GLY H 100 57.82 17.34 25.97
CA GLY H 100 57.62 18.68 25.42
C GLY H 100 58.06 18.81 23.96
N VAL H 101 57.71 19.91 23.28
CA VAL H 101 58.28 20.20 21.95
C VAL H 101 59.77 20.54 22.11
N ASN H 102 60.66 19.81 21.43
CA ASN H 102 62.13 19.90 21.58
C ASN H 102 62.65 19.67 23.00
N LYS H 103 61.92 18.94 23.86
CA LYS H 103 62.22 18.78 25.28
C LYS H 103 61.72 17.44 25.83
N TYR H 104 62.31 16.94 26.90
CA TYR H 104 61.98 15.65 27.50
C TYR H 104 62.41 15.66 28.98
N PHE H 105 61.48 15.50 29.91
CA PHE H 105 61.76 15.55 31.35
C PHE H 105 61.82 14.12 31.90
N THR H 106 62.99 13.73 32.41
CA THR H 106 63.28 12.39 32.92
C THR H 106 62.57 12.11 34.26
N ASN H 107 62.22 10.85 34.49
CA ASN H 107 61.48 10.25 35.61
C ASN H 107 61.07 11.20 36.75
N LEU H 108 59.91 11.81 36.61
CA LEU H 108 59.10 12.41 37.68
C LEU H 108 58.37 11.28 38.42
N SER H 109 57.85 11.51 39.63
CA SER H 109 57.26 10.45 40.46
C SER H 109 55.93 10.85 41.10
N PRO H 110 55.11 9.90 41.58
CA PRO H 110 53.89 10.19 42.32
C PRO H 110 54.14 10.98 43.62
N LEU H 111 55.39 11.07 44.10
CA LEU H 111 55.75 11.87 45.26
C LEU H 111 55.95 13.36 44.94
N ASN H 112 56.20 13.73 43.67
CA ASN H 112 56.55 15.10 43.27
C ASN H 112 55.82 15.65 42.03
N ALA H 113 54.90 14.88 41.45
CA ALA H 113 54.08 15.28 40.32
C ALA H 113 52.69 14.66 40.40
N VAL H 114 51.73 15.20 39.67
CA VAL H 114 50.39 14.61 39.52
C VAL H 114 50.15 14.20 38.07
N ARG H 115 49.79 12.94 37.82
CA ARG H 115 49.31 12.46 36.51
C ARG H 115 47.79 12.60 36.39
N ILE H 116 47.33 13.32 35.38
CA ILE H 116 45.93 13.58 35.05
C ILE H 116 45.50 12.63 33.93
N LEU H 117 44.30 12.07 34.01
CA LEU H 117 43.71 11.23 32.94
C LEU H 117 42.51 11.93 32.29
N ASP H 118 42.30 11.76 30.98
CA ASP H 118 41.03 12.11 30.33
C ASP H 118 39.90 11.16 30.76
N ASN H 119 40.23 9.87 30.92
CA ASN H 119 39.36 8.75 31.25
C ASN H 119 40.22 7.62 31.83
N ASP H 120 39.66 6.65 32.56
CA ASP H 120 40.45 5.71 33.39
C ASP H 120 41.44 4.80 32.65
N ASN H 121 41.20 4.47 31.38
CA ASN H 121 42.16 3.72 30.57
C ASN H 121 43.19 4.63 29.87
N GLY H 122 43.07 5.96 29.96
CA GLY H 122 43.94 6.89 29.27
C GLY H 122 43.85 6.80 27.75
N LEU H 123 42.70 6.45 27.19
CA LEU H 123 42.45 6.39 25.75
C LEU H 123 42.34 7.81 25.19
N ALA H 124 43.19 8.23 24.25
CA ALA H 124 43.15 9.60 23.73
C ALA H 124 41.90 9.87 22.86
N PRO H 125 41.13 10.96 23.09
CA PRO H 125 40.01 11.37 22.24
C PRO H 125 40.33 11.59 20.75
N VAL H 126 41.56 11.95 20.39
CA VAL H 126 41.99 12.03 18.97
C VAL H 126 41.88 10.71 18.21
N ARG H 127 41.95 9.56 18.87
CA ARG H 127 41.86 8.25 18.21
C ARG H 127 40.49 7.97 17.62
N HIS H 128 39.43 8.50 18.22
CA HIS H 128 38.08 8.50 17.65
C HIS H 128 37.96 9.39 16.42
N ILE H 129 38.49 10.62 16.51
CA ILE H 129 38.46 11.62 15.43
C ILE H 129 39.20 11.11 14.20
N ALA H 130 40.39 10.54 14.35
CA ALA H 130 41.18 10.01 13.25
C ALA H 130 40.49 8.89 12.44
N TYR H 131 39.75 7.98 13.07
CA TYR H 131 38.95 6.97 12.37
C TYR H 131 37.79 7.59 11.58
N TYR H 132 37.01 8.46 12.21
CA TYR H 132 35.85 9.05 11.59
C TYR H 132 36.20 10.07 10.49
N THR H 133 37.36 10.73 10.52
CA THR H 133 37.76 11.61 9.42
C THR H 133 38.18 10.81 8.20
N TYR H 134 38.85 9.68 8.38
CA TYR H 134 39.09 8.74 7.31
C TYR H 134 37.77 8.29 6.68
N LEU H 135 36.78 7.87 7.46
CA LEU H 135 35.48 7.43 6.96
C LEU H 135 34.72 8.53 6.21
N MET H 136 34.62 9.74 6.74
CA MET H 136 33.92 10.85 6.08
C MET H 136 34.58 11.30 4.78
N SER H 137 35.90 11.19 4.66
CA SER H 137 36.60 11.43 3.41
C SER H 137 36.32 10.36 2.32
N GLN H 138 36.06 9.12 2.70
CA GLN H 138 35.66 8.04 1.78
C GLN H 138 34.21 8.16 1.32
N ILE H 139 33.32 8.64 2.18
CA ILE H 139 31.94 8.95 1.80
C ILE H 139 31.91 10.09 0.78
N GLU H 140 32.69 11.15 0.98
CA GLU H 140 32.81 12.24 0.02
C GLU H 140 33.29 11.77 -1.35
N MET H 141 34.34 10.97 -1.41
CA MET H 141 34.84 10.43 -2.66
C MET H 141 33.77 9.62 -3.40
N THR H 142 33.02 8.79 -2.68
CA THR H 142 31.92 7.99 -3.21
C THR H 142 30.76 8.84 -3.70
N ILE H 143 30.40 9.93 -3.04
CA ILE H 143 29.41 10.91 -3.50
C ILE H 143 29.83 11.49 -4.84
N ASN H 144 31.07 11.92 -4.97
CA ASN H 144 31.62 12.55 -6.16
C ASN H 144 31.72 11.59 -7.34
N MET H 145 32.13 10.35 -7.12
CA MET H 145 32.16 9.33 -8.16
C MET H 145 30.75 8.94 -8.62
N ASN H 146 29.82 8.76 -7.70
CA ASN H 146 28.44 8.45 -8.05
C ASN H 146 27.75 9.59 -8.81
N LEU H 147 27.99 10.86 -8.45
CA LEU H 147 27.48 12.01 -9.18
C LEU H 147 28.02 12.06 -10.61
N ASP H 148 29.31 11.86 -10.82
CA ASP H 148 29.90 11.87 -12.15
C ASP H 148 29.35 10.75 -13.05
N GLN H 149 29.09 9.59 -12.46
CA GLN H 149 28.52 8.44 -13.14
C GLN H 149 27.08 8.64 -13.63
N GLN H 150 26.30 9.56 -13.06
CA GLN H 150 24.95 9.86 -13.55
C GLN H 150 24.93 10.51 -14.93
N LYS H 151 26.02 11.14 -15.37
CA LYS H 151 26.16 11.76 -16.69
C LYS H 151 26.17 10.78 -17.85
N PHE H 152 26.40 9.48 -17.61
CA PHE H 152 26.67 8.47 -18.64
C PHE H 152 25.79 7.20 -18.53
N PRO H 153 24.45 7.27 -18.60
CA PRO H 153 23.59 6.08 -18.47
C PRO H 153 23.73 5.09 -19.63
N ILE H 154 24.07 5.54 -20.83
CA ILE H 154 24.31 4.68 -21.99
C ILE H 154 25.45 5.25 -22.82
N ILE H 155 26.20 4.37 -23.47
CA ILE H 155 27.24 4.71 -24.46
C ILE H 155 26.90 3.99 -25.76
N ILE H 156 27.03 4.64 -26.91
CA ILE H 156 26.75 4.03 -28.22
C ILE H 156 28.06 3.76 -28.95
N GLY H 157 28.26 2.53 -29.42
CA GLY H 157 29.29 2.17 -30.39
C GLY H 157 28.74 2.20 -31.81
N ALA H 158 29.47 2.78 -32.76
CA ALA H 158 29.02 2.88 -34.15
C ALA H 158 30.19 2.74 -35.15
N THR H 159 29.88 2.62 -36.44
CA THR H 159 30.88 2.85 -37.51
C THR H 159 31.23 4.34 -37.59
N GLN H 160 32.35 4.68 -38.22
CA GLN H 160 32.78 6.07 -38.34
C GLN H 160 31.79 6.96 -39.10
N LYS H 161 31.15 6.48 -40.17
CA LYS H 161 30.14 7.25 -40.91
C LYS H 161 28.82 7.35 -40.16
N ASN H 162 28.42 6.28 -39.47
CA ASN H 162 27.28 6.33 -38.58
C ASN H 162 27.48 7.34 -37.44
N LYS H 163 28.66 7.40 -36.80
CA LYS H 163 28.98 8.36 -35.75
C LYS H 163 28.76 9.80 -36.22
N LEU H 164 29.31 10.13 -37.37
CA LEU H 164 29.13 11.42 -38.04
C LEU H 164 27.64 11.76 -38.26
N SER H 165 26.84 10.83 -38.77
CA SER H 165 25.41 11.06 -38.97
C SER H 165 24.63 11.27 -37.66
N MET H 166 25.03 10.67 -36.54
CA MET H 166 24.38 10.94 -35.25
C MET H 166 24.73 12.32 -34.67
N GLU H 167 25.95 12.80 -34.86
CA GLU H 167 26.35 14.14 -34.44
C GLU H 167 25.55 15.23 -35.15
N ASN H 168 25.18 15.03 -36.42
CA ASN H 168 24.28 15.93 -37.14
C ASN H 168 22.85 15.90 -36.60
N LEU H 169 22.32 14.73 -36.21
CA LEU H 169 21.01 14.62 -35.61
C LEU H 169 20.94 15.40 -34.27
N TYR H 170 21.96 15.30 -33.43
CA TYR H 170 22.03 16.03 -32.16
C TYR H 170 22.27 17.53 -32.32
N GLU H 171 23.08 17.98 -33.27
CA GLU H 171 23.40 19.40 -33.45
C GLU H 171 22.17 20.26 -33.80
N LYS H 172 21.08 19.63 -34.21
CA LYS H 172 19.78 20.25 -34.51
C LYS H 172 19.03 20.80 -33.29
N TYR H 173 19.05 20.09 -32.15
CA TYR H 173 18.22 20.41 -30.97
C TYR H 173 18.94 20.26 -29.62
N SER H 174 20.13 19.65 -29.58
CA SER H 174 20.88 19.37 -28.35
C SER H 174 21.83 20.51 -28.00
N SER H 175 22.12 20.64 -26.71
CA SER H 175 23.07 21.59 -26.15
C SER H 175 24.42 20.96 -25.79
N PHE H 176 24.54 19.63 -25.87
CA PHE H 176 25.76 18.86 -25.65
C PHE H 176 26.18 18.09 -26.92
N GLU H 177 27.25 17.29 -26.82
CA GLU H 177 27.62 16.25 -27.79
C GLU H 177 27.12 14.86 -27.36
N PRO H 178 26.65 13.99 -28.27
CA PRO H 178 26.20 12.64 -27.97
C PRO H 178 27.32 11.76 -27.37
N ASN H 179 26.94 10.78 -26.55
CA ASN H 179 27.87 9.81 -25.96
C ASN H 179 28.11 8.65 -26.91
N ILE H 180 28.80 8.92 -28.01
CA ILE H 180 29.03 7.97 -29.10
C ILE H 180 30.51 7.87 -29.45
N LEU H 181 30.98 6.66 -29.74
CA LEU H 181 32.36 6.37 -30.15
C LEU H 181 32.41 5.39 -31.32
N VAL H 182 33.53 5.35 -32.04
CA VAL H 182 33.77 4.32 -33.07
C VAL H 182 34.18 3.02 -32.40
N ASP H 183 33.51 1.93 -32.73
CA ASP H 183 33.96 0.59 -32.37
C ASP H 183 34.70 -0.03 -33.56
N GLU H 184 35.99 -0.34 -33.37
CA GLU H 184 36.84 -0.94 -34.40
C GLU H 184 36.38 -2.33 -34.85
N LYS H 185 35.87 -3.20 -33.98
CA LYS H 185 35.29 -4.48 -34.43
C LYS H 185 34.03 -4.23 -35.25
N LEU H 186 33.17 -3.32 -34.81
CA LEU H 186 31.93 -3.02 -35.52
C LEU H 186 32.19 -2.46 -36.92
N ALA H 187 33.14 -1.53 -37.03
CA ALA H 187 33.60 -0.97 -38.30
C ALA H 187 34.31 -1.98 -39.20
N GLN H 188 35.13 -2.90 -38.65
CA GLN H 188 35.89 -3.89 -39.43
C GLN H 188 35.01 -4.97 -40.06
N ALA H 189 34.20 -5.63 -39.26
CA ALA H 189 33.55 -6.89 -39.64
C ALA H 189 32.57 -6.75 -40.82
N LEU H 190 32.62 -7.72 -41.74
CA LEU H 190 31.61 -7.93 -42.79
C LEU H 190 30.36 -8.61 -42.21
N GLN H 191 29.36 -8.84 -43.06
CA GLN H 191 28.13 -9.57 -42.73
C GLN H 191 27.41 -9.01 -41.48
N GLU H 192 26.88 -9.85 -40.58
CA GLU H 192 26.05 -9.44 -39.44
C GLU H 192 26.76 -8.59 -38.36
N GLY H 193 25.95 -7.89 -37.57
CA GLY H 193 26.36 -6.79 -36.68
C GLY H 193 25.83 -5.45 -37.18
N LYS H 194 25.15 -4.70 -36.31
CA LYS H 194 24.17 -3.68 -36.72
C LYS H 194 24.73 -2.34 -37.20
N GLY H 195 25.97 -1.96 -36.87
CA GLY H 195 26.49 -0.60 -37.18
C GLY H 195 26.13 0.50 -36.18
N PHE H 196 25.26 0.22 -35.22
CA PHE H 196 25.06 0.89 -33.95
C PHE H 196 24.86 -0.17 -32.88
N ASP H 197 25.51 -0.09 -31.72
CA ASP H 197 25.14 -0.89 -30.55
C ASP H 197 25.27 -0.12 -29.23
N ALA H 198 24.26 -0.20 -28.38
CA ALA H 198 24.18 0.56 -27.15
C ALA H 198 24.51 -0.32 -25.94
N LEU H 199 25.50 0.07 -25.13
CA LEU H 199 25.83 -0.62 -23.90
C LEU H 199 25.35 0.18 -22.69
N ASN H 200 24.49 -0.45 -21.88
CA ASN H 200 23.86 0.15 -20.71
C ASN H 200 24.89 0.26 -19.57
N THR H 201 25.26 1.49 -19.22
CA THR H 201 26.27 1.82 -18.20
C THR H 201 25.65 2.51 -16.99
N GLN H 202 24.33 2.46 -16.83
CA GLN H 202 23.55 3.17 -15.80
C GLN H 202 23.88 2.69 -14.38
N ALA H 203 24.48 3.55 -13.56
CA ALA H 203 24.69 3.35 -12.14
C ALA H 203 23.41 3.62 -11.31
N PRO H 204 23.27 3.05 -10.10
CA PRO H 204 22.20 3.41 -9.18
C PRO H 204 22.37 4.82 -8.60
N TYR H 205 21.28 5.50 -8.30
CA TYR H 205 21.31 6.80 -7.63
C TYR H 205 21.52 6.63 -6.12
N LEU H 206 22.61 7.16 -5.55
CA LEU H 206 22.99 6.98 -4.14
C LEU H 206 23.09 8.26 -3.31
N LEU H 207 22.91 9.46 -3.88
CA LEU H 207 23.33 10.70 -3.22
C LEU H 207 22.54 11.02 -1.94
N ASP H 208 21.23 10.80 -1.95
CA ASP H 208 20.29 10.87 -0.83
C ASP H 208 20.69 9.94 0.34
N LYS H 209 21.03 8.68 0.05
CA LYS H 209 21.48 7.66 1.02
C LYS H 209 22.85 7.96 1.63
N LEU H 210 23.79 8.47 0.83
CA LEU H 210 25.15 8.79 1.28
C LEU H 210 25.18 10.01 2.20
N ALA H 211 24.33 11.00 1.98
CA ALA H 211 24.19 12.15 2.87
C ALA H 211 23.59 11.75 4.24
N ASP H 212 22.63 10.82 4.26
CA ASP H 212 22.10 10.22 5.49
C ASP H 212 23.15 9.44 6.29
N PHE H 213 23.97 8.61 5.63
CA PHE H 213 24.99 7.83 6.31
C PHE H 213 26.08 8.71 6.92
N LYS H 214 26.45 9.82 6.26
CA LYS H 214 27.39 10.79 6.81
C LYS H 214 26.89 11.40 8.12
N LYS H 215 25.60 11.74 8.20
CA LYS H 215 24.92 12.26 9.39
C LYS H 215 24.83 11.23 10.52
N THR H 216 24.60 9.97 10.18
CA THR H 216 24.70 8.84 11.12
C THR H 216 26.11 8.67 11.69
N CYS H 217 27.16 8.82 10.89
CA CYS H 217 28.54 8.75 11.34
C CYS H 217 28.95 9.90 12.26
N GLU H 218 28.46 11.11 11.97
CA GLU H 218 28.69 12.27 12.81
C GLU H 218 28.12 12.10 14.23
N ASN H 219 26.92 11.56 14.37
CA ASN H 219 26.31 11.34 15.69
C ASN H 219 27.06 10.28 16.52
N GLU H 220 27.59 9.25 15.87
CA GLU H 220 28.45 8.26 16.52
C GLU H 220 29.73 8.89 17.09
N LEU H 221 30.43 9.73 16.31
CA LEU H 221 31.60 10.46 16.77
C LEU H 221 31.30 11.36 17.98
N LEU H 222 30.22 12.13 17.93
CA LEU H 222 29.85 13.02 19.04
C LEU H 222 29.49 12.26 20.33
N THR H 223 28.97 11.05 20.21
CA THR H 223 28.70 10.17 21.35
C THR H 223 29.98 9.65 21.99
N PHE H 224 30.98 9.22 21.21
CA PHE H 224 32.28 8.82 21.77
C PHE H 224 33.02 9.98 22.45
N LEU H 225 32.78 11.23 22.05
CA LEU H 225 33.35 12.42 22.68
C LEU H 225 32.54 12.92 23.89
N GLY H 226 31.31 12.43 24.10
CA GLY H 226 30.39 12.88 25.15
C GLY H 226 29.75 14.25 24.91
N ILE H 227 29.73 14.74 23.67
CA ILE H 227 29.44 16.14 23.33
C ILE H 227 27.97 16.42 23.02
N ASN H 228 27.20 15.43 22.54
CA ASN H 228 25.89 15.69 21.94
C ASN H 228 24.89 16.42 22.85
N ASN H 247 20.97 9.71 25.17
CA ASN H 247 21.50 10.82 25.96
C ASN H 247 22.06 10.37 27.31
N SER H 248 21.61 9.24 27.86
CA SER H 248 22.14 8.66 29.08
C SER H 248 23.62 8.28 28.93
N GLN H 249 24.02 7.61 27.84
CA GLN H 249 25.42 7.28 27.58
C GLN H 249 26.27 8.53 27.30
N ILE H 250 25.72 9.53 26.63
CA ILE H 250 26.41 10.81 26.32
C ILE H 250 26.73 11.57 27.61
N THR H 251 25.74 11.73 28.48
CA THR H 251 25.95 12.34 29.80
C THR H 251 26.96 11.54 30.60
N PHE H 252 26.80 10.23 30.70
CA PHE H 252 27.71 9.35 31.44
C PHE H 252 29.16 9.40 30.94
N VAL H 253 29.38 9.56 29.64
CA VAL H 253 30.71 9.73 29.08
C VAL H 253 31.38 11.04 29.55
N LEU H 254 30.64 12.15 29.54
CA LEU H 254 31.13 13.44 30.02
C LEU H 254 31.26 13.50 31.56
N GLU H 255 30.43 12.79 32.31
CA GLU H 255 30.56 12.66 33.76
C GLU H 255 31.85 11.95 34.18
N MET H 256 32.21 10.83 33.55
CA MET H 256 33.48 10.14 33.78
C MET H 256 34.67 11.06 33.45
N ALA H 257 34.58 11.80 32.35
CA ALA H 257 35.59 12.75 31.95
C ALA H 257 35.79 13.91 32.94
N TYR H 258 34.71 14.40 33.55
CA TYR H 258 34.74 15.47 34.54
C TYR H 258 35.27 14.99 35.90
N LYS H 259 34.80 13.84 36.37
CA LYS H 259 35.22 13.22 37.63
C LYS H 259 36.73 13.02 37.70
N ASN H 260 37.35 12.48 36.65
CA ASN H 260 38.82 12.33 36.61
C ASN H 260 39.57 13.67 36.73
N ARG H 261 39.01 14.77 36.22
CA ARG H 261 39.62 16.10 36.28
C ARG H 261 39.46 16.73 37.67
N LEU H 262 38.28 16.65 38.28
CA LEU H 262 38.04 17.05 39.67
C LEU H 262 39.00 16.36 40.66
N ASP H 263 39.19 15.05 40.50
CA ASP H 263 40.10 14.27 41.34
C ASP H 263 41.58 14.63 41.18
N ALA H 264 42.04 15.01 39.99
CA ALA H 264 43.39 15.53 39.79
C ALA H 264 43.54 16.97 40.33
N CYS H 265 42.49 17.77 40.20
CA CYS H 265 42.46 19.16 40.59
C CYS H 265 42.71 19.32 42.09
N LYS H 266 42.01 18.55 42.94
CA LYS H 266 42.28 18.54 44.38
C LYS H 266 43.66 17.99 44.76
N ARG H 267 44.17 16.99 44.05
CA ARG H 267 45.56 16.52 44.20
C ARG H 267 46.58 17.62 43.92
N ILE H 268 46.43 18.41 42.85
CA ILE H 268 47.36 19.50 42.53
C ILE H 268 47.30 20.58 43.61
N ASN H 269 46.09 20.96 44.05
CA ASN H 269 45.90 21.90 45.15
C ASN H 269 46.53 21.42 46.47
N GLU H 270 46.51 20.11 46.73
CA GLU H 270 47.09 19.53 47.93
C GLU H 270 48.63 19.39 47.87
N MET H 271 49.22 19.04 46.71
CA MET H 271 50.68 18.93 46.54
C MET H 271 51.39 20.29 46.35
N PHE H 272 50.71 21.34 45.90
CA PHE H 272 51.35 22.61 45.52
C PHE H 272 50.70 23.90 46.06
N GLY H 273 49.45 23.86 46.57
CA GLY H 273 48.78 25.03 47.13
C GLY H 273 48.30 26.08 46.11
N LEU H 274 47.88 25.65 44.92
CA LEU H 274 47.65 26.53 43.77
C LEU H 274 46.19 26.98 43.51
N ASN H 275 45.20 26.40 44.20
CA ASN H 275 43.75 26.66 44.03
C ASN H 275 43.21 26.65 42.58
N LEU H 276 43.68 25.71 41.76
CA LEU H 276 43.05 25.35 40.48
C LEU H 276 41.57 24.96 40.69
N GLU H 277 40.72 25.29 39.73
CA GLU H 277 39.35 24.80 39.60
C GLU H 277 39.05 24.48 38.13
N VAL H 278 38.17 23.51 37.89
CA VAL H 278 37.79 23.03 36.56
C VAL H 278 36.28 22.89 36.41
N GLU H 279 35.75 23.26 35.26
CA GLU H 279 34.31 23.27 34.99
C GLU H 279 33.95 22.76 33.59
N LYS H 280 32.74 22.22 33.43
CA LYS H 280 32.15 21.91 32.13
C LYS H 280 31.78 23.18 31.37
N VAL H 281 31.93 23.18 30.06
CA VAL H 281 31.54 24.29 29.20
C VAL H 281 30.11 24.04 28.71
N VAL H 282 29.12 24.56 29.43
CA VAL H 282 27.70 24.56 28.98
C VAL H 282 27.46 25.66 27.92
N ASN H 283 28.20 26.78 28.02
CA ASN H 283 28.31 27.86 27.04
C ASN H 283 29.75 28.40 27.03
N LEU H 284 30.23 28.88 25.88
CA LEU H 284 31.63 29.35 25.74
C LEU H 284 31.83 30.67 26.47
N LEU H 285 31.02 31.68 26.15
CA LEU H 285 30.96 32.93 26.91
C LEU H 285 30.15 32.76 28.20
N GLU H 286 30.60 33.44 29.25
CA GLU H 286 29.97 33.41 30.58
C GLU H 286 28.66 34.23 30.65
N VAL H 287 28.62 35.37 29.97
CA VAL H 287 27.49 36.31 29.97
C VAL H 287 27.46 37.18 28.70
N ILE I 14 30.97 34.00 -20.56
CA ILE I 14 29.82 33.09 -20.41
C ILE I 14 29.10 32.91 -21.77
N LEU I 15 27.87 32.42 -21.79
CA LEU I 15 27.02 32.23 -22.98
C LEU I 15 27.47 31.18 -24.04
N LEU I 16 28.56 30.44 -23.81
CA LEU I 16 29.00 29.35 -24.69
C LEU I 16 28.04 28.14 -24.68
N LYS I 17 28.13 27.28 -25.70
CA LYS I 17 27.43 25.99 -25.71
C LYS I 17 27.99 25.03 -24.64
N ASN I 18 27.09 24.37 -23.91
CA ASN I 18 27.37 23.28 -22.97
C ASN I 18 28.37 23.62 -21.85
N ASP I 19 28.42 24.88 -21.43
CA ASP I 19 29.20 25.38 -20.31
C ASP I 19 28.55 26.62 -19.67
N VAL I 20 28.94 26.91 -18.43
CA VAL I 20 28.61 28.13 -17.71
C VAL I 20 29.75 28.50 -16.76
N PHE I 21 29.90 29.80 -16.46
CA PHE I 21 30.86 30.31 -15.47
C PHE I 21 30.31 30.15 -14.04
N MET I 22 29.94 28.92 -13.69
CA MET I 22 29.14 28.58 -12.52
C MET I 22 29.81 28.88 -11.17
N VAL I 23 31.15 28.76 -11.08
CA VAL I 23 31.91 28.93 -9.83
C VAL I 23 31.63 30.27 -9.17
N ASP I 24 31.70 31.37 -9.92
CA ASP I 24 31.58 32.74 -9.39
C ASP I 24 30.25 33.01 -8.68
N ARG I 25 29.14 32.59 -9.30
CA ARG I 25 27.79 32.75 -8.75
C ARG I 25 27.68 32.19 -7.34
N TYR I 26 28.28 31.04 -7.06
CA TYR I 26 28.20 30.41 -5.75
C TYR I 26 29.29 30.89 -4.80
N TYR I 27 30.51 31.10 -5.29
CA TYR I 27 31.64 31.49 -4.47
C TYR I 27 31.46 32.87 -3.83
N ASP I 28 31.03 33.86 -4.62
CA ASP I 28 30.79 35.22 -4.14
C ASP I 28 29.54 35.31 -3.28
N TYR I 29 28.47 34.60 -3.64
CA TYR I 29 27.24 34.57 -2.87
C TYR I 29 27.43 33.94 -1.47
N TYR I 30 28.13 32.83 -1.34
CA TYR I 30 28.45 32.27 -0.01
C TYR I 30 29.54 33.03 0.71
N SER I 31 30.49 33.66 0.02
CA SER I 31 31.41 34.61 0.67
C SER I 31 30.72 35.81 1.29
N ASN I 32 29.72 36.43 0.66
CA ASN I 32 28.97 37.52 1.28
C ASN I 32 28.37 37.12 2.62
N MET I 33 27.82 35.91 2.74
CA MET I 33 27.30 35.42 4.02
C MET I 33 28.41 35.23 5.06
N GLY I 34 29.49 34.54 4.70
CA GLY I 34 30.59 34.22 5.61
C GLY I 34 31.32 35.44 6.19
N LEU I 35 31.45 36.51 5.39
CA LEU I 35 32.01 37.79 5.77
C LEU I 35 31.11 38.64 6.68
N ASN I 36 29.87 38.25 6.98
CA ASN I 36 28.90 39.03 7.76
C ASN I 36 28.44 38.38 9.07
N ARG I 37 29.25 37.51 9.70
CA ARG I 37 28.92 36.88 11.00
C ARG I 37 29.14 37.80 12.20
N PHE I 38 30.15 38.67 12.12
CA PHE I 38 30.64 39.51 13.21
C PHE I 38 30.86 40.95 12.76
N ARG I 39 30.85 41.90 13.69
CA ARG I 39 31.10 43.33 13.48
C ARG I 39 31.98 43.92 14.57
N TRP I 40 32.97 44.71 14.18
CA TRP I 40 33.92 45.36 15.09
C TRP I 40 33.62 46.88 15.12
N LYS I 41 33.31 47.47 16.29
CA LYS I 41 32.61 48.78 16.33
C LYS I 41 33.39 50.04 16.73
N ASN I 42 34.55 49.95 17.39
CA ASN I 42 35.47 51.07 17.60
C ASN I 42 36.83 50.67 17.03
N LEU I 43 37.42 51.47 16.15
CA LEU I 43 38.65 51.10 15.42
C LEU I 43 39.57 52.31 15.24
N PRO I 44 40.90 52.10 15.17
CA PRO I 44 41.84 53.14 14.77
C PRO I 44 41.47 53.88 13.46
N PRO I 45 42.02 55.09 13.23
CA PRO I 45 41.76 55.85 12.00
C PRO I 45 42.12 55.10 10.71
N GLY I 46 41.26 55.16 9.71
CA GLY I 46 41.50 54.64 8.37
C GLY I 46 41.28 53.12 8.21
N MET I 47 40.70 52.46 9.21
CA MET I 47 40.49 51.01 9.23
C MET I 47 39.00 50.66 9.42
N GLU I 48 38.54 49.60 8.75
CA GLU I 48 37.12 49.24 8.65
C GLU I 48 36.89 47.81 9.15
N SER I 49 35.70 47.51 9.68
CA SER I 49 35.34 46.19 10.22
C SER I 49 35.60 45.05 9.23
N ARG I 50 35.26 45.28 7.96
CA ARG I 50 35.50 44.37 6.84
C ARG I 50 36.97 43.94 6.67
N HIS I 51 37.95 44.79 6.99
CA HIS I 51 39.37 44.45 6.81
C HIS I 51 39.83 43.34 7.76
N ILE I 52 39.40 43.40 9.03
CA ILE I 52 39.73 42.37 10.03
C ILE I 52 39.07 41.05 9.64
N GLU I 53 37.78 41.12 9.32
CA GLU I 53 36.96 39.96 9.03
C GLU I 53 37.39 39.25 7.75
N GLN I 54 37.85 39.94 6.70
CA GLN I 54 38.36 39.24 5.52
C GLN I 54 39.71 38.56 5.75
N ALA I 55 40.57 39.08 6.62
CA ALA I 55 41.80 38.38 6.99
C ALA I 55 41.49 37.10 7.80
N LEU I 56 40.52 37.13 8.70
CA LEU I 56 40.06 35.95 9.43
C LEU I 56 39.36 34.94 8.51
N PHE I 57 38.56 35.41 7.56
CA PHE I 57 37.84 34.56 6.63
C PHE I 57 38.73 33.84 5.61
N ASN I 58 39.75 34.51 5.06
CA ASN I 58 40.60 33.95 4.00
C ASN I 58 41.81 33.17 4.49
N GLU I 59 42.39 33.50 5.64
CA GLU I 59 43.60 32.85 6.18
C GLU I 59 43.34 32.10 7.51
N GLY I 60 42.24 32.38 8.19
CA GLY I 60 41.88 31.77 9.47
C GLY I 60 42.57 32.40 10.67
N GLN I 61 43.55 33.26 10.43
CA GLN I 61 44.32 33.96 11.44
C GLN I 61 44.80 35.31 10.91
N ALA I 62 44.91 36.29 11.79
CA ALA I 62 45.29 37.66 11.47
C ALA I 62 46.22 38.23 12.55
N VAL I 63 47.08 39.18 12.22
CA VAL I 63 47.96 39.88 13.16
C VAL I 63 47.66 41.37 13.19
N PHE I 64 47.44 41.91 14.40
CA PHE I 64 47.17 43.31 14.70
C PHE I 64 48.40 43.97 15.32
N PHE I 65 48.92 45.04 14.71
CA PHE I 65 50.15 45.71 15.13
C PHE I 65 50.18 47.20 14.74
N LYS I 66 51.00 47.97 15.46
CA LYS I 66 51.30 49.38 15.17
C LYS I 66 52.26 49.50 13.98
N ASN I 67 51.94 50.35 12.99
CA ASN I 67 52.79 50.57 11.82
C ASN I 67 54.05 51.37 12.18
N THR I 68 55.17 51.04 11.54
CA THR I 68 56.45 51.77 11.68
C THR I 68 56.95 52.34 10.34
N ASP I 69 56.53 51.78 9.19
CA ASP I 69 56.96 52.20 7.85
C ASP I 69 56.26 53.52 7.45
N PRO I 70 56.97 54.65 7.35
CA PRO I 70 56.34 55.97 7.19
C PRO I 70 55.69 56.17 5.82
N ASN I 71 56.03 55.33 4.85
CA ASN I 71 55.49 55.36 3.50
C ASN I 71 54.02 54.91 3.44
N GLU I 72 53.51 54.22 4.48
CA GLU I 72 52.16 53.68 4.50
C GLU I 72 51.25 54.54 5.42
N PRO I 73 50.08 54.99 4.95
CA PRO I 73 49.29 56.04 5.61
C PRO I 73 48.40 55.52 6.76
N TYR I 74 48.97 54.69 7.63
CA TYR I 74 48.23 53.98 8.68
C TYR I 74 48.96 54.06 10.01
N GLY I 75 48.19 54.15 11.08
CA GLY I 75 48.68 54.07 12.46
C GLY I 75 48.79 52.63 12.96
N PHE I 76 47.78 51.83 12.67
CA PHE I 76 47.68 50.41 13.00
C PHE I 76 47.23 49.62 11.78
N LEU I 77 47.70 48.38 11.66
CA LEU I 77 47.32 47.44 10.60
C LEU I 77 46.78 46.14 11.20
N CYS I 78 45.85 45.49 10.51
CA CYS I 78 45.40 44.14 10.82
C CYS I 78 45.40 43.31 9.54
N LEU I 79 46.31 42.34 9.41
CA LEU I 79 46.61 41.63 8.16
C LEU I 79 46.62 40.11 8.36
N PRO I 80 46.44 39.29 7.32
CA PRO I 80 46.64 37.84 7.43
C PRO I 80 48.05 37.49 7.92
N CYS I 81 48.11 36.47 8.78
CA CYS I 81 49.32 36.10 9.51
C CYS I 81 49.95 34.82 8.95
N ALA I 82 51.27 34.79 8.75
CA ALA I 82 52.04 33.56 8.60
C ALA I 82 53.03 33.40 9.77
N PRO I 83 52.90 32.40 10.65
CA PRO I 83 53.85 32.19 11.72
C PRO I 83 55.22 31.70 11.21
N SER I 84 56.28 32.05 11.92
CA SER I 84 57.62 31.48 11.69
C SER I 84 57.69 30.05 12.26
N ASN I 85 58.63 29.23 11.78
CA ASN I 85 58.69 27.80 12.10
C ASN I 85 59.21 27.45 13.52
N GLY I 86 59.74 28.39 14.30
CA GLY I 86 60.17 28.15 15.68
C GLY I 86 59.04 28.24 16.69
N GLN I 87 59.09 27.47 17.78
CA GLN I 87 58.02 27.35 18.77
C GLN I 87 58.50 27.02 20.20
N ASN I 88 57.71 27.36 21.22
CA ASN I 88 57.98 26.99 22.62
C ASN I 88 57.68 25.50 22.93
N ILE I 89 57.82 25.07 24.19
CA ILE I 89 57.50 23.69 24.65
C ILE I 89 56.10 23.21 24.27
N TYR I 90 55.10 24.08 24.35
CA TYR I 90 53.71 23.78 24.03
C TYR I 90 53.42 23.76 22.51
N GLY I 91 54.29 24.34 21.69
CA GLY I 91 54.09 24.48 20.25
C GLY I 91 53.49 25.80 19.82
N ASP I 92 53.50 26.83 20.66
CA ASP I 92 53.14 28.19 20.23
C ASP I 92 54.26 28.78 19.37
N PRO I 93 53.97 29.41 18.21
CA PRO I 93 55.00 30.02 17.38
C PRO I 93 55.64 31.24 18.06
N VAL I 94 56.97 31.39 17.96
CA VAL I 94 57.70 32.47 18.65
C VAL I 94 57.57 33.84 17.98
N ASP I 95 57.32 33.91 16.68
CA ASP I 95 57.18 35.15 15.89
C ASP I 95 56.11 35.01 14.79
N PHE I 96 55.57 36.16 14.37
CA PHE I 96 54.44 36.34 13.45
C PHE I 96 54.86 37.19 12.25
N ASN I 97 54.37 36.92 11.04
CA ASN I 97 54.65 37.73 9.84
C ASN I 97 53.35 38.25 9.25
N GLY I 98 53.21 39.56 9.06
CA GLY I 98 52.01 40.18 8.49
C GLY I 98 52.12 40.29 6.98
N ILE I 99 51.18 39.70 6.23
CA ILE I 99 51.24 39.71 4.76
C ILE I 99 50.22 40.70 4.19
N GLY I 100 50.68 41.69 3.42
CA GLY I 100 49.85 42.71 2.76
C GLY I 100 49.84 42.59 1.23
N VAL I 101 48.94 43.28 0.54
CA VAL I 101 49.02 43.39 -0.93
C VAL I 101 50.25 44.23 -1.31
N ASN I 102 51.17 43.68 -2.11
CA ASN I 102 52.48 44.28 -2.44
C ASN I 102 53.37 44.63 -1.23
N LYS I 103 53.19 43.95 -0.09
CA LYS I 103 53.87 44.28 1.17
C LYS I 103 54.07 43.04 2.04
N TYR I 104 55.05 43.07 2.94
CA TYR I 104 55.39 41.95 3.82
C TYR I 104 56.12 42.49 5.05
N PHE I 105 55.58 42.28 6.25
CA PHE I 105 56.14 42.79 7.51
C PHE I 105 56.88 41.66 8.22
N THR I 106 58.19 41.83 8.39
CA THR I 106 59.10 40.84 8.99
C THR I 106 58.89 40.71 10.50
N ASN I 107 59.12 39.51 11.03
CA ASN I 107 58.96 39.01 12.41
C ASN I 107 58.50 40.05 13.46
N LEU I 108 57.18 40.17 13.59
CA LEU I 108 56.48 40.72 14.76
C LEU I 108 56.44 39.66 15.86
N SER I 109 56.18 40.02 17.12
CA SER I 109 56.25 39.07 18.24
C SER I 109 55.07 39.16 19.19
N PRO I 110 54.82 38.15 20.05
CA PRO I 110 53.81 38.21 21.09
C PRO I 110 54.01 39.35 22.10
N LEU I 111 55.20 39.97 22.14
CA LEU I 111 55.48 41.13 22.99
C LEU I 111 54.99 42.45 22.39
N ASN I 112 54.78 42.54 21.07
CA ASN I 112 54.46 43.80 20.37
C ASN I 112 53.31 43.72 19.35
N ALA I 113 52.65 42.57 19.22
CA ALA I 113 51.50 42.36 18.36
C ALA I 113 50.53 41.35 18.97
N VAL I 114 49.29 41.34 18.49
CA VAL I 114 48.30 40.32 18.87
C VAL I 114 47.91 39.50 17.66
N ARG I 115 48.03 38.16 17.74
CA ARG I 115 47.48 37.23 16.73
C ARG I 115 46.04 36.82 17.08
N ILE I 116 45.11 37.05 16.16
CA ILE I 116 43.69 36.73 16.25
C ILE I 116 43.41 35.44 15.48
N LEU I 117 42.59 34.55 16.03
CA LEU I 117 42.15 33.33 15.34
C LEU I 117 40.65 33.38 14.99
N ASP I 118 40.23 32.81 13.87
CA ASP I 118 38.81 32.53 13.61
C ASP I 118 38.27 31.42 14.51
N ASN I 119 39.11 30.40 14.75
CA ASN I 119 38.86 29.18 15.52
C ASN I 119 40.21 28.60 15.97
N ASP I 120 40.26 27.72 16.97
CA ASP I 120 41.51 27.36 17.65
C ASP I 120 42.58 26.66 16.79
N ASN I 121 42.21 25.94 15.73
CA ASN I 121 43.16 25.37 14.78
C ASN I 121 43.57 26.35 13.67
N GLY I 122 42.96 27.54 13.58
CA GLY I 122 43.20 28.50 12.52
C GLY I 122 42.81 27.99 11.12
N LEU I 123 41.78 27.13 11.03
CA LEU I 123 41.24 26.62 9.76
C LEU I 123 40.47 27.73 9.05
N ALA I 124 40.84 28.14 7.84
CA ALA I 124 40.14 29.23 7.15
C ALA I 124 38.72 28.84 6.68
N PRO I 125 37.67 29.63 6.98
CA PRO I 125 36.31 29.41 6.47
C PRO I 125 36.17 29.31 4.94
N VAL I 126 37.03 29.95 4.16
CA VAL I 126 37.05 29.79 2.68
C VAL I 126 37.29 28.36 2.20
N ARG I 127 37.96 27.52 2.98
CA ARG I 127 38.24 26.13 2.59
C ARG I 127 36.99 25.27 2.52
N HIS I 128 35.99 25.56 3.33
CA HIS I 128 34.65 24.95 3.23
C HIS I 128 33.91 25.41 1.97
N ILE I 129 33.91 26.72 1.69
CA ILE I 129 33.24 27.32 0.54
C ILE I 129 33.81 26.78 -0.77
N ALA I 130 35.14 26.70 -0.91
CA ALA I 130 35.80 26.20 -2.10
C ALA I 130 35.42 24.74 -2.48
N TYR I 131 35.27 23.84 -1.51
CA TYR I 131 34.80 22.48 -1.76
C TYR I 131 33.33 22.44 -2.23
N TYR I 132 32.44 23.13 -1.52
CA TYR I 132 31.02 23.12 -1.84
C TYR I 132 30.69 23.87 -3.14
N THR I 133 31.47 24.87 -3.57
CA THR I 133 31.23 25.51 -4.86
C THR I 133 31.63 24.60 -6.01
N TYR I 134 32.72 23.85 -5.88
CA TYR I 134 33.05 22.79 -6.81
C TYR I 134 31.89 21.78 -6.92
N LEU I 135 31.37 21.28 -5.81
CA LEU I 135 30.27 20.32 -5.81
C LEU I 135 28.99 20.87 -6.44
N MET I 136 28.54 22.07 -6.10
CA MET I 136 27.33 22.67 -6.67
C MET I 136 27.44 22.95 -8.16
N SER I 137 28.63 23.26 -8.67
CA SER I 137 28.86 23.39 -10.11
C SER I 137 28.78 22.03 -10.86
N GLN I 138 29.12 20.92 -10.24
CA GLN I 138 28.98 19.57 -10.80
C GLN I 138 27.54 19.07 -10.80
N ILE I 139 26.75 19.44 -9.79
CA ILE I 139 25.30 19.17 -9.75
C ILE I 139 24.61 19.92 -10.88
N GLU I 140 24.93 21.19 -11.10
CA GLU I 140 24.39 21.97 -12.21
C GLU I 140 24.67 21.33 -13.57
N MET I 141 25.91 20.95 -13.83
CA MET I 141 26.27 20.30 -15.08
C MET I 141 25.47 19.01 -15.30
N THR I 142 25.30 18.20 -14.26
CA THR I 142 24.51 16.98 -14.29
C THR I 142 23.02 17.22 -14.52
N ILE I 143 22.44 18.27 -13.96
CA ILE I 143 21.06 18.72 -14.23
C ILE I 143 20.89 19.03 -15.71
N ASN I 144 21.80 19.79 -16.29
CA ASN I 144 21.76 20.23 -17.68
C ASN I 144 21.95 19.08 -18.66
N MET I 145 22.86 18.16 -18.39
CA MET I 145 23.04 16.97 -19.21
C MET I 145 21.84 16.03 -19.14
N ASN I 146 21.28 15.79 -17.95
CA ASN I 146 20.10 14.97 -17.80
C ASN I 146 18.86 15.58 -18.48
N LEU I 147 18.66 16.90 -18.42
CA LEU I 147 17.58 17.57 -19.11
C LEU I 147 17.71 17.42 -20.63
N ASP I 148 18.89 17.62 -21.20
CA ASP I 148 19.10 17.46 -22.64
C ASP I 148 18.86 16.04 -23.12
N GLN I 149 19.21 15.05 -22.31
CA GLN I 149 18.99 13.64 -22.59
C GLN I 149 17.52 13.23 -22.63
N GLN I 150 16.60 13.94 -21.99
CA GLN I 150 15.16 13.64 -22.07
C GLN I 150 14.57 13.87 -23.47
N LYS I 151 15.20 14.68 -24.31
CA LYS I 151 14.76 14.94 -25.69
C LYS I 151 14.89 13.75 -26.63
N PHE I 152 15.65 12.71 -26.28
CA PHE I 152 16.05 11.61 -27.16
C PHE I 152 15.79 10.20 -26.59
N PRO I 153 14.56 9.80 -26.24
CA PRO I 153 14.30 8.47 -25.67
C PRO I 153 14.54 7.31 -26.63
N ILE I 154 14.38 7.52 -27.94
CA ILE I 154 14.66 6.52 -28.96
C ILE I 154 15.26 7.19 -30.19
N ILE I 155 16.13 6.47 -30.90
CA ILE I 155 16.68 6.87 -32.20
C ILE I 155 16.36 5.75 -33.20
N ILE I 156 15.95 6.09 -34.42
CA ILE I 156 15.64 5.10 -35.47
C ILE I 156 16.74 5.10 -36.52
N GLY I 157 17.29 3.93 -36.83
CA GLY I 157 18.13 3.69 -38.00
C GLY I 157 17.29 3.16 -39.16
N ALA I 158 17.49 3.67 -40.37
CA ALA I 158 16.73 3.26 -41.55
C ALA I 158 17.58 3.25 -42.83
N THR I 159 17.05 2.71 -43.93
CA THR I 159 17.61 2.96 -45.28
C THR I 159 17.32 4.40 -45.69
N GLN I 160 18.03 4.91 -46.69
CA GLN I 160 17.85 6.29 -47.16
C GLN I 160 16.43 6.57 -47.70
N LYS I 161 15.80 5.64 -48.42
CA LYS I 161 14.43 5.82 -48.91
C LYS I 161 13.38 5.65 -47.81
N ASN I 162 13.61 4.74 -46.88
CA ASN I 162 12.80 4.63 -45.68
C ASN I 162 12.84 5.91 -44.85
N LYS I 163 14.02 6.53 -44.63
CA LYS I 163 14.16 7.79 -43.89
C LYS I 163 13.30 8.89 -44.48
N LEU I 164 13.38 9.07 -45.80
CA LEU I 164 12.56 10.00 -46.56
C LEU I 164 11.06 9.76 -46.36
N SER I 165 10.58 8.52 -46.44
CA SER I 165 9.18 8.20 -46.21
C SER I 165 8.71 8.48 -44.77
N MET I 166 9.56 8.36 -43.75
CA MET I 166 9.17 8.73 -42.39
C MET I 166 9.08 10.25 -42.17
N GLU I 167 9.93 11.03 -42.80
CA GLU I 167 9.86 12.50 -42.75
C GLU I 167 8.55 13.03 -43.33
N ASN I 168 8.00 12.39 -44.37
CA ASN I 168 6.68 12.72 -44.91
C ASN I 168 5.55 12.36 -43.94
N LEU I 169 5.63 11.23 -43.23
CA LEU I 169 4.65 10.85 -42.23
C LEU I 169 4.59 11.89 -41.09
N TYR I 170 5.74 12.35 -40.60
CA TYR I 170 5.81 13.38 -39.55
C TYR I 170 5.39 14.77 -40.00
N GLU I 171 5.71 15.19 -41.22
CA GLU I 171 5.40 16.55 -41.71
C GLU I 171 3.89 16.83 -41.79
N LYS I 172 3.06 15.79 -41.73
CA LYS I 172 1.60 15.83 -41.70
C LYS I 172 1.00 16.41 -40.41
N TYR I 173 1.56 16.07 -39.24
CA TYR I 173 0.98 16.40 -37.92
C TYR I 173 1.99 16.86 -36.86
N SER I 174 3.29 16.70 -37.10
CA SER I 174 4.36 17.03 -36.14
C SER I 174 4.84 18.46 -36.29
N SER I 175 5.34 19.01 -35.20
CA SER I 175 5.95 20.34 -35.12
C SER I 175 7.48 20.30 -35.10
N PHE I 176 8.09 19.13 -35.02
CA PHE I 176 9.54 18.89 -35.07
C PHE I 176 9.92 17.99 -36.26
N GLU I 177 11.19 17.65 -36.39
CA GLU I 177 11.71 16.58 -37.25
C GLU I 177 11.92 15.26 -36.47
N PRO I 178 11.63 14.09 -37.05
CA PRO I 178 11.83 12.78 -36.40
C PRO I 178 13.31 12.51 -36.05
N ASN I 179 13.54 11.72 -35.02
CA ASN I 179 14.88 11.30 -34.60
C ASN I 179 15.34 10.08 -35.39
N ILE I 180 15.59 10.26 -36.68
CA ILE I 180 15.91 9.19 -37.62
C ILE I 180 17.19 9.50 -38.40
N LEU I 181 18.02 8.49 -38.63
CA LEU I 181 19.26 8.58 -39.40
C LEU I 181 19.42 7.39 -40.35
N VAL I 182 20.26 7.54 -41.38
CA VAL I 182 20.64 6.42 -42.25
C VAL I 182 21.68 5.55 -41.55
N ASP I 183 21.43 4.25 -41.49
CA ASP I 183 22.44 3.28 -41.08
C ASP I 183 23.06 2.66 -42.33
N GLU I 184 24.37 2.85 -42.51
CA GLU I 184 25.12 2.32 -43.65
C GLU I 184 25.15 0.79 -43.71
N LYS I 185 25.25 0.06 -42.60
CA LYS I 185 25.14 -1.41 -42.62
C LYS I 185 23.73 -1.82 -43.04
N LEU I 186 22.70 -1.17 -42.51
CA LEU I 186 21.31 -1.49 -42.82
C LEU I 186 21.00 -1.27 -44.30
N ALA I 187 21.46 -0.14 -44.85
CA ALA I 187 21.35 0.19 -46.27
C ALA I 187 22.17 -0.73 -47.18
N GLN I 188 23.39 -1.14 -46.79
CA GLN I 188 24.27 -1.99 -47.59
C GLN I 188 23.77 -3.42 -47.74
N ALA I 189 23.48 -4.09 -46.63
CA ALA I 189 23.32 -5.54 -46.58
C ALA I 189 22.12 -6.05 -47.40
N LEU I 190 22.33 -7.16 -48.12
CA LEU I 190 21.27 -7.95 -48.76
C LEU I 190 20.55 -8.84 -47.72
N GLN I 191 19.55 -9.59 -48.17
CA GLN I 191 18.83 -10.58 -47.36
C GLN I 191 18.25 -9.99 -46.04
N GLU I 192 18.33 -10.68 -44.90
CA GLU I 192 17.70 -10.29 -43.63
C GLU I 192 18.24 -9.00 -42.98
N GLY I 193 17.43 -8.42 -42.09
CA GLY I 193 17.57 -7.06 -41.57
C GLY I 193 16.46 -6.15 -42.08
N LYS I 194 15.76 -5.47 -41.16
CA LYS I 194 14.40 -4.97 -41.40
C LYS I 194 14.26 -3.70 -42.24
N GLY I 195 15.27 -2.86 -42.38
CA GLY I 195 15.13 -1.54 -43.04
C GLY I 195 14.61 -0.39 -42.17
N PHE I 196 14.18 -0.69 -40.96
CA PHE I 196 14.03 0.20 -39.81
C PHE I 196 14.52 -0.56 -38.58
N ASP I 197 15.33 0.03 -37.70
CA ASP I 197 15.60 -0.51 -36.37
C ASP I 197 15.72 0.59 -35.30
N ALA I 198 15.04 0.40 -34.17
CA ALA I 198 14.95 1.38 -33.11
C ALA I 198 15.88 1.01 -31.95
N LEU I 199 16.79 1.90 -31.56
CA LEU I 199 17.65 1.72 -30.39
C LEU I 199 17.19 2.60 -29.25
N ASN I 200 16.87 1.96 -28.12
CA ASN I 200 16.34 2.60 -26.91
C ASN I 200 17.47 3.34 -26.19
N THR I 201 17.41 4.67 -26.17
CA THR I 201 18.41 5.57 -25.59
C THR I 201 17.88 6.32 -24.36
N GLN I 202 16.76 5.87 -23.79
CA GLN I 202 16.02 6.53 -22.70
C GLN I 202 16.83 6.57 -21.39
N ALA I 203 17.22 7.77 -20.95
CA ALA I 203 17.82 8.03 -19.65
C ALA I 203 16.77 8.07 -18.52
N PRO I 204 17.15 7.82 -17.25
CA PRO I 204 16.27 8.03 -16.11
C PRO I 204 16.01 9.52 -15.84
N TYR I 205 14.84 9.86 -15.33
CA TYR I 205 14.50 11.22 -14.90
C TYR I 205 15.11 11.53 -13.53
N LEU I 206 16.00 12.52 -13.43
CA LEU I 206 16.75 12.85 -12.20
C LEU I 206 16.52 14.27 -11.65
N LEU I 207 15.76 15.14 -12.31
CA LEU I 207 15.80 16.58 -12.02
C LEU I 207 15.27 16.94 -10.63
N ASP I 208 14.18 16.31 -10.20
CA ASP I 208 13.59 16.36 -8.86
C ASP I 208 14.58 15.95 -7.75
N LYS I 209 15.32 14.85 -7.92
CA LYS I 209 16.34 14.33 -7.00
C LYS I 209 17.58 15.22 -6.91
N LEU I 210 18.03 15.78 -8.02
CA LEU I 210 19.22 16.64 -8.08
C LEU I 210 18.98 17.99 -7.42
N ALA I 211 17.78 18.55 -7.52
CA ALA I 211 17.42 19.78 -6.82
C ALA I 211 17.36 19.59 -5.29
N ASP I 212 16.88 18.43 -4.82
CA ASP I 212 16.93 18.03 -3.41
C ASP I 212 18.35 17.88 -2.86
N PHE I 213 19.25 17.23 -3.61
CA PHE I 213 20.63 17.04 -3.18
C PHE I 213 21.39 18.36 -3.08
N LYS I 214 21.13 19.30 -3.99
CA LYS I 214 21.71 20.65 -3.93
C LYS I 214 21.33 21.37 -2.63
N LYS I 215 20.07 21.27 -2.21
CA LYS I 215 19.55 21.83 -0.96
C LYS I 215 20.13 21.16 0.29
N THR I 216 20.33 19.86 0.24
CA THR I 216 21.08 19.12 1.26
C THR I 216 22.54 19.59 1.38
N CYS I 217 23.23 19.85 0.28
CA CYS I 217 24.60 20.37 0.28
C CYS I 217 24.72 21.79 0.82
N GLU I 218 23.75 22.64 0.52
CA GLU I 218 23.69 24.00 1.05
C GLU I 218 23.58 24.02 2.59
N ASN I 219 22.75 23.17 3.18
CA ASN I 219 22.62 23.12 4.65
C ASN I 219 23.88 22.63 5.35
N GLU I 220 24.61 21.70 4.74
CA GLU I 220 25.92 21.26 5.23
C GLU I 220 26.93 22.40 5.26
N LEU I 221 27.05 23.18 4.18
CA LEU I 221 27.91 24.36 4.12
C LEU I 221 27.58 25.38 5.23
N LEU I 222 26.30 25.72 5.39
CA LEU I 222 25.88 26.69 6.40
C LEU I 222 26.15 26.23 7.84
N THR I 223 26.15 24.92 8.09
CA THR I 223 26.51 24.34 9.38
C THR I 223 28.01 24.46 9.65
N PHE I 224 28.89 24.19 8.68
CA PHE I 224 30.32 24.41 8.85
C PHE I 224 30.68 25.89 9.08
N LEU I 225 29.89 26.83 8.58
CA LEU I 225 30.08 28.26 8.80
C LEU I 225 29.44 28.77 10.11
N GLY I 226 28.59 27.98 10.77
CA GLY I 226 27.83 28.35 11.97
C GLY I 226 26.67 29.31 11.74
N ILE I 227 26.17 29.43 10.51
CA ILE I 227 25.29 30.51 10.06
C ILE I 227 23.79 30.19 10.18
N ASN I 228 23.39 28.93 10.13
CA ASN I 228 21.99 28.56 9.95
C ASN I 228 21.01 29.13 10.99
N ASN I 247 20.71 22.36 15.45
CA ASN I 247 20.93 23.75 15.85
C ASN I 247 21.92 23.89 17.01
N SER I 248 22.08 22.85 17.85
CA SER I 248 23.07 22.82 18.91
C SER I 248 24.50 22.94 18.35
N GLN I 249 24.86 22.17 17.32
CA GLN I 249 26.18 22.26 16.69
C GLN I 249 26.38 23.61 15.97
N ILE I 250 25.34 24.16 15.35
CA ILE I 250 25.37 25.46 14.65
C ILE I 250 25.66 26.59 15.63
N THR I 251 24.92 26.65 16.73
CA THR I 251 25.18 27.61 17.81
C THR I 251 26.58 27.44 18.37
N PHE I 252 26.97 26.22 18.72
CA PHE I 252 28.30 25.92 19.26
C PHE I 252 29.47 26.31 18.34
N VAL I 253 29.29 26.19 17.02
CA VAL I 253 30.28 26.64 16.05
C VAL I 253 30.46 28.17 16.07
N LEU I 254 29.37 28.92 16.13
CA LEU I 254 29.40 30.38 16.22
C LEU I 254 29.86 30.88 17.61
N GLU I 255 29.57 30.15 18.68
CA GLU I 255 30.08 30.47 20.02
C GLU I 255 31.61 30.36 20.12
N MET I 256 32.21 29.30 19.59
CA MET I 256 33.67 29.17 19.51
C MET I 256 34.30 30.30 18.69
N ALA I 257 33.66 30.65 17.57
CA ALA I 257 34.10 31.75 16.72
C ALA I 257 34.04 33.12 17.40
N TYR I 258 33.03 33.36 18.25
CA TYR I 258 32.88 34.61 19.00
C TYR I 258 33.85 34.70 20.18
N LYS I 259 33.99 33.63 20.95
CA LYS I 259 34.91 33.54 22.09
C LYS I 259 36.34 33.88 21.71
N ASN I 260 36.87 33.32 20.62
CA ASN I 260 38.22 33.66 20.15
C ASN I 260 38.39 35.14 19.81
N ARG I 261 37.34 35.83 19.33
CA ARG I 261 37.37 37.25 18.99
C ARG I 261 37.31 38.13 20.24
N LEU I 262 36.43 37.83 21.20
CA LEU I 262 36.39 38.48 22.52
C LEU I 262 37.74 38.43 23.25
N ASP I 263 38.39 37.27 23.24
CA ASP I 263 39.70 37.08 23.87
C ASP I 263 40.84 37.86 23.20
N ALA I 264 40.83 38.04 21.88
CA ALA I 264 41.77 38.91 21.19
C ALA I 264 41.47 40.40 21.42
N CYS I 265 40.18 40.73 21.50
CA CYS I 265 39.70 42.10 21.65
C CYS I 265 40.22 42.72 22.95
N LYS I 266 40.09 42.02 24.09
CA LYS I 266 40.66 42.48 25.36
C LYS I 266 42.20 42.54 25.36
N ARG I 267 42.89 41.61 24.70
CA ARG I 267 44.34 41.68 24.47
C ARG I 267 44.75 42.94 23.72
N ILE I 268 44.05 43.32 22.64
CA ILE I 268 44.38 44.55 21.87
C ILE I 268 44.16 45.78 22.74
N ASN I 269 43.04 45.85 23.47
CA ASN I 269 42.75 46.93 24.41
C ASN I 269 43.80 47.03 25.53
N GLU I 270 44.36 45.92 25.98
CA GLU I 270 45.38 45.90 27.01
C GLU I 270 46.79 46.26 26.49
N MET I 271 47.19 45.84 25.27
CA MET I 271 48.50 46.18 24.68
C MET I 271 48.55 47.60 24.07
N PHE I 272 47.42 48.19 23.69
CA PHE I 272 47.40 49.46 22.93
C PHE I 272 46.44 50.55 23.44
N GLY I 273 45.48 50.25 24.31
CA GLY I 273 44.55 51.23 24.87
C GLY I 273 43.46 51.75 23.91
N LEU I 274 43.00 50.92 22.98
CA LEU I 274 42.16 51.33 21.84
C LEU I 274 40.64 51.19 21.99
N ASN I 275 40.14 50.52 23.04
CA ASN I 275 38.71 50.23 23.30
C ASN I 275 37.89 49.66 22.11
N LEU I 276 38.49 48.75 21.34
CA LEU I 276 37.76 47.87 20.40
C LEU I 276 36.66 47.08 21.12
N GLU I 277 35.55 46.86 20.43
CA GLU I 277 34.50 45.91 20.82
C GLU I 277 34.01 45.14 19.59
N VAL I 278 33.54 43.91 19.80
CA VAL I 278 33.09 43.00 18.74
C VAL I 278 31.77 42.33 19.10
N GLU I 279 30.88 42.18 18.14
CA GLU I 279 29.53 41.65 18.34
C GLU I 279 29.09 40.70 17.21
N LYS I 280 28.19 39.77 17.53
CA LYS I 280 27.48 38.95 16.54
C LYS I 280 26.48 39.78 15.75
N VAL I 281 26.31 39.49 14.48
CA VAL I 281 25.31 40.13 13.62
C VAL I 281 24.03 39.31 13.65
N VAL I 282 23.11 39.64 14.55
CA VAL I 282 21.75 39.05 14.58
C VAL I 282 20.86 39.70 13.49
N ASN I 283 21.10 40.97 13.18
CA ASN I 283 20.54 41.73 12.06
C ASN I 283 21.60 42.69 11.51
N LEU I 284 21.57 42.99 10.20
CA LEU I 284 22.61 43.84 9.57
C LEU I 284 22.44 45.29 9.98
N LEU I 285 21.24 45.86 9.78
CA LEU I 285 20.88 47.16 10.30
C LEU I 285 20.52 47.09 11.80
N GLU I 286 20.90 48.13 12.53
CA GLU I 286 20.66 48.24 13.97
C GLU I 286 19.20 48.57 14.33
N VAL I 287 18.55 49.41 13.53
CA VAL I 287 17.18 49.89 13.74
C VAL I 287 16.52 50.34 12.42
N ILE J 14 9.40 35.67 -34.31
CA ILE J 14 8.77 34.50 -33.66
C ILE J 14 7.89 33.74 -34.68
N LEU J 15 6.97 32.89 -34.24
CA LEU J 15 6.02 32.12 -35.07
C LEU J 15 6.59 31.05 -36.04
N LEU J 16 7.89 30.79 -36.04
CA LEU J 16 8.52 29.72 -36.83
C LEU J 16 8.14 28.30 -36.34
N LYS J 17 8.31 27.29 -37.18
CA LYS J 17 8.20 25.89 -36.76
C LYS J 17 9.32 25.48 -35.79
N ASN J 18 8.95 24.77 -34.72
CA ASN J 18 9.85 24.13 -33.76
C ASN J 18 10.88 25.06 -33.07
N ASP J 19 10.51 26.33 -32.89
CA ASP J 19 11.27 27.34 -32.18
C ASP J 19 10.36 28.41 -31.55
N VAL J 20 10.88 29.13 -30.57
CA VAL J 20 10.26 30.31 -29.98
C VAL J 20 11.36 31.29 -29.52
N PHE J 21 11.06 32.58 -29.47
CA PHE J 21 11.93 33.63 -28.94
C PHE J 21 11.85 33.68 -27.40
N MET J 22 12.09 32.52 -26.76
CA MET J 22 11.78 32.26 -25.36
C MET J 22 12.58 33.12 -24.35
N VAL J 23 13.83 33.47 -24.67
CA VAL J 23 14.73 34.21 -23.77
C VAL J 23 14.11 35.51 -23.27
N ASP J 24 13.56 36.32 -24.16
CA ASP J 24 13.04 37.66 -23.84
C ASP J 24 11.92 37.65 -22.81
N ARG J 25 10.95 36.75 -22.97
CA ARG J 25 9.81 36.59 -22.06
C ARG J 25 10.26 36.40 -20.62
N TYR J 26 11.31 35.63 -20.36
CA TYR J 26 11.80 35.39 -19.01
C TYR J 26 12.80 36.44 -18.54
N TYR J 27 13.69 36.90 -19.42
CA TYR J 27 14.74 37.85 -19.06
C TYR J 27 14.18 39.20 -18.62
N ASP J 28 13.23 39.75 -19.38
CA ASP J 28 12.59 41.03 -19.08
C ASP J 28 11.65 40.91 -17.88
N TYR J 29 10.88 39.83 -17.78
CA TYR J 29 9.98 39.60 -16.66
C TYR J 29 10.73 39.47 -15.31
N TYR J 30 11.82 38.72 -15.23
CA TYR J 30 12.62 38.67 -14.01
C TYR J 30 13.48 39.91 -13.79
N SER J 31 13.91 40.61 -14.83
CA SER J 31 14.50 41.94 -14.66
C SER J 31 13.56 42.97 -14.06
N ASN J 32 12.28 43.03 -14.43
CA ASN J 32 11.33 43.93 -13.79
C ASN J 32 11.26 43.72 -12.28
N MET J 33 11.28 42.47 -11.80
CA MET J 33 11.31 42.20 -10.36
C MET J 33 12.61 42.67 -9.71
N GLY J 34 13.76 42.31 -10.28
CA GLY J 34 15.08 42.62 -9.72
C GLY J 34 15.38 44.12 -9.60
N LEU J 35 14.89 44.91 -10.56
CA LEU J 35 14.98 46.37 -10.57
C LEU J 35 14.05 47.08 -9.57
N ASN J 36 13.17 46.39 -8.85
CA ASN J 36 12.18 46.99 -7.94
C ASN J 36 12.33 46.59 -6.45
N ARG J 37 13.54 46.23 -5.99
CA ARG J 37 13.80 45.89 -4.56
C ARG J 37 13.92 47.12 -3.66
N PHE J 38 14.46 48.21 -4.18
CA PHE J 38 14.81 49.43 -3.45
C PHE J 38 14.34 50.69 -4.17
N ARG J 39 14.18 51.79 -3.44
CA ARG J 39 13.78 53.11 -3.94
C ARG J 39 14.59 54.22 -3.28
N TRP J 40 15.08 55.16 -4.08
CA TRP J 40 15.87 56.31 -3.63
C TRP J 40 15.01 57.59 -3.75
N LYS J 41 14.78 58.34 -2.66
CA LYS J 41 13.65 59.31 -2.60
C LYS J 41 13.94 60.81 -2.68
N ASN J 42 15.16 61.27 -2.40
CA ASN J 42 15.60 62.65 -2.66
C ASN J 42 16.83 62.60 -3.57
N LEU J 43 16.83 63.28 -4.71
CA LEU J 43 17.91 63.17 -5.71
C LEU J 43 18.20 64.52 -6.37
N PRO J 44 19.45 64.75 -6.82
CA PRO J 44 19.79 65.90 -7.65
C PRO J 44 18.86 66.10 -8.87
N PRO J 45 18.81 67.31 -9.45
CA PRO J 45 18.01 67.61 -10.63
C PRO J 45 18.32 66.70 -11.84
N GLY J 46 17.29 66.21 -12.52
CA GLY J 46 17.40 65.46 -13.77
C GLY J 46 17.76 63.97 -13.61
N MET J 47 17.75 63.44 -12.39
CA MET J 47 18.12 62.06 -12.08
C MET J 47 16.99 61.31 -11.38
N GLU J 48 16.84 60.02 -11.69
CA GLU J 48 15.70 59.19 -11.28
C GLU J 48 16.17 57.94 -10.51
N SER J 49 15.34 57.42 -9.60
CA SER J 49 15.68 56.25 -8.77
C SER J 49 16.12 55.05 -9.61
N ARG J 50 15.43 54.81 -10.73
CA ARG J 50 15.74 53.77 -11.70
C ARG J 50 17.18 53.83 -12.26
N HIS J 51 17.79 55.00 -12.40
CA HIS J 51 19.15 55.11 -12.96
C HIS J 51 20.21 54.52 -12.04
N ILE J 52 20.11 54.75 -10.72
CA ILE J 52 21.04 54.19 -9.73
C ILE J 52 20.87 52.67 -9.69
N GLU J 53 19.62 52.23 -9.59
CA GLU J 53 19.28 50.83 -9.42
C GLU J 53 19.65 49.99 -10.65
N GLN J 54 19.54 50.50 -11.88
CA GLN J 54 20.00 49.72 -13.03
C GLN J 54 21.51 49.62 -13.14
N ALA J 55 22.28 50.59 -12.67
CA ALA J 55 23.74 50.47 -12.60
C ALA J 55 24.16 49.42 -11.55
N LEU J 56 23.49 49.36 -10.41
CA LEU J 56 23.71 48.32 -9.40
C LEU J 56 23.27 46.94 -9.88
N PHE J 57 22.15 46.85 -10.59
CA PHE J 57 21.62 45.60 -11.10
C PHE J 57 22.47 44.97 -12.22
N ASN J 58 22.98 45.77 -13.16
CA ASN J 58 23.71 45.27 -14.33
C ASN J 58 25.22 45.09 -14.13
N GLU J 59 25.87 45.88 -13.29
CA GLU J 59 27.33 45.84 -13.06
C GLU J 59 27.70 45.43 -11.62
N GLY J 60 26.76 45.49 -10.68
CA GLY J 60 26.98 45.15 -9.27
C GLY J 60 27.63 46.27 -8.46
N GLN J 61 28.11 47.30 -9.13
CA GLN J 61 28.76 48.47 -8.54
C GLN J 61 28.52 49.71 -9.40
N ALA J 62 28.45 50.87 -8.76
CA ALA J 62 28.17 52.15 -9.40
C ALA J 62 29.02 53.26 -8.76
N VAL J 63 29.34 54.32 -9.50
CA VAL J 63 30.07 55.49 -9.00
C VAL J 63 29.23 56.76 -9.11
N PHE J 64 29.09 57.48 -7.99
CA PHE J 64 28.37 58.74 -7.85
C PHE J 64 29.35 59.91 -7.76
N PHE J 65 29.25 60.88 -8.66
CA PHE J 65 30.18 62.01 -8.76
C PHE J 65 29.54 63.27 -9.37
N LYS J 66 30.13 64.43 -9.07
CA LYS J 66 29.78 65.73 -9.65
C LYS J 66 30.30 65.85 -11.09
N ASN J 67 29.45 66.24 -12.04
CA ASN J 67 29.84 66.42 -13.45
C ASN J 67 30.74 67.66 -13.64
N THR J 68 31.72 67.57 -14.53
CA THR J 68 32.60 68.69 -14.92
C THR J 68 32.51 69.02 -16.42
N ASP J 69 32.09 68.07 -17.27
CA ASP J 69 32.00 68.24 -18.72
C ASP J 69 30.76 69.09 -19.09
N PRO J 70 30.92 70.33 -19.59
CA PRO J 70 29.81 71.27 -19.74
C PRO J 70 28.83 70.88 -20.86
N ASN J 71 29.24 69.98 -21.73
CA ASN J 71 28.43 69.47 -22.84
C ASN J 71 27.28 68.56 -22.36
N GLU J 72 27.34 68.04 -21.12
CA GLU J 72 26.36 67.11 -20.58
C GLU J 72 25.43 67.83 -19.58
N PRO J 73 24.10 67.73 -19.72
CA PRO J 73 23.13 68.58 -19.02
C PRO J 73 22.82 68.12 -17.59
N TYR J 74 23.85 67.79 -16.82
CA TYR J 74 23.72 67.18 -15.49
C TYR J 74 24.65 67.84 -14.49
N GLY J 75 24.18 67.95 -13.25
CA GLY J 75 24.96 68.40 -12.11
C GLY J 75 25.75 67.27 -11.45
N PHE J 76 25.10 66.12 -11.27
CA PHE J 76 25.64 64.90 -10.72
C PHE J 76 25.26 63.70 -11.59
N LEU J 77 26.14 62.71 -11.66
CA LEU J 77 25.92 61.45 -12.38
C LEU J 77 26.11 60.25 -11.45
N CYS J 78 25.36 59.17 -11.70
CA CYS J 78 25.57 57.88 -11.05
C CYS J 78 25.60 56.79 -12.12
N LEU J 79 26.76 56.18 -12.37
CA LEU J 79 27.00 55.31 -13.53
C LEU J 79 27.66 54.00 -13.11
N PRO J 80 27.58 52.91 -13.89
CA PRO J 80 28.36 51.70 -13.63
C PRO J 80 29.87 51.97 -13.56
N CYS J 81 30.52 51.30 -12.62
CA CYS J 81 31.91 51.55 -12.25
C CYS J 81 32.84 50.46 -12.77
N ALA J 82 33.98 50.82 -13.37
CA ALA J 82 35.11 49.92 -13.57
C ALA J 82 36.33 50.41 -12.76
N PRO J 83 36.80 49.68 -11.73
CA PRO J 83 38.00 50.09 -10.99
C PRO J 83 39.27 49.97 -11.83
N SER J 84 40.25 50.83 -11.56
CA SER J 84 41.62 50.68 -12.09
C SER J 84 42.37 49.56 -11.36
N ASN J 85 43.42 49.01 -11.98
CA ASN J 85 44.11 47.81 -11.48
C ASN J 85 45.04 48.04 -10.25
N GLY J 86 45.32 49.28 -9.84
CA GLY J 86 46.12 49.58 -8.65
C GLY J 86 45.31 49.53 -7.35
N GLN J 87 45.92 49.15 -6.24
CA GLN J 87 45.24 48.94 -4.95
C GLN J 87 46.13 49.17 -3.71
N ASN J 88 45.53 49.49 -2.56
CA ASN J 88 46.25 49.61 -1.28
C ASN J 88 46.64 48.24 -0.65
N ILE J 89 47.23 48.23 0.55
CA ILE J 89 47.60 47.01 1.29
C ILE J 89 46.44 46.00 1.45
N TYR J 90 45.23 46.48 1.71
CA TYR J 90 44.04 45.66 1.89
C TYR J 90 43.43 45.14 0.57
N GLY J 91 43.78 45.74 -0.57
CA GLY J 91 43.22 45.43 -1.87
C GLY J 91 42.06 46.31 -2.30
N ASP J 92 41.87 47.47 -1.67
CA ASP J 92 40.92 48.46 -2.17
C ASP J 92 41.48 49.15 -3.43
N PRO J 93 40.71 49.33 -4.52
CA PRO J 93 41.19 50.00 -5.72
C PRO J 93 41.44 51.50 -5.47
N VAL J 94 42.53 52.04 -6.02
CA VAL J 94 42.92 53.44 -5.76
C VAL J 94 42.11 54.46 -6.56
N ASP J 95 41.55 54.11 -7.72
CA ASP J 95 40.75 54.97 -8.60
C ASP J 95 39.60 54.21 -9.28
N PHE J 96 38.57 54.96 -9.68
CA PHE J 96 37.29 54.51 -10.21
C PHE J 96 37.04 55.10 -11.61
N ASN J 97 36.44 54.38 -12.54
CA ASN J 97 36.09 54.89 -13.87
C ASN J 97 34.58 54.77 -14.10
N GLY J 98 33.91 55.86 -14.44
CA GLY J 98 32.46 55.88 -14.70
C GLY J 98 32.15 55.62 -16.16
N ILE J 99 31.38 54.58 -16.47
CA ILE J 99 31.09 54.21 -17.87
C ILE J 99 29.66 54.63 -18.24
N GLY J 100 29.50 55.47 -19.26
CA GLY J 100 28.21 55.94 -19.77
C GLY J 100 27.90 55.43 -21.18
N VAL J 101 26.66 55.58 -21.66
CA VAL J 101 26.35 55.32 -23.08
C VAL J 101 27.02 56.39 -23.95
N ASN J 102 27.87 55.98 -24.90
CA ASN J 102 28.72 56.87 -25.72
C ASN J 102 29.65 57.80 -24.92
N LYS J 103 30.03 57.42 -23.69
CA LYS J 103 30.80 58.28 -22.77
C LYS J 103 31.68 57.46 -21.82
N TYR J 104 32.73 58.04 -21.29
CA TYR J 104 33.69 57.37 -20.41
C TYR J 104 34.41 58.42 -19.56
N PHE J 105 34.28 58.37 -18.24
CA PHE J 105 34.87 59.35 -17.33
C PHE J 105 36.15 58.76 -16.71
N THR J 106 37.29 59.40 -16.99
CA THR J 106 38.62 58.95 -16.56
C THR J 106 38.84 59.16 -15.05
N ASN J 107 39.64 58.29 -14.44
CA ASN J 107 40.01 58.15 -13.03
C ASN J 107 39.44 59.21 -12.06
N LEU J 108 38.26 58.92 -11.54
CA LEU J 108 37.69 59.50 -10.32
C LEU J 108 38.32 58.81 -9.11
N SER J 109 38.24 59.38 -7.90
CA SER J 109 38.95 58.84 -6.73
C SER J 109 38.08 58.78 -5.48
N PRO J 110 38.45 58.01 -4.44
CA PRO J 110 37.77 58.00 -3.15
C PRO J 110 37.74 59.37 -2.46
N LEU J 111 38.56 60.32 -2.88
CA LEU J 111 38.55 61.69 -2.36
C LEU J 111 37.46 62.57 -2.97
N ASN J 112 36.93 62.24 -4.15
CA ASN J 112 36.00 63.09 -4.91
C ASN J 112 34.75 62.37 -5.49
N ALA J 113 34.59 61.07 -5.22
CA ALA J 113 33.45 60.28 -5.64
C ALA J 113 33.12 59.20 -4.60
N VAL J 114 31.91 58.65 -4.65
CA VAL J 114 31.53 57.50 -3.83
C VAL J 114 31.22 56.31 -4.71
N ARG J 115 31.86 55.16 -4.47
CA ARG J 115 31.51 53.86 -5.09
C ARG J 115 30.47 53.11 -4.25
N ILE J 116 29.34 52.77 -4.86
CA ILE J 116 28.22 52.04 -4.28
C ILE J 116 28.31 50.56 -4.70
N LEU J 117 28.05 49.63 -3.80
CA LEU J 117 27.97 48.19 -4.11
C LEU J 117 26.54 47.66 -3.97
N ASP J 118 26.13 46.71 -4.80
CA ASP J 118 24.92 45.91 -4.55
C ASP J 118 25.09 44.97 -3.37
N ASN J 119 26.29 44.39 -3.24
CA ASN J 119 26.72 43.39 -2.25
C ASN J 119 28.26 43.43 -2.17
N ASP J 120 28.87 42.92 -1.11
CA ASP J 120 30.30 43.19 -0.81
C ASP J 120 31.32 42.68 -1.84
N ASN J 121 31.03 41.63 -2.60
CA ASN J 121 31.87 41.18 -3.70
C ASN J 121 31.58 41.91 -5.03
N GLY J 122 30.56 42.75 -5.10
CA GLY J 122 30.15 43.43 -6.33
C GLY J 122 29.67 42.47 -7.43
N LEU J 123 29.07 41.33 -7.07
CA LEU J 123 28.51 40.35 -7.99
C LEU J 123 27.21 40.91 -8.59
N ALA J 124 27.10 41.09 -9.91
CA ALA J 124 25.89 41.67 -10.50
C ALA J 124 24.68 40.71 -10.43
N PRO J 125 23.50 41.17 -9.95
CA PRO J 125 22.25 40.38 -9.97
C PRO J 125 21.81 39.85 -11.34
N VAL J 126 22.15 40.51 -12.44
CA VAL J 126 21.88 39.98 -13.80
C VAL J 126 22.54 38.63 -14.10
N ARG J 127 23.66 38.30 -13.45
CA ARG J 127 24.36 37.04 -13.69
C ARG J 127 23.57 35.82 -13.23
N HIS J 128 22.74 35.96 -12.20
CA HIS J 128 21.78 34.94 -11.78
C HIS J 128 20.64 34.78 -12.79
N ILE J 129 20.06 35.89 -13.27
CA ILE J 129 18.95 35.91 -14.23
C ILE J 129 19.38 35.27 -15.54
N ALA J 130 20.55 35.60 -16.08
CA ALA J 130 21.06 35.04 -17.32
C ALA J 130 21.22 33.51 -17.33
N TYR J 131 21.66 32.89 -16.23
CA TYR J 131 21.72 31.43 -16.10
C TYR J 131 20.32 30.79 -16.08
N TYR J 132 19.42 31.31 -15.24
CA TYR J 132 18.09 30.75 -15.10
C TYR J 132 17.20 30.98 -16.32
N THR J 133 17.40 32.02 -17.13
CA THR J 133 16.62 32.18 -18.37
C THR J 133 17.07 31.19 -19.43
N TYR J 134 18.37 30.91 -19.53
CA TYR J 134 18.86 29.82 -20.34
C TYR J 134 18.20 28.49 -19.92
N LEU J 135 18.19 28.14 -18.63
CA LEU J 135 17.59 26.91 -18.13
C LEU J 135 16.08 26.82 -18.41
N MET J 136 15.30 27.85 -18.14
CA MET J 136 13.85 27.84 -18.39
C MET J 136 13.49 27.75 -19.86
N SER J 137 14.31 28.29 -20.77
CA SER J 137 14.14 28.10 -22.20
C SER J 137 14.41 26.65 -22.67
N GLN J 138 15.31 25.91 -22.01
CA GLN J 138 15.58 24.50 -22.29
C GLN J 138 14.49 23.57 -21.75
N ILE J 139 13.88 23.91 -20.62
CA ILE J 139 12.71 23.19 -20.09
C ILE J 139 11.52 23.34 -21.04
N GLU J 140 11.26 24.55 -21.55
CA GLU J 140 10.22 24.79 -22.54
C GLU J 140 10.40 23.95 -23.81
N MET J 141 11.60 23.93 -24.37
CA MET J 141 11.88 23.14 -25.56
C MET J 141 11.63 21.65 -25.31
N THR J 142 12.03 21.14 -24.16
CA THR J 142 11.81 19.75 -23.74
C THR J 142 10.33 19.42 -23.53
N ILE J 143 9.53 20.32 -22.98
CA ILE J 143 8.07 20.20 -22.88
C ILE J 143 7.45 20.04 -24.26
N ASN J 144 7.82 20.89 -25.21
CA ASN J 144 7.30 20.89 -26.55
C ASN J 144 7.68 19.65 -27.36
N MET J 145 8.92 19.19 -27.24
CA MET J 145 9.36 17.97 -27.89
C MET J 145 8.68 16.74 -27.29
N ASN J 146 8.55 16.64 -25.97
CA ASN J 146 7.85 15.55 -25.33
C ASN J 146 6.35 15.51 -25.67
N LEU J 147 5.67 16.65 -25.75
CA LEU J 147 4.28 16.73 -26.18
C LEU J 147 4.11 16.23 -27.61
N ASP J 148 4.94 16.65 -28.55
CA ASP J 148 4.86 16.21 -29.94
C ASP J 148 5.08 14.70 -30.09
N GLN J 149 5.98 14.14 -29.28
CA GLN J 149 6.27 12.72 -29.25
C GLN J 149 5.12 11.85 -28.77
N GLN J 150 4.17 12.36 -27.99
CA GLN J 150 2.99 11.59 -27.57
C GLN J 150 2.05 11.22 -28.72
N LYS J 151 2.08 11.94 -29.84
CA LYS J 151 1.27 11.68 -31.03
C LYS J 151 1.64 10.39 -31.77
N PHE J 152 2.80 9.80 -31.51
CA PHE J 152 3.39 8.70 -32.29
C PHE J 152 3.85 7.49 -31.45
N PRO J 153 2.99 6.81 -30.68
CA PRO J 153 3.40 5.67 -29.85
C PRO J 153 3.86 4.44 -30.65
N ILE J 154 3.33 4.24 -31.86
CA ILE J 154 3.73 3.16 -32.75
C ILE J 154 3.72 3.64 -34.19
N ILE J 155 4.60 3.09 -35.01
CA ILE J 155 4.63 3.29 -36.47
C ILE J 155 4.55 1.91 -37.13
N ILE J 156 3.78 1.77 -38.20
CA ILE J 156 3.64 0.48 -38.92
C ILE J 156 4.38 0.57 -40.25
N GLY J 157 5.26 -0.39 -40.53
CA GLY J 157 5.82 -0.64 -41.86
C GLY J 157 5.02 -1.70 -42.60
N ALA J 158 4.71 -1.49 -43.88
CA ALA J 158 3.92 -2.42 -44.68
C ALA J 158 4.39 -2.49 -46.14
N THR J 159 3.87 -3.44 -46.92
CA THR J 159 3.96 -3.39 -48.38
C THR J 159 3.03 -2.28 -48.91
N GLN J 160 3.23 -1.85 -50.15
CA GLN J 160 2.42 -0.78 -50.75
C GLN J 160 0.93 -1.13 -50.85
N LYS J 161 0.57 -2.37 -51.18
CA LYS J 161 -0.85 -2.80 -51.25
C LYS J 161 -1.46 -3.00 -49.86
N ASN J 162 -0.68 -3.51 -48.91
CA ASN J 162 -1.09 -3.57 -47.52
C ASN J 162 -1.35 -2.17 -46.95
N LYS J 163 -0.50 -1.17 -47.22
CA LYS J 163 -0.69 0.22 -46.77
C LYS J 163 -2.03 0.77 -47.22
N LEU J 164 -2.33 0.61 -48.50
CA LEU J 164 -3.60 0.99 -49.11
C LEU J 164 -4.80 0.33 -48.41
N SER J 165 -4.75 -0.98 -48.14
CA SER J 165 -5.82 -1.67 -47.43
C SER J 165 -6.02 -1.20 -45.99
N MET J 166 -4.97 -0.75 -45.27
CA MET J 166 -5.15 -0.19 -43.94
C MET J 166 -5.77 1.21 -43.94
N GLU J 167 -5.47 2.04 -44.93
CA GLU J 167 -6.10 3.35 -45.08
C GLU J 167 -7.61 3.25 -45.30
N ASN J 168 -8.09 2.22 -45.99
CA ASN J 168 -9.51 1.94 -46.14
C ASN J 168 -10.15 1.49 -44.82
N LEU J 169 -9.47 0.68 -44.00
CA LEU J 169 -9.97 0.28 -42.70
C LEU J 169 -10.15 1.49 -41.77
N TYR J 170 -9.21 2.42 -41.75
CA TYR J 170 -9.30 3.65 -40.95
C TYR J 170 -10.33 4.66 -41.46
N GLU J 171 -10.49 4.83 -42.77
CA GLU J 171 -11.42 5.82 -43.34
C GLU J 171 -12.89 5.56 -42.99
N LYS J 172 -13.20 4.35 -42.50
CA LYS J 172 -14.51 3.92 -42.03
C LYS J 172 -14.97 4.58 -40.72
N TYR J 173 -14.07 4.77 -39.75
CA TYR J 173 -14.41 5.22 -38.37
C TYR J 173 -13.44 6.25 -37.78
N SER J 174 -12.27 6.48 -38.38
CA SER J 174 -11.23 7.37 -37.87
C SER J 174 -11.40 8.79 -38.39
N SER J 175 -10.92 9.75 -37.61
CA SER J 175 -10.88 11.17 -37.93
C SER J 175 -9.50 11.65 -38.40
N PHE J 176 -8.48 10.80 -38.32
CA PHE J 176 -7.11 11.06 -38.79
C PHE J 176 -6.70 10.05 -39.89
N GLU J 177 -5.45 10.14 -40.35
CA GLU J 177 -4.77 9.11 -41.15
C GLU J 177 -3.89 8.20 -40.28
N PRO J 178 -3.83 6.88 -40.55
CA PRO J 178 -2.98 5.94 -39.80
C PRO J 178 -1.48 6.27 -39.90
N ASN J 179 -0.71 5.90 -38.88
CA ASN J 179 0.74 6.09 -38.85
C ASN J 179 1.43 4.91 -39.54
N ILE J 180 1.30 4.83 -40.85
CA ILE J 180 1.78 3.71 -41.66
C ILE J 180 2.61 4.22 -42.85
N LEU J 181 3.69 3.51 -43.16
CA LEU J 181 4.58 3.80 -44.29
C LEU J 181 4.97 2.53 -45.05
N VAL J 182 5.42 2.67 -46.29
CA VAL J 182 5.99 1.55 -47.06
C VAL J 182 7.42 1.29 -46.59
N ASP J 183 7.73 0.05 -46.24
CA ASP J 183 9.10 -0.39 -46.03
C ASP J 183 9.62 -1.08 -47.30
N GLU J 184 10.65 -0.51 -47.91
CA GLU J 184 11.27 -1.04 -49.12
C GLU J 184 11.88 -2.44 -48.95
N LYS J 185 12.51 -2.78 -47.82
CA LYS J 185 12.98 -4.15 -47.59
C LYS J 185 11.79 -5.10 -47.47
N LEU J 186 10.75 -4.70 -46.76
CA LEU J 186 9.56 -5.54 -46.56
C LEU J 186 8.86 -5.83 -47.88
N ALA J 187 8.69 -4.80 -48.72
CA ALA J 187 8.14 -4.91 -50.06
C ALA J 187 9.01 -5.71 -51.03
N GLN J 188 10.35 -5.58 -50.98
CA GLN J 188 11.28 -6.27 -51.88
C GLN J 188 11.36 -7.78 -51.63
N ALA J 189 11.64 -8.18 -50.39
CA ALA J 189 12.06 -9.54 -50.08
C ALA J 189 11.01 -10.61 -50.38
N LEU J 190 11.46 -11.73 -50.96
CA LEU J 190 10.68 -12.98 -51.09
C LEU J 190 10.64 -13.74 -49.75
N GLN J 191 9.95 -14.87 -49.74
CA GLN J 191 9.87 -15.80 -48.60
C GLN J 191 9.43 -15.10 -47.29
N GLU J 192 10.04 -15.41 -46.13
CA GLU J 192 9.62 -14.93 -44.80
C GLU J 192 9.75 -13.41 -44.56
N GLY J 193 9.01 -12.91 -43.58
CA GLY J 193 8.71 -11.50 -43.34
C GLY J 193 7.25 -11.18 -43.61
N LYS J 194 6.57 -10.55 -42.64
CA LYS J 194 5.11 -10.62 -42.51
C LYS J 194 4.29 -9.73 -43.45
N GLY J 195 4.84 -8.67 -44.03
CA GLY J 195 4.03 -7.70 -44.82
C GLY J 195 3.33 -6.59 -44.02
N PHE J 196 3.34 -6.69 -42.70
CA PHE J 196 3.13 -5.63 -41.71
C PHE J 196 4.15 -5.83 -40.60
N ASP J 197 4.84 -4.80 -40.13
CA ASP J 197 5.60 -4.85 -38.88
C ASP J 197 5.53 -3.53 -38.08
N ALA J 198 5.26 -3.64 -36.78
CA ALA J 198 5.05 -2.49 -35.92
C ALA J 198 6.28 -2.21 -35.07
N LEU J 199 6.84 -1.00 -35.12
CA LEU J 199 7.95 -0.58 -34.28
C LEU J 199 7.46 0.37 -33.19
N ASN J 200 7.68 -0.02 -31.94
CA ASN J 200 7.25 0.69 -30.74
C ASN J 200 8.13 1.94 -30.54
N THR J 201 7.55 3.12 -30.70
CA THR J 201 8.23 4.42 -30.62
C THR J 201 7.74 5.24 -29.42
N GLN J 202 7.05 4.62 -28.46
CA GLN J 202 6.40 5.26 -27.31
C GLN J 202 7.40 5.91 -26.36
N ALA J 203 7.38 7.23 -26.25
CA ALA J 203 8.12 8.01 -25.26
C ALA J 203 7.44 8.00 -23.87
N PRO J 204 8.16 8.23 -22.77
CA PRO J 204 7.56 8.43 -21.46
C PRO J 204 6.81 9.76 -21.35
N TYR J 205 5.76 9.82 -20.55
CA TYR J 205 5.02 11.06 -20.27
C TYR J 205 5.76 11.90 -19.22
N LEU J 206 6.19 13.12 -19.57
CA LEU J 206 7.00 13.98 -18.70
C LEU J 206 6.38 15.34 -18.33
N LEU J 207 5.21 15.71 -18.85
CA LEU J 207 4.74 17.11 -18.82
C LEU J 207 4.45 17.62 -17.41
N ASP J 208 3.84 16.80 -16.56
CA ASP J 208 3.61 17.00 -15.13
C ASP J 208 4.91 17.25 -14.33
N LYS J 209 5.94 16.44 -14.56
CA LYS J 209 7.27 16.56 -13.93
C LYS J 209 8.04 17.79 -14.38
N LEU J 210 7.98 18.17 -15.65
CA LEU J 210 8.67 19.31 -16.21
C LEU J 210 8.09 20.64 -15.73
N ALA J 211 6.78 20.73 -15.53
CA ALA J 211 6.14 21.91 -14.96
C ALA J 211 6.52 22.11 -13.47
N ASP J 212 6.65 21.02 -12.71
CA ASP J 212 7.18 21.05 -11.34
C ASP J 212 8.63 21.53 -11.25
N PHE J 213 9.52 21.04 -12.13
CA PHE J 213 10.92 21.44 -12.13
C PHE J 213 11.10 22.91 -12.49
N LYS J 214 10.29 23.45 -13.41
CA LYS J 214 10.30 24.88 -13.73
C LYS J 214 9.97 25.74 -12.52
N LYS J 215 8.98 25.34 -11.71
CA LYS J 215 8.59 26.01 -10.47
C LYS J 215 9.66 25.92 -9.37
N THR J 216 10.34 24.80 -9.28
CA THR J 216 11.54 24.64 -8.44
C THR J 216 12.68 25.58 -8.86
N CYS J 217 12.92 25.76 -10.16
CA CYS J 217 13.94 26.68 -10.66
C CYS J 217 13.62 28.14 -10.41
N GLU J 218 12.35 28.52 -10.52
CA GLU J 218 11.89 29.87 -10.22
C GLU J 218 12.14 30.26 -8.75
N ASN J 219 11.88 29.37 -7.80
CA ASN J 219 12.12 29.67 -6.38
C ASN J 219 13.60 29.82 -6.04
N GLU J 220 14.48 29.06 -6.70
CA GLU J 220 15.92 29.22 -6.58
C GLU J 220 16.39 30.60 -7.05
N LEU J 221 15.93 31.07 -8.22
CA LEU J 221 16.23 32.41 -8.73
C LEU J 221 15.77 33.51 -7.75
N LEU J 222 14.55 33.44 -7.24
CA LEU J 222 14.03 34.44 -6.32
C LEU J 222 14.78 34.49 -4.99
N THR J 223 15.34 33.37 -4.55
CA THR J 223 16.21 33.30 -3.37
C THR J 223 17.56 33.99 -3.60
N PHE J 224 18.22 33.78 -4.74
CA PHE J 224 19.44 34.49 -5.07
C PHE J 224 19.24 36.01 -5.20
N LEU J 225 18.05 36.47 -5.56
CA LEU J 225 17.70 37.89 -5.64
C LEU J 225 17.24 38.48 -4.29
N GLY J 226 16.95 37.65 -3.29
CA GLY J 226 16.41 38.06 -1.98
C GLY J 226 14.95 38.48 -1.97
N ILE J 227 14.17 38.10 -3.00
CA ILE J 227 12.85 38.67 -3.30
C ILE J 227 11.67 37.92 -2.67
N ASN J 228 11.80 36.62 -2.39
CA ASN J 228 10.66 35.77 -2.07
C ASN J 228 9.81 36.25 -0.87
N ASN J 247 13.24 31.18 4.46
CA ASN J 247 12.98 32.62 4.54
C ASN J 247 14.08 33.37 5.30
N SER J 248 14.82 32.72 6.19
CA SER J 248 15.97 33.30 6.88
C SER J 248 17.06 33.73 5.89
N GLN J 249 17.45 32.88 4.93
CA GLN J 249 18.43 33.24 3.91
C GLN J 249 17.92 34.33 2.96
N ILE J 250 16.62 34.32 2.62
CA ILE J 250 15.98 35.33 1.76
C ILE J 250 16.03 36.71 2.41
N THR J 251 15.60 36.80 3.66
CA THR J 251 15.70 38.05 4.43
C THR J 251 17.14 38.49 4.55
N PHE J 252 18.06 37.62 4.94
CA PHE J 252 19.49 37.92 5.08
C PHE J 252 20.14 38.43 3.78
N VAL J 253 19.74 37.91 2.62
CA VAL J 253 20.21 38.39 1.33
C VAL J 253 19.78 39.84 1.07
N LEU J 254 18.52 40.17 1.34
CA LEU J 254 18.00 41.54 1.18
C LEU J 254 18.54 42.51 2.26
N GLU J 255 18.82 42.04 3.47
CA GLU J 255 19.46 42.85 4.52
C GLU J 255 20.88 43.28 4.14
N MET J 256 21.72 42.37 3.63
CA MET J 256 23.05 42.72 3.12
C MET J 256 22.96 43.73 1.97
N ALA J 257 22.00 43.54 1.07
CA ALA J 257 21.76 44.46 -0.03
C ALA J 257 21.34 45.87 0.41
N TYR J 258 20.53 45.98 1.47
CA TYR J 258 20.08 47.25 2.03
C TYR J 258 21.18 47.96 2.82
N LYS J 259 21.90 47.24 3.66
CA LYS J 259 23.03 47.76 4.46
C LYS J 259 24.08 48.45 3.59
N ASN J 260 24.51 47.83 2.50
CA ASN J 260 25.47 48.45 1.58
C ASN J 260 24.95 49.77 0.97
N ARG J 261 23.64 49.92 0.75
CA ARG J 261 23.04 51.14 0.20
C ARG J 261 22.92 52.23 1.25
N LEU J 262 22.48 51.92 2.47
CA LEU J 262 22.49 52.85 3.62
C LEU J 262 23.89 53.43 3.89
N ASP J 263 24.93 52.60 3.86
CA ASP J 263 26.31 53.02 4.07
C ASP J 263 26.86 53.93 2.95
N ALA J 264 26.47 53.74 1.70
CA ALA J 264 26.82 54.67 0.62
C ALA J 264 26.00 55.98 0.69
N CYS J 265 24.75 55.88 1.11
CA CYS J 265 23.82 56.99 1.20
C CYS J 265 24.34 58.07 2.16
N LYS J 266 24.77 57.69 3.37
CA LYS J 266 25.39 58.63 4.30
C LYS J 266 26.74 59.19 3.82
N ARG J 267 27.56 58.40 3.12
CA ARG J 267 28.78 58.90 2.45
C ARG J 267 28.47 59.97 1.41
N ILE J 268 27.45 59.81 0.56
CA ILE J 268 27.08 60.82 -0.44
C ILE J 268 26.59 62.09 0.24
N ASN J 269 25.74 61.97 1.27
CA ASN J 269 25.29 63.10 2.07
C ASN J 269 26.43 63.84 2.77
N GLU J 270 27.48 63.14 3.19
CA GLU J 270 28.64 63.73 3.84
C GLU J 270 29.63 64.39 2.84
N MET J 271 29.87 63.82 1.65
CA MET J 271 30.75 64.40 0.63
C MET J 271 30.10 65.54 -0.18
N PHE J 272 28.77 65.61 -0.27
CA PHE J 272 28.08 66.55 -1.17
C PHE J 272 26.92 67.36 -0.57
N GLY J 273 26.38 66.99 0.60
CA GLY J 273 25.30 67.72 1.26
C GLY J 273 23.91 67.58 0.62
N LEU J 274 23.60 66.42 0.04
CA LEU J 274 22.43 66.22 -0.84
C LEU J 274 21.17 65.62 -0.19
N ASN J 275 21.23 65.13 1.04
CA ASN J 275 20.13 64.46 1.78
C ASN J 275 19.35 63.37 1.01
N LEU J 276 20.06 62.53 0.24
CA LEU J 276 19.54 61.26 -0.26
C LEU J 276 19.04 60.37 0.87
N GLU J 277 17.98 59.61 0.62
CA GLU J 277 17.50 58.51 1.46
C GLU J 277 17.08 57.32 0.58
N VAL J 278 17.21 56.10 1.12
CA VAL J 278 16.90 54.85 0.41
C VAL J 278 16.08 53.90 1.27
N GLU J 279 15.12 53.22 0.67
CA GLU J 279 14.17 52.35 1.36
C GLU J 279 13.90 51.04 0.60
N LYS J 280 13.54 49.98 1.33
CA LYS J 280 12.99 48.75 0.75
C LYS J 280 11.60 48.96 0.19
N VAL J 281 11.26 48.31 -0.90
CA VAL J 281 9.92 48.34 -1.50
C VAL J 281 9.11 47.17 -0.93
N VAL J 282 8.37 47.40 0.15
CA VAL J 282 7.40 46.43 0.70
C VAL J 282 6.10 46.42 -0.13
N ASN J 283 5.75 47.58 -0.71
CA ASN J 283 4.69 47.79 -1.70
C ASN J 283 5.13 48.87 -2.70
N LEU J 284 4.69 48.79 -3.96
CA LEU J 284 5.12 49.72 -5.01
C LEU J 284 4.49 51.10 -4.80
N LEU J 285 3.16 51.17 -4.71
CA LEU J 285 2.45 52.37 -4.30
C LEU J 285 2.50 52.57 -2.78
N GLU J 286 2.61 53.83 -2.38
CA GLU J 286 2.68 54.23 -0.96
C GLU J 286 1.34 54.14 -0.22
N VAL J 287 0.24 54.48 -0.90
CA VAL J 287 -1.12 54.51 -0.35
C VAL J 287 -2.19 54.35 -1.44
N ILE K 14 -13.65 26.42 -40.67
CA ILE K 14 -13.60 25.32 -39.68
C ILE K 14 -14.32 24.08 -40.24
N LEU K 15 -14.70 23.12 -39.40
CA LEU K 15 -15.44 21.88 -39.75
C LEU K 15 -14.73 20.85 -40.67
N LEU K 16 -13.48 21.04 -41.04
CA LEU K 16 -12.68 20.07 -41.81
C LEU K 16 -12.34 18.79 -41.01
N LYS K 17 -11.98 17.71 -41.70
CA LYS K 17 -11.44 16.52 -41.06
C LYS K 17 -10.05 16.77 -40.43
N ASN K 18 -9.86 16.29 -39.20
CA ASN K 18 -8.59 16.26 -38.48
C ASN K 18 -7.88 17.62 -38.31
N ASP K 19 -8.66 18.70 -38.23
CA ASP K 19 -8.21 20.06 -37.95
C ASP K 19 -9.30 20.88 -37.25
N VAL K 20 -8.90 21.96 -36.60
CA VAL K 20 -9.77 22.99 -36.05
C VAL K 20 -9.06 24.35 -36.10
N PHE K 21 -9.83 25.44 -36.17
CA PHE K 21 -9.33 26.82 -36.11
C PHE K 21 -9.07 27.25 -34.65
N MET K 22 -8.26 26.44 -33.94
CA MET K 22 -8.10 26.47 -32.49
C MET K 22 -7.49 27.77 -31.94
N VAL K 23 -6.60 28.42 -32.68
CA VAL K 23 -5.87 29.63 -32.24
C VAL K 23 -6.82 30.74 -31.78
N ASP K 24 -7.83 31.06 -32.57
CA ASP K 24 -8.75 32.18 -32.33
C ASP K 24 -9.51 32.08 -31.00
N ARG K 25 -10.05 30.89 -30.70
CA ARG K 25 -10.78 30.61 -29.47
C ARG K 25 -9.98 30.97 -28.23
N TYR K 26 -8.68 30.69 -28.20
CA TYR K 26 -7.84 30.98 -27.05
C TYR K 26 -7.24 32.39 -27.08
N TYR K 27 -6.84 32.86 -28.26
CA TYR K 27 -6.21 34.16 -28.40
C TYR K 27 -7.13 35.32 -28.03
N ASP K 28 -8.36 35.31 -28.53
CA ASP K 28 -9.36 36.34 -28.24
C ASP K 28 -9.88 36.24 -26.81
N TYR K 29 -10.11 35.03 -26.31
CA TYR K 29 -10.56 34.81 -24.93
C TYR K 29 -9.53 35.29 -23.89
N TYR K 30 -8.25 35.00 -24.04
CA TYR K 30 -7.23 35.53 -23.14
C TYR K 30 -6.91 37.00 -23.40
N SER K 31 -7.04 37.51 -24.62
CA SER K 31 -7.00 38.95 -24.86
C SER K 31 -8.09 39.74 -24.15
N ASN K 32 -9.34 39.27 -24.11
CA ASN K 32 -10.40 39.94 -23.35
C ASN K 32 -10.01 40.12 -21.88
N MET K 33 -9.40 39.13 -21.25
CA MET K 33 -8.93 39.27 -19.86
C MET K 33 -7.81 40.29 -19.74
N GLY K 34 -6.77 40.20 -20.57
CA GLY K 34 -5.60 41.07 -20.52
C GLY K 34 -5.89 42.55 -20.74
N LEU K 35 -6.86 42.86 -21.60
CA LEU K 35 -7.36 44.21 -21.87
C LEU K 35 -8.22 44.80 -20.75
N ASN K 36 -8.56 44.08 -19.69
CA ASN K 36 -9.47 44.53 -18.61
C ASN K 36 -8.83 44.60 -17.21
N ARG K 37 -7.51 44.81 -17.10
CA ARG K 37 -6.82 44.96 -15.80
C ARG K 37 -6.97 46.35 -15.18
N PHE K 38 -7.06 47.38 -16.00
CA PHE K 38 -7.04 48.79 -15.62
C PHE K 38 -8.13 49.59 -16.35
N ARG K 39 -8.53 50.72 -15.78
CA ARG K 39 -9.53 51.65 -16.34
C ARG K 39 -9.09 53.11 -16.15
N TRP K 40 -9.21 53.91 -17.20
CA TRP K 40 -8.85 55.33 -17.21
C TRP K 40 -10.14 56.18 -17.24
N LYS K 41 -10.38 57.07 -16.27
CA LYS K 41 -11.76 57.58 -16.01
C LYS K 41 -12.11 59.03 -16.41
N ASN K 42 -11.14 59.92 -16.61
CA ASN K 42 -11.36 61.25 -17.21
C ASN K 42 -10.44 61.37 -18.43
N LEU K 43 -10.98 61.69 -19.61
CA LEU K 43 -10.22 61.68 -20.87
C LEU K 43 -10.64 62.83 -21.79
N PRO K 44 -9.74 63.32 -22.63
CA PRO K 44 -10.07 64.26 -23.70
C PRO K 44 -11.25 63.82 -24.59
N PRO K 45 -11.91 64.75 -25.30
CA PRO K 45 -13.01 64.44 -26.20
C PRO K 45 -12.66 63.40 -27.28
N GLY K 46 -13.55 62.44 -27.53
CA GLY K 46 -13.44 61.47 -28.61
C GLY K 46 -12.50 60.28 -28.35
N MET K 47 -12.03 60.11 -27.11
CA MET K 47 -11.07 59.07 -26.72
C MET K 47 -11.62 58.19 -25.59
N GLU K 48 -11.33 56.89 -25.64
CA GLU K 48 -11.92 55.87 -24.77
C GLU K 48 -10.83 55.11 -24.00
N SER K 49 -11.15 54.60 -22.80
CA SER K 49 -10.20 53.85 -21.94
C SER K 49 -9.52 52.70 -22.68
N ARG K 50 -10.30 51.96 -23.47
CA ARG K 50 -9.85 50.87 -24.33
C ARG K 50 -8.72 51.24 -25.30
N HIS K 51 -8.67 52.48 -25.82
CA HIS K 51 -7.63 52.88 -26.78
C HIS K 51 -6.24 52.93 -26.16
N ILE K 52 -6.12 53.46 -24.94
CA ILE K 52 -4.85 53.52 -24.21
C ILE K 52 -4.39 52.10 -23.88
N GLU K 53 -5.30 51.31 -23.33
CA GLU K 53 -5.00 49.98 -22.84
C GLU K 53 -4.64 49.01 -23.97
N GLN K 54 -5.22 49.12 -25.17
CA GLN K 54 -4.79 48.26 -26.27
C GLN K 54 -3.42 48.64 -26.83
N ALA K 55 -3.01 49.90 -26.79
CA ALA K 55 -1.65 50.28 -27.16
C ALA K 55 -0.61 49.75 -26.15
N LEU K 56 -0.92 49.78 -24.86
CA LEU K 56 -0.09 49.18 -23.82
C LEU K 56 -0.04 47.65 -23.91
N PHE K 57 -1.17 47.02 -24.22
CA PHE K 57 -1.27 45.57 -24.33
C PHE K 57 -0.52 44.99 -25.54
N ASN K 58 -0.61 45.63 -26.72
CA ASN K 58 -0.03 45.11 -27.96
C ASN K 58 1.42 45.50 -28.22
N GLU K 59 1.89 46.66 -27.76
CA GLU K 59 3.26 47.16 -27.99
C GLU K 59 4.08 47.28 -26.70
N GLY K 60 3.45 47.28 -25.53
CA GLY K 60 4.11 47.42 -24.23
C GLY K 60 4.42 48.86 -23.85
N GLN K 61 4.30 49.79 -24.79
CA GLN K 61 4.56 51.20 -24.62
C GLN K 61 3.65 52.03 -25.55
N ALA K 62 3.27 53.22 -25.11
CA ALA K 62 2.39 54.12 -25.82
C ALA K 62 2.85 55.57 -25.67
N VAL K 63 2.54 56.45 -26.62
CA VAL K 63 2.85 57.87 -26.57
C VAL K 63 1.57 58.72 -26.61
N PHE K 64 1.44 59.63 -25.63
CA PHE K 64 0.32 60.56 -25.46
C PHE K 64 0.77 61.98 -25.87
N PHE K 65 0.08 62.58 -26.83
CA PHE K 65 0.45 63.89 -27.40
C PHE K 65 -0.76 64.66 -27.97
N LYS K 66 -0.63 65.99 -28.06
CA LYS K 66 -1.58 66.90 -28.70
C LYS K 66 -1.50 66.79 -30.22
N ASN K 67 -2.63 66.61 -30.91
CA ASN K 67 -2.68 66.55 -32.37
C ASN K 67 -2.42 67.92 -33.02
N THR K 68 -1.72 67.92 -34.16
CA THR K 68 -1.47 69.12 -34.97
C THR K 68 -2.02 69.00 -36.40
N ASP K 69 -2.22 67.77 -36.92
CA ASP K 69 -2.71 67.52 -38.28
C ASP K 69 -4.23 67.78 -38.36
N PRO K 70 -4.69 68.83 -39.08
CA PRO K 70 -6.08 69.28 -39.02
C PRO K 70 -7.05 68.30 -39.69
N ASN K 71 -6.55 67.38 -40.49
CA ASN K 71 -7.32 66.37 -41.20
C ASN K 71 -7.87 65.29 -40.25
N GLU K 72 -7.33 65.17 -39.03
CA GLU K 72 -7.71 64.14 -38.07
C GLU K 72 -8.59 64.74 -36.95
N PRO K 73 -9.76 64.17 -36.64
CA PRO K 73 -10.79 64.82 -35.82
C PRO K 73 -10.56 64.67 -34.30
N TYR K 74 -9.33 64.91 -33.86
CA TYR K 74 -8.90 64.66 -32.48
C TYR K 74 -8.10 65.84 -31.94
N GLY K 75 -8.27 66.10 -30.64
CA GLY K 75 -7.48 67.07 -29.89
C GLY K 75 -6.18 66.48 -29.34
N PHE K 76 -6.27 65.27 -28.80
CA PHE K 76 -5.18 64.48 -28.25
C PHE K 76 -5.25 63.05 -28.77
N LEU K 77 -4.10 62.42 -28.95
CA LEU K 77 -3.96 61.02 -29.36
C LEU K 77 -3.12 60.25 -28.36
N CYS K 78 -3.41 58.95 -28.19
CA CYS K 78 -2.57 58.01 -27.45
C CYS K 78 -2.37 56.76 -28.29
N LEU K 79 -1.16 56.53 -28.80
CA LEU K 79 -0.85 55.52 -29.82
C LEU K 79 0.34 54.64 -29.42
N PRO K 80 0.50 53.43 -29.97
CA PRO K 80 1.74 52.66 -29.77
C PRO K 80 2.99 53.43 -30.23
N CYS K 81 4.06 53.29 -29.44
CA CYS K 81 5.27 54.07 -29.58
C CYS K 81 6.42 53.25 -30.19
N ALA K 82 7.14 53.80 -31.16
CA ALA K 82 8.46 53.30 -31.56
C ALA K 82 9.54 54.36 -31.26
N PRO K 83 10.48 54.13 -30.34
CA PRO K 83 11.56 55.09 -30.08
C PRO K 83 12.56 55.19 -31.25
N SER K 84 13.15 56.36 -31.43
CA SER K 84 14.29 56.54 -32.34
C SER K 84 15.58 55.97 -31.72
N ASN K 85 16.58 55.65 -32.54
CA ASN K 85 17.78 54.93 -32.10
C ASN K 85 18.80 55.76 -31.28
N GLY K 86 18.66 57.09 -31.18
CA GLY K 86 19.54 57.93 -30.35
C GLY K 86 19.13 57.96 -28.89
N GLN K 87 20.08 58.12 -27.97
CA GLN K 87 19.86 58.04 -26.52
C GLN K 87 20.86 58.86 -25.67
N ASN K 88 20.46 59.27 -24.46
CA ASN K 88 21.35 59.94 -23.51
C ASN K 88 22.39 58.99 -22.82
N ILE K 89 23.19 59.50 -21.89
CA ILE K 89 24.18 58.70 -21.11
C ILE K 89 23.59 57.46 -20.44
N TYR K 90 22.38 57.55 -19.89
CA TYR K 90 21.67 56.47 -19.23
C TYR K 90 21.03 55.45 -20.20
N GLY K 91 20.86 55.81 -21.46
CA GLY K 91 20.17 55.00 -22.46
C GLY K 91 18.68 55.30 -22.63
N ASP K 92 18.21 56.45 -22.16
CA ASP K 92 16.86 56.91 -22.49
C ASP K 92 16.79 57.38 -23.95
N PRO K 93 15.78 56.99 -24.75
CA PRO K 93 15.66 57.45 -26.13
C PRO K 93 15.36 58.95 -26.21
N VAL K 94 15.99 59.67 -27.15
CA VAL K 94 15.84 61.13 -27.25
C VAL K 94 14.54 61.58 -27.90
N ASP K 95 13.91 60.77 -28.76
CA ASP K 95 12.65 61.07 -29.48
C ASP K 95 11.78 59.80 -29.62
N PHE K 96 10.47 60.03 -29.80
CA PHE K 96 9.38 59.07 -29.82
C PHE K 96 8.60 59.16 -31.14
N ASN K 97 8.13 58.05 -31.71
CA ASN K 97 7.31 58.06 -32.94
C ASN K 97 5.97 57.38 -32.65
N GLY K 98 4.85 58.06 -32.93
CA GLY K 98 3.50 57.53 -32.71
C GLY K 98 2.99 56.81 -33.95
N ILE K 99 2.64 55.53 -33.83
CA ILE K 99 2.20 54.74 -35.00
C ILE K 99 0.68 54.54 -34.95
N GLY K 100 -0.04 54.98 -35.99
CA GLY K 100 -1.49 54.84 -36.13
C GLY K 100 -1.89 53.91 -37.28
N VAL K 101 -3.17 53.51 -37.37
CA VAL K 101 -3.67 52.79 -38.56
C VAL K 101 -3.69 53.76 -39.74
N ASN K 102 -3.00 53.42 -40.84
CA ASN K 102 -2.79 54.29 -42.01
C ASN K 102 -2.14 55.65 -41.71
N LYS K 103 -1.36 55.77 -40.62
CA LYS K 103 -0.80 57.03 -40.13
C LYS K 103 0.52 56.82 -39.39
N TYR K 104 1.36 57.85 -39.31
CA TYR K 104 2.67 57.79 -38.69
C TYR K 104 3.10 59.20 -38.28
N PHE K 105 3.32 59.46 -36.99
CA PHE K 105 3.67 60.78 -36.48
C PHE K 105 5.18 60.83 -36.21
N THR K 106 5.88 61.71 -36.93
CA THR K 106 7.34 61.87 -36.88
C THR K 106 7.81 62.53 -35.57
N ASN K 107 8.99 62.16 -35.11
CA ASN K 107 9.72 62.53 -33.89
C ASN K 107 9.01 63.55 -32.96
N LEU K 108 8.20 63.04 -32.06
CA LEU K 108 7.75 63.69 -30.82
C LEU K 108 8.87 63.60 -29.78
N SER K 109 8.85 64.40 -28.71
CA SER K 109 9.96 64.46 -27.76
C SER K 109 9.51 64.45 -26.30
N PRO K 110 10.39 64.14 -25.33
CA PRO K 110 10.08 64.24 -23.91
C PRO K 110 9.68 65.65 -23.45
N LEU K 111 9.93 66.68 -24.26
CA LEU K 111 9.51 68.06 -23.99
C LEU K 111 8.05 68.34 -24.36
N ASN K 112 7.43 67.54 -25.24
CA ASN K 112 6.09 67.80 -25.79
C ASN K 112 5.14 66.59 -25.83
N ALA K 113 5.56 65.43 -25.32
CA ALA K 113 4.76 64.22 -25.23
C ALA K 113 5.13 63.41 -23.99
N VAL K 114 4.27 62.50 -23.57
CA VAL K 114 4.56 61.54 -22.49
C VAL K 114 4.56 60.12 -23.04
N ARG K 115 5.63 59.36 -22.83
CA ARG K 115 5.68 57.91 -23.10
C ARG K 115 5.25 57.10 -21.87
N ILE K 116 4.24 56.27 -22.04
CA ILE K 116 3.66 55.38 -21.02
C ILE K 116 4.22 53.97 -21.22
N LEU K 117 4.57 53.27 -20.14
CA LEU K 117 5.00 51.86 -20.19
C LEU K 117 3.97 50.94 -19.52
N ASP K 118 3.77 49.72 -20.02
CA ASP K 118 3.06 48.67 -19.29
C ASP K 118 3.87 48.17 -18.08
N ASN K 119 5.19 48.08 -18.25
CA ASN K 119 6.19 47.58 -17.31
C ASN K 119 7.57 48.15 -17.71
N ASP K 120 8.57 48.17 -16.83
CA ASP K 120 9.80 48.96 -17.04
C ASP K 120 10.67 48.57 -18.26
N ASN K 121 10.63 47.32 -18.71
CA ASN K 121 11.31 46.90 -19.93
C ASN K 121 10.46 47.12 -21.20
N GLY K 122 9.19 47.53 -21.08
CA GLY K 122 8.28 47.68 -22.21
C GLY K 122 7.99 46.37 -22.93
N LEU K 123 7.98 45.23 -22.23
CA LEU K 123 7.64 43.92 -22.77
C LEU K 123 6.13 43.84 -23.01
N ALA K 124 5.65 43.61 -24.23
CA ALA K 124 4.22 43.58 -24.50
C ALA K 124 3.53 42.33 -23.90
N PRO K 125 2.41 42.47 -23.15
CA PRO K 125 1.61 41.35 -22.65
C PRO K 125 1.10 40.35 -23.71
N VAL K 126 0.89 40.77 -24.96
CA VAL K 126 0.54 39.85 -26.06
C VAL K 126 1.59 38.77 -26.34
N ARG K 127 2.86 39.01 -26.02
CA ARG K 127 3.93 38.03 -26.27
C ARG K 127 3.81 36.79 -25.40
N HIS K 128 3.27 36.92 -24.20
CA HIS K 128 2.89 35.78 -23.35
C HIS K 128 1.72 34.99 -23.91
N ILE K 129 0.66 35.69 -24.34
CA ILE K 129 -0.55 35.09 -24.90
C ILE K 129 -0.24 34.30 -26.17
N ALA K 130 0.55 34.85 -27.09
CA ALA K 130 0.93 34.18 -28.33
C ALA K 130 1.68 32.84 -28.14
N TYR K 131 2.56 32.72 -27.16
CA TYR K 131 3.21 31.45 -26.83
C TYR K 131 2.23 30.41 -26.26
N TYR K 132 1.42 30.80 -25.28
CA TYR K 132 0.50 29.90 -24.64
C TYR K 132 -0.68 29.47 -25.54
N THR K 133 -1.10 30.28 -26.52
CA THR K 133 -2.13 29.84 -27.46
C THR K 133 -1.60 28.82 -28.44
N TYR K 134 -0.36 28.96 -28.90
CA TYR K 134 0.32 27.92 -29.64
C TYR K 134 0.36 26.62 -28.84
N LEU K 135 0.78 26.63 -27.57
CA LEU K 135 0.85 25.45 -26.72
C LEU K 135 -0.52 24.79 -26.49
N MET K 136 -1.56 25.54 -26.15
CA MET K 136 -2.90 24.99 -25.93
C MET K 136 -3.53 24.39 -27.18
N SER K 137 -3.22 24.91 -28.37
CA SER K 137 -3.64 24.31 -29.63
C SER K 137 -2.93 22.96 -29.93
N GLN K 138 -1.70 22.77 -29.48
CA GLN K 138 -0.96 21.50 -29.60
C GLN K 138 -1.44 20.45 -28.61
N ILE K 139 -1.85 20.85 -27.41
CA ILE K 139 -2.48 19.95 -26.44
C ILE K 139 -3.82 19.45 -26.98
N GLU K 140 -4.64 20.31 -27.56
CA GLU K 140 -5.89 19.92 -28.20
C GLU K 140 -5.70 18.88 -29.30
N MET K 141 -4.76 19.12 -30.21
CA MET K 141 -4.47 18.19 -31.28
C MET K 141 -4.07 16.82 -30.75
N THR K 142 -3.23 16.78 -29.71
CA THR K 142 -2.79 15.57 -29.03
C THR K 142 -3.92 14.84 -28.32
N ILE K 143 -4.87 15.53 -27.70
CA ILE K 143 -6.09 14.96 -27.12
C ILE K 143 -6.89 14.25 -28.19
N ASN K 144 -7.11 14.89 -29.33
CA ASN K 144 -7.91 14.37 -30.43
C ASN K 144 -7.27 13.17 -31.11
N MET K 145 -5.96 13.19 -31.32
CA MET K 145 -5.23 12.05 -31.86
C MET K 145 -5.22 10.86 -30.90
N ASN K 146 -4.99 11.09 -29.62
CA ASN K 146 -5.02 10.03 -28.62
C ASN K 146 -6.42 9.42 -28.46
N LEU K 147 -7.50 10.20 -28.51
CA LEU K 147 -8.86 9.70 -28.48
C LEU K 147 -9.16 8.81 -29.69
N ASP K 148 -8.80 9.22 -30.89
CA ASP K 148 -9.02 8.43 -32.09
C ASP K 148 -8.27 7.10 -32.07
N GLN K 149 -7.06 7.10 -31.51
CA GLN K 149 -6.23 5.92 -31.36
C GLN K 149 -6.80 4.87 -30.39
N GLN K 150 -7.67 5.22 -29.45
CA GLN K 150 -8.32 4.24 -28.56
C GLN K 150 -9.28 3.30 -29.29
N LYS K 151 -9.79 3.67 -30.46
CA LYS K 151 -10.69 2.85 -31.28
C LYS K 151 -10.03 1.61 -31.89
N PHE K 152 -8.69 1.53 -31.92
CA PHE K 152 -7.94 0.52 -32.67
C PHE K 152 -6.85 -0.21 -31.83
N PRO K 153 -7.17 -0.90 -30.73
CA PRO K 153 -6.15 -1.58 -29.91
C PRO K 153 -5.46 -2.75 -30.61
N ILE K 154 -6.13 -3.43 -31.54
CA ILE K 154 -5.55 -4.51 -32.33
C ILE K 154 -6.09 -4.45 -33.75
N ILE K 155 -5.28 -4.88 -34.71
CA ILE K 155 -5.66 -5.07 -36.12
C ILE K 155 -5.35 -6.52 -36.49
N ILE K 156 -6.23 -7.19 -37.23
CA ILE K 156 -6.01 -8.58 -37.67
C ILE K 156 -5.71 -8.61 -39.16
N GLY K 157 -4.61 -9.26 -39.54
CA GLY K 157 -4.32 -9.65 -40.92
C GLY K 157 -4.80 -11.07 -41.20
N ALA K 158 -5.45 -11.31 -42.33
CA ALA K 158 -5.97 -12.64 -42.68
C ALA K 158 -5.87 -12.92 -44.19
N THR K 159 -6.13 -14.16 -44.60
CA THR K 159 -6.42 -14.47 -46.02
C THR K 159 -7.81 -13.92 -46.39
N GLN K 160 -8.09 -13.78 -47.69
CA GLN K 160 -9.37 -13.25 -48.15
C GLN K 160 -10.58 -14.09 -47.72
N LYS K 161 -10.50 -15.42 -47.73
CA LYS K 161 -11.59 -16.29 -47.28
C LYS K 161 -11.73 -16.31 -45.76
N ASN K 162 -10.61 -16.26 -45.03
CA ASN K 162 -10.64 -16.08 -43.60
C ASN K 162 -11.29 -14.75 -43.20
N LYS K 163 -10.99 -13.63 -43.87
CA LYS K 163 -11.59 -12.32 -43.60
C LYS K 163 -13.11 -12.38 -43.69
N LEU K 164 -13.61 -12.96 -44.78
CA LEU K 164 -15.04 -13.20 -45.01
C LEU K 164 -15.68 -14.01 -43.86
N SER K 165 -15.06 -15.11 -43.43
CA SER K 165 -15.58 -15.91 -42.32
C SER K 165 -15.60 -15.16 -40.97
N MET K 166 -14.68 -14.23 -40.71
CA MET K 166 -14.74 -13.42 -39.49
C MET K 166 -15.86 -12.36 -39.52
N GLU K 167 -16.14 -11.77 -40.66
CA GLU K 167 -17.25 -10.83 -40.82
C GLU K 167 -18.60 -11.48 -40.53
N ASN K 168 -18.79 -12.75 -40.87
CA ASN K 168 -19.97 -13.52 -40.51
C ASN K 168 -20.07 -13.79 -39.01
N LEU K 169 -18.95 -14.09 -38.32
CA LEU K 169 -18.93 -14.28 -36.89
C LEU K 169 -19.36 -12.98 -36.15
N TYR K 170 -18.88 -11.83 -36.58
CA TYR K 170 -19.25 -10.53 -35.99
C TYR K 170 -20.68 -10.10 -36.30
N GLU K 171 -21.20 -10.34 -37.51
CA GLU K 171 -22.54 -9.90 -37.90
C GLU K 171 -23.67 -10.54 -37.06
N LYS K 172 -23.36 -11.60 -36.33
CA LYS K 172 -24.24 -12.30 -35.40
C LYS K 172 -24.61 -11.51 -34.14
N TYR K 173 -23.65 -10.79 -33.53
CA TYR K 173 -23.81 -10.14 -32.21
C TYR K 173 -23.21 -8.72 -32.12
N SER K 174 -22.41 -8.28 -33.10
CA SER K 174 -21.71 -6.99 -33.08
C SER K 174 -22.54 -5.90 -33.73
N SER K 175 -22.31 -4.67 -33.31
CA SER K 175 -22.91 -3.45 -33.84
C SER K 175 -21.98 -2.68 -34.79
N PHE K 176 -20.71 -3.09 -34.91
CA PHE K 176 -19.70 -2.53 -35.81
C PHE K 176 -19.21 -3.59 -36.82
N GLU K 177 -18.24 -3.22 -37.66
CA GLU K 177 -17.41 -4.14 -38.45
C GLU K 177 -16.07 -4.45 -37.77
N PRO K 178 -15.55 -5.69 -37.84
CA PRO K 178 -14.26 -6.07 -37.26
C PRO K 178 -13.08 -5.29 -37.88
N ASN K 179 -12.01 -5.10 -37.10
CA ASN K 179 -10.78 -4.45 -37.56
C ASN K 179 -9.86 -5.46 -38.24
N ILE K 180 -10.26 -5.93 -39.41
CA ILE K 180 -9.59 -6.99 -40.15
C ILE K 180 -9.32 -6.58 -41.59
N LEU K 181 -8.15 -6.94 -42.12
CA LEU K 181 -7.74 -6.68 -43.50
C LEU K 181 -7.07 -7.90 -44.14
N VAL K 182 -7.02 -7.95 -45.47
CA VAL K 182 -6.24 -8.98 -46.19
C VAL K 182 -4.76 -8.62 -46.15
N ASP K 183 -3.92 -9.55 -45.73
CA ASP K 183 -2.48 -9.44 -45.89
C ASP K 183 -2.05 -10.22 -47.14
N GLU K 184 -1.48 -9.52 -48.12
CA GLU K 184 -1.01 -10.12 -49.37
C GLU K 184 0.12 -11.13 -49.19
N LYS K 185 1.07 -10.94 -48.28
CA LYS K 185 2.09 -11.97 -47.99
C LYS K 185 1.43 -13.19 -47.36
N LEU K 186 0.52 -12.99 -46.42
CA LEU K 186 -0.16 -14.09 -45.73
C LEU K 186 -0.99 -14.93 -46.70
N ALA K 187 -1.74 -14.28 -47.59
CA ALA K 187 -2.50 -14.91 -48.66
C ALA K 187 -1.63 -15.60 -49.72
N GLN K 188 -0.48 -15.02 -50.11
CA GLN K 188 0.41 -15.58 -51.14
C GLN K 188 1.13 -16.85 -50.70
N ALA K 189 1.82 -16.80 -49.57
CA ALA K 189 2.81 -17.81 -49.18
C ALA K 189 2.21 -19.21 -48.97
N LEU K 190 2.93 -20.23 -49.48
CA LEU K 190 2.70 -21.64 -49.17
C LEU K 190 3.27 -22.00 -47.78
N GLN K 191 3.10 -23.25 -47.37
CA GLN K 191 3.66 -23.82 -46.13
C GLN K 191 3.31 -22.98 -44.87
N GLU K 192 4.23 -22.76 -43.94
CA GLU K 192 3.98 -22.11 -42.64
C GLU K 192 3.55 -20.63 -42.69
N GLY K 193 2.93 -20.18 -41.61
CA GLY K 193 2.18 -18.92 -41.51
C GLY K 193 0.68 -19.19 -41.36
N LYS K 194 0.06 -18.59 -40.34
CA LYS K 194 -1.19 -19.10 -39.75
C LYS K 194 -2.48 -18.81 -40.51
N GLY K 195 -2.55 -17.82 -41.40
CA GLY K 195 -3.83 -17.41 -42.03
C GLY K 195 -4.70 -16.44 -41.23
N PHE K 196 -4.35 -16.17 -39.98
CA PHE K 196 -4.72 -15.03 -39.15
C PHE K 196 -3.48 -14.58 -38.40
N ASP K 197 -3.16 -13.28 -38.34
CA ASP K 197 -2.17 -12.76 -37.40
C ASP K 197 -2.56 -11.38 -36.84
N ALA K 198 -2.46 -11.21 -35.53
CA ALA K 198 -2.90 -10.02 -34.83
C ALA K 198 -1.71 -9.13 -34.46
N LEU K 199 -1.71 -7.87 -34.88
CA LEU K 199 -0.69 -6.90 -34.50
C LEU K 199 -1.24 -5.92 -33.48
N ASN K 200 -0.60 -5.87 -32.31
CA ASN K 200 -0.99 -5.05 -31.17
C ASN K 200 -0.64 -3.58 -31.45
N THR K 201 -1.66 -2.74 -31.61
CA THR K 201 -1.55 -1.31 -31.95
C THR K 201 -2.03 -0.42 -30.80
N GLN K 202 -2.17 -0.96 -29.59
CA GLN K 202 -2.73 -0.29 -28.40
C GLN K 202 -1.87 0.89 -27.93
N ALA K 203 -2.39 2.11 -28.03
CA ALA K 203 -1.81 3.31 -27.46
C ALA K 203 -2.09 3.44 -25.94
N PRO K 204 -1.28 4.18 -25.17
CA PRO K 204 -1.58 4.51 -23.79
C PRO K 204 -2.75 5.50 -23.66
N TYR K 205 -3.53 5.40 -22.59
CA TYR K 205 -4.60 6.36 -22.29
C TYR K 205 -4.03 7.64 -21.67
N LEU K 206 -4.20 8.80 -22.32
CA LEU K 206 -3.62 10.08 -21.90
C LEU K 206 -4.62 11.20 -21.57
N LEU K 207 -5.94 11.01 -21.75
CA LEU K 207 -6.89 12.12 -21.79
C LEU K 207 -7.02 12.87 -20.45
N ASP K 208 -7.04 12.15 -19.34
CA ASP K 208 -7.00 12.62 -17.96
C ASP K 208 -5.75 13.49 -17.66
N LYS K 209 -4.56 13.04 -18.07
CA LYS K 209 -3.28 13.75 -17.92
C LYS K 209 -3.18 15.02 -18.78
N LEU K 210 -3.69 14.99 -20.00
CA LEU K 210 -3.65 16.12 -20.93
C LEU K 210 -4.58 17.25 -20.50
N ALA K 211 -5.73 16.95 -19.92
CA ALA K 211 -6.63 17.95 -19.36
C ALA K 211 -6.03 18.65 -18.12
N ASP K 212 -5.31 17.91 -17.28
CA ASP K 212 -4.52 18.47 -16.17
C ASP K 212 -3.40 19.41 -16.62
N PHE K 213 -2.63 19.03 -17.64
CA PHE K 213 -1.54 19.86 -18.14
C PHE K 213 -2.04 21.16 -18.76
N LYS K 214 -3.18 21.13 -19.45
CA LYS K 214 -3.82 22.34 -19.99
C LYS K 214 -4.17 23.34 -18.89
N LYS K 215 -4.69 22.87 -17.76
CA LYS K 215 -5.02 23.66 -16.57
C LYS K 215 -3.78 24.23 -15.87
N THR K 216 -2.70 23.46 -15.83
CA THR K 216 -1.38 23.94 -15.39
C THR K 216 -0.83 25.05 -16.29
N CYS K 217 -0.98 24.96 -17.61
CA CYS K 217 -0.56 25.99 -18.54
C CYS K 217 -1.37 27.28 -18.44
N GLU K 218 -2.67 27.18 -18.20
CA GLU K 218 -3.54 28.32 -17.98
C GLU K 218 -3.12 29.14 -16.75
N ASN K 219 -2.78 28.51 -15.64
CA ASN K 219 -2.36 29.22 -14.43
C ASN K 219 -1.02 29.95 -14.60
N GLU K 220 -0.10 29.37 -15.37
CA GLU K 220 1.15 30.03 -15.74
C GLU K 220 0.91 31.31 -16.55
N LEU K 221 0.05 31.28 -17.57
CA LEU K 221 -0.33 32.45 -18.34
C LEU K 221 -0.95 33.56 -17.47
N LEU K 222 -1.89 33.22 -16.60
CA LEU K 222 -2.53 34.20 -15.72
C LEU K 222 -1.55 34.84 -14.72
N THR K 223 -0.52 34.13 -14.31
CA THR K 223 0.55 34.66 -13.46
C THR K 223 1.43 35.66 -14.21
N PHE K 224 1.83 35.39 -15.46
CA PHE K 224 2.57 36.37 -16.26
C PHE K 224 1.76 37.64 -16.56
N LEU K 225 0.43 37.56 -16.59
CA LEU K 225 -0.45 38.72 -16.77
C LEU K 225 -0.78 39.45 -15.46
N GLY K 226 -0.48 38.87 -14.30
CA GLY K 226 -0.81 39.41 -12.98
C GLY K 226 -2.28 39.31 -12.58
N ILE K 227 -3.06 38.44 -13.23
CA ILE K 227 -4.53 38.43 -13.19
C ILE K 227 -5.13 37.53 -12.11
N ASN K 228 -4.44 36.47 -11.69
CA ASN K 228 -5.06 35.41 -10.89
C ASN K 228 -5.72 35.87 -9.58
N ASN K 247 0.56 33.81 -4.87
CA ASN K 247 -0.21 35.05 -4.93
C ASN K 247 0.65 36.30 -4.69
N SER K 248 1.78 36.19 -3.99
CA SER K 248 2.72 37.27 -3.79
C SER K 248 3.30 37.77 -5.13
N GLN K 249 3.75 36.87 -6.02
CA GLN K 249 4.25 37.25 -7.34
C GLN K 249 3.13 37.82 -8.24
N ILE K 250 1.92 37.30 -8.15
CA ILE K 250 0.75 37.77 -8.91
C ILE K 250 0.40 39.21 -8.54
N THR K 251 0.28 39.48 -7.24
CA THR K 251 0.05 40.84 -6.74
C THR K 251 1.19 41.76 -7.16
N PHE K 252 2.44 41.37 -6.94
CA PHE K 252 3.62 42.15 -7.31
C PHE K 252 3.71 42.48 -8.81
N VAL K 253 3.28 41.58 -9.68
CA VAL K 253 3.20 41.83 -11.11
C VAL K 253 2.19 42.94 -11.46
N LEU K 254 1.00 42.90 -10.87
CA LEU K 254 -0.03 43.92 -11.06
C LEU K 254 0.31 45.26 -10.37
N GLU K 255 1.03 45.24 -9.25
CA GLU K 255 1.53 46.46 -8.60
C GLU K 255 2.53 47.22 -9.46
N MET K 256 3.51 46.55 -10.07
CA MET K 256 4.45 47.16 -11.01
C MET K 256 3.70 47.75 -12.22
N ALA K 257 2.72 47.03 -12.73
CA ALA K 257 1.89 47.49 -13.83
C ALA K 257 1.06 48.73 -13.50
N TYR K 258 0.55 48.85 -12.27
CA TYR K 258 -0.23 50.00 -11.81
C TYR K 258 0.65 51.22 -11.53
N LYS K 259 1.79 51.03 -10.86
CA LYS K 259 2.76 52.08 -10.55
C LYS K 259 3.23 52.82 -11.79
N ASN K 260 3.59 52.12 -12.85
CA ASN K 260 3.99 52.76 -14.12
C ASN K 260 2.87 53.63 -14.73
N ARG K 261 1.60 53.27 -14.55
CA ARG K 261 0.45 54.02 -15.06
C ARG K 261 0.17 55.26 -14.21
N LEU K 262 0.18 55.15 -12.89
CA LEU K 262 0.10 56.29 -11.96
C LEU K 262 1.16 57.36 -12.24
N ASP K 263 2.41 56.94 -12.46
CA ASP K 263 3.52 57.83 -12.77
C ASP K 263 3.40 58.55 -14.12
N ALA K 264 2.83 57.91 -15.15
CA ALA K 264 2.51 58.58 -16.42
C ALA K 264 1.31 59.52 -16.29
N CYS K 265 0.33 59.14 -15.49
CA CYS K 265 -0.92 59.86 -15.29
C CYS K 265 -0.66 61.25 -14.72
N LYS K 266 0.16 61.37 -13.66
CA LYS K 266 0.57 62.68 -13.13
C LYS K 266 1.42 63.50 -14.10
N ARG K 267 2.30 62.88 -14.88
CA ARG K 267 3.03 63.55 -15.98
C ARG K 267 2.09 64.15 -17.02
N ILE K 268 1.05 63.43 -17.46
CA ILE K 268 0.09 63.96 -18.45
C ILE K 268 -0.68 65.15 -17.86
N ASN K 269 -1.16 65.01 -16.61
CA ASN K 269 -1.81 66.10 -15.89
C ASN K 269 -0.92 67.34 -15.72
N GLU K 270 0.39 67.16 -15.54
CA GLU K 270 1.34 68.25 -15.39
C GLU K 270 1.72 68.91 -16.73
N MET K 271 1.88 68.15 -17.83
CA MET K 271 2.20 68.71 -19.16
C MET K 271 0.98 69.31 -19.89
N PHE K 272 -0.25 68.92 -19.57
CA PHE K 272 -1.44 69.31 -20.35
C PHE K 272 -2.65 69.81 -19.54
N GLY K 273 -2.71 69.60 -18.21
CA GLY K 273 -3.81 70.08 -17.38
C GLY K 273 -5.14 69.32 -17.52
N LEU K 274 -5.09 68.01 -17.79
CA LEU K 274 -6.25 67.23 -18.21
C LEU K 274 -7.00 66.42 -17.11
N ASN K 275 -6.46 66.33 -15.90
CA ASN K 275 -7.00 65.55 -14.75
C ASN K 275 -7.44 64.10 -15.05
N LEU K 276 -6.66 63.38 -15.87
CA LEU K 276 -6.74 61.92 -15.98
C LEU K 276 -6.58 61.24 -14.62
N GLU K 277 -7.27 60.13 -14.40
CA GLU K 277 -7.08 59.20 -13.30
C GLU K 277 -7.19 57.75 -13.80
N VAL K 278 -6.47 56.84 -13.15
CA VAL K 278 -6.41 55.42 -13.52
C VAL K 278 -6.57 54.51 -12.30
N GLU K 279 -7.30 53.41 -12.47
CA GLU K 279 -7.64 52.49 -11.38
C GLU K 279 -7.55 51.02 -11.80
N LYS K 280 -7.29 50.13 -10.84
CA LYS K 280 -7.41 48.68 -11.02
C LYS K 280 -8.87 48.25 -11.13
N VAL K 281 -9.16 47.26 -11.94
CA VAL K 281 -10.50 46.70 -12.09
C VAL K 281 -10.64 45.52 -11.12
N VAL K 282 -11.13 45.76 -9.91
CA VAL K 282 -11.49 44.71 -8.94
C VAL K 282 -12.84 44.05 -9.31
N ASN K 283 -13.75 44.83 -9.92
CA ASN K 283 -15.00 44.41 -10.55
C ASN K 283 -15.27 45.28 -11.79
N LEU K 284 -15.92 44.72 -12.81
CA LEU K 284 -16.16 45.44 -14.09
C LEU K 284 -17.21 46.53 -13.91
N LEU K 285 -18.39 46.17 -13.41
CA LEU K 285 -19.40 47.14 -13.00
C LEU K 285 -19.07 47.74 -11.62
N GLU K 286 -19.39 49.02 -11.47
CA GLU K 286 -19.14 49.78 -10.23
C GLU K 286 -20.13 49.44 -9.10
N VAL K 287 -21.40 49.21 -9.45
CA VAL K 287 -22.49 48.93 -8.51
C VAL K 287 -23.64 48.14 -9.17
N ILE L 14 -32.00 8.73 -37.92
CA ILE L 14 -31.29 8.02 -36.84
C ILE L 14 -31.57 6.50 -36.94
N LEU L 15 -31.33 5.73 -35.89
CA LEU L 15 -31.59 4.27 -35.79
C LEU L 15 -30.77 3.32 -36.71
N LEU L 16 -29.82 3.82 -37.49
CA LEU L 16 -28.91 3.00 -38.30
C LEU L 16 -27.92 2.17 -37.46
N LYS L 17 -27.34 1.12 -38.05
CA LYS L 17 -26.23 0.39 -37.43
C LYS L 17 -24.95 1.24 -37.32
N ASN L 18 -24.31 1.20 -36.15
CA ASN L 18 -22.99 1.78 -35.87
C ASN L 18 -22.86 3.29 -36.15
N ASP L 19 -23.96 4.03 -36.00
CA ASP L 19 -24.02 5.48 -36.09
C ASP L 19 -25.16 6.06 -35.23
N VAL L 20 -25.07 7.34 -34.91
CA VAL L 20 -26.12 8.13 -34.28
C VAL L 20 -26.04 9.58 -34.77
N PHE L 21 -27.17 10.29 -34.76
CA PHE L 21 -27.26 11.72 -35.08
C PHE L 21 -26.85 12.57 -33.85
N MET L 22 -25.65 12.31 -33.33
CA MET L 22 -25.18 12.76 -32.02
C MET L 22 -25.02 14.29 -31.89
N VAL L 23 -24.65 14.99 -32.98
CA VAL L 23 -24.37 16.44 -32.98
C VAL L 23 -25.55 17.23 -32.42
N ASP L 24 -26.76 16.99 -32.90
CA ASP L 24 -27.96 17.77 -32.56
C ASP L 24 -28.28 17.77 -31.06
N ARG L 25 -28.23 16.59 -30.43
CA ARG L 25 -28.48 16.42 -28.99
C ARG L 25 -27.62 17.35 -28.15
N TYR L 26 -26.35 17.52 -28.48
CA TYR L 26 -25.44 18.37 -27.71
C TYR L 26 -25.48 19.83 -28.15
N TYR L 27 -25.59 20.09 -29.45
CA TYR L 27 -25.56 21.44 -29.99
C TYR L 27 -26.75 22.28 -29.54
N ASP L 28 -27.96 21.73 -29.61
CA ASP L 28 -29.19 22.41 -29.19
C ASP L 28 -29.28 22.52 -27.67
N TYR L 29 -28.89 21.48 -26.93
CA TYR L 29 -28.88 21.49 -25.48
C TYR L 29 -27.91 22.54 -24.89
N TYR L 30 -26.69 22.66 -25.40
CA TYR L 30 -25.77 23.73 -24.96
C TYR L 30 -26.13 25.09 -25.53
N SER L 31 -26.73 25.19 -26.71
CA SER L 31 -27.32 26.45 -27.18
C SER L 31 -28.44 26.98 -26.29
N ASN L 32 -29.36 26.16 -25.79
CA ASN L 32 -30.38 26.61 -24.85
C ASN L 32 -29.77 27.29 -23.63
N MET L 33 -28.69 26.76 -23.06
CA MET L 33 -28.00 27.40 -21.94
C MET L 33 -27.37 28.74 -22.33
N GLY L 34 -26.61 28.77 -23.42
CA GLY L 34 -25.89 29.96 -23.88
C GLY L 34 -26.79 31.16 -24.23
N LEU L 35 -27.98 30.88 -24.78
CA LEU L 35 -29.01 31.87 -25.08
C LEU L 35 -29.75 32.42 -23.86
N ASN L 36 -29.53 31.93 -22.64
CA ASN L 36 -30.25 32.32 -21.42
C ASN L 36 -29.39 32.97 -20.32
N ARG L 37 -28.27 33.62 -20.66
CA ARG L 37 -27.40 34.33 -19.69
C ARG L 37 -27.95 35.69 -19.27
N PHE L 38 -28.62 36.39 -20.19
CA PHE L 38 -29.07 37.77 -20.06
C PHE L 38 -30.52 37.95 -20.51
N ARG L 39 -31.20 38.98 -20.03
CA ARG L 39 -32.57 39.36 -20.40
C ARG L 39 -32.71 40.87 -20.58
N TRP L 40 -33.38 41.28 -21.65
CA TRP L 40 -33.62 42.69 -22.00
C TRP L 40 -35.11 43.02 -21.76
N LYS L 41 -35.45 43.99 -20.89
CA LYS L 41 -36.81 44.07 -20.31
C LYS L 41 -37.78 45.17 -20.80
N ASN L 42 -37.33 46.24 -21.43
CA ASN L 42 -38.18 47.21 -22.13
C ASN L 42 -37.69 47.30 -23.58
N LEU L 43 -38.57 47.11 -24.56
CA LEU L 43 -38.18 47.01 -25.98
C LEU L 43 -39.22 47.68 -26.89
N PRO L 44 -38.80 48.21 -28.04
CA PRO L 44 -39.72 48.66 -29.08
C PRO L 44 -40.81 47.64 -29.48
N PRO L 45 -41.93 48.08 -30.09
CA PRO L 45 -43.00 47.19 -30.53
C PRO L 45 -42.53 46.09 -31.50
N GLY L 46 -42.99 44.86 -31.29
CA GLY L 46 -42.77 43.73 -32.19
C GLY L 46 -41.41 43.03 -32.04
N MET L 47 -40.63 43.36 -31.01
CA MET L 47 -39.28 42.84 -30.79
C MET L 47 -39.16 42.16 -29.42
N GLU L 48 -38.40 41.06 -29.35
CA GLU L 48 -38.32 40.17 -28.19
C GLU L 48 -36.88 40.03 -27.69
N SER L 49 -36.67 39.79 -26.39
CA SER L 49 -35.35 39.66 -25.78
C SER L 49 -34.46 38.64 -26.49
N ARG L 50 -35.04 37.51 -26.87
CA ARG L 50 -34.41 36.44 -27.65
C ARG L 50 -33.78 36.90 -28.97
N HIS L 51 -34.35 37.89 -29.66
CA HIS L 51 -33.81 38.36 -30.96
C HIS L 51 -32.44 39.02 -30.82
N ILE L 52 -32.26 39.86 -29.79
CA ILE L 52 -30.98 40.53 -29.52
C ILE L 52 -29.93 39.49 -29.14
N GLU L 53 -30.30 38.61 -28.21
CA GLU L 53 -29.41 37.63 -27.64
C GLU L 53 -28.97 36.58 -28.66
N GLN L 54 -29.81 36.16 -29.62
CA GLN L 54 -29.33 35.24 -30.65
C GLN L 54 -28.40 35.89 -31.66
N ALA L 55 -28.52 37.18 -31.95
CA ALA L 55 -27.55 37.88 -32.79
C ALA L 55 -26.18 38.01 -32.08
N LEU L 56 -26.17 38.27 -30.78
CA LEU L 56 -24.94 38.28 -29.98
C LEU L 56 -24.33 36.88 -29.84
N PHE L 57 -25.15 35.85 -29.67
CA PHE L 57 -24.69 34.48 -29.52
C PHE L 57 -24.09 33.88 -30.80
N ASN L 58 -24.69 34.13 -31.97
CA ASN L 58 -24.26 33.52 -33.23
C ASN L 58 -23.19 34.28 -33.99
N GLU L 59 -23.12 35.61 -33.89
CA GLU L 59 -22.16 36.45 -34.62
C GLU L 59 -21.17 37.18 -33.68
N GLY L 60 -21.46 37.28 -32.39
CA GLY L 60 -20.63 37.96 -31.41
C GLY L 60 -20.82 39.47 -31.38
N GLN L 61 -21.52 40.02 -32.36
CA GLN L 61 -21.80 41.43 -32.50
C GLN L 61 -23.14 41.64 -33.21
N ALA L 62 -23.84 42.71 -32.87
CA ALA L 62 -25.16 43.04 -33.40
C ALA L 62 -25.28 44.56 -33.63
N VAL L 63 -26.11 45.00 -34.56
CA VAL L 63 -26.39 46.41 -34.83
C VAL L 63 -27.86 46.74 -34.59
N PHE L 64 -28.12 47.77 -33.78
CA PHE L 64 -29.43 48.30 -33.43
C PHE L 64 -29.69 49.61 -34.17
N PHE L 65 -30.77 49.70 -34.95
CA PHE L 65 -31.09 50.84 -35.80
C PHE L 65 -32.60 50.99 -36.06
N LYS L 66 -33.02 52.21 -36.40
CA LYS L 66 -34.38 52.55 -36.84
C LYS L 66 -34.62 52.08 -38.28
N ASN L 67 -35.72 51.37 -38.55
CA ASN L 67 -36.06 50.91 -39.89
C ASN L 67 -36.53 52.06 -40.79
N THR L 68 -36.17 52.00 -42.07
CA THR L 68 -36.61 52.96 -43.11
C THR L 68 -37.38 52.29 -44.25
N ASP L 69 -37.20 50.98 -44.48
CA ASP L 69 -37.85 50.22 -45.56
C ASP L 69 -39.33 49.94 -45.20
N PRO L 70 -40.31 50.55 -45.89
CA PRO L 70 -41.72 50.50 -45.46
C PRO L 70 -42.36 49.13 -45.64
N ASN L 71 -41.73 48.25 -46.41
CA ASN L 71 -42.19 46.89 -46.67
C ASN L 71 -42.03 45.98 -45.43
N GLU L 72 -41.22 46.37 -44.44
CA GLU L 72 -40.93 45.56 -43.26
C GLU L 72 -41.69 46.11 -42.03
N PRO L 73 -42.44 45.29 -41.29
CA PRO L 73 -43.41 45.75 -40.29
C PRO L 73 -42.79 46.09 -38.93
N TYR L 74 -41.69 46.83 -38.93
CA TYR L 74 -40.89 47.11 -37.74
C TYR L 74 -40.51 48.58 -37.67
N GLY L 75 -40.48 49.11 -36.44
CA GLY L 75 -39.97 50.44 -36.14
C GLY L 75 -38.45 50.48 -35.93
N PHE L 76 -37.94 49.50 -35.21
CA PHE L 76 -36.53 49.30 -34.92
C PHE L 76 -36.15 47.84 -35.16
N LEU L 77 -34.91 47.60 -35.59
CA LEU L 77 -34.34 46.27 -35.80
C LEU L 77 -33.05 46.10 -35.00
N CYS L 78 -32.76 44.88 -34.55
CA CYS L 78 -31.48 44.51 -33.98
C CYS L 78 -31.00 43.22 -34.63
N LEU L 79 -29.94 43.28 -35.45
CA LEU L 79 -29.52 42.19 -36.34
C LEU L 79 -28.02 41.90 -36.21
N PRO L 80 -27.52 40.71 -36.58
CA PRO L 80 -26.08 40.47 -36.67
C PRO L 80 -25.37 41.46 -37.60
N CYS L 81 -24.18 41.89 -37.18
CA CYS L 81 -23.44 42.97 -37.82
C CYS L 81 -22.24 42.45 -38.62
N ALA L 82 -22.03 42.92 -39.84
CA ALA L 82 -20.76 42.81 -40.55
C ALA L 82 -20.15 44.21 -40.78
N PRO L 83 -19.00 44.56 -40.18
CA PRO L 83 -18.37 45.84 -40.42
C PRO L 83 -17.79 45.96 -41.84
N SER L 84 -17.77 47.17 -42.39
CA SER L 84 -17.04 47.47 -43.63
C SER L 84 -15.52 47.54 -43.36
N ASN L 85 -14.69 47.37 -44.39
CA ASN L 85 -13.24 47.23 -44.25
C ASN L 85 -12.47 48.54 -43.93
N GLY L 86 -13.09 49.73 -44.00
CA GLY L 86 -12.45 51.00 -43.64
C GLY L 86 -12.49 51.27 -42.14
N GLN L 87 -11.48 51.97 -41.60
CA GLN L 87 -11.31 52.21 -40.16
C GLN L 87 -10.55 53.50 -39.81
N ASN L 88 -10.78 54.05 -38.61
CA ASN L 88 -10.03 55.22 -38.11
C ASN L 88 -8.59 54.88 -37.65
N ILE L 89 -7.84 55.85 -37.09
CA ILE L 89 -6.47 55.65 -36.56
C ILE L 89 -6.35 54.51 -35.55
N TYR L 90 -7.35 54.34 -34.67
CA TYR L 90 -7.38 53.29 -33.66
C TYR L 90 -7.78 51.91 -34.20
N GLY L 91 -8.38 51.84 -35.39
CA GLY L 91 -8.90 50.62 -35.98
C GLY L 91 -10.37 50.35 -35.72
N ASP L 92 -11.14 51.36 -35.31
CA ASP L 92 -12.61 51.24 -35.27
C ASP L 92 -13.19 51.27 -36.68
N PRO L 93 -14.12 50.37 -37.06
CA PRO L 93 -14.72 50.38 -38.38
C PRO L 93 -15.61 51.62 -38.60
N VAL L 94 -15.54 52.23 -39.79
CA VAL L 94 -16.28 53.48 -40.07
C VAL L 94 -17.77 53.29 -40.34
N ASP L 95 -18.20 52.12 -40.81
CA ASP L 95 -19.60 51.78 -41.13
C ASP L 95 -19.92 50.31 -40.81
N PHE L 96 -21.21 50.05 -40.59
CA PHE L 96 -21.81 48.79 -40.12
C PHE L 96 -22.84 48.27 -41.12
N ASN L 97 -22.96 46.96 -41.33
CA ASN L 97 -23.98 46.37 -42.22
C ASN L 97 -24.85 45.40 -41.43
N GLY L 98 -26.17 45.57 -41.44
CA GLY L 98 -27.11 44.70 -40.74
C GLY L 98 -27.56 43.55 -41.62
N ILE L 99 -27.35 42.30 -41.20
CA ILE L 99 -27.70 41.13 -42.02
C ILE L 99 -28.97 40.46 -41.48
N GLY L 100 -30.02 40.35 -42.30
CA GLY L 100 -31.29 39.71 -41.95
C GLY L 100 -31.56 38.42 -42.75
N VAL L 101 -32.54 37.62 -42.37
CA VAL L 101 -32.99 36.49 -43.21
C VAL L 101 -33.67 37.04 -44.47
N ASN L 102 -33.18 36.68 -45.66
CA ASN L 102 -33.60 37.24 -46.96
C ASN L 102 -33.48 38.77 -47.09
N LYS L 103 -32.58 39.41 -46.33
CA LYS L 103 -32.47 40.87 -46.25
C LYS L 103 -31.04 41.31 -45.94
N TYR L 104 -30.68 42.54 -46.29
CA TYR L 104 -29.34 43.08 -46.11
C TYR L 104 -29.42 44.61 -46.09
N PHE L 105 -29.03 45.26 -44.99
CA PHE L 105 -29.11 46.71 -44.83
C PHE L 105 -27.73 47.33 -45.05
N THR L 106 -27.62 48.17 -46.09
CA THR L 106 -26.37 48.80 -46.52
C THR L 106 -25.91 49.90 -45.55
N ASN L 107 -24.59 50.08 -45.43
CA ASN L 107 -23.81 50.98 -44.57
C ASN L 107 -24.63 51.91 -43.65
N LEU L 108 -24.94 51.42 -42.46
CA LEU L 108 -25.31 52.19 -41.26
C LEU L 108 -24.03 52.74 -40.63
N SER L 109 -24.11 53.75 -39.75
CA SER L 109 -22.93 54.41 -39.21
C SER L 109 -22.99 54.63 -37.70
N PRO L 110 -21.86 54.91 -37.02
CA PRO L 110 -21.84 55.27 -35.61
C PRO L 110 -22.65 56.53 -35.28
N LEU L 111 -23.01 57.34 -36.28
CA LEU L 111 -23.86 58.52 -36.11
C LEU L 111 -25.37 58.19 -36.03
N ASN L 112 -25.80 57.03 -36.55
CA ASN L 112 -27.23 56.68 -36.68
C ASN L 112 -27.61 55.26 -36.22
N ALA L 113 -26.66 54.48 -35.70
CA ALA L 113 -26.87 53.14 -35.18
C ALA L 113 -25.93 52.86 -34.00
N VAL L 114 -26.26 51.86 -33.20
CA VAL L 114 -25.36 51.37 -32.13
C VAL L 114 -24.94 49.94 -32.42
N ARG L 115 -23.63 49.66 -32.45
CA ARG L 115 -23.09 48.29 -32.49
C ARG L 115 -22.86 47.74 -31.07
N ILE L 116 -23.47 46.60 -30.77
CA ILE L 116 -23.39 45.88 -29.50
C ILE L 116 -22.39 44.72 -29.64
N LEU L 117 -21.55 44.49 -28.64
CA LEU L 117 -20.63 43.35 -28.59
C LEU L 117 -21.04 42.34 -27.50
N ASP L 118 -20.84 41.04 -27.72
CA ASP L 118 -20.89 40.05 -26.64
C ASP L 118 -19.70 40.18 -25.68
N ASN L 119 -18.52 40.49 -26.24
CA ASN L 119 -17.21 40.62 -25.60
C ASN L 119 -16.31 41.48 -26.50
N ASP L 120 -15.23 42.07 -26.00
CA ASP L 120 -14.49 43.13 -26.70
C ASP L 120 -13.85 42.75 -28.05
N ASN L 121 -13.49 41.50 -28.27
CA ASN L 121 -13.01 41.01 -29.56
C ASN L 121 -14.14 40.60 -30.51
N GLY L 122 -15.40 40.58 -30.07
CA GLY L 122 -16.53 40.12 -30.86
C GLY L 122 -16.46 38.64 -31.24
N LEU L 123 -15.84 37.79 -30.40
CA LEU L 123 -15.76 36.34 -30.59
C LEU L 123 -17.12 35.71 -30.33
N ALA L 124 -17.75 35.02 -31.29
CA ALA L 124 -19.07 34.45 -31.09
C ALA L 124 -19.06 33.25 -30.11
N PRO L 125 -19.93 33.20 -29.08
CA PRO L 125 -20.09 32.05 -28.19
C PRO L 125 -20.39 30.70 -28.86
N VAL L 126 -21.04 30.68 -30.03
CA VAL L 126 -21.25 29.44 -30.81
C VAL L 126 -19.96 28.74 -31.23
N ARG L 127 -18.85 29.46 -31.38
CA ARG L 127 -17.57 28.86 -31.79
C ARG L 127 -16.99 27.92 -30.74
N HIS L 128 -17.24 28.18 -29.47
CA HIS L 128 -16.92 27.25 -28.37
C HIS L 128 -17.79 25.99 -28.41
N ILE L 129 -19.11 26.15 -28.59
CA ILE L 129 -20.08 25.07 -28.63
C ILE L 129 -19.79 24.12 -29.79
N ALA L 130 -19.51 24.64 -30.99
CA ALA L 130 -19.20 23.84 -32.17
C ALA L 130 -17.97 22.92 -32.02
N TYR L 131 -16.90 23.36 -31.36
CA TYR L 131 -15.75 22.51 -31.06
C TYR L 131 -16.09 21.40 -30.06
N TYR L 132 -16.73 21.74 -28.94
CA TYR L 132 -17.04 20.78 -27.90
C TYR L 132 -18.13 19.77 -28.31
N THR L 133 -19.05 20.10 -29.23
CA THR L 133 -20.02 19.12 -29.71
C THR L 133 -19.37 18.11 -30.64
N TYR L 134 -18.42 18.53 -31.48
CA TYR L 134 -17.59 17.62 -32.22
C TYR L 134 -16.86 16.65 -31.28
N LEU L 135 -16.19 17.15 -30.23
CA LEU L 135 -15.47 16.33 -29.27
C LEU L 135 -16.37 15.34 -28.53
N MET L 136 -17.52 15.75 -27.99
CA MET L 136 -18.44 14.87 -27.28
C MET L 136 -19.05 13.79 -28.16
N SER L 137 -19.26 14.06 -29.45
CA SER L 137 -19.69 13.04 -30.40
C SER L 137 -18.60 11.98 -30.70
N GLN L 138 -17.32 12.32 -30.63
CA GLN L 138 -16.20 11.39 -30.78
C GLN L 138 -15.98 10.53 -29.54
N ILE L 139 -16.22 11.07 -28.35
CA ILE L 139 -16.21 10.30 -27.09
C ILE L 139 -17.32 9.26 -27.11
N GLU L 140 -18.53 9.63 -27.53
CA GLU L 140 -19.65 8.68 -27.66
C GLU L 140 -19.32 7.52 -28.60
N MET L 141 -18.80 7.81 -29.79
CA MET L 141 -18.42 6.78 -30.74
C MET L 141 -17.38 5.81 -30.14
N THR L 142 -16.39 6.33 -29.43
CA THR L 142 -15.36 5.55 -28.75
C THR L 142 -15.92 4.70 -27.60
N ILE L 143 -16.88 5.19 -26.84
CA ILE L 143 -17.62 4.41 -25.82
C ILE L 143 -18.31 3.22 -26.46
N ASN L 144 -19.02 3.43 -27.55
CA ASN L 144 -19.77 2.40 -28.25
C ASN L 144 -18.88 1.35 -28.90
N MET L 145 -17.78 1.75 -29.52
CA MET L 145 -16.82 0.81 -30.08
C MET L 145 -16.11 0.00 -29.00
N ASN L 146 -15.69 0.61 -27.89
CA ASN L 146 -15.08 -0.09 -26.79
C ASN L 146 -16.04 -1.07 -26.10
N LEU L 147 -17.32 -0.73 -25.93
CA LEU L 147 -18.33 -1.63 -25.39
C LEU L 147 -18.53 -2.85 -26.29
N ASP L 148 -18.65 -2.67 -27.60
CA ASP L 148 -18.81 -3.79 -28.53
C ASP L 148 -17.61 -4.73 -28.54
N GLN L 149 -16.41 -4.18 -28.40
CA GLN L 149 -15.18 -4.94 -28.32
C GLN L 149 -15.05 -5.83 -27.08
N GLN L 150 -15.74 -5.55 -25.98
CA GLN L 150 -15.72 -6.42 -24.79
C GLN L 150 -16.38 -7.78 -25.02
N LYS L 151 -17.25 -7.92 -26.02
CA LYS L 151 -17.92 -9.18 -26.38
C LYS L 151 -16.99 -10.24 -26.96
N PHE L 152 -15.78 -9.88 -27.40
CA PHE L 152 -14.87 -10.73 -28.17
C PHE L 152 -13.43 -10.82 -27.62
N PRO L 153 -13.18 -11.27 -26.38
CA PRO L 153 -11.82 -11.33 -25.82
C PRO L 153 -10.91 -12.34 -26.51
N ILE L 154 -11.46 -13.42 -27.06
CA ILE L 154 -10.70 -14.42 -27.82
C ILE L 154 -11.53 -14.93 -28.98
N ILE L 155 -10.87 -15.29 -30.08
CA ILE L 155 -11.46 -15.96 -31.24
C ILE L 155 -10.70 -17.27 -31.47
N ILE L 156 -11.39 -18.36 -31.77
CA ILE L 156 -10.76 -19.67 -32.03
C ILE L 156 -10.82 -19.98 -33.52
N GLY L 157 -9.69 -20.32 -34.13
CA GLY L 157 -9.59 -20.93 -35.45
C GLY L 157 -9.52 -22.45 -35.33
N ALA L 158 -10.26 -23.18 -36.14
CA ALA L 158 -10.29 -24.64 -36.11
C ALA L 158 -10.44 -25.27 -37.50
N THR L 159 -10.29 -26.59 -37.62
CA THR L 159 -10.76 -27.34 -38.80
C THR L 159 -12.29 -27.39 -38.80
N GLN L 160 -12.89 -27.70 -39.94
CA GLN L 160 -14.35 -27.75 -40.07
C GLN L 160 -15.01 -28.81 -39.15
N LYS L 161 -14.40 -29.99 -38.97
CA LYS L 161 -14.93 -31.02 -38.07
C LYS L 161 -14.69 -30.69 -36.60
N ASN L 162 -13.55 -30.09 -36.28
CA ASN L 162 -13.30 -29.55 -34.96
C ASN L 162 -14.31 -28.46 -34.58
N LYS L 163 -14.64 -27.52 -35.48
CA LYS L 163 -15.63 -26.47 -35.25
C LYS L 163 -16.98 -27.05 -34.85
N LEU L 164 -17.46 -28.02 -35.62
CA LEU L 164 -18.68 -28.77 -35.34
C LEU L 164 -18.66 -29.42 -33.95
N SER L 165 -17.58 -30.10 -33.56
CA SER L 165 -17.47 -30.70 -32.23
C SER L 165 -17.47 -29.68 -31.09
N MET L 166 -16.95 -28.45 -31.27
CA MET L 166 -17.05 -27.43 -30.24
C MET L 166 -18.45 -26.84 -30.07
N GLU L 167 -19.21 -26.70 -31.16
CA GLU L 167 -20.60 -26.25 -31.10
C GLU L 167 -21.48 -27.22 -30.30
N ASN L 168 -21.23 -28.52 -30.37
CA ASN L 168 -21.90 -29.52 -29.53
C ASN L 168 -21.52 -29.40 -28.05
N LEU L 169 -20.26 -29.12 -27.72
CA LEU L 169 -19.83 -28.90 -26.35
C LEU L 169 -20.54 -27.68 -25.73
N TYR L 170 -20.67 -26.58 -26.46
CA TYR L 170 -21.38 -25.38 -25.99
C TYR L 170 -22.89 -25.54 -25.91
N GLU L 171 -23.53 -26.25 -26.83
CA GLU L 171 -25.00 -26.40 -26.85
C GLU L 171 -25.55 -27.13 -25.61
N LYS L 172 -24.69 -27.80 -24.85
CA LYS L 172 -24.98 -28.48 -23.60
C LYS L 172 -25.33 -27.56 -22.42
N TYR L 173 -24.62 -26.42 -22.28
CA TYR L 173 -24.71 -25.54 -21.09
C TYR L 173 -24.71 -24.03 -21.42
N SER L 174 -24.39 -23.63 -22.64
CA SER L 174 -24.28 -22.22 -23.06
C SER L 174 -25.60 -21.68 -23.57
N SER L 175 -25.77 -20.37 -23.45
CA SER L 175 -26.91 -19.61 -23.95
C SER L 175 -26.60 -18.85 -25.24
N PHE L 176 -25.35 -18.84 -25.69
CA PHE L 176 -24.88 -18.23 -26.94
C PHE L 176 -24.25 -19.29 -27.87
N GLU L 177 -23.73 -18.86 -29.02
CA GLU L 177 -22.83 -19.63 -29.89
C GLU L 177 -21.35 -19.28 -29.62
N PRO L 178 -20.42 -20.25 -29.65
CA PRO L 178 -18.98 -20.01 -29.45
C PRO L 178 -18.38 -19.08 -30.52
N ASN L 179 -17.33 -18.36 -30.16
CA ASN L 179 -16.60 -17.48 -31.08
C ASN L 179 -15.54 -18.26 -31.85
N ILE L 180 -15.99 -19.13 -32.74
CA ILE L 180 -15.14 -20.06 -33.48
C ILE L 180 -15.40 -19.97 -34.99
N LEU L 181 -14.34 -20.06 -35.79
CA LEU L 181 -14.40 -20.05 -37.25
C LEU L 181 -13.47 -21.10 -37.87
N VAL L 182 -13.72 -21.48 -39.12
CA VAL L 182 -12.79 -22.34 -39.88
C VAL L 182 -11.61 -21.51 -40.37
N ASP L 183 -10.39 -21.97 -40.09
CA ASP L 183 -9.19 -21.43 -40.72
C ASP L 183 -8.80 -22.33 -41.89
N GLU L 184 -8.80 -21.77 -43.10
CA GLU L 184 -8.44 -22.49 -44.33
C GLU L 184 -6.98 -22.98 -44.35
N LYS L 185 -6.00 -22.24 -43.83
CA LYS L 185 -4.62 -22.76 -43.72
C LYS L 185 -4.58 -23.92 -42.72
N LEU L 186 -5.25 -23.80 -41.59
CA LEU L 186 -5.27 -24.84 -40.56
C LEU L 186 -5.90 -26.13 -41.08
N ALA L 187 -7.03 -26.02 -41.78
CA ALA L 187 -7.71 -27.13 -42.44
C ALA L 187 -6.91 -27.74 -43.60
N GLN L 188 -6.20 -26.94 -44.42
CA GLN L 188 -5.43 -27.42 -45.57
C GLN L 188 -4.19 -28.22 -45.19
N ALA L 189 -3.33 -27.65 -44.35
CA ALA L 189 -1.97 -28.13 -44.15
C ALA L 189 -1.90 -29.54 -43.55
N LEU L 190 -0.97 -30.36 -44.08
CA LEU L 190 -0.56 -31.64 -43.49
C LEU L 190 0.41 -31.41 -42.32
N GLN L 191 0.85 -32.50 -41.68
CA GLN L 191 1.86 -32.49 -40.62
C GLN L 191 1.52 -31.52 -39.45
N GLU L 192 2.47 -30.77 -38.90
CA GLU L 192 2.30 -29.92 -37.71
C GLU L 192 1.32 -28.74 -37.86
N GLY L 193 0.84 -28.24 -36.72
CA GLY L 193 -0.31 -27.34 -36.59
C GLY L 193 -1.49 -28.03 -35.93
N LYS L 194 -2.04 -27.42 -34.88
CA LYS L 194 -2.81 -28.15 -33.85
C LYS L 194 -4.26 -28.52 -34.20
N GLY L 195 -4.92 -27.88 -35.16
CA GLY L 195 -6.36 -28.09 -35.42
C GLY L 195 -7.34 -27.29 -34.55
N PHE L 196 -6.83 -26.60 -33.53
CA PHE L 196 -7.42 -25.48 -32.82
C PHE L 196 -6.31 -24.46 -32.58
N ASP L 197 -6.52 -23.16 -32.82
CA ASP L 197 -5.64 -22.10 -32.34
C ASP L 197 -6.40 -20.84 -31.91
N ALA L 198 -6.07 -20.32 -30.73
CA ALA L 198 -6.76 -19.20 -30.13
C ALA L 198 -5.96 -17.90 -30.30
N LEU L 199 -6.55 -16.87 -30.89
CA LEU L 199 -5.94 -15.55 -31.00
C LEU L 199 -6.59 -14.58 -30.03
N ASN L 200 -5.76 -14.01 -29.15
CA ASN L 200 -6.16 -13.09 -28.09
C ASN L 200 -6.50 -11.72 -28.68
N THR L 201 -7.77 -11.34 -28.64
CA THR L 201 -8.31 -10.10 -29.22
C THR L 201 -8.82 -9.14 -28.14
N GLN L 202 -8.45 -9.36 -26.88
CA GLN L 202 -8.94 -8.63 -25.69
C GLN L 202 -8.52 -7.16 -25.69
N ALA L 203 -9.49 -6.25 -25.82
CA ALA L 203 -9.31 -4.81 -25.66
C ALA L 203 -9.26 -4.39 -24.17
N PRO L 204 -8.65 -3.25 -23.82
CA PRO L 204 -8.72 -2.69 -22.48
C PRO L 204 -10.13 -2.15 -22.15
N TYR L 205 -10.53 -2.21 -20.89
CA TYR L 205 -11.78 -1.62 -20.42
C TYR L 205 -11.64 -0.11 -20.22
N LEU L 206 -12.40 0.71 -20.95
CA LEU L 206 -12.29 2.18 -20.95
C LEU L 206 -13.54 2.94 -20.50
N LEU L 207 -14.67 2.29 -20.22
CA LEU L 207 -15.97 2.98 -20.13
C LEU L 207 -16.07 3.96 -18.96
N ASP L 208 -15.54 3.59 -17.79
CA ASP L 208 -15.37 4.40 -16.59
C ASP L 208 -14.54 5.67 -16.84
N LYS L 209 -13.40 5.56 -17.53
CA LYS L 209 -12.50 6.67 -17.90
C LYS L 209 -13.11 7.62 -18.93
N LEU L 210 -13.84 7.10 -19.92
CA LEU L 210 -14.46 7.90 -20.98
C LEU L 210 -15.63 8.73 -20.46
N ALA L 211 -16.40 8.23 -19.50
CA ALA L 211 -17.47 8.98 -18.86
C ALA L 211 -16.92 10.14 -17.99
N ASP L 212 -15.78 9.94 -17.32
CA ASP L 212 -15.05 10.99 -16.61
C ASP L 212 -14.52 12.10 -17.53
N PHE L 213 -13.92 11.74 -18.67
CA PHE L 213 -13.40 12.72 -19.61
C PHE L 213 -14.50 13.57 -20.24
N LYS L 214 -15.67 12.98 -20.52
CA LYS L 214 -16.83 13.73 -21.01
C LYS L 214 -17.27 14.81 -20.03
N LYS L 215 -17.29 14.50 -18.73
CA LYS L 215 -17.62 15.43 -17.64
C LYS L 215 -16.57 16.54 -17.46
N THR L 216 -15.31 16.20 -17.64
CA THR L 216 -14.22 17.18 -17.72
C THR L 216 -14.38 18.14 -18.91
N CYS L 217 -14.78 17.67 -20.08
CA CYS L 217 -15.03 18.50 -21.26
C CYS L 217 -16.23 19.42 -21.10
N GLU L 218 -17.29 18.96 -20.46
CA GLU L 218 -18.47 19.77 -20.16
C GLU L 218 -18.14 20.97 -19.26
N ASN L 219 -17.32 20.79 -18.23
CA ASN L 219 -16.94 21.90 -17.34
C ASN L 219 -16.08 22.96 -18.04
N GLU L 220 -15.21 22.54 -18.96
CA GLU L 220 -14.44 23.46 -19.80
C GLU L 220 -15.35 24.32 -20.68
N LEU L 221 -16.34 23.74 -21.36
CA LEU L 221 -17.32 24.47 -22.15
C LEU L 221 -18.09 25.51 -21.31
N LEU L 222 -18.59 25.12 -20.15
CA LEU L 222 -19.35 26.02 -19.28
C LEU L 222 -18.51 27.19 -18.75
N THR L 223 -17.20 27.00 -18.58
CA THR L 223 -16.27 28.06 -18.20
C THR L 223 -16.05 29.06 -19.34
N PHE L 224 -15.88 28.62 -20.59
CA PHE L 224 -15.79 29.53 -21.72
C PHE L 224 -17.08 30.34 -21.95
N LEU L 225 -18.24 29.82 -21.55
CA LEU L 225 -19.52 30.52 -21.62
C LEU L 225 -19.80 31.43 -20.41
N GLY L 226 -19.03 31.31 -19.33
CA GLY L 226 -19.23 32.03 -18.06
C GLY L 226 -20.40 31.55 -17.21
N ILE L 227 -20.91 30.34 -17.44
CA ILE L 227 -22.20 29.86 -16.94
C ILE L 227 -22.13 29.12 -15.60
N ASN L 228 -21.01 28.51 -15.26
CA ASN L 228 -20.94 27.55 -14.15
C ASN L 228 -21.41 28.09 -12.79
N ASN L 247 -13.92 29.55 -10.04
CA ASN L 247 -15.11 30.40 -10.04
C ASN L 247 -14.78 31.88 -10.28
N SER L 248 -13.56 32.33 -9.96
CA SER L 248 -13.10 33.68 -10.24
C SER L 248 -13.10 33.97 -11.75
N GLN L 249 -12.55 33.07 -12.58
CA GLN L 249 -12.56 33.24 -14.04
C GLN L 249 -13.99 33.15 -14.62
N ILE L 250 -14.84 32.30 -14.07
CA ILE L 250 -16.25 32.13 -14.50
C ILE L 250 -17.04 33.42 -14.25
N THR L 251 -16.96 33.97 -13.05
CA THR L 251 -17.57 35.26 -12.72
C THR L 251 -17.02 36.36 -13.62
N PHE L 252 -15.70 36.47 -13.74
CA PHE L 252 -15.05 37.47 -14.58
C PHE L 252 -15.45 37.42 -16.07
N VAL L 253 -15.68 36.22 -16.61
CA VAL L 253 -16.17 36.05 -17.96
C VAL L 253 -17.59 36.62 -18.14
N LEU L 254 -18.49 36.35 -17.20
CA LEU L 254 -19.86 36.88 -17.22
C LEU L 254 -19.91 38.39 -16.89
N GLU L 255 -19.01 38.90 -16.06
CA GLU L 255 -18.89 40.35 -15.80
C GLU L 255 -18.50 41.15 -17.05
N MET L 256 -17.50 40.70 -17.82
CA MET L 256 -17.14 41.32 -19.10
C MET L 256 -18.31 41.29 -20.09
N ALA L 257 -19.03 40.17 -20.14
CA ALA L 257 -20.21 40.02 -20.98
C ALA L 257 -21.36 40.96 -20.61
N TYR L 258 -21.56 41.22 -19.31
CA TYR L 258 -22.60 42.13 -18.81
C TYR L 258 -22.23 43.60 -19.02
N LYS L 259 -20.99 43.98 -18.71
CA LYS L 259 -20.46 45.33 -18.89
C LYS L 259 -20.63 45.84 -20.32
N ASN L 260 -20.27 45.05 -21.33
CA ASN L 260 -20.47 45.43 -22.73
C ASN L 260 -21.94 45.68 -23.09
N ARG L 261 -22.89 44.98 -22.46
CA ARG L 261 -24.33 45.14 -22.70
C ARG L 261 -24.88 46.39 -22.01
N LEU L 262 -24.51 46.65 -20.75
CA LEU L 262 -24.82 47.90 -20.04
C LEU L 262 -24.35 49.15 -20.81
N ASP L 263 -23.13 49.12 -21.34
CA ASP L 263 -22.56 50.22 -22.12
C ASP L 263 -23.27 50.47 -23.46
N ALA L 264 -23.77 49.44 -24.14
CA ALA L 264 -24.60 49.61 -25.33
C ALA L 264 -26.01 50.08 -24.98
N CYS L 265 -26.55 49.62 -23.86
CA CYS L 265 -27.90 49.91 -23.40
C CYS L 265 -28.08 51.42 -23.17
N LYS L 266 -27.15 52.07 -22.45
CA LYS L 266 -27.19 53.53 -22.28
C LYS L 266 -26.97 54.31 -23.59
N ARG L 267 -26.12 53.83 -24.50
CA ARG L 267 -25.99 54.39 -25.86
C ARG L 267 -27.31 54.35 -26.63
N ILE L 268 -28.05 53.24 -26.61
CA ILE L 268 -29.35 53.14 -27.32
C ILE L 268 -30.36 54.12 -26.70
N ASN L 269 -30.44 54.17 -25.37
CA ASN L 269 -31.29 55.12 -24.66
C ASN L 269 -30.93 56.58 -24.97
N GLU L 270 -29.66 56.90 -25.19
CA GLU L 270 -29.21 58.25 -25.52
C GLU L 270 -29.44 58.62 -26.99
N MET L 271 -29.26 57.70 -27.96
CA MET L 271 -29.51 57.96 -29.39
C MET L 271 -30.99 57.91 -29.79
N PHE L 272 -31.85 57.22 -29.04
CA PHE L 272 -33.25 56.98 -29.45
C PHE L 272 -34.33 57.25 -28.39
N GLY L 273 -34.00 57.39 -27.11
CA GLY L 273 -34.96 57.67 -26.04
C GLY L 273 -35.88 56.51 -25.64
N LEU L 274 -35.40 55.27 -25.70
CA LEU L 274 -36.22 54.06 -25.61
C LEU L 274 -36.31 53.38 -24.22
N ASN L 275 -35.51 53.79 -23.24
CA ASN L 275 -35.42 53.21 -21.88
C ASN L 275 -35.31 51.66 -21.79
N LEU L 276 -34.53 51.05 -22.69
CA LEU L 276 -34.05 49.67 -22.54
C LEU L 276 -33.31 49.48 -21.21
N GLU L 277 -33.46 48.29 -20.62
CA GLU L 277 -32.65 47.81 -19.49
C GLU L 277 -32.30 46.33 -19.70
N VAL L 278 -31.15 45.90 -19.17
CA VAL L 278 -30.63 44.54 -19.32
C VAL L 278 -30.13 43.98 -17.99
N GLU L 279 -30.38 42.71 -17.74
CA GLU L 279 -30.06 42.05 -16.47
C GLU L 279 -29.51 40.63 -16.67
N LYS L 280 -28.70 40.16 -15.71
CA LYS L 280 -28.28 38.76 -15.61
C LYS L 280 -29.44 37.87 -15.19
N VAL L 281 -29.50 36.66 -15.71
CA VAL L 281 -30.50 35.66 -15.32
C VAL L 281 -29.93 34.81 -14.20
N VAL L 282 -30.19 35.18 -12.94
CA VAL L 282 -29.87 34.35 -11.76
C VAL L 282 -30.90 33.22 -11.58
N ASN L 283 -32.15 33.47 -11.98
CA ASN L 283 -33.25 32.50 -12.11
C ASN L 283 -34.11 32.87 -13.33
N LEU L 284 -34.72 31.88 -14.00
CA LEU L 284 -35.50 32.12 -15.22
C LEU L 284 -36.82 32.81 -14.90
N LEU L 285 -37.62 32.23 -14.00
CA LEU L 285 -38.80 32.87 -13.45
C LEU L 285 -38.43 33.89 -12.36
N GLU L 286 -39.17 34.98 -12.32
CA GLU L 286 -38.97 36.08 -11.36
C GLU L 286 -39.45 35.74 -9.94
N VAL L 287 -40.57 35.02 -9.83
CA VAL L 287 -41.22 34.65 -8.56
C VAL L 287 -42.08 33.39 -8.69
#